data_2CB6
#
_entry.id   2CB6
#
_cell.length_a   106.302
_cell.length_b   175.802
_cell.length_c   335.503
_cell.angle_alpha   90.00
_cell.angle_beta   90.00
_cell.angle_gamma   90.00
#
_symmetry.space_group_name_H-M   'P 21 21 21'
#
_entity_poly.entity_id   1
_entity_poly.type   'polypeptide(L)'
_entity_poly.pdbx_seq_one_letter_code
;GSPGISGGGGGSASPNSPKDNTWIQAASLTWLMDMSSLLYQLISTRIPSFASPNGLHMREQTIDSNTGQIQIDNEHRLLR
WDRRPPNDIFLNGFIPRVTNQNLSPVEDTHLLNYLRTNSPSIFVSTTRARYNNLGLEITPWTPHSANNNIIYRYEIFAPG
GIDINASFSRNHNPFPNQDEITFPGGIRPEFIRSTYEYHNGEIVRIWINPNFINPSTLNDVSGPSNISKVFWHENHSEGN
NMDSKGFILDLDYNQDFDMFAPNGEIPNNNLLNNNSLNVIQNSEYQIKNKK
;
_entity_poly.pdbx_strand_id   A,B,C,D,E,F,G,H,I,J,K,L,M,N,O,P
#
# COMPACT_ATOMS: atom_id res chain seq x y z
N ASP A 20 9.34 -56.35 0.74
CA ASP A 20 9.26 -57.64 1.46
C ASP A 20 8.60 -58.68 0.56
N ASN A 21 8.36 -59.90 1.03
CA ASN A 21 7.70 -60.87 0.18
C ASN A 21 6.35 -61.26 0.80
N THR A 22 5.73 -60.22 1.34
CA THR A 22 4.43 -60.31 1.95
C THR A 22 3.52 -60.64 0.77
N TRP A 23 3.91 -60.10 -0.39
CA TRP A 23 3.17 -60.25 -1.64
C TRP A 23 2.80 -61.61 -2.13
N ILE A 24 3.45 -62.65 -1.63
CA ILE A 24 3.12 -64.01 -2.02
C ILE A 24 3.12 -64.84 -0.74
N GLN A 25 2.87 -64.15 0.38
CA GLN A 25 2.93 -64.75 1.68
C GLN A 25 1.88 -65.78 2.04
N ALA A 26 0.89 -65.89 1.19
CA ALA A 26 -0.27 -66.79 1.37
C ALA A 26 -0.17 -67.97 0.43
N ALA A 27 0.97 -68.02 -0.23
CA ALA A 27 1.23 -69.02 -1.24
C ALA A 27 1.07 -70.44 -0.82
N SER A 28 0.23 -71.14 -1.57
CA SER A 28 -0.04 -72.57 -1.35
C SER A 28 1.15 -73.40 -1.86
N LEU A 29 1.97 -72.80 -2.72
CA LEU A 29 3.19 -73.41 -3.27
C LEU A 29 4.35 -73.22 -2.30
N THR A 30 4.78 -74.31 -1.66
CA THR A 30 5.88 -74.22 -0.70
C THR A 30 7.15 -73.80 -1.44
N TRP A 31 7.41 -74.46 -2.56
CA TRP A 31 8.59 -74.17 -3.33
C TRP A 31 8.55 -72.84 -4.09
N LEU A 32 7.67 -71.92 -3.73
CA LEU A 32 7.66 -70.65 -4.45
C LEU A 32 8.64 -69.56 -3.95
N LEU A 38 13.20 -62.03 -7.78
CA LEU A 38 13.52 -62.68 -9.06
C LEU A 38 12.23 -63.04 -9.75
N LEU A 39 11.31 -63.51 -8.94
CA LEU A 39 10.02 -63.90 -9.42
C LEU A 39 9.25 -62.62 -9.64
N TYR A 40 9.57 -61.59 -8.89
CA TYR A 40 8.85 -60.37 -9.14
C TYR A 40 9.20 -59.92 -10.55
N GLN A 41 10.48 -59.69 -10.75
CA GLN A 41 10.95 -59.28 -12.06
C GLN A 41 10.65 -60.26 -13.18
N LEU A 42 10.43 -61.51 -12.84
CA LEU A 42 10.12 -62.46 -13.87
C LEU A 42 8.76 -62.17 -14.46
N ILE A 43 7.82 -61.84 -13.58
CA ILE A 43 6.47 -61.56 -14.03
C ILE A 43 6.47 -60.14 -14.56
N SER A 44 6.71 -59.24 -13.62
CA SER A 44 6.74 -57.81 -13.83
C SER A 44 7.39 -57.16 -15.05
N THR A 45 8.48 -57.70 -15.57
CA THR A 45 9.16 -57.04 -16.70
C THR A 45 8.78 -57.58 -18.08
N ARG A 46 7.81 -58.49 -18.15
CA ARG A 46 7.41 -59.06 -19.41
C ARG A 46 6.19 -58.24 -19.88
N ILE A 47 5.88 -57.23 -19.08
CA ILE A 47 4.71 -56.42 -19.34
C ILE A 47 4.87 -55.09 -20.11
N PRO A 48 4.04 -54.93 -21.14
CA PRO A 48 4.04 -53.73 -21.94
C PRO A 48 3.50 -52.61 -21.09
N SER A 49 3.85 -51.39 -21.41
CA SER A 49 3.35 -50.23 -20.68
C SER A 49 1.93 -49.99 -21.16
N PHE A 50 1.65 -50.34 -22.42
CA PHE A 50 0.32 -50.19 -22.96
C PHE A 50 -0.61 -50.94 -21.99
N ALA A 51 -0.27 -52.18 -21.69
CA ALA A 51 -1.04 -52.93 -20.72
C ALA A 51 -0.81 -52.43 -19.25
N SER A 52 0.43 -52.41 -18.78
CA SER A 52 0.74 -51.98 -17.41
C SER A 52 1.72 -50.80 -17.35
N PRO A 53 1.20 -49.60 -17.59
CA PRO A 53 2.00 -48.38 -17.59
C PRO A 53 2.85 -48.21 -16.34
N ASN A 54 2.17 -47.69 -15.28
CA ASN A 54 2.79 -47.43 -13.97
C ASN A 54 3.53 -48.67 -13.54
N GLY A 55 2.87 -49.82 -13.74
CA GLY A 55 3.50 -51.10 -13.45
C GLY A 55 2.69 -52.01 -12.55
N LEU A 56 3.31 -53.11 -12.14
CA LEU A 56 2.70 -54.06 -11.26
C LEU A 56 2.64 -53.49 -9.84
N HIS A 57 1.41 -53.35 -9.37
CA HIS A 57 1.21 -52.83 -8.03
C HIS A 57 0.59 -53.90 -7.17
N MET A 58 0.87 -53.82 -5.88
CA MET A 58 0.40 -54.82 -4.95
C MET A 58 -0.57 -54.30 -3.89
N ARG A 59 -1.08 -55.24 -3.10
CA ARG A 59 -2.01 -54.92 -2.05
C ARG A 59 -1.34 -54.47 -0.75
N GLU A 60 -1.57 -53.22 -0.38
CA GLU A 60 -1.01 -52.68 0.85
C GLU A 60 -2.07 -52.78 1.96
N GLN A 61 -1.61 -53.14 3.15
CA GLN A 61 -2.46 -53.24 4.33
C GLN A 61 -3.29 -54.49 4.42
N THR A 62 -2.76 -55.56 3.85
CA THR A 62 -3.43 -56.85 3.87
C THR A 62 -3.21 -57.45 5.23
N ILE A 63 -2.18 -56.93 5.90
CA ILE A 63 -1.71 -57.35 7.21
C ILE A 63 -1.45 -56.19 8.15
N ASP A 64 -1.97 -56.29 9.35
CA ASP A 64 -1.81 -55.23 10.36
C ASP A 64 -0.41 -54.73 10.54
N SER A 65 -0.21 -53.44 10.25
CA SER A 65 1.11 -52.87 10.43
C SER A 65 1.57 -53.07 11.88
N ASN A 66 0.62 -53.22 12.80
CA ASN A 66 1.03 -53.40 14.19
C ASN A 66 1.50 -54.82 14.51
N THR A 67 0.54 -55.74 14.43
CA THR A 67 0.76 -57.13 14.80
C THR A 67 1.41 -58.06 13.79
N GLY A 68 1.37 -57.71 12.51
CA GLY A 68 1.88 -58.63 11.51
C GLY A 68 0.75 -59.68 11.44
N GLN A 69 -0.48 -59.22 11.64
CA GLN A 69 -1.64 -60.08 11.59
C GLN A 69 -2.55 -59.81 10.37
N ILE A 70 -3.30 -60.82 9.93
CA ILE A 70 -4.19 -60.67 8.79
C ILE A 70 -5.34 -59.65 8.97
N GLN A 71 -5.26 -58.56 8.19
CA GLN A 71 -6.28 -57.51 8.23
C GLN A 71 -7.60 -58.13 7.80
N ILE A 72 -8.59 -58.13 8.68
CA ILE A 72 -9.89 -58.72 8.42
C ILE A 72 -11.01 -57.70 8.42
N ASP A 73 -11.09 -56.92 7.36
CA ASP A 73 -12.14 -55.92 7.23
C ASP A 73 -12.84 -56.03 5.88
N ASN A 74 -13.73 -55.10 5.59
CA ASN A 74 -14.48 -55.12 4.34
C ASN A 74 -13.60 -54.69 3.17
N GLU A 75 -12.72 -53.74 3.41
CA GLU A 75 -11.81 -53.23 2.37
C GLU A 75 -10.99 -54.36 1.80
N HIS A 76 -10.57 -55.29 2.64
CA HIS A 76 -9.75 -56.40 2.19
C HIS A 76 -10.44 -57.75 2.05
N ARG A 77 -11.77 -57.74 2.07
CA ARG A 77 -12.51 -58.98 1.90
C ARG A 77 -12.46 -59.36 0.43
N LEU A 78 -12.18 -60.63 0.16
CA LEU A 78 -12.07 -61.12 -1.20
C LEU A 78 -12.92 -62.36 -1.39
N LEU A 79 -13.27 -62.63 -2.64
CA LEU A 79 -14.09 -63.80 -2.95
C LEU A 79 -13.58 -64.54 -4.16
N ARG A 80 -13.87 -65.83 -4.19
CA ARG A 80 -13.49 -66.65 -5.33
C ARG A 80 -14.60 -67.63 -5.63
N TRP A 81 -15.09 -67.55 -6.87
CA TRP A 81 -16.14 -68.43 -7.34
C TRP A 81 -15.42 -69.68 -7.83
N ASP A 82 -15.75 -70.81 -7.24
CA ASP A 82 -15.12 -72.06 -7.61
C ASP A 82 -16.17 -73.16 -7.56
N ARG A 83 -16.04 -74.16 -8.42
CA ARG A 83 -16.98 -75.27 -8.45
C ARG A 83 -16.54 -76.47 -7.64
N ARG A 84 -15.38 -76.35 -6.99
CA ARG A 84 -14.81 -77.40 -6.17
C ARG A 84 -15.31 -77.25 -4.72
N PRO A 85 -15.68 -78.38 -4.11
CA PRO A 85 -16.20 -78.39 -2.76
C PRO A 85 -15.15 -78.13 -1.67
N PRO A 86 -15.62 -77.74 -0.49
CA PRO A 86 -14.74 -77.44 0.62
C PRO A 86 -13.83 -78.59 1.05
N ASN A 87 -14.31 -79.81 0.87
CA ASN A 87 -13.51 -80.99 1.23
C ASN A 87 -12.15 -80.92 0.55
N ASP A 88 -12.12 -80.22 -0.58
CA ASP A 88 -10.90 -80.01 -1.34
C ASP A 88 -10.29 -78.69 -0.90
N ILE A 89 -11.05 -77.62 -1.12
CA ILE A 89 -10.61 -76.28 -0.81
C ILE A 89 -10.18 -76.00 0.63
N PHE A 90 -11.04 -76.34 1.60
CA PHE A 90 -10.72 -76.09 3.00
C PHE A 90 -9.53 -76.93 3.45
N LEU A 91 -9.23 -77.94 2.65
CA LEU A 91 -8.14 -78.85 2.92
C LEU A 91 -6.83 -78.40 2.25
N ASN A 92 -6.87 -78.27 0.93
CA ASN A 92 -5.70 -77.88 0.15
C ASN A 92 -5.55 -76.39 -0.13
N GLY A 93 -6.63 -75.63 0.02
CA GLY A 93 -6.59 -74.20 -0.27
C GLY A 93 -6.68 -74.05 -1.78
N PHE A 94 -6.26 -72.90 -2.31
CA PHE A 94 -6.29 -72.71 -3.75
C PHE A 94 -4.90 -72.88 -4.33
N ILE A 95 -4.71 -74.00 -5.02
CA ILE A 95 -3.42 -74.29 -5.63
C ILE A 95 -3.48 -74.00 -7.13
N PRO A 96 -2.54 -73.21 -7.60
CA PRO A 96 -2.47 -72.83 -9.01
C PRO A 96 -2.50 -74.04 -9.93
N ARG A 97 -2.85 -73.82 -11.19
CA ARG A 97 -2.90 -74.92 -12.13
C ARG A 97 -1.49 -75.44 -12.41
N VAL A 98 -0.50 -74.59 -12.23
CA VAL A 98 0.87 -75.00 -12.41
C VAL A 98 1.40 -75.22 -11.02
N THR A 99 1.45 -76.49 -10.70
CA THR A 99 1.78 -76.96 -9.38
C THR A 99 3.16 -77.59 -9.11
N ASN A 100 3.97 -77.89 -10.12
CA ASN A 100 5.27 -78.54 -9.89
C ASN A 100 6.44 -77.55 -9.82
N GLN A 101 7.55 -77.95 -9.20
CA GLN A 101 8.74 -77.08 -9.11
C GLN A 101 9.48 -76.94 -10.44
N ASN A 102 9.34 -77.95 -11.30
CA ASN A 102 9.99 -78.03 -12.63
C ASN A 102 9.27 -77.25 -13.72
N LEU A 103 8.66 -76.16 -13.30
CA LEU A 103 7.91 -75.35 -14.21
C LEU A 103 8.78 -74.68 -15.27
N SER A 104 8.13 -74.33 -16.38
CA SER A 104 8.72 -73.56 -17.45
C SER A 104 8.41 -72.21 -16.84
N PRO A 105 9.33 -71.70 -16.02
CA PRO A 105 9.10 -70.45 -15.32
C PRO A 105 8.56 -69.39 -16.27
N VAL A 106 8.91 -69.59 -17.54
CA VAL A 106 8.55 -68.66 -18.57
C VAL A 106 7.10 -68.47 -18.94
N GLU A 107 6.43 -69.52 -19.35
CA GLU A 107 5.01 -69.40 -19.75
C GLU A 107 4.13 -69.39 -18.53
N ASP A 108 4.71 -69.76 -17.43
CA ASP A 108 3.85 -69.95 -16.29
C ASP A 108 3.75 -68.79 -15.34
N THR A 109 4.51 -67.73 -15.60
CA THR A 109 4.48 -66.53 -14.77
C THR A 109 4.10 -65.34 -15.66
N HIS A 110 3.59 -65.64 -16.85
CA HIS A 110 3.18 -64.59 -17.77
C HIS A 110 1.80 -64.16 -17.34
N LEU A 111 1.76 -63.05 -16.60
CA LEU A 111 0.52 -62.51 -16.07
C LEU A 111 -0.46 -62.15 -17.16
N LEU A 112 -0.07 -61.22 -18.03
CA LEU A 112 -0.95 -60.79 -19.12
C LEU A 112 -1.52 -61.95 -19.91
N ASN A 113 -0.70 -62.95 -20.22
CA ASN A 113 -1.23 -64.08 -20.96
C ASN A 113 -2.26 -64.87 -20.14
N TYR A 114 -2.09 -64.89 -18.83
CA TYR A 114 -3.01 -65.60 -17.94
C TYR A 114 -4.32 -64.83 -17.91
N LEU A 115 -4.20 -63.53 -17.73
CA LEU A 115 -5.34 -62.63 -17.65
C LEU A 115 -6.12 -62.55 -18.95
N ARG A 116 -5.42 -62.78 -20.06
CA ARG A 116 -6.07 -62.70 -21.35
C ARG A 116 -6.67 -63.97 -21.84
N THR A 117 -5.97 -65.03 -21.56
CA THR A 117 -6.39 -66.32 -22.08
C THR A 117 -6.77 -67.38 -21.08
N ASN A 118 -6.41 -67.16 -19.82
CA ASN A 118 -6.72 -68.13 -18.79
C ASN A 118 -5.89 -69.40 -18.97
N SER A 119 -4.73 -69.26 -19.59
CA SER A 119 -3.79 -70.36 -19.81
C SER A 119 -3.28 -70.76 -18.42
N PRO A 120 -2.91 -72.02 -18.25
CA PRO A 120 -2.42 -72.48 -16.95
C PRO A 120 -1.27 -71.63 -16.43
N SER A 121 -1.31 -71.27 -15.16
CA SER A 121 -0.26 -70.47 -14.57
C SER A 121 -0.06 -70.74 -13.10
N ILE A 122 0.72 -69.89 -12.45
CA ILE A 122 0.98 -70.01 -11.02
C ILE A 122 0.04 -69.06 -10.29
N PHE A 123 -0.80 -68.38 -11.06
CA PHE A 123 -1.73 -67.41 -10.49
C PHE A 123 -3.08 -67.99 -10.11
N VAL A 124 -3.66 -67.40 -9.07
CA VAL A 124 -4.97 -67.77 -8.57
C VAL A 124 -5.74 -66.46 -8.45
N SER A 125 -6.90 -66.40 -9.08
CA SER A 125 -7.69 -65.18 -9.07
C SER A 125 -8.77 -65.10 -7.99
N THR A 126 -9.04 -63.88 -7.56
CA THR A 126 -10.07 -63.61 -6.58
C THR A 126 -10.64 -62.27 -7.00
N THR A 127 -11.82 -61.96 -6.48
CA THR A 127 -12.45 -60.70 -6.79
C THR A 127 -12.84 -59.99 -5.49
N ARG A 128 -12.64 -58.67 -5.46
CA ARG A 128 -12.99 -57.88 -4.29
C ARG A 128 -14.48 -58.07 -3.99
N ALA A 129 -14.82 -58.02 -2.70
CA ALA A 129 -16.20 -58.11 -2.26
C ALA A 129 -16.69 -56.67 -2.40
N ARG A 130 -17.94 -56.47 -2.82
CA ARG A 130 -18.45 -55.11 -3.05
C ARG A 130 -19.40 -54.54 -2.00
N TYR A 131 -19.21 -53.26 -1.69
CA TYR A 131 -20.04 -52.57 -0.70
C TYR A 131 -20.47 -51.17 -1.14
N ASN A 132 -21.64 -50.75 -0.67
CA ASN A 132 -22.13 -49.42 -0.98
C ASN A 132 -21.46 -48.44 -0.02
N ASN A 133 -21.80 -47.16 -0.16
CA ASN A 133 -21.21 -46.13 0.70
C ASN A 133 -21.78 -46.17 2.10
N LEU A 134 -22.43 -47.27 2.46
CA LEU A 134 -23.01 -47.40 3.79
C LEU A 134 -22.35 -48.57 4.50
N GLY A 135 -21.56 -49.34 3.75
CA GLY A 135 -20.88 -50.50 4.28
C GLY A 135 -21.73 -51.75 4.08
N LEU A 136 -22.76 -51.61 3.25
CA LEU A 136 -23.64 -52.72 2.96
C LEU A 136 -23.17 -53.46 1.72
N GLU A 137 -23.11 -54.78 1.78
CA GLU A 137 -22.64 -55.56 0.66
C GLU A 137 -23.58 -55.53 -0.53
N ILE A 138 -23.00 -55.32 -1.72
CA ILE A 138 -23.75 -55.29 -2.96
C ILE A 138 -23.16 -56.36 -3.87
N THR A 139 -23.84 -56.64 -4.97
CA THR A 139 -23.39 -57.68 -5.89
C THR A 139 -21.94 -57.55 -6.35
N PRO A 140 -21.20 -58.65 -6.27
CA PRO A 140 -19.81 -58.68 -6.69
C PRO A 140 -19.71 -59.21 -8.12
N TRP A 141 -18.51 -59.19 -8.70
CA TRP A 141 -18.30 -59.73 -10.04
C TRP A 141 -18.81 -61.17 -9.95
N THR A 142 -19.70 -61.55 -10.85
CA THR A 142 -20.27 -62.88 -10.78
C THR A 142 -20.18 -63.64 -12.09
N PRO A 143 -19.80 -64.91 -11.98
CA PRO A 143 -19.68 -65.78 -13.15
C PRO A 143 -21.04 -65.85 -13.83
N HIS A 144 -21.05 -65.99 -15.14
CA HIS A 144 -22.31 -66.07 -15.86
C HIS A 144 -23.00 -67.42 -15.57
N SER A 145 -22.22 -68.44 -15.28
CA SER A 145 -22.76 -69.76 -15.00
C SER A 145 -23.24 -69.93 -13.58
N ALA A 146 -23.09 -68.89 -12.78
CA ALA A 146 -23.47 -68.94 -11.38
C ALA A 146 -24.80 -69.63 -11.04
N ASN A 147 -25.82 -69.41 -11.87
CA ASN A 147 -27.14 -70.01 -11.59
C ASN A 147 -27.30 -71.45 -12.05
N ASN A 148 -26.22 -72.05 -12.56
CA ASN A 148 -26.30 -73.41 -13.05
C ASN A 148 -25.50 -74.38 -12.20
N ASN A 149 -26.18 -75.41 -11.72
CA ASN A 149 -25.53 -76.44 -10.92
C ASN A 149 -24.84 -75.98 -9.65
N ILE A 150 -23.87 -76.79 -9.21
CA ILE A 150 -23.13 -76.51 -7.98
C ILE A 150 -21.85 -75.70 -8.15
N ILE A 151 -21.87 -74.51 -7.53
CA ILE A 151 -20.74 -73.59 -7.53
C ILE A 151 -20.59 -73.06 -6.10
N TYR A 152 -19.37 -72.73 -5.70
CA TYR A 152 -19.11 -72.21 -4.36
C TYR A 152 -18.59 -70.78 -4.39
N ARG A 153 -18.95 -70.01 -3.38
CA ARG A 153 -18.52 -68.62 -3.26
C ARG A 153 -17.65 -68.50 -2.02
N TYR A 154 -16.35 -68.73 -2.20
CA TYR A 154 -15.40 -68.68 -1.08
C TYR A 154 -15.04 -67.28 -0.61
N GLU A 155 -14.88 -67.16 0.71
CA GLU A 155 -14.53 -65.89 1.35
C GLU A 155 -13.08 -65.98 1.78
N ILE A 156 -12.30 -65.02 1.34
CA ILE A 156 -10.88 -65.01 1.63
C ILE A 156 -10.40 -63.71 2.24
N PHE A 157 -9.44 -63.85 3.14
CA PHE A 157 -8.74 -62.75 3.81
C PHE A 157 -7.30 -63.28 3.81
N ALA A 158 -6.46 -62.70 2.95
CA ALA A 158 -5.08 -63.16 2.83
C ALA A 158 -4.15 -62.00 2.61
N PRO A 159 -2.87 -62.23 2.89
CA PRO A 159 -1.87 -61.21 2.71
C PRO A 159 -1.38 -61.06 1.26
N GLY A 160 -1.11 -59.81 0.88
CA GLY A 160 -0.60 -59.50 -0.44
C GLY A 160 -1.63 -59.64 -1.55
N GLY A 161 -1.15 -60.03 -2.72
CA GLY A 161 -2.00 -60.20 -3.88
C GLY A 161 -1.74 -59.00 -4.77
N ILE A 162 -1.87 -59.20 -6.08
CA ILE A 162 -1.65 -58.12 -7.02
C ILE A 162 -2.94 -57.36 -7.24
N ASP A 163 -2.88 -56.04 -7.15
CA ASP A 163 -4.05 -55.20 -7.36
C ASP A 163 -4.15 -54.99 -8.86
N ILE A 164 -4.94 -55.84 -9.51
CA ILE A 164 -5.07 -55.75 -10.96
C ILE A 164 -5.53 -54.37 -11.38
N ASN A 165 -6.51 -53.85 -10.67
CA ASN A 165 -7.03 -52.53 -10.98
C ASN A 165 -5.96 -51.43 -10.97
N ALA A 166 -5.05 -51.52 -9.99
CA ALA A 166 -3.98 -50.54 -9.84
C ALA A 166 -2.82 -50.81 -10.79
N SER A 167 -2.71 -52.04 -11.27
CA SER A 167 -1.62 -52.39 -12.15
C SER A 167 -1.91 -52.11 -13.63
N PHE A 168 -3.17 -52.24 -14.02
CA PHE A 168 -3.57 -52.01 -15.41
C PHE A 168 -4.70 -51.02 -15.63
N SER A 169 -4.81 -50.70 -16.92
CA SER A 169 -5.76 -49.77 -17.56
C SER A 169 -7.07 -50.41 -17.99
N ARG A 170 -8.19 -49.87 -17.53
CA ARG A 170 -9.50 -50.42 -17.87
C ARG A 170 -10.03 -50.71 -19.30
N ASN A 171 -9.45 -50.14 -20.35
CA ASN A 171 -10.05 -50.42 -21.62
C ASN A 171 -9.08 -51.21 -22.41
N HIS A 172 -7.84 -51.27 -21.94
CA HIS A 172 -6.81 -52.00 -22.66
C HIS A 172 -6.77 -53.44 -22.23
N ASN A 173 -5.95 -54.25 -22.91
CA ASN A 173 -5.80 -55.68 -22.62
C ASN A 173 -4.69 -55.87 -21.60
N PRO A 174 -4.63 -57.06 -20.94
CA PRO A 174 -5.49 -58.23 -21.22
C PRO A 174 -6.94 -58.23 -20.72
N PHE A 175 -7.60 -57.07 -20.77
CA PHE A 175 -9.00 -56.92 -20.35
C PHE A 175 -9.34 -57.79 -19.17
N PRO A 176 -8.78 -57.48 -17.99
CA PRO A 176 -9.05 -58.32 -16.86
C PRO A 176 -10.16 -57.67 -16.12
N ASN A 177 -10.52 -58.32 -15.02
CA ASN A 177 -11.55 -57.88 -14.10
C ASN A 177 -10.87 -56.94 -13.12
N GLN A 178 -11.13 -55.66 -13.28
CA GLN A 178 -10.53 -54.66 -12.40
C GLN A 178 -10.67 -54.97 -10.89
N ASP A 179 -11.83 -55.53 -10.46
CA ASP A 179 -12.02 -55.91 -9.08
C ASP A 179 -11.18 -57.14 -8.73
N GLU A 180 -10.29 -57.54 -9.63
CA GLU A 180 -9.49 -58.72 -9.38
C GLU A 180 -8.25 -58.53 -8.56
N ILE A 181 -7.94 -59.56 -7.77
CA ILE A 181 -6.74 -59.60 -6.95
C ILE A 181 -6.11 -60.95 -7.26
N THR A 182 -4.91 -60.92 -7.85
CA THR A 182 -4.25 -62.14 -8.23
C THR A 182 -3.18 -62.56 -7.25
N PHE A 183 -3.17 -63.86 -6.94
CA PHE A 183 -2.24 -64.42 -5.99
C PHE A 183 -1.30 -65.41 -6.64
N PRO A 184 -0.05 -64.99 -6.81
CA PRO A 184 0.99 -65.84 -7.39
C PRO A 184 1.26 -66.92 -6.35
N GLY A 185 1.19 -68.18 -6.74
CA GLY A 185 1.45 -69.27 -5.80
C GLY A 185 0.17 -69.73 -5.09
N GLY A 186 -0.95 -69.09 -5.41
CA GLY A 186 -2.22 -69.47 -4.81
C GLY A 186 -2.40 -68.95 -3.39
N ILE A 187 -3.33 -69.56 -2.68
CA ILE A 187 -3.67 -69.18 -1.31
C ILE A 187 -3.81 -70.42 -0.43
N ARG A 188 -3.33 -70.34 0.81
CA ARG A 188 -3.43 -71.46 1.74
C ARG A 188 -4.82 -71.50 2.40
N PRO A 189 -5.30 -72.69 2.73
CA PRO A 189 -6.64 -72.86 3.31
C PRO A 189 -6.92 -71.98 4.52
N GLU A 190 -5.91 -71.78 5.35
CA GLU A 190 -6.04 -70.97 6.54
C GLU A 190 -6.52 -69.54 6.26
N PHE A 191 -6.54 -69.13 4.99
CA PHE A 191 -6.97 -67.78 4.64
C PHE A 191 -8.38 -67.75 4.10
N ILE A 192 -8.97 -68.93 3.96
CA ILE A 192 -10.32 -69.06 3.45
C ILE A 192 -11.23 -69.23 4.66
N ARG A 193 -11.97 -68.18 5.02
CA ARG A 193 -12.86 -68.23 6.18
C ARG A 193 -14.14 -69.06 6.00
N SER A 194 -14.84 -68.86 4.90
CA SER A 194 -16.09 -69.56 4.66
C SER A 194 -16.40 -69.68 3.18
N THR A 195 -17.57 -70.26 2.87
CA THR A 195 -18.03 -70.40 1.50
C THR A 195 -19.51 -70.73 1.44
N TYR A 196 -20.19 -70.20 0.43
CA TYR A 196 -21.61 -70.46 0.24
C TYR A 196 -21.74 -71.57 -0.79
N GLU A 197 -22.56 -72.57 -0.51
CA GLU A 197 -22.74 -73.66 -1.47
C GLU A 197 -24.02 -73.39 -2.24
N TYR A 198 -23.89 -73.15 -3.55
CA TYR A 198 -25.05 -72.84 -4.37
C TYR A 198 -25.48 -74.03 -5.18
N HIS A 199 -26.79 -74.18 -5.34
CA HIS A 199 -27.36 -75.22 -6.15
C HIS A 199 -28.36 -74.55 -7.05
N ASN A 200 -27.99 -74.45 -8.32
CA ASN A 200 -28.84 -73.80 -9.30
C ASN A 200 -29.20 -72.38 -8.91
N GLY A 201 -28.19 -71.64 -8.46
CA GLY A 201 -28.36 -70.24 -8.07
C GLY A 201 -28.98 -69.98 -6.71
N GLU A 202 -29.18 -71.04 -5.92
CA GLU A 202 -29.76 -70.91 -4.59
C GLU A 202 -28.82 -71.37 -3.50
N ILE A 203 -28.61 -70.51 -2.49
CA ILE A 203 -27.75 -70.88 -1.37
C ILE A 203 -28.35 -72.09 -0.70
N VAL A 204 -27.52 -73.08 -0.44
CA VAL A 204 -27.97 -74.30 0.18
C VAL A 204 -27.33 -74.52 1.55
N ARG A 205 -26.10 -74.07 1.70
CA ARG A 205 -25.39 -74.22 2.95
C ARG A 205 -24.31 -73.16 3.07
N ILE A 206 -23.87 -72.90 4.29
CA ILE A 206 -22.81 -71.94 4.52
C ILE A 206 -21.75 -72.67 5.31
N TRP A 207 -20.58 -72.86 4.72
CA TRP A 207 -19.52 -73.58 5.40
C TRP A 207 -18.56 -72.66 6.13
N ILE A 208 -18.07 -73.13 7.26
CA ILE A 208 -17.11 -72.38 8.05
C ILE A 208 -15.82 -73.16 8.20
N ASN A 209 -14.70 -72.47 8.04
CA ASN A 209 -13.41 -73.11 8.15
C ASN A 209 -12.89 -72.94 9.56
N PRO A 210 -13.01 -74.01 10.35
CA PRO A 210 -12.57 -74.00 11.73
C PRO A 210 -11.09 -73.62 11.79
N ASN A 211 -10.35 -74.03 10.76
CA ASN A 211 -8.92 -73.75 10.69
C ASN A 211 -8.55 -72.36 10.19
N PHE A 212 -9.55 -71.48 10.04
CA PHE A 212 -9.27 -70.13 9.56
C PHE A 212 -8.24 -69.45 10.45
N ILE A 213 -7.34 -68.71 9.82
CA ILE A 213 -6.27 -68.01 10.51
C ILE A 213 -6.63 -67.27 11.80
N ASN A 214 -7.80 -66.62 11.82
CA ASN A 214 -8.25 -65.87 13.00
C ASN A 214 -9.65 -66.30 13.41
N PRO A 215 -9.70 -67.45 14.07
CA PRO A 215 -10.95 -68.07 14.52
C PRO A 215 -11.87 -67.19 15.36
N SER A 216 -11.29 -66.19 16.01
CA SER A 216 -12.08 -65.27 16.82
C SER A 216 -13.18 -64.63 15.99
N THR A 217 -12.94 -64.51 14.69
CA THR A 217 -13.90 -63.87 13.80
C THR A 217 -14.84 -64.81 13.07
N LEU A 218 -14.69 -66.12 13.27
CA LEU A 218 -15.57 -67.11 12.62
C LEU A 218 -17.01 -66.74 12.91
N ASN A 219 -17.18 -65.96 13.96
CA ASN A 219 -18.47 -65.49 14.40
C ASN A 219 -19.08 -64.53 13.39
N ASP A 220 -18.29 -63.56 12.92
CA ASP A 220 -18.75 -62.54 11.97
C ASP A 220 -19.26 -63.02 10.62
N VAL A 221 -19.22 -64.33 10.38
CA VAL A 221 -19.67 -64.85 9.09
C VAL A 221 -21.16 -64.57 8.80
N SER A 222 -21.39 -63.55 7.97
CA SER A 222 -22.73 -63.13 7.58
C SER A 222 -23.37 -64.21 6.71
N GLY A 223 -24.66 -64.08 6.45
CA GLY A 223 -25.36 -65.04 5.62
C GLY A 223 -26.85 -65.02 5.85
N PRO A 224 -27.60 -65.56 4.88
CA PRO A 224 -29.05 -65.60 4.96
C PRO A 224 -29.57 -66.43 6.13
N SER A 225 -30.77 -66.06 6.59
CA SER A 225 -31.43 -66.75 7.68
C SER A 225 -32.12 -68.00 7.15
N ASN A 226 -32.23 -69.00 8.01
CA ASN A 226 -32.86 -70.26 7.65
C ASN A 226 -32.04 -71.10 6.68
N ILE A 227 -30.72 -70.91 6.73
CA ILE A 227 -29.78 -71.67 5.89
C ILE A 227 -28.69 -72.25 6.76
N SER A 228 -28.66 -73.57 6.86
CA SER A 228 -27.69 -74.29 7.69
C SER A 228 -26.27 -73.76 7.63
N LYS A 229 -25.76 -73.30 8.78
CA LYS A 229 -24.39 -72.78 8.86
C LYS A 229 -23.48 -73.86 9.42
N VAL A 230 -23.10 -74.81 8.58
CA VAL A 230 -22.25 -75.92 8.98
C VAL A 230 -20.77 -75.61 9.20
N PHE A 231 -20.14 -76.43 10.04
CA PHE A 231 -18.73 -76.30 10.34
C PHE A 231 -17.98 -77.41 9.64
N TRP A 232 -17.13 -77.05 8.69
CA TRP A 232 -16.40 -78.04 7.94
C TRP A 232 -15.36 -78.79 8.77
N HIS A 233 -15.18 -80.06 8.41
CA HIS A 233 -14.18 -80.92 9.00
C HIS A 233 -13.77 -81.86 7.88
N GLU A 234 -12.49 -82.22 7.87
CA GLU A 234 -11.96 -83.08 6.83
C GLU A 234 -12.88 -84.25 6.47
N ASN A 235 -12.88 -84.63 5.21
CA ASN A 235 -13.70 -85.74 4.72
C ASN A 235 -15.17 -85.66 5.10
N HIS A 236 -15.64 -84.47 5.43
CA HIS A 236 -17.03 -84.24 5.78
C HIS A 236 -17.94 -84.87 4.72
N SER A 237 -19.01 -85.52 5.16
CA SER A 237 -19.92 -86.20 4.23
C SER A 237 -20.57 -85.34 3.15
N GLU A 238 -20.91 -84.09 3.50
CA GLU A 238 -21.59 -83.23 2.54
C GLU A 238 -20.70 -82.10 2.04
N GLY A 239 -19.41 -82.25 2.25
CA GLY A 239 -18.44 -81.26 1.83
C GLY A 239 -17.80 -81.65 0.51
N ASN A 240 -18.45 -82.51 -0.24
CA ASN A 240 -17.90 -82.94 -1.51
C ASN A 240 -18.92 -82.92 -2.65
N ASN A 241 -19.92 -82.08 -2.52
CA ASN A 241 -20.95 -81.96 -3.55
C ASN A 241 -20.45 -81.09 -4.69
N MET A 242 -20.36 -81.66 -5.89
CA MET A 242 -19.90 -80.90 -7.05
C MET A 242 -20.36 -81.48 -8.38
N ASP A 243 -20.31 -80.64 -9.43
CA ASP A 243 -20.75 -81.07 -10.75
C ASP A 243 -20.03 -82.33 -11.23
N SER A 244 -20.78 -83.17 -11.94
CA SER A 244 -20.27 -84.42 -12.48
C SER A 244 -18.91 -84.35 -13.15
N GLN A 255 -10.41 -75.26 -13.53
CA GLN A 255 -10.95 -74.80 -12.26
C GLN A 255 -10.96 -73.29 -12.17
N ASP A 256 -10.18 -72.65 -13.02
CA ASP A 256 -10.09 -71.18 -13.01
C ASP A 256 -11.09 -70.60 -13.98
N PHE A 257 -11.92 -71.46 -14.56
CA PHE A 257 -12.90 -71.03 -15.55
C PHE A 257 -13.85 -69.91 -15.14
N ASP A 258 -14.52 -70.07 -14.01
CA ASP A 258 -15.50 -69.07 -13.59
C ASP A 258 -14.92 -67.78 -13.02
N MET A 259 -13.60 -67.69 -12.96
CA MET A 259 -12.96 -66.48 -12.45
C MET A 259 -12.33 -65.71 -13.61
N PHE A 260 -12.50 -66.26 -14.80
CA PHE A 260 -11.97 -65.67 -16.02
C PHE A 260 -12.84 -64.50 -16.43
N ALA A 261 -12.22 -63.33 -16.55
CA ALA A 261 -12.89 -62.08 -16.91
C ALA A 261 -14.11 -62.17 -17.83
N PRO A 262 -13.92 -62.70 -19.02
CA PRO A 262 -15.02 -62.82 -19.99
C PRO A 262 -16.14 -63.75 -19.54
N ASN A 263 -15.87 -64.58 -18.54
CA ASN A 263 -16.88 -65.53 -18.08
C ASN A 263 -17.75 -65.02 -16.94
N GLY A 264 -17.70 -63.71 -16.73
CA GLY A 264 -18.49 -63.08 -15.69
C GLY A 264 -18.46 -61.56 -15.76
N GLU A 265 -19.16 -60.92 -14.84
CA GLU A 265 -19.22 -59.47 -14.79
C GLU A 265 -19.96 -59.05 -13.54
N ILE A 266 -19.93 -57.75 -13.23
CA ILE A 266 -20.65 -57.22 -12.09
C ILE A 266 -22.07 -56.94 -12.60
N PRO A 267 -22.98 -57.85 -12.33
CA PRO A 267 -24.35 -57.74 -12.81
C PRO A 267 -25.10 -56.45 -12.47
N ASN A 268 -24.96 -55.99 -11.23
CA ASN A 268 -25.68 -54.80 -10.77
C ASN A 268 -25.04 -54.24 -9.51
N ASN A 269 -25.68 -53.25 -8.91
CA ASN A 269 -25.18 -52.64 -7.69
C ASN A 269 -26.18 -52.77 -6.56
N ASN A 270 -27.08 -53.74 -6.72
CA ASN A 270 -28.12 -54.01 -5.73
C ASN A 270 -27.51 -54.58 -4.47
N LEU A 271 -28.20 -54.41 -3.35
CA LEU A 271 -27.75 -54.95 -2.09
C LEU A 271 -27.98 -56.45 -2.14
N LEU A 272 -27.49 -57.17 -1.14
CA LEU A 272 -27.66 -58.62 -1.12
C LEU A 272 -28.77 -59.08 -0.18
N ASP B 20 1.87 -38.70 -39.03
CA ASP B 20 2.33 -39.00 -40.39
C ASP B 20 3.19 -40.26 -40.54
N ASN B 21 2.91 -41.00 -41.62
CA ASN B 21 3.63 -42.23 -41.90
C ASN B 21 4.97 -42.01 -42.55
N THR B 22 5.69 -41.01 -42.04
CA THR B 22 7.02 -40.70 -42.58
C THR B 22 8.08 -41.61 -42.01
N TRP B 23 7.84 -42.07 -40.78
CA TRP B 23 8.81 -42.95 -40.12
C TRP B 23 9.17 -44.19 -40.94
N ILE B 24 8.31 -44.56 -41.88
CA ILE B 24 8.54 -45.72 -42.76
C ILE B 24 8.61 -45.27 -44.21
N GLN B 25 8.67 -43.95 -44.41
CA GLN B 25 8.70 -43.37 -45.74
C GLN B 25 9.70 -43.98 -46.68
N ALA B 26 10.96 -44.04 -46.25
CA ALA B 26 12.05 -44.60 -47.05
C ALA B 26 11.92 -46.11 -47.34
N ALA B 27 10.85 -46.74 -46.86
CA ALA B 27 10.64 -48.16 -47.04
C ALA B 27 10.88 -48.83 -48.41
N SER B 28 11.80 -49.78 -48.44
CA SER B 28 12.07 -50.48 -49.67
C SER B 28 10.99 -51.58 -49.85
N LEU B 29 10.30 -51.89 -48.76
CA LEU B 29 9.23 -52.91 -48.74
C LEU B 29 7.91 -52.38 -49.32
N THR B 30 7.62 -52.70 -50.57
CA THR B 30 6.42 -52.17 -51.19
C THR B 30 5.07 -52.31 -50.50
N TRP B 31 4.66 -53.55 -50.31
CA TRP B 31 3.38 -53.82 -49.66
C TRP B 31 3.23 -53.24 -48.25
N LEU B 32 4.34 -52.80 -47.65
CA LEU B 32 4.30 -52.26 -46.29
C LEU B 32 3.37 -51.07 -46.16
N LEU B 38 -1.43 -48.96 -37.74
CA LEU B 38 -1.65 -50.30 -37.17
C LEU B 38 -0.32 -51.01 -37.01
N LEU B 39 0.59 -50.67 -37.91
CA LEU B 39 1.92 -51.25 -37.85
C LEU B 39 2.67 -50.58 -36.69
N TYR B 40 2.48 -49.27 -36.53
CA TYR B 40 3.11 -48.63 -35.40
C TYR B 40 2.53 -49.19 -34.09
N GLN B 41 1.25 -49.54 -34.11
CA GLN B 41 0.66 -50.11 -32.90
C GLN B 41 1.25 -51.48 -32.70
N LEU B 42 1.17 -52.32 -33.71
CA LEU B 42 1.69 -53.68 -33.66
C LEU B 42 3.08 -53.80 -33.10
N ILE B 43 3.93 -52.83 -33.39
CA ILE B 43 5.26 -52.94 -32.87
C ILE B 43 5.28 -52.42 -31.45
N SER B 44 4.96 -51.14 -31.29
CA SER B 44 5.00 -50.58 -29.97
C SER B 44 4.29 -51.31 -28.80
N THR B 45 3.01 -51.65 -28.93
CA THR B 45 2.34 -52.30 -27.79
C THR B 45 3.08 -53.48 -27.14
N ARG B 46 3.58 -54.41 -27.94
CA ARG B 46 4.34 -55.55 -27.41
C ARG B 46 5.53 -55.12 -26.55
N ILE B 47 6.18 -53.99 -26.82
CA ILE B 47 7.34 -53.57 -26.01
C ILE B 47 7.08 -53.30 -24.50
N PRO B 48 7.85 -54.01 -23.65
CA PRO B 48 7.77 -53.82 -22.20
C PRO B 48 8.29 -52.49 -21.70
N SER B 49 7.65 -52.04 -20.61
CA SER B 49 7.98 -50.81 -19.91
C SER B 49 9.49 -50.73 -19.55
N PHE B 50 10.03 -51.86 -19.04
CA PHE B 50 11.44 -52.01 -18.65
C PHE B 50 12.36 -51.68 -19.81
N ALA B 51 11.94 -52.09 -21.01
CA ALA B 51 12.72 -51.86 -22.21
C ALA B 51 12.52 -50.43 -22.69
N SER B 52 11.26 -50.15 -23.04
CA SER B 52 10.83 -48.86 -23.58
C SER B 52 9.95 -48.03 -22.64
N PRO B 53 10.57 -47.34 -21.70
CA PRO B 53 9.88 -46.51 -20.73
C PRO B 53 9.05 -45.36 -21.31
N ASN B 54 9.59 -44.67 -22.32
CA ASN B 54 8.86 -43.58 -22.92
C ASN B 54 8.27 -44.09 -24.22
N GLY B 55 8.62 -45.35 -24.49
CA GLY B 55 8.12 -46.09 -25.67
C GLY B 55 8.84 -45.65 -26.92
N LEU B 56 8.36 -46.16 -28.04
CA LEU B 56 8.91 -45.86 -29.36
C LEU B 56 8.86 -44.39 -29.74
N HIS B 57 10.04 -43.86 -30.09
CA HIS B 57 10.21 -42.50 -30.55
C HIS B 57 10.86 -42.57 -31.89
N MET B 58 10.21 -41.96 -32.86
CA MET B 58 10.70 -41.95 -34.24
C MET B 58 11.58 -40.73 -34.48
N ARG B 59 12.54 -40.90 -35.37
CA ARG B 59 13.48 -39.81 -35.67
C ARG B 59 12.71 -38.56 -36.05
N GLU B 60 13.19 -37.40 -35.62
CA GLU B 60 12.53 -36.18 -35.98
C GLU B 60 13.41 -35.35 -36.89
N GLN B 61 12.87 -34.30 -37.46
CA GLN B 61 13.63 -33.42 -38.35
C GLN B 61 14.37 -34.15 -39.46
N THR B 62 13.88 -35.33 -39.83
CA THR B 62 14.51 -36.12 -40.89
C THR B 62 14.31 -35.52 -42.27
N ILE B 63 13.30 -34.66 -42.41
CA ILE B 63 12.96 -34.06 -43.69
C ILE B 63 12.56 -32.61 -43.49
N ASP B 64 12.98 -31.78 -44.43
CA ASP B 64 12.67 -30.37 -44.41
C ASP B 64 11.16 -30.16 -44.33
N SER B 65 10.73 -29.46 -43.29
CA SER B 65 9.33 -29.18 -43.13
C SER B 65 9.05 -28.10 -44.16
N ASN B 66 10.13 -27.56 -44.75
CA ASN B 66 10.04 -26.51 -45.77
C ASN B 66 10.06 -27.08 -47.18
N THR B 67 11.27 -27.44 -47.63
CA THR B 67 11.48 -28.01 -48.96
C THR B 67 10.84 -29.40 -49.14
N GLY B 68 10.48 -30.03 -48.03
CA GLY B 68 9.84 -31.35 -48.02
C GLY B 68 10.87 -32.35 -48.55
N GLN B 69 12.14 -32.04 -48.31
CA GLN B 69 13.26 -32.87 -48.77
C GLN B 69 13.91 -33.57 -47.62
N ILE B 70 14.80 -34.52 -47.90
CA ILE B 70 15.50 -35.25 -46.83
C ILE B 70 16.55 -34.34 -46.19
N GLN B 71 16.47 -34.16 -44.88
CA GLN B 71 17.46 -33.31 -44.20
C GLN B 71 18.84 -33.99 -44.23
N ILE B 72 19.73 -33.38 -45.01
CA ILE B 72 21.05 -33.91 -45.28
C ILE B 72 22.14 -33.20 -44.49
N ASP B 73 22.22 -33.50 -43.20
CA ASP B 73 23.24 -32.91 -42.35
C ASP B 73 23.97 -33.98 -41.55
N ASN B 74 24.84 -33.56 -40.65
CA ASN B 74 25.61 -34.50 -39.84
C ASN B 74 24.75 -35.14 -38.76
N GLU B 75 23.82 -34.37 -38.20
CA GLU B 75 22.94 -34.87 -37.16
C GLU B 75 22.16 -36.07 -37.64
N HIS B 76 21.76 -36.04 -38.91
CA HIS B 76 20.98 -37.14 -39.47
C HIS B 76 21.72 -38.09 -40.39
N ARG B 77 23.04 -38.03 -40.37
CA ARG B 77 23.82 -38.93 -41.21
C ARG B 77 23.81 -40.29 -40.54
N LEU B 78 23.59 -41.33 -41.34
CA LEU B 78 23.51 -42.70 -40.83
C LEU B 78 24.41 -43.60 -41.63
N LEU B 79 24.81 -44.71 -41.03
CA LEU B 79 25.67 -45.68 -41.70
C LEU B 79 25.21 -47.10 -41.48
N ARG B 80 25.53 -47.96 -42.45
CA ARG B 80 25.21 -49.36 -42.32
C ARG B 80 26.36 -50.19 -42.86
N TRP B 81 26.87 -51.06 -41.99
CA TRP B 81 27.96 -51.95 -42.34
C TRP B 81 27.30 -53.16 -42.97
N ASP B 82 27.65 -53.44 -44.21
CA ASP B 82 27.07 -54.55 -44.93
C ASP B 82 28.16 -55.18 -45.80
N ARG B 83 28.07 -56.49 -45.99
CA ARG B 83 29.05 -57.20 -46.80
C ARG B 83 28.63 -57.39 -48.25
N ARG B 84 27.46 -56.85 -48.58
CA ARG B 84 26.90 -56.93 -49.94
C ARG B 84 27.37 -55.73 -50.75
N PRO B 85 27.75 -55.98 -52.00
CA PRO B 85 28.25 -54.93 -52.88
C PRO B 85 27.17 -53.99 -53.41
N PRO B 86 27.59 -52.81 -53.87
CA PRO B 86 26.67 -51.80 -54.37
C PRO B 86 25.80 -52.27 -55.54
N ASN B 87 26.32 -53.17 -56.35
CA ASN B 87 25.56 -53.69 -57.49
C ASN B 87 24.20 -54.21 -57.00
N ASP B 88 24.18 -54.62 -55.73
CA ASP B 88 22.97 -55.11 -55.09
C ASP B 88 22.31 -53.94 -54.39
N ILE B 89 23.04 -53.39 -53.43
CA ILE B 89 22.55 -52.30 -52.61
C ILE B 89 22.08 -51.04 -53.34
N PHE B 90 22.92 -50.49 -54.22
CA PHE B 90 22.57 -49.27 -54.94
C PHE B 90 21.40 -49.52 -55.88
N LEU B 91 21.14 -50.80 -56.13
CA LEU B 91 20.07 -51.23 -57.01
C LEU B 91 18.77 -51.49 -56.25
N ASN B 92 18.84 -52.41 -55.29
CA ASN B 92 17.67 -52.79 -54.49
C ASN B 92 17.47 -52.04 -53.18
N GLY B 93 18.53 -51.39 -52.70
CA GLY B 93 18.45 -50.68 -51.42
C GLY B 93 18.57 -51.75 -50.32
N PHE B 94 18.13 -51.41 -49.11
CA PHE B 94 18.19 -52.37 -48.03
C PHE B 94 16.81 -52.98 -47.80
N ILE B 95 16.67 -54.24 -48.20
CA ILE B 95 15.40 -54.94 -48.03
C ILE B 95 15.50 -55.88 -46.84
N PRO B 96 14.52 -55.77 -45.94
CA PRO B 96 14.49 -56.59 -44.73
C PRO B 96 14.57 -58.07 -45.07
N ARG B 97 14.94 -58.87 -44.08
CA ARG B 97 15.06 -60.31 -44.28
C ARG B 97 13.67 -60.91 -44.53
N VAL B 98 12.65 -60.25 -43.98
CA VAL B 98 11.31 -60.70 -44.18
C VAL B 98 10.72 -59.76 -45.25
N THR B 99 10.72 -60.30 -46.47
CA THR B 99 10.26 -59.57 -47.65
C THR B 99 9.27 -60.43 -48.43
N ASN B 100 7.99 -60.25 -48.10
CA ASN B 100 6.87 -60.95 -48.72
C ASN B 100 5.73 -60.43 -47.94
N GLN B 101 4.70 -60.10 -48.67
CA GLN B 101 3.52 -59.48 -48.13
C GLN B 101 2.75 -60.49 -47.27
N ASN B 102 2.98 -61.77 -47.52
CA ASN B 102 2.30 -62.79 -46.77
C ASN B 102 2.96 -63.09 -45.40
N LEU B 103 3.81 -62.18 -44.92
CA LEU B 103 4.50 -62.38 -43.65
C LEU B 103 3.70 -62.88 -42.42
N SER B 104 4.37 -63.47 -41.43
CA SER B 104 3.67 -63.89 -40.23
C SER B 104 3.91 -62.67 -39.33
N PRO B 105 2.99 -61.71 -39.42
CA PRO B 105 3.13 -60.41 -38.78
C PRO B 105 3.62 -60.41 -37.37
N VAL B 106 3.26 -61.45 -36.65
CA VAL B 106 3.62 -61.51 -35.23
C VAL B 106 5.05 -61.84 -34.89
N GLU B 107 5.71 -62.63 -35.71
CA GLU B 107 7.07 -62.99 -35.38
C GLU B 107 7.97 -62.08 -36.14
N ASP B 108 7.39 -61.26 -37.00
CA ASP B 108 8.23 -60.49 -37.88
C ASP B 108 8.28 -59.00 -37.62
N THR B 109 7.49 -58.54 -36.65
CA THR B 109 7.46 -57.14 -36.27
C THR B 109 7.82 -57.03 -34.79
N HIS B 110 8.37 -58.11 -34.24
CA HIS B 110 8.76 -58.11 -32.83
C HIS B 110 10.12 -57.44 -32.77
N LEU B 111 10.11 -56.16 -32.41
CA LEU B 111 11.32 -55.36 -32.34
C LEU B 111 12.31 -55.92 -31.34
N LEU B 112 11.91 -55.98 -30.08
CA LEU B 112 12.79 -56.50 -29.03
C LEU B 112 13.43 -57.83 -29.40
N ASN B 113 12.65 -58.75 -29.96
CA ASN B 113 13.22 -60.02 -30.33
C ASN B 113 14.26 -59.88 -31.45
N TYR B 114 14.05 -58.91 -32.33
CA TYR B 114 14.99 -58.65 -33.43
C TYR B 114 16.28 -58.08 -32.86
N LEU B 115 16.10 -57.11 -31.97
CA LEU B 115 17.22 -56.41 -31.33
C LEU B 115 18.02 -57.33 -30.43
N ARG B 116 17.40 -58.33 -29.86
CA ARG B 116 18.15 -59.18 -28.98
C ARG B 116 18.78 -60.31 -29.72
N THR B 117 18.00 -60.93 -30.61
CA THR B 117 18.48 -62.14 -31.24
C THR B 117 18.87 -62.05 -32.70
N ASN B 118 18.47 -60.97 -33.36
CA ASN B 118 18.79 -60.81 -34.77
C ASN B 118 18.01 -61.80 -35.62
N SER B 119 16.86 -62.22 -35.11
CA SER B 119 15.96 -63.14 -35.82
C SER B 119 15.44 -62.36 -37.03
N PRO B 120 15.10 -63.06 -38.11
CA PRO B 120 14.60 -62.39 -39.32
C PRO B 120 13.40 -61.49 -39.01
N SER B 121 13.41 -60.29 -39.57
CA SER B 121 12.32 -59.36 -39.35
C SER B 121 12.10 -58.43 -40.52
N ILE B 122 11.28 -57.41 -40.29
CA ILE B 122 11.00 -56.41 -41.32
C ILE B 122 11.88 -55.22 -41.07
N PHE B 123 12.72 -55.32 -40.04
CA PHE B 123 13.60 -54.23 -39.66
C PHE B 123 14.96 -54.26 -40.34
N VAL B 124 15.49 -53.07 -40.56
CA VAL B 124 16.81 -52.88 -41.15
C VAL B 124 17.53 -51.91 -40.23
N SER B 125 18.70 -52.30 -39.76
CA SER B 125 19.46 -51.46 -38.84
C SER B 125 20.51 -50.55 -39.47
N THR B 126 20.73 -49.43 -38.81
CA THR B 126 21.73 -48.46 -39.23
C THR B 126 22.26 -47.89 -37.94
N THR B 127 23.41 -47.25 -38.03
CA THR B 127 24.01 -46.64 -36.86
C THR B 127 24.35 -45.18 -37.16
N ARG B 128 24.10 -44.31 -36.19
CA ARG B 128 24.41 -42.89 -36.34
C ARG B 128 25.89 -42.73 -36.66
N ALA B 129 26.20 -41.71 -37.47
CA ALA B 129 27.58 -41.39 -37.80
C ALA B 129 28.03 -40.53 -36.61
N ARG B 130 29.28 -40.68 -36.17
CA ARG B 130 29.74 -39.96 -34.99
C ARG B 130 30.66 -38.75 -35.22
N TYR B 131 30.42 -37.69 -34.45
CA TYR B 131 31.19 -36.46 -34.57
C TYR B 131 31.59 -35.87 -33.22
N ASN B 132 32.74 -35.19 -33.19
CA ASN B 132 33.19 -34.54 -31.97
C ASN B 132 32.47 -33.20 -31.86
N ASN B 133 32.77 -32.46 -30.79
CA ASN B 133 32.13 -31.17 -30.58
C ASN B 133 32.67 -30.10 -31.51
N LEU B 134 33.35 -30.53 -32.58
CA LEU B 134 33.89 -29.57 -33.54
C LEU B 134 33.26 -29.82 -34.89
N GLY B 135 32.52 -30.92 -34.99
CA GLY B 135 31.85 -31.29 -36.23
C GLY B 135 32.75 -32.22 -37.03
N LEU B 136 33.79 -32.74 -36.38
CA LEU B 136 34.72 -33.64 -37.04
C LEU B 136 34.30 -35.09 -36.78
N GLU B 137 34.29 -35.89 -37.83
CA GLU B 137 33.86 -37.27 -37.70
C GLU B 137 34.83 -38.12 -36.89
N ILE B 138 34.27 -38.89 -35.96
CA ILE B 138 35.04 -39.80 -35.12
C ILE B 138 34.51 -41.20 -35.36
N THR B 139 35.21 -42.21 -34.85
CA THR B 139 34.82 -43.60 -35.05
C THR B 139 33.39 -43.91 -34.66
N PRO B 140 32.69 -44.59 -35.56
CA PRO B 140 31.30 -44.98 -35.31
C PRO B 140 31.25 -46.42 -34.80
N TRP B 141 30.06 -46.89 -34.42
CA TRP B 141 29.90 -48.26 -33.96
C TRP B 141 30.46 -49.11 -35.10
N THR B 142 31.38 -50.00 -34.80
CA THR B 142 31.99 -50.79 -35.85
C THR B 142 31.95 -52.29 -35.58
N PRO B 143 31.61 -53.05 -36.61
CA PRO B 143 31.54 -54.50 -36.52
C PRO B 143 32.92 -55.01 -36.12
N HIS B 144 32.97 -56.10 -35.36
CA HIS B 144 34.24 -56.66 -34.95
C HIS B 144 34.97 -57.27 -36.15
N SER B 145 34.21 -57.75 -37.12
CA SER B 145 34.78 -58.39 -38.30
C SER B 145 35.24 -57.40 -39.35
N ALA B 146 35.05 -56.11 -39.07
CA ALA B 146 35.40 -55.07 -40.03
C ALA B 146 36.74 -55.21 -40.75
N ASN B 147 37.78 -55.65 -40.05
CA ASN B 147 39.10 -55.79 -40.66
C ASN B 147 39.32 -57.07 -41.45
N ASN B 148 38.27 -57.88 -41.58
CA ASN B 148 38.40 -59.13 -42.31
C ASN B 148 37.62 -59.15 -43.60
N ASN B 149 38.31 -59.42 -44.69
CA ASN B 149 37.69 -59.52 -46.01
C ASN B 149 36.95 -58.28 -46.49
N ILE B 150 36.00 -58.50 -47.40
CA ILE B 150 35.23 -57.42 -47.99
C ILE B 150 33.93 -57.06 -47.28
N ILE B 151 33.89 -55.84 -46.77
CA ILE B 151 32.73 -55.28 -46.10
C ILE B 151 32.53 -53.84 -46.62
N TYR B 152 31.28 -53.37 -46.64
CA TYR B 152 30.99 -52.02 -47.12
C TYR B 152 30.41 -51.15 -46.02
N ARG B 153 30.73 -49.85 -46.09
CA ARG B 153 30.26 -48.88 -45.11
C ARG B 153 29.36 -47.90 -45.84
N TYR B 154 28.07 -48.23 -45.91
CA TYR B 154 27.10 -47.40 -46.61
C TYR B 154 26.68 -46.14 -45.86
N GLU B 155 26.49 -45.05 -46.63
CA GLU B 155 26.08 -43.76 -46.09
C GLU B 155 24.63 -43.54 -46.44
N ILE B 156 23.82 -43.28 -45.43
CA ILE B 156 22.40 -43.11 -45.63
C ILE B 156 21.87 -41.83 -45.04
N PHE B 157 20.89 -41.27 -45.74
CA PHE B 157 20.13 -40.07 -45.35
C PHE B 157 18.71 -40.47 -45.76
N ALA B 158 17.87 -40.77 -44.77
CA ALA B 158 16.52 -41.21 -45.07
C ALA B 158 15.55 -40.67 -44.05
N PRO B 159 14.28 -40.67 -44.41
CA PRO B 159 13.24 -40.16 -43.53
C PRO B 159 12.79 -41.19 -42.48
N GLY B 160 12.49 -40.67 -41.29
CA GLY B 160 11.99 -41.49 -40.20
C GLY B 160 13.06 -42.39 -39.58
N GLY B 161 12.61 -43.56 -39.12
CA GLY B 161 13.49 -44.51 -38.49
C GLY B 161 13.21 -44.42 -36.99
N ILE B 162 13.38 -45.54 -36.29
CA ILE B 162 13.13 -45.55 -34.86
C ILE B 162 14.41 -45.18 -34.14
N ASP B 163 14.30 -44.26 -33.19
CA ASP B 163 15.45 -43.83 -32.39
C ASP B 163 15.58 -44.83 -31.27
N ILE B 164 16.41 -45.84 -31.47
CA ILE B 164 16.58 -46.87 -30.47
C ILE B 164 16.99 -46.28 -29.14
N ASN B 165 17.95 -45.37 -29.20
CA ASN B 165 18.43 -44.72 -27.99
C ASN B 165 17.33 -44.04 -27.18
N ALA B 166 16.40 -43.40 -27.89
CA ALA B 166 15.29 -42.69 -27.25
C ALA B 166 14.15 -43.62 -26.86
N SER B 167 14.10 -44.79 -27.47
CA SER B 167 13.05 -45.73 -27.17
C SER B 167 13.35 -46.66 -26.01
N PHE B 168 14.63 -46.99 -25.83
CA PHE B 168 15.05 -47.88 -24.75
C PHE B 168 16.15 -47.36 -23.84
N SER B 169 16.22 -48.00 -22.69
CA SER B 169 17.17 -47.71 -21.65
C SER B 169 18.51 -48.36 -21.94
N ARG B 170 19.55 -47.83 -21.31
CA ARG B 170 20.89 -48.37 -21.43
C ARG B 170 21.08 -49.41 -20.33
N ASN B 171 21.94 -50.39 -20.59
CA ASN B 171 22.17 -51.46 -19.62
C ASN B 171 20.79 -52.09 -19.33
N HIS B 172 19.99 -52.26 -20.37
CA HIS B 172 18.67 -52.88 -20.22
C HIS B 172 18.35 -53.62 -21.50
N ASN B 173 17.65 -54.74 -21.39
CA ASN B 173 17.27 -55.50 -22.57
C ASN B 173 16.46 -54.64 -23.56
N PRO B 174 16.67 -54.76 -24.87
CA PRO B 174 17.61 -55.70 -25.47
C PRO B 174 19.04 -55.25 -25.66
N PHE B 175 19.54 -54.34 -24.83
CA PHE B 175 20.94 -53.88 -24.95
C PHE B 175 21.22 -53.58 -26.42
N PRO B 176 20.42 -52.69 -27.00
CA PRO B 176 20.59 -52.41 -28.42
C PRO B 176 21.71 -51.42 -28.62
N ASN B 177 22.17 -51.31 -29.86
CA ASN B 177 23.19 -50.34 -30.15
C ASN B 177 22.55 -48.94 -30.08
N GLN B 178 22.54 -48.28 -28.90
CA GLN B 178 21.94 -46.92 -28.70
C GLN B 178 22.17 -45.98 -29.88
N ASP B 179 23.30 -46.10 -30.55
CA ASP B 179 23.48 -45.29 -31.74
C ASP B 179 22.68 -45.85 -32.92
N GLU B 180 21.82 -46.83 -32.65
CA GLU B 180 21.05 -47.44 -33.71
C GLU B 180 19.78 -46.74 -34.11
N ILE B 181 19.49 -46.82 -35.41
CA ILE B 181 18.28 -46.27 -35.98
C ILE B 181 17.69 -47.41 -36.81
N THR B 182 16.52 -47.88 -36.42
CA THR B 182 15.89 -48.99 -37.10
C THR B 182 14.82 -48.56 -38.08
N PHE B 183 14.85 -49.16 -39.25
CA PHE B 183 13.91 -48.84 -40.31
C PHE B 183 13.01 -50.02 -40.65
N PRO B 184 11.75 -49.92 -40.23
CA PRO B 184 10.77 -50.95 -40.51
C PRO B 184 10.51 -50.87 -42.01
N GLY B 185 10.62 -51.98 -42.72
CA GLY B 185 10.38 -51.98 -44.16
C GLY B 185 11.66 -51.70 -44.96
N GLY B 186 12.76 -51.49 -44.26
CA GLY B 186 14.04 -51.23 -44.93
C GLY B 186 14.16 -49.81 -45.44
N ILE B 187 15.11 -49.62 -46.37
CA ILE B 187 15.39 -48.33 -46.96
C ILE B 187 15.56 -48.45 -48.47
N ARG B 188 15.04 -47.48 -49.22
CA ARG B 188 15.16 -47.49 -50.69
C ARG B 188 16.54 -46.97 -51.12
N PRO B 189 17.05 -47.48 -52.24
CA PRO B 189 18.38 -47.10 -52.74
C PRO B 189 18.61 -45.60 -52.85
N GLU B 190 17.57 -44.88 -53.25
CA GLU B 190 17.64 -43.44 -53.41
C GLU B 190 18.08 -42.71 -52.13
N PHE B 191 18.12 -43.40 -51.00
CA PHE B 191 18.50 -42.77 -49.73
C PHE B 191 19.93 -43.11 -49.34
N ILE B 192 20.56 -43.96 -50.14
CA ILE B 192 21.93 -44.38 -49.90
C ILE B 192 22.81 -43.55 -50.81
N ARG B 193 23.51 -42.56 -50.23
CA ARG B 193 24.38 -41.68 -51.01
C ARG B 193 25.69 -42.30 -51.51
N SER B 194 26.40 -42.98 -50.63
CA SER B 194 27.69 -43.58 -51.00
C SER B 194 28.03 -44.76 -50.12
N THR B 195 29.22 -45.32 -50.36
CA THR B 195 29.71 -46.44 -49.57
C THR B 195 31.21 -46.63 -49.76
N TYR B 196 31.90 -47.04 -48.70
CA TYR B 196 33.33 -47.30 -48.76
C TYR B 196 33.51 -48.80 -48.92
N GLU B 197 34.35 -49.21 -49.86
CA GLU B 197 34.60 -50.64 -50.06
C GLU B 197 35.88 -51.00 -49.34
N TYR B 198 35.78 -51.83 -48.31
CA TYR B 198 36.95 -52.22 -47.54
C TYR B 198 37.43 -53.60 -47.91
N HIS B 199 38.74 -53.75 -47.90
CA HIS B 199 39.37 -55.03 -48.16
C HIS B 199 40.36 -55.24 -47.05
N ASN B 200 40.02 -56.15 -46.15
CA ASN B 200 40.87 -56.45 -45.01
C ASN B 200 41.17 -55.21 -44.19
N GLY B 201 40.13 -54.42 -43.93
CA GLY B 201 40.26 -53.22 -43.11
C GLY B 201 40.82 -51.99 -43.80
N GLU B 202 41.04 -52.07 -45.11
CA GLU B 202 41.59 -50.96 -45.87
C GLU B 202 40.64 -50.46 -46.94
N ILE B 203 40.40 -49.15 -46.95
CA ILE B 203 39.51 -48.58 -47.96
C ILE B 203 40.14 -48.82 -49.32
N VAL B 204 39.32 -49.29 -50.25
CA VAL B 204 39.81 -49.61 -51.57
C VAL B 204 39.16 -48.73 -52.63
N ARG B 205 37.90 -48.37 -52.40
CA ARG B 205 37.16 -47.55 -53.34
C ARG B 205 36.05 -46.81 -52.63
N ILE B 206 35.57 -45.72 -53.22
CA ILE B 206 34.48 -44.97 -52.65
C ILE B 206 33.42 -44.89 -53.74
N TRP B 207 32.27 -45.50 -53.50
CA TRP B 207 31.22 -45.49 -54.50
C TRP B 207 30.23 -44.38 -54.28
N ILE B 208 29.72 -43.84 -55.39
CA ILE B 208 28.72 -42.78 -55.34
C ILE B 208 27.45 -43.23 -56.05
N ASN B 209 26.31 -42.94 -55.42
CA ASN B 209 25.05 -43.33 -56.00
C ASN B 209 24.49 -42.16 -56.79
N PRO B 210 24.63 -42.26 -58.11
CA PRO B 210 24.14 -41.22 -59.02
C PRO B 210 22.66 -40.98 -58.77
N ASN B 211 21.95 -42.05 -58.42
CA ASN B 211 20.52 -41.98 -58.18
C ASN B 211 20.12 -41.48 -56.79
N PHE B 212 21.09 -40.98 -56.03
CA PHE B 212 20.78 -40.49 -54.70
C PHE B 212 19.71 -39.39 -54.77
N ILE B 213 18.80 -39.44 -53.80
CA ILE B 213 17.69 -38.50 -53.73
C ILE B 213 18.01 -37.02 -54.00
N ASN B 214 19.14 -36.54 -53.51
CA ASN B 214 19.54 -35.14 -53.70
C ASN B 214 20.94 -35.06 -54.28
N PRO B 215 21.03 -35.28 -55.59
CA PRO B 215 22.28 -35.32 -56.33
C PRO B 215 23.15 -34.07 -56.20
N SER B 216 22.53 -32.95 -55.87
CA SER B 216 23.26 -31.69 -55.70
C SER B 216 24.37 -31.87 -54.65
N THR B 217 24.14 -32.79 -53.72
CA THR B 217 25.11 -33.02 -52.64
C THR B 217 26.10 -34.14 -52.88
N LEU B 218 25.99 -34.85 -54.00
CA LEU B 218 26.90 -35.95 -54.32
C LEU B 218 28.33 -35.44 -54.22
N ASN B 219 28.45 -34.13 -54.31
CA ASN B 219 29.71 -33.44 -54.22
C ASN B 219 30.32 -33.56 -52.82
N ASP B 220 29.50 -33.32 -51.80
CA ASP B 220 29.96 -33.36 -50.40
C ASP B 220 30.51 -34.68 -49.88
N VAL B 221 30.51 -35.72 -50.71
CA VAL B 221 31.01 -37.01 -50.27
C VAL B 221 32.49 -36.99 -49.85
N SER B 222 32.71 -36.94 -48.54
CA SER B 222 34.05 -36.93 -47.95
C SER B 222 34.73 -38.26 -48.19
N GLY B 223 36.03 -38.32 -47.91
CA GLY B 223 36.77 -39.56 -48.10
C GLY B 223 38.27 -39.31 -48.22
N PRO B 224 39.05 -40.36 -48.00
CA PRO B 224 40.50 -40.28 -48.07
C PRO B 224 41.03 -39.90 -49.44
N SER B 225 42.19 -39.28 -49.45
CA SER B 225 42.85 -38.87 -50.67
C SER B 225 43.60 -40.06 -51.28
N ASN B 226 43.72 -40.05 -52.60
CA ASN B 226 44.40 -41.12 -53.31
C ASN B 226 43.62 -42.43 -53.33
N ILE B 227 42.30 -42.32 -53.23
CA ILE B 227 41.42 -43.49 -53.26
C ILE B 227 40.30 -43.24 -54.29
N SER B 228 40.33 -44.02 -55.35
CA SER B 228 39.36 -43.90 -56.44
C SER B 228 37.92 -43.65 -56.01
N LYS B 229 37.38 -42.51 -56.42
CA LYS B 229 35.99 -42.16 -56.09
C LYS B 229 35.10 -42.47 -57.29
N VAL B 230 34.78 -43.75 -57.47
CA VAL B 230 33.94 -44.20 -58.59
C VAL B 230 32.45 -43.87 -58.51
N PHE B 231 31.83 -43.79 -59.68
CA PHE B 231 30.41 -43.54 -59.78
C PHE B 231 29.72 -44.83 -60.18
N TRP B 232 28.88 -45.34 -59.30
CA TRP B 232 28.18 -46.58 -59.58
C TRP B 232 27.17 -46.47 -60.70
N HIS B 233 27.04 -47.58 -61.41
CA HIS B 233 26.05 -47.72 -62.48
C HIS B 233 25.69 -49.20 -62.46
N GLU B 234 24.43 -49.49 -62.74
CA GLU B 234 23.94 -50.87 -62.72
C GLU B 234 24.91 -51.85 -63.37
N ASN B 235 24.95 -53.06 -62.84
CA ASN B 235 25.82 -54.12 -63.35
C ASN B 235 27.27 -53.73 -63.53
N HIS B 236 27.69 -52.68 -62.82
CA HIS B 236 29.08 -52.21 -62.87
C HIS B 236 30.03 -53.40 -62.65
N SER B 237 31.11 -53.45 -63.41
CA SER B 237 32.06 -54.56 -63.33
C SER B 237 32.71 -54.79 -61.96
N GLU B 238 33.00 -53.72 -61.24
CA GLU B 238 33.66 -53.85 -59.96
C GLU B 238 32.75 -53.54 -58.78
N GLY B 239 31.46 -53.53 -59.04
CA GLY B 239 30.47 -53.23 -58.01
C GLY B 239 29.87 -54.51 -57.47
N ASN B 240 30.57 -55.62 -57.63
CA ASN B 240 30.06 -56.88 -57.13
C ASN B 240 31.09 -57.70 -56.36
N ASN B 241 32.09 -57.01 -55.81
CA ASN B 241 33.12 -57.68 -55.03
C ASN B 241 32.62 -57.99 -53.63
N MET B 242 32.58 -59.28 -53.29
CA MET B 242 32.11 -59.69 -51.97
C MET B 242 32.63 -61.05 -51.52
N ASP B 243 32.58 -61.31 -50.22
CA ASP B 243 33.05 -62.57 -49.68
C ASP B 243 32.38 -63.78 -50.33
N SER B 244 33.17 -64.83 -50.49
CA SER B 244 32.73 -66.09 -51.10
C SER B 244 31.37 -66.60 -50.63
N GLN B 255 22.59 -61.30 -43.56
CA GLN B 255 23.09 -60.02 -44.03
C GLN B 255 23.05 -58.96 -42.94
N ASP B 256 22.28 -59.22 -41.91
CA ASP B 256 22.13 -58.27 -40.81
C ASP B 256 23.14 -58.59 -39.71
N PHE B 257 24.00 -59.56 -39.99
CA PHE B 257 24.99 -59.98 -39.00
C PHE B 257 25.90 -58.92 -38.42
N ASP B 258 26.54 -58.14 -39.27
CA ASP B 258 27.47 -57.14 -38.76
C ASP B 258 26.86 -55.89 -38.17
N MET B 259 25.53 -55.83 -38.15
CA MET B 259 24.84 -54.68 -37.57
C MET B 259 24.21 -55.08 -36.23
N PHE B 260 24.42 -56.34 -35.88
CA PHE B 260 23.90 -56.90 -34.64
C PHE B 260 24.74 -56.41 -33.47
N ALA B 261 24.09 -55.77 -32.52
CA ALA B 261 24.73 -55.20 -31.33
C ALA B 261 25.97 -55.91 -30.79
N PRO B 262 25.82 -57.19 -30.42
CA PRO B 262 26.94 -57.94 -29.86
C PRO B 262 28.08 -58.16 -30.85
N ASN B 263 27.81 -57.97 -32.14
CA ASN B 263 28.84 -58.19 -33.15
C ASN B 263 29.67 -56.96 -33.49
N GLY B 264 29.57 -55.94 -32.63
CA GLY B 264 30.34 -54.72 -32.83
C GLY B 264 30.24 -53.79 -31.62
N GLU B 265 30.90 -52.65 -31.72
CA GLU B 265 30.91 -51.67 -30.66
C GLU B 265 31.61 -50.41 -31.15
N ILE B 266 31.53 -49.35 -30.36
CA ILE B 266 32.22 -48.10 -30.69
C ILE B 266 33.62 -48.25 -30.13
N PRO B 267 34.57 -48.61 -30.99
CA PRO B 267 35.94 -48.85 -30.58
C PRO B 267 36.64 -47.73 -29.81
N ASN B 268 36.47 -46.49 -30.27
CA ASN B 268 37.12 -45.34 -29.66
C ASN B 268 36.44 -44.04 -30.07
N ASN B 269 37.04 -42.91 -29.69
CA ASN B 269 36.50 -41.62 -30.02
C ASN B 269 37.48 -40.81 -30.85
N ASN B 270 38.41 -41.52 -31.47
CA ASN B 270 39.42 -40.90 -32.30
C ASN B 270 38.80 -40.35 -33.57
N LEU B 271 39.47 -39.36 -34.16
CA LEU B 271 39.00 -38.77 -35.40
C LEU B 271 39.30 -39.77 -36.50
N LEU B 272 38.79 -39.50 -37.70
CA LEU B 272 39.01 -40.41 -38.81
C LEU B 272 40.12 -39.95 -39.76
N ASP C 20 21.05 -79.64 -3.86
CA ASP C 20 21.16 -78.44 -3.01
C ASP C 20 21.17 -77.13 -3.81
N ASN C 21 22.15 -76.27 -3.56
CA ASN C 21 22.26 -74.98 -4.26
C ASN C 21 23.70 -74.61 -4.63
N THR C 22 24.58 -75.59 -4.53
CA THR C 22 26.00 -75.37 -4.80
C THR C 22 26.34 -74.73 -6.16
N TRP C 23 25.54 -75.01 -7.17
CA TRP C 23 25.80 -74.48 -8.48
C TRP C 23 25.90 -72.96 -8.49
N ILE C 24 25.43 -72.29 -7.45
CA ILE C 24 25.51 -70.84 -7.47
C ILE C 24 26.09 -70.29 -6.19
N GLN C 25 26.93 -71.07 -5.52
CA GLN C 25 27.50 -70.57 -4.30
C GLN C 25 28.49 -69.44 -4.50
N ALA C 26 29.07 -69.34 -5.69
CA ALA C 26 30.06 -68.29 -5.93
C ALA C 26 29.40 -66.94 -6.18
N ALA C 27 28.12 -66.92 -6.56
CA ALA C 27 27.38 -65.68 -6.90
C ALA C 27 27.65 -64.47 -6.01
N SER C 28 27.72 -63.30 -6.64
CA SER C 28 28.02 -62.08 -5.89
C SER C 28 26.78 -61.37 -5.33
N LEU C 38 14.06 -71.96 -8.81
CA LEU C 38 13.47 -71.06 -9.84
C LEU C 38 14.51 -70.72 -10.89
N LEU C 39 15.46 -69.87 -10.49
CA LEU C 39 16.54 -69.47 -11.38
C LEU C 39 17.10 -70.67 -12.16
N TYR C 40 17.19 -71.80 -11.49
CA TYR C 40 17.69 -72.95 -12.19
C TYR C 40 16.73 -73.32 -13.34
N GLN C 41 15.46 -73.55 -13.02
CA GLN C 41 14.45 -73.92 -14.01
C GLN C 41 14.43 -72.88 -15.12
N LEU C 42 14.53 -71.63 -14.71
CA LEU C 42 14.59 -70.50 -15.60
C LEU C 42 15.70 -70.70 -16.65
N ILE C 43 16.75 -71.44 -16.30
CA ILE C 43 17.82 -71.66 -17.25
C ILE C 43 17.58 -72.94 -18.00
N SER C 44 17.66 -74.01 -17.25
CA SER C 44 17.54 -75.36 -17.77
C SER C 44 16.35 -75.62 -18.63
N THR C 45 15.37 -74.73 -18.52
CA THR C 45 14.09 -74.86 -19.22
C THR C 45 14.02 -74.45 -20.68
N ARG C 46 14.90 -73.55 -21.09
CA ARG C 46 14.91 -73.11 -22.47
C ARG C 46 16.08 -73.77 -23.18
N ILE C 47 16.27 -75.05 -22.91
CA ILE C 47 17.37 -75.77 -23.52
C ILE C 47 16.94 -76.97 -24.37
N PRO C 48 16.96 -76.79 -25.70
CA PRO C 48 16.60 -77.83 -26.64
C PRO C 48 17.30 -79.21 -26.46
N SER C 49 16.50 -80.28 -26.53
CA SER C 49 16.97 -81.65 -26.34
C SER C 49 18.12 -82.04 -27.23
N PHE C 50 18.26 -81.26 -28.31
CA PHE C 50 19.27 -81.48 -29.33
C PHE C 50 20.41 -80.52 -29.02
N ALA C 51 20.17 -79.64 -28.05
CA ALA C 51 21.17 -78.68 -27.68
C ALA C 51 22.09 -79.35 -26.69
N SER C 52 21.50 -80.08 -25.77
CA SER C 52 22.28 -80.71 -24.74
C SER C 52 21.60 -82.00 -24.45
N PRO C 53 21.93 -83.03 -25.20
CA PRO C 53 21.32 -84.37 -25.04
C PRO C 53 21.20 -84.78 -23.55
N ASN C 54 22.32 -84.73 -22.85
CA ASN C 54 22.37 -85.11 -21.43
C ASN C 54 21.80 -84.13 -20.44
N GLY C 55 21.62 -82.90 -20.90
CA GLY C 55 21.03 -81.85 -20.08
C GLY C 55 22.09 -81.20 -19.25
N LEU C 56 21.68 -80.12 -18.57
CA LEU C 56 22.52 -79.30 -17.70
C LEU C 56 23.38 -80.08 -16.74
N HIS C 57 24.67 -79.85 -16.81
CA HIS C 57 25.67 -80.53 -15.95
C HIS C 57 26.60 -79.52 -15.23
N MET C 58 26.74 -79.66 -13.90
CA MET C 58 27.55 -78.79 -13.03
C MET C 58 28.86 -79.42 -12.61
N ARG C 59 29.89 -78.60 -12.45
CA ARG C 59 31.19 -79.07 -12.04
C ARG C 59 31.05 -79.85 -10.75
N GLU C 60 31.58 -81.07 -10.73
CA GLU C 60 31.51 -81.91 -9.54
C GLU C 60 32.72 -81.85 -8.64
N GLN C 61 32.47 -81.94 -7.33
CA GLN C 61 33.50 -81.94 -6.30
C GLN C 61 34.26 -80.62 -6.17
N THR C 62 33.51 -79.52 -6.32
CA THR C 62 34.04 -78.16 -6.24
C THR C 62 34.29 -77.76 -4.78
N ILE C 63 33.83 -78.59 -3.86
CA ILE C 63 34.06 -78.33 -2.45
C ILE C 63 34.21 -79.69 -1.75
N ASP C 64 34.93 -79.72 -0.62
CA ASP C 64 35.10 -80.97 0.11
C ASP C 64 33.71 -81.39 0.67
N SER C 65 33.36 -82.65 0.44
CA SER C 65 32.09 -83.20 0.91
C SER C 65 32.00 -83.15 2.46
N ASN C 66 33.16 -83.10 3.11
CA ASN C 66 33.25 -83.01 4.57
C ASN C 66 33.20 -81.55 4.97
N THR C 67 34.36 -80.90 4.83
CA THR C 67 34.53 -79.50 5.17
C THR C 67 33.54 -78.58 4.45
N GLY C 68 33.41 -78.75 3.15
CA GLY C 68 32.52 -77.86 2.41
C GLY C 68 33.42 -76.67 2.14
N GLN C 69 34.71 -76.95 2.30
CA GLN C 69 35.80 -76.01 2.05
C GLN C 69 36.06 -76.18 0.56
N ILE C 70 36.39 -75.10 -0.15
CA ILE C 70 36.64 -75.24 -1.57
C ILE C 70 37.70 -76.31 -1.82
N GLN C 71 37.56 -77.01 -2.94
CA GLN C 71 38.51 -78.01 -3.32
C GLN C 71 39.56 -77.30 -4.13
N ILE C 72 40.61 -76.89 -3.45
CA ILE C 72 41.70 -76.16 -4.07
C ILE C 72 42.74 -77.07 -4.67
N ASP C 73 42.42 -77.65 -5.83
CA ASP C 73 43.35 -78.53 -6.52
C ASP C 73 43.47 -78.12 -7.99
N ASN C 74 44.20 -78.91 -8.76
CA ASN C 74 44.40 -78.61 -10.17
C ASN C 74 43.15 -78.91 -10.99
N GLU C 75 42.42 -79.96 -10.62
CA GLU C 75 41.21 -80.35 -11.32
C GLU C 75 40.20 -79.22 -11.32
N HIS C 76 40.14 -78.48 -10.21
CA HIS C 76 39.20 -77.38 -10.10
C HIS C 76 39.77 -75.98 -10.24
N ARG C 77 40.99 -75.88 -10.73
CA ARG C 77 41.60 -74.57 -10.92
C ARG C 77 40.98 -73.96 -12.15
N LEU C 78 40.60 -72.68 -12.05
CA LEU C 78 39.97 -71.97 -13.14
C LEU C 78 40.67 -70.66 -13.41
N LEU C 79 40.51 -70.14 -14.62
CA LEU C 79 41.13 -68.89 -14.99
C LEU C 79 40.18 -67.99 -15.76
N ARG C 80 40.41 -66.69 -15.65
CA ARG C 80 39.62 -65.72 -16.37
C ARG C 80 40.52 -64.63 -16.90
N TRP C 81 40.49 -64.44 -18.21
CA TRP C 81 41.27 -63.42 -18.86
C TRP C 81 40.41 -62.17 -18.80
N ASP C 82 40.93 -61.12 -18.17
CA ASP C 82 40.19 -59.89 -18.04
C ASP C 82 41.17 -58.72 -18.17
N ARG C 83 40.70 -57.61 -18.71
CA ARG C 83 41.55 -56.44 -18.90
C ARG C 83 41.44 -55.43 -17.77
N ARG C 84 40.62 -55.77 -16.76
CA ARG C 84 40.40 -54.92 -15.60
C ARG C 84 41.42 -55.27 -14.51
N PRO C 85 41.98 -54.24 -13.87
CA PRO C 85 42.99 -54.41 -12.85
C PRO C 85 42.44 -54.93 -11.52
N PRO C 86 43.33 -55.48 -10.70
CA PRO C 86 42.95 -56.05 -9.40
C PRO C 86 42.26 -55.07 -8.47
N ASN C 87 42.63 -53.79 -8.57
CA ASN C 87 42.02 -52.76 -7.72
C ASN C 87 40.50 -52.84 -7.83
N ASP C 88 40.04 -53.33 -8.98
CA ASP C 88 38.63 -53.51 -9.25
C ASP C 88 38.26 -54.93 -8.87
N ILE C 89 38.87 -55.87 -9.56
CA ILE C 89 38.61 -57.28 -9.37
C ILE C 89 38.77 -57.84 -7.96
N PHE C 90 39.92 -57.60 -7.34
CA PHE C 90 40.18 -58.11 -5.99
C PHE C 90 39.25 -57.47 -4.97
N LEU C 91 38.65 -56.36 -5.40
CA LEU C 91 37.73 -55.60 -4.56
C LEU C 91 36.28 -56.04 -4.77
N ASN C 92 35.81 -55.94 -6.01
CA ASN C 92 34.42 -56.29 -6.33
C ASN C 92 34.20 -57.71 -6.82
N GLY C 93 35.26 -58.40 -7.23
CA GLY C 93 35.13 -59.75 -7.75
C GLY C 93 34.63 -59.63 -9.20
N PHE C 94 34.05 -60.71 -9.73
CA PHE C 94 33.53 -60.65 -11.09
C PHE C 94 32.02 -60.49 -11.06
N ILE C 95 31.56 -59.30 -11.39
CA ILE C 95 30.14 -59.01 -11.41
C ILE C 95 29.62 -59.04 -12.84
N PRO C 96 28.57 -59.82 -13.06
CA PRO C 96 27.98 -59.95 -14.39
C PRO C 96 27.63 -58.59 -15.00
N ARG C 97 27.47 -58.57 -16.31
CA ARG C 97 27.15 -57.33 -16.99
C ARG C 97 25.72 -56.89 -16.61
N VAL C 98 24.91 -57.85 -16.22
CA VAL C 98 23.54 -57.60 -15.79
C VAL C 98 23.39 -57.79 -14.25
N THR C 99 23.23 -56.71 -13.49
CA THR C 99 23.09 -56.87 -12.04
C THR C 99 21.62 -57.17 -11.75
N ASN C 100 21.21 -57.15 -10.49
CA ASN C 100 19.81 -57.40 -10.12
C ASN C 100 18.96 -56.16 -10.45
N GLN C 101 19.54 -54.97 -10.42
CA GLN C 101 18.80 -53.73 -10.71
C GLN C 101 18.45 -53.46 -12.21
N ASN C 102 19.00 -54.28 -13.10
CA ASN C 102 18.75 -54.06 -14.51
C ASN C 102 18.46 -55.40 -15.21
N LEU C 103 18.03 -56.36 -14.42
CA LEU C 103 17.70 -57.66 -14.94
C LEU C 103 16.30 -57.89 -15.57
N SER C 104 16.30 -58.59 -16.69
CA SER C 104 15.11 -58.99 -17.41
C SER C 104 15.32 -60.49 -17.52
N PRO C 105 14.89 -61.20 -16.51
CA PRO C 105 15.04 -62.64 -16.43
C PRO C 105 14.87 -63.54 -17.65
N VAL C 106 13.82 -63.35 -18.44
CA VAL C 106 13.60 -64.27 -19.57
C VAL C 106 14.81 -64.31 -20.50
N GLU C 107 15.40 -63.14 -20.68
CA GLU C 107 16.56 -62.93 -21.53
C GLU C 107 17.92 -63.02 -20.84
N ASP C 108 18.12 -62.14 -19.89
CA ASP C 108 19.36 -62.05 -19.15
C ASP C 108 19.84 -63.36 -18.53
N THR C 109 19.05 -64.41 -18.70
CA THR C 109 19.41 -65.74 -18.20
C THR C 109 19.42 -66.71 -19.36
N HIS C 110 19.44 -66.18 -20.58
CA HIS C 110 19.48 -67.01 -21.76
C HIS C 110 20.92 -67.40 -21.99
N LEU C 111 21.25 -68.61 -21.53
CA LEU C 111 22.62 -69.12 -21.62
C LEU C 111 23.10 -69.21 -23.05
N LEU C 112 22.41 -70.01 -23.86
CA LEU C 112 22.80 -70.17 -25.26
C LEU C 112 23.02 -68.84 -25.98
N ASN C 113 22.13 -67.89 -25.76
CA ASN C 113 22.31 -66.61 -26.41
C ASN C 113 23.57 -65.88 -25.91
N TYR C 114 23.91 -66.09 -24.66
CA TYR C 114 25.10 -65.48 -24.07
C TYR C 114 26.33 -66.13 -24.68
N LEU C 115 26.30 -67.45 -24.72
CA LEU C 115 27.39 -68.25 -25.25
C LEU C 115 27.62 -68.03 -26.73
N ARG C 116 26.51 -67.89 -27.45
CA ARG C 116 26.52 -67.65 -28.90
C ARG C 116 26.79 -66.19 -29.38
N THR C 117 26.44 -65.18 -28.57
CA THR C 117 26.61 -63.79 -28.96
C THR C 117 27.33 -62.88 -27.98
N ASN C 118 27.49 -63.34 -26.75
CA ASN C 118 28.16 -62.54 -25.74
C ASN C 118 27.33 -61.32 -25.36
N SER C 119 26.01 -61.47 -25.52
CA SER C 119 25.04 -60.42 -25.14
C SER C 119 25.11 -60.30 -23.62
N PRO C 120 24.82 -59.13 -23.09
CA PRO C 120 24.87 -58.94 -21.63
C PRO C 120 24.01 -59.96 -20.90
N SER C 121 24.55 -60.53 -19.82
CA SER C 121 23.81 -61.51 -19.04
C SER C 121 24.20 -61.51 -17.58
N ILE C 122 23.74 -62.52 -16.86
CA ILE C 122 24.05 -62.66 -15.45
C ILE C 122 25.21 -63.64 -15.32
N PHE C 123 25.70 -64.11 -16.47
CA PHE C 123 26.78 -65.08 -16.49
C PHE C 123 28.16 -64.46 -16.53
N VAL C 124 29.11 -65.18 -15.92
CA VAL C 124 30.51 -64.78 -15.90
C VAL C 124 31.28 -66.03 -16.32
N SER C 125 32.10 -65.88 -17.34
CA SER C 125 32.86 -67.01 -17.86
C SER C 125 34.26 -67.19 -17.31
N THR C 126 34.69 -68.44 -17.25
CA THR C 126 36.03 -68.79 -16.80
C THR C 126 36.41 -69.99 -17.65
N THR C 127 37.70 -70.27 -17.68
CA THR C 127 38.17 -71.41 -18.44
C THR C 127 39.04 -72.29 -17.55
N ARG C 128 38.88 -73.61 -17.68
CA ARG C 128 39.67 -74.56 -16.91
C ARG C 128 41.15 -74.30 -17.16
N ALA C 129 41.96 -74.54 -16.14
CA ALA C 129 43.41 -74.41 -16.24
C ALA C 129 43.82 -75.76 -16.83
N ARG C 130 44.81 -75.77 -17.73
CA ARG C 130 45.21 -77.03 -18.38
C ARG C 130 46.50 -77.69 -17.90
N TYR C 131 46.46 -79.02 -17.79
CA TYR C 131 47.61 -79.79 -17.33
C TYR C 131 47.86 -81.05 -18.15
N ASN C 132 49.12 -81.45 -18.24
CA ASN C 132 49.47 -82.67 -18.97
C ASN C 132 49.24 -83.84 -18.03
N ASN C 133 49.50 -85.04 -18.53
CA ASN C 133 49.31 -86.26 -17.72
C ASN C 133 50.38 -86.41 -16.66
N LEU C 134 51.10 -85.33 -16.37
CA LEU C 134 52.14 -85.39 -15.36
C LEU C 134 51.80 -84.41 -14.25
N GLY C 135 50.77 -83.60 -14.49
CA GLY C 135 50.33 -82.61 -13.51
C GLY C 135 51.03 -81.28 -13.79
N LEU C 136 51.65 -81.18 -14.96
CA LEU C 136 52.35 -79.96 -15.34
C LEU C 136 51.42 -79.08 -16.16
N GLU C 137 51.38 -77.79 -15.82
CA GLU C 137 50.50 -76.87 -16.51
C GLU C 137 50.91 -76.62 -17.95
N ILE C 138 49.92 -76.68 -18.85
CA ILE C 138 50.13 -76.42 -20.27
C ILE C 138 49.23 -75.27 -20.66
N THR C 139 49.42 -74.75 -21.86
CA THR C 139 48.64 -73.60 -22.32
C THR C 139 47.13 -73.78 -22.22
N PRO C 140 46.46 -72.77 -21.67
CA PRO C 140 45.01 -72.79 -21.51
C PRO C 140 44.37 -72.02 -22.67
N TRP C 141 43.03 -72.06 -22.75
CA TRP C 141 42.32 -71.31 -23.77
C TRP C 141 42.81 -69.87 -23.61
N THR C 142 43.29 -69.28 -24.69
CA THR C 142 43.82 -67.93 -24.60
C THR C 142 43.22 -66.96 -25.60
N PRO C 143 42.89 -65.76 -25.12
CA PRO C 143 42.33 -64.73 -25.97
C PRO C 143 43.32 -64.42 -27.08
N HIS C 144 42.82 -64.07 -28.25
CA HIS C 144 43.71 -63.75 -29.37
C HIS C 144 44.44 -62.43 -29.11
N SER C 145 43.82 -61.55 -28.35
CA SER C 145 44.39 -60.24 -28.05
C SER C 145 45.39 -60.28 -26.91
N ALA C 146 45.59 -61.45 -26.34
CA ALA C 146 46.48 -61.61 -25.20
C ALA C 146 47.82 -60.88 -25.26
N ASN C 147 48.45 -60.86 -26.44
CA ASN C 147 49.76 -60.22 -26.57
C ASN C 147 49.72 -58.71 -26.77
N ASN C 148 48.52 -58.12 -26.72
CA ASN C 148 48.39 -56.70 -26.93
C ASN C 148 47.96 -55.96 -25.67
N ASN C 149 48.76 -54.97 -25.29
CA ASN C 149 48.47 -54.15 -24.14
C ASN C 149 48.33 -54.88 -22.80
N ILE C 150 47.59 -54.24 -21.88
CA ILE C 150 47.39 -54.79 -20.55
C ILE C 150 46.15 -55.66 -20.37
N ILE C 151 46.42 -56.93 -20.05
CA ILE C 151 45.38 -57.93 -19.79
C ILE C 151 45.81 -58.72 -18.54
N TYR C 152 44.83 -59.20 -17.78
CA TYR C 152 45.13 -59.97 -16.56
C TYR C 152 44.65 -61.40 -16.67
N ARG C 153 45.37 -62.31 -16.02
CA ARG C 153 45.05 -63.72 -16.03
C ARG C 153 44.72 -64.12 -14.60
N TYR C 154 43.46 -63.98 -14.23
CA TYR C 154 43.00 -64.29 -12.87
C TYR C 154 42.87 -65.78 -12.57
N GLU C 155 43.24 -66.14 -11.33
CA GLU C 155 43.18 -67.52 -10.86
C GLU C 155 42.01 -67.64 -9.90
N ILE C 156 41.12 -68.57 -10.21
CA ILE C 156 39.93 -68.74 -9.41
C ILE C 156 39.74 -70.17 -8.92
N PHE C 157 39.19 -70.26 -7.71
CA PHE C 157 38.82 -71.52 -7.05
C PHE C 157 37.48 -71.12 -6.41
N ALA C 158 36.38 -71.61 -6.97
CA ALA C 158 35.07 -71.26 -6.47
C ALA C 158 34.13 -72.44 -6.54
N PRO C 159 33.05 -72.36 -5.77
CA PRO C 159 32.07 -73.42 -5.74
C PRO C 159 31.06 -73.36 -6.90
N GLY C 160 30.68 -74.53 -7.38
CA GLY C 160 29.71 -74.66 -8.45
C GLY C 160 30.23 -74.25 -9.81
N GLY C 161 29.32 -73.70 -10.62
CA GLY C 161 29.66 -73.26 -11.97
C GLY C 161 29.09 -74.31 -12.91
N ILE C 162 28.71 -73.89 -14.10
CA ILE C 162 28.14 -74.81 -15.07
C ILE C 162 29.26 -75.39 -15.90
N ASP C 163 29.25 -76.72 -16.05
CA ASP C 163 30.26 -77.40 -16.84
C ASP C 163 29.78 -77.34 -18.27
N ILE C 164 30.24 -76.34 -19.01
CA ILE C 164 29.82 -76.17 -20.38
C ILE C 164 30.08 -77.42 -21.19
N ASN C 165 31.27 -77.96 -21.02
CA ASN C 165 31.66 -79.17 -21.74
C ASN C 165 30.68 -80.33 -21.54
N ALA C 166 30.21 -80.49 -20.30
CA ALA C 166 29.29 -81.56 -19.95
C ALA C 166 27.86 -81.24 -20.31
N SER C 167 27.56 -79.95 -20.48
CA SER C 167 26.21 -79.55 -20.80
C SER C 167 25.91 -79.55 -22.30
N PHE C 168 26.92 -79.24 -23.11
CA PHE C 168 26.76 -79.20 -24.55
C PHE C 168 27.72 -80.05 -25.36
N SER C 169 27.60 -80.32 -26.68
CA SER C 169 28.87 -80.99 -27.08
C SER C 169 29.57 -79.83 -27.79
N ARG C 170 30.44 -80.08 -28.78
CA ARG C 170 31.07 -78.98 -29.51
C ARG C 170 29.98 -78.32 -30.39
N ASN C 171 28.80 -78.15 -29.79
CA ASN C 171 27.69 -77.60 -30.51
C ASN C 171 26.86 -76.44 -29.89
N HIS C 172 27.41 -75.66 -28.97
CA HIS C 172 26.67 -74.53 -28.40
C HIS C 172 27.11 -73.32 -29.20
N ASN C 173 28.27 -73.45 -29.82
CA ASN C 173 28.92 -72.44 -30.65
C ASN C 173 29.56 -73.20 -31.82
N PRO C 174 29.97 -72.50 -32.88
CA PRO C 174 30.65 -73.15 -33.98
C PRO C 174 32.07 -73.48 -33.48
N PHE C 175 32.60 -72.56 -32.67
CA PHE C 175 33.94 -72.70 -32.08
C PHE C 175 33.92 -72.89 -30.58
N PRO C 176 33.43 -74.03 -30.11
CA PRO C 176 33.37 -74.25 -28.69
C PRO C 176 34.69 -74.14 -27.95
N ASN C 177 34.53 -73.83 -26.68
CA ASN C 177 35.65 -73.76 -25.75
C ASN C 177 35.17 -74.89 -24.84
N GLN C 178 35.80 -76.05 -24.98
CA GLN C 178 35.42 -77.26 -24.23
C GLN C 178 35.82 -77.10 -22.84
N ASP C 179 36.24 -75.90 -22.53
CA ASP C 179 36.95 -75.75 -21.27
C ASP C 179 36.29 -74.68 -20.39
N GLU C 180 35.13 -74.20 -20.80
CA GLU C 180 34.46 -73.15 -20.05
C GLU C 180 33.64 -73.59 -18.87
N ILE C 181 33.64 -72.73 -17.85
CA ILE C 181 32.86 -72.93 -16.65
C ILE C 181 32.13 -71.61 -16.43
N THR C 182 30.81 -71.64 -16.53
CA THR C 182 30.03 -70.43 -16.39
C THR C 182 29.43 -70.28 -15.01
N PHE C 183 29.52 -69.05 -14.48
CA PHE C 183 29.02 -68.75 -13.16
C PHE C 183 27.88 -67.75 -13.21
N PRO C 184 26.68 -68.23 -12.98
CA PRO C 184 25.49 -67.39 -12.95
C PRO C 184 25.62 -66.53 -11.69
N GLY C 185 25.52 -65.21 -11.83
CA GLY C 185 25.64 -64.33 -10.68
C GLY C 185 27.08 -63.88 -10.42
N GLY C 186 28.00 -64.36 -11.26
CA GLY C 186 29.40 -63.98 -11.13
C GLY C 186 30.12 -64.72 -10.01
N ILE C 187 31.25 -64.16 -9.59
CA ILE C 187 32.09 -64.75 -8.55
C ILE C 187 32.55 -63.68 -7.57
N ARG C 188 32.59 -64.00 -6.28
CA ARG C 188 33.03 -63.05 -5.27
C ARG C 188 34.56 -63.01 -5.19
N PRO C 189 35.12 -61.85 -4.84
CA PRO C 189 36.58 -61.68 -4.79
C PRO C 189 37.32 -62.72 -3.96
N GLU C 190 36.70 -63.15 -2.87
CA GLU C 190 37.29 -64.13 -1.99
C GLU C 190 37.64 -65.44 -2.70
N PHE C 191 37.18 -65.62 -3.92
CA PHE C 191 37.45 -66.87 -4.67
C PHE C 191 38.54 -66.68 -5.71
N ILE C 192 39.02 -65.45 -5.82
CA ILE C 192 40.06 -65.13 -6.77
C ILE C 192 41.36 -65.09 -5.98
N ARG C 193 42.21 -66.11 -6.14
CA ARG C 193 43.47 -66.19 -5.42
C ARG C 193 44.57 -65.24 -5.90
N SER C 194 44.79 -65.20 -7.21
CA SER C 194 45.85 -64.35 -7.76
C SER C 194 45.56 -63.96 -9.20
N THR C 195 46.51 -63.25 -9.80
CA THR C 195 46.40 -62.84 -11.19
C THR C 195 47.75 -62.38 -11.74
N TYR C 196 48.00 -62.66 -13.01
CA TYR C 196 49.23 -62.26 -13.67
C TYR C 196 48.94 -60.99 -14.44
N GLU C 197 49.78 -59.98 -14.31
CA GLU C 197 49.57 -58.73 -15.04
C GLU C 197 50.45 -58.76 -16.28
N TYR C 198 49.84 -58.79 -17.45
CA TYR C 198 50.60 -58.85 -18.69
C TYR C 198 50.66 -57.49 -19.37
N HIS C 199 51.81 -57.23 -19.98
CA HIS C 199 52.01 -56.00 -20.72
C HIS C 199 52.59 -56.44 -22.05
N ASN C 200 51.76 -56.34 -23.08
CA ASN C 200 52.16 -56.74 -24.42
C ASN C 200 52.67 -58.18 -24.46
N GLY C 201 51.92 -59.07 -23.81
CA GLY C 201 52.25 -60.49 -23.80
C GLY C 201 53.35 -60.93 -22.84
N GLU C 202 53.81 -60.00 -22.01
CA GLU C 202 54.87 -60.31 -21.05
C GLU C 202 54.42 -60.12 -19.61
N ILE C 203 54.63 -61.15 -18.78
CA ILE C 203 54.26 -61.05 -17.38
C ILE C 203 55.06 -59.93 -16.75
N VAL C 204 54.37 -59.08 -16.02
CA VAL C 204 55.02 -57.94 -15.40
C VAL C 204 54.96 -58.02 -13.88
N ARG C 205 53.88 -58.59 -13.36
CA ARG C 205 53.71 -58.72 -11.93
C ARG C 205 52.77 -59.87 -11.61
N ILE C 206 52.85 -60.36 -10.38
CA ILE C 206 51.97 -61.44 -9.96
C ILE C 206 51.28 -60.94 -8.70
N TRP C 207 49.98 -60.76 -8.77
CA TRP C 207 49.25 -60.25 -7.61
C TRP C 207 48.66 -61.36 -6.77
N ILE C 208 48.64 -61.13 -5.47
CA ILE C 208 48.08 -62.08 -4.52
C ILE C 208 46.92 -61.45 -3.76
N ASN C 209 45.85 -62.20 -3.61
CA ASN C 209 44.69 -61.69 -2.90
C ASN C 209 44.75 -62.15 -1.46
N PRO C 210 45.16 -61.23 -0.59
CA PRO C 210 45.27 -61.50 0.84
C PRO C 210 43.94 -62.01 1.36
N ASN C 211 42.86 -61.50 0.79
CA ASN C 211 41.52 -61.87 1.21
C ASN C 211 41.00 -63.19 0.63
N PHE C 212 41.87 -63.94 -0.04
CA PHE C 212 41.44 -65.20 -0.62
C PHE C 212 40.85 -66.11 0.44
N ILE C 213 39.78 -66.80 0.06
CA ILE C 213 39.07 -67.70 0.95
C ILE C 213 39.91 -68.61 1.85
N ASN C 214 41.00 -69.16 1.31
CA ASN C 214 41.87 -70.06 2.06
C ASN C 214 43.32 -69.59 1.98
N PRO C 215 43.62 -68.57 2.80
CA PRO C 215 44.93 -67.93 2.83
C PRO C 215 46.10 -68.87 3.08
N SER C 216 45.84 -70.01 3.70
CA SER C 216 46.89 -70.98 3.98
C SER C 216 47.60 -71.38 2.68
N THR C 217 46.87 -71.31 1.57
CA THR C 217 47.42 -71.69 0.28
C THR C 217 47.99 -70.56 -0.56
N LEU C 218 47.92 -69.32 -0.07
CA LEU C 218 48.47 -68.17 -0.80
C LEU C 218 49.91 -68.46 -1.16
N ASN C 219 50.48 -69.39 -0.41
CA ASN C 219 51.85 -69.82 -0.60
C ASN C 219 52.04 -70.54 -1.92
N ASP C 220 51.13 -71.47 -2.24
CA ASP C 220 51.21 -72.27 -3.46
C ASP C 220 51.14 -71.53 -4.79
N VAL C 221 51.00 -70.21 -4.75
CA VAL C 221 50.92 -69.44 -5.99
C VAL C 221 52.18 -69.54 -6.86
N SER C 222 52.09 -70.39 -7.88
CA SER C 222 53.17 -70.61 -8.84
C SER C 222 53.42 -69.36 -9.66
N GLY C 223 54.50 -69.33 -10.41
CA GLY C 223 54.81 -68.18 -11.24
C GLY C 223 56.29 -68.12 -11.60
N PRO C 224 56.60 -67.37 -12.65
CA PRO C 224 57.97 -67.21 -13.12
C PRO C 224 58.89 -66.56 -12.10
N SER C 225 60.18 -66.90 -12.21
CA SER C 225 61.20 -66.35 -11.33
C SER C 225 61.62 -64.98 -11.84
N ASN C 226 62.04 -64.13 -10.91
CA ASN C 226 62.47 -62.78 -11.24
C ASN C 226 61.32 -61.85 -11.64
N ILE C 227 60.12 -62.16 -11.14
CA ILE C 227 58.93 -61.36 -11.41
C ILE C 227 58.25 -61.02 -10.09
N SER C 228 58.26 -59.74 -9.73
CA SER C 228 57.67 -59.26 -8.49
C SER C 228 56.33 -59.91 -8.10
N LYS C 229 56.31 -60.58 -6.97
CA LYS C 229 55.10 -61.22 -6.47
C LYS C 229 54.46 -60.33 -5.41
N VAL C 230 53.76 -59.28 -5.85
CA VAL C 230 53.12 -58.33 -4.95
C VAL C 230 51.85 -58.80 -4.25
N PHE C 231 51.58 -58.20 -3.10
CA PHE C 231 50.40 -58.49 -2.32
C PHE C 231 49.42 -57.34 -2.46
N TRP C 232 48.28 -57.62 -3.07
CA TRP C 232 47.30 -56.56 -3.28
C TRP C 232 46.66 -56.06 -2.00
N HIS C 233 46.34 -54.77 -2.03
CA HIS C 233 45.64 -54.11 -0.94
C HIS C 233 44.81 -53.04 -1.62
N GLU C 234 43.63 -52.78 -1.08
CA GLU C 234 42.72 -51.80 -1.66
C GLU C 234 43.43 -50.51 -2.11
N ASN C 235 42.92 -49.92 -3.19
CA ASN C 235 43.49 -48.69 -3.73
C ASN C 235 44.99 -48.70 -3.95
N HIS C 236 45.56 -49.90 -4.06
CA HIS C 236 46.99 -50.06 -4.31
C HIS C 236 47.40 -49.18 -5.49
N SER C 237 48.55 -48.53 -5.38
CA SER C 237 49.02 -47.63 -6.43
C SER C 237 49.23 -48.24 -7.81
N GLU C 238 49.68 -49.48 -7.86
CA GLU C 238 49.95 -50.12 -9.15
C GLU C 238 48.95 -51.21 -9.49
N GLY C 239 47.83 -51.20 -8.78
CA GLY C 239 46.79 -52.20 -8.99
C GLY C 239 45.67 -51.64 -9.87
N ASN C 240 45.99 -50.61 -10.63
CA ASN C 240 44.98 -50.01 -11.49
C ASN C 240 45.48 -49.75 -12.91
N ASN C 241 46.48 -50.52 -13.33
CA ASN C 241 47.02 -50.38 -14.68
C ASN C 241 46.13 -51.08 -15.68
N MET C 242 45.59 -50.32 -16.63
CA MET C 242 44.71 -50.91 -17.66
C MET C 242 44.62 -50.08 -18.93
N ASP C 243 44.18 -50.72 -20.01
CA ASP C 243 44.06 -50.04 -21.29
C ASP C 243 43.21 -48.78 -21.22
N SER C 244 43.61 -47.77 -21.99
CA SER C 244 42.93 -46.49 -22.06
C SER C 244 41.41 -46.56 -22.15
N LYS C 245 40.92 -47.42 -23.03
CA LYS C 245 39.49 -47.52 -23.26
C LYS C 245 38.60 -47.73 -22.06
N GLY C 246 39.09 -48.46 -21.07
CA GLY C 246 38.28 -48.77 -19.90
C GLY C 246 37.98 -47.51 -19.14
N PHE C 247 38.76 -46.47 -19.44
CA PHE C 247 38.66 -45.16 -18.81
C PHE C 247 37.79 -44.15 -19.48
N ILE C 248 37.33 -44.47 -20.68
CA ILE C 248 36.42 -43.60 -21.41
C ILE C 248 35.05 -44.13 -20.96
N LEU C 249 34.73 -43.82 -19.70
CA LEU C 249 33.49 -44.27 -19.04
C LEU C 249 32.26 -43.97 -19.89
N ASP C 250 32.36 -42.92 -20.71
CA ASP C 250 31.31 -42.50 -21.63
C ASP C 250 30.71 -43.73 -22.38
N LEU C 251 31.61 -44.58 -22.90
CA LEU C 251 31.31 -45.81 -23.68
C LEU C 251 31.38 -47.11 -22.86
N ASP C 252 30.33 -47.92 -22.90
CA ASP C 252 30.33 -49.19 -22.16
C ASP C 252 31.45 -50.16 -22.61
N TYR C 253 31.82 -51.07 -21.72
CA TYR C 253 32.91 -52.02 -21.96
C TYR C 253 32.39 -53.47 -21.98
N ASN C 254 32.75 -54.22 -23.03
CA ASN C 254 32.34 -55.60 -23.07
C ASN C 254 33.43 -56.33 -22.34
N GLN C 255 33.52 -56.13 -21.02
CA GLN C 255 34.51 -56.75 -20.16
C GLN C 255 34.58 -58.25 -20.36
N ASP C 256 33.54 -58.80 -20.97
CA ASP C 256 33.47 -60.24 -21.20
C ASP C 256 34.04 -60.57 -22.58
N PHE C 257 34.56 -59.56 -23.25
CA PHE C 257 35.08 -59.74 -24.60
C PHE C 257 36.14 -60.81 -24.80
N ASP C 258 37.19 -60.80 -23.98
CA ASP C 258 38.26 -61.77 -24.17
C ASP C 258 37.97 -63.18 -23.69
N MET C 259 36.77 -63.40 -23.15
CA MET C 259 36.40 -64.72 -22.67
C MET C 259 35.37 -65.33 -23.63
N PHE C 260 35.06 -64.57 -24.67
CA PHE C 260 34.11 -64.99 -25.69
C PHE C 260 34.77 -66.00 -26.61
N ALA C 261 34.16 -67.18 -26.70
CA ALA C 261 34.66 -68.28 -27.52
C ALA C 261 35.43 -67.94 -28.79
N PRO C 262 34.79 -67.22 -29.71
CA PRO C 262 35.42 -66.85 -30.97
C PRO C 262 36.62 -65.93 -30.81
N ASN C 263 36.75 -65.30 -29.65
CA ASN C 263 37.84 -64.36 -29.42
C ASN C 263 39.09 -64.99 -28.83
N GLY C 264 39.14 -66.31 -28.86
CA GLY C 264 40.29 -67.04 -28.34
C GLY C 264 40.24 -68.53 -28.68
N GLU C 265 41.25 -69.25 -28.23
CA GLU C 265 41.34 -70.68 -28.48
C GLU C 265 42.51 -71.24 -27.71
N ILE C 266 42.61 -72.57 -27.67
CA ILE C 266 43.74 -73.23 -27.01
C ILE C 266 44.84 -73.31 -28.05
N PRO C 267 45.78 -72.37 -27.97
CA PRO C 267 46.86 -72.28 -28.95
C PRO C 267 47.70 -73.55 -29.17
N ASN C 268 48.05 -74.23 -28.08
CA ASN C 268 48.90 -75.41 -28.16
C ASN C 268 48.80 -76.22 -26.88
N ASN C 269 49.64 -77.26 -26.78
CA ASN C 269 49.66 -78.10 -25.59
C ASN C 269 51.02 -78.08 -24.92
N ASN C 270 51.78 -77.03 -25.22
CA ASN C 270 53.10 -76.85 -24.65
C ASN C 270 53.02 -76.55 -23.18
N LEU C 271 54.10 -76.85 -22.46
CA LEU C 271 54.16 -76.57 -21.04
C LEU C 271 54.34 -75.07 -20.88
N LEU C 272 54.26 -74.58 -19.66
CA LEU C 272 54.41 -73.15 -19.44
C LEU C 272 55.80 -72.76 -18.91
N ASP D 20 -9.21 -56.98 -53.53
CA ASP D 20 -9.73 -55.73 -53.01
C ASP D 20 -9.73 -55.77 -51.49
N ASN D 21 -10.31 -54.75 -50.88
CA ASN D 21 -10.39 -54.63 -49.43
C ASN D 21 -11.86 -54.69 -49.05
N THR D 22 -12.65 -55.38 -49.90
CA THR D 22 -14.08 -55.53 -49.76
C THR D 22 -14.53 -56.23 -48.47
N TRP D 23 -13.71 -57.16 -48.00
CA TRP D 23 -14.02 -57.93 -46.81
C TRP D 23 -13.96 -57.14 -45.51
N ILE D 24 -13.60 -55.87 -45.61
CA ILE D 24 -13.54 -55.03 -44.42
C ILE D 24 -14.12 -53.71 -44.81
N GLN D 25 -14.73 -53.68 -45.97
CA GLN D 25 -15.27 -52.45 -46.52
C GLN D 25 -16.39 -51.86 -45.73
N ALA D 26 -17.01 -52.68 -44.89
CA ALA D 26 -18.09 -52.17 -44.10
C ALA D 26 -17.58 -51.58 -42.79
N ALA D 27 -16.26 -51.51 -42.62
CA ALA D 27 -15.66 -51.07 -41.36
C ALA D 27 -15.99 -49.70 -40.98
N SER D 28 -15.60 -49.35 -39.75
CA SER D 28 -15.84 -48.00 -39.24
C SER D 28 -14.64 -47.07 -39.59
N LEU D 38 -1.85 -56.48 -43.76
CA LEU D 38 -1.35 -56.60 -42.38
C LEU D 38 -2.46 -57.25 -41.57
N LEU D 39 -3.61 -56.58 -41.53
CA LEU D 39 -4.74 -57.13 -40.79
C LEU D 39 -5.18 -58.53 -41.26
N TYR D 40 -5.36 -58.72 -42.56
CA TYR D 40 -5.78 -60.05 -43.05
C TYR D 40 -4.77 -61.05 -42.53
N GLN D 41 -3.50 -60.69 -42.71
CA GLN D 41 -2.37 -61.51 -42.28
C GLN D 41 -2.39 -61.78 -40.79
N LEU D 42 -2.61 -60.72 -40.05
CA LEU D 42 -2.68 -60.74 -38.57
C LEU D 42 -3.72 -61.76 -38.13
N ILE D 43 -4.72 -61.93 -39.00
CA ILE D 43 -5.79 -62.82 -38.67
C ILE D 43 -5.54 -64.21 -39.21
N SER D 44 -5.21 -64.30 -40.48
CA SER D 44 -4.91 -65.61 -41.10
C SER D 44 -3.73 -66.32 -40.44
N THR D 45 -2.63 -65.61 -40.18
CA THR D 45 -1.50 -66.27 -39.60
C THR D 45 -1.74 -66.97 -38.26
N ARG D 46 -2.85 -66.67 -37.58
CA ARG D 46 -3.15 -67.30 -36.27
C ARG D 46 -4.28 -68.36 -36.29
N ILE D 47 -4.52 -68.95 -37.46
CA ILE D 47 -5.57 -69.96 -37.63
C ILE D 47 -5.02 -71.22 -38.24
N PRO D 48 -4.68 -72.18 -37.36
CA PRO D 48 -4.11 -73.48 -37.72
C PRO D 48 -4.75 -74.14 -38.93
N SER D 49 -3.93 -74.77 -39.77
CA SER D 49 -4.48 -75.41 -40.95
C SER D 49 -5.36 -76.59 -40.66
N PHE D 50 -5.50 -76.95 -39.39
CA PHE D 50 -6.39 -78.04 -39.06
C PHE D 50 -7.81 -77.53 -38.96
N ALA D 51 -8.01 -76.58 -38.07
CA ALA D 51 -9.32 -76.02 -37.88
C ALA D 51 -9.85 -75.49 -39.19
N SER D 52 -8.98 -74.77 -39.88
CA SER D 52 -9.34 -74.17 -41.17
C SER D 52 -8.42 -74.65 -42.24
N PRO D 53 -8.81 -75.76 -42.89
CA PRO D 53 -8.05 -76.34 -43.98
C PRO D 53 -7.94 -75.31 -45.08
N ASN D 54 -9.07 -75.01 -45.71
CA ASN D 54 -9.06 -74.04 -46.83
C ASN D 54 -8.79 -72.60 -46.42
N GLY D 55 -8.65 -72.39 -45.11
CA GLY D 55 -8.37 -71.06 -44.56
C GLY D 55 -9.58 -70.15 -44.40
N LEU D 56 -9.29 -68.88 -44.14
CA LEU D 56 -10.33 -67.88 -43.95
C LEU D 56 -11.04 -67.66 -45.24
N HIS D 57 -12.35 -67.53 -45.16
CA HIS D 57 -13.12 -67.27 -46.35
C HIS D 57 -14.02 -66.13 -46.05
N MET D 58 -14.03 -65.15 -46.95
CA MET D 58 -14.86 -63.99 -46.77
C MET D 58 -16.04 -64.26 -47.66
N ARG D 59 -17.17 -63.67 -47.33
CA ARG D 59 -18.34 -63.87 -48.17
C ARG D 59 -17.99 -63.26 -49.49
N GLU D 60 -18.79 -63.54 -50.50
CA GLU D 60 -18.60 -63.04 -51.83
C GLU D 60 -19.95 -62.63 -52.38
N GLN D 61 -19.91 -61.72 -53.35
CA GLN D 61 -21.08 -61.22 -54.04
C GLN D 61 -21.87 -60.39 -53.07
N THR D 62 -21.12 -59.89 -52.08
CA THR D 62 -21.67 -59.00 -51.05
C THR D 62 -21.99 -57.71 -51.77
N ILE D 63 -21.15 -57.40 -52.76
CA ILE D 63 -21.30 -56.20 -53.55
C ILE D 63 -21.59 -56.57 -55.00
N ASP D 64 -22.24 -55.67 -55.73
CA ASP D 64 -22.61 -55.95 -57.10
C ASP D 64 -21.55 -55.65 -58.12
N SER D 65 -21.21 -56.71 -58.84
CA SER D 65 -20.20 -56.80 -59.92
C SER D 65 -19.86 -55.51 -60.69
N ASN D 66 -20.92 -54.92 -61.22
CA ASN D 66 -20.87 -53.74 -62.06
C ASN D 66 -20.91 -52.47 -61.26
N THR D 67 -22.11 -52.16 -60.78
CA THR D 67 -22.41 -50.96 -59.99
C THR D 67 -21.47 -50.64 -58.81
N GLY D 68 -21.53 -51.49 -57.79
CA GLY D 68 -20.69 -51.31 -56.62
C GLY D 68 -21.68 -51.30 -55.48
N GLN D 69 -22.95 -51.39 -55.86
CA GLN D 69 -24.05 -51.41 -54.94
C GLN D 69 -23.96 -52.66 -54.08
N ILE D 70 -24.40 -52.51 -52.85
CA ILE D 70 -24.40 -53.60 -51.90
C ILE D 70 -25.50 -54.53 -52.38
N GLN D 71 -25.25 -55.83 -52.28
CA GLN D 71 -26.21 -56.83 -52.65
C GLN D 71 -27.34 -56.86 -51.59
N ILE D 72 -28.48 -56.25 -51.91
CA ILE D 72 -29.57 -56.29 -50.97
C ILE D 72 -30.58 -57.38 -51.26
N ASP D 73 -30.22 -58.61 -50.96
CA ASP D 73 -31.10 -59.76 -51.18
C ASP D 73 -31.20 -60.60 -49.93
N ASN D 74 -31.89 -61.73 -50.03
CA ASN D 74 -32.06 -62.62 -48.89
C ASN D 74 -30.78 -63.39 -48.58
N GLU D 75 -30.04 -63.76 -49.62
CA GLU D 75 -28.80 -64.51 -49.45
C GLU D 75 -27.83 -63.73 -48.58
N HIS D 76 -27.81 -62.41 -48.74
CA HIS D 76 -26.90 -61.58 -47.97
C HIS D 76 -27.50 -60.80 -46.82
N ARG D 77 -28.72 -61.15 -46.43
CA ARG D 77 -29.35 -60.48 -45.31
C ARG D 77 -28.72 -60.99 -44.04
N LEU D 78 -28.40 -60.08 -43.14
CA LEU D 78 -27.75 -60.43 -41.88
C LEU D 78 -28.47 -59.81 -40.71
N LEU D 79 -28.31 -60.39 -39.53
CA LEU D 79 -28.95 -59.88 -38.34
C LEU D 79 -28.02 -59.85 -37.15
N ARG D 80 -28.28 -58.94 -36.23
CA ARG D 80 -27.49 -58.84 -35.02
C ARG D 80 -28.42 -58.55 -33.85
N TRP D 81 -28.35 -59.44 -32.86
CA TRP D 81 -29.15 -59.29 -31.67
C TRP D 81 -28.33 -58.41 -30.75
N ASP D 82 -28.88 -57.28 -30.36
CA ASP D 82 -28.19 -56.35 -29.50
C ASP D 82 -29.19 -55.73 -28.54
N ARG D 83 -28.74 -55.41 -27.33
CA ARG D 83 -29.62 -54.82 -26.32
C ARG D 83 -29.56 -53.30 -26.29
N ARG D 84 -28.76 -52.73 -27.19
CA ARG D 84 -28.60 -51.28 -27.30
C ARG D 84 -29.63 -50.72 -28.27
N PRO D 85 -30.22 -49.59 -27.90
CA PRO D 85 -31.26 -48.95 -28.71
C PRO D 85 -30.73 -48.25 -29.97
N PRO D 86 -31.62 -48.02 -30.92
CA PRO D 86 -31.26 -47.39 -32.18
C PRO D 86 -30.62 -46.01 -32.04
N ASN D 87 -31.01 -45.28 -31.00
CA ASN D 87 -30.45 -43.95 -30.77
C ASN D 87 -28.93 -44.03 -30.74
N ASP D 88 -28.44 -45.20 -30.37
CA ASP D 88 -27.01 -45.47 -30.32
C ASP D 88 -26.61 -46.08 -31.66
N ILE D 89 -27.18 -47.25 -31.92
CA ILE D 89 -26.89 -48.00 -33.12
C ILE D 89 -27.06 -47.29 -34.47
N PHE D 90 -28.24 -46.70 -34.69
CA PHE D 90 -28.52 -46.02 -35.95
C PHE D 90 -27.62 -44.80 -36.12
N LEU D 91 -27.05 -44.38 -34.99
CA LEU D 91 -26.17 -43.23 -34.94
C LEU D 91 -24.70 -43.61 -35.15
N ASN D 92 -24.20 -44.47 -34.26
CA ASN D 92 -22.81 -44.90 -34.30
C ASN D 92 -22.53 -46.19 -35.08
N GLY D 93 -23.56 -46.98 -35.34
CA GLY D 93 -23.38 -48.24 -36.03
C GLY D 93 -22.84 -49.25 -34.99
N PHE D 94 -22.22 -50.32 -35.47
CA PHE D 94 -21.68 -51.30 -34.55
C PHE D 94 -20.17 -51.12 -34.44
N ILE D 95 -19.73 -50.59 -33.30
CA ILE D 95 -18.32 -50.37 -33.07
C ILE D 95 -17.77 -51.46 -32.16
N PRO D 96 -16.69 -52.09 -32.60
CA PRO D 96 -16.06 -53.17 -31.84
C PRO D 96 -15.75 -52.75 -30.42
N ARG D 97 -15.55 -53.72 -29.54
CA ARG D 97 -15.24 -53.43 -28.15
C ARG D 97 -13.85 -52.80 -28.06
N VAL D 98 -13.01 -53.07 -29.06
CA VAL D 98 -11.68 -52.51 -29.15
C VAL D 98 -11.51 -51.54 -30.32
N THR D 99 -11.26 -50.27 -30.01
CA THR D 99 -11.12 -49.22 -31.01
C THR D 99 -9.64 -49.14 -31.37
N ASN D 100 -9.27 -48.27 -32.31
CA ASN D 100 -7.88 -48.12 -32.69
C ASN D 100 -7.17 -47.50 -31.50
N GLN D 101 -7.90 -46.75 -30.70
CA GLN D 101 -7.31 -46.07 -29.55
C GLN D 101 -6.61 -47.08 -28.64
N ASN D 102 -7.44 -47.86 -27.96
CA ASN D 102 -6.99 -48.93 -27.08
C ASN D 102 -6.72 -50.27 -27.84
N LEU D 103 -6.23 -50.24 -29.07
CA LEU D 103 -5.93 -51.48 -29.80
C LEU D 103 -4.55 -52.14 -29.61
N SER D 104 -4.53 -53.43 -29.33
CA SER D 104 -3.29 -54.20 -29.22
C SER D 104 -3.35 -55.36 -30.21
N PRO D 105 -3.07 -55.01 -31.46
CA PRO D 105 -3.12 -55.91 -32.61
C PRO D 105 -2.90 -57.43 -32.46
N VAL D 106 -1.99 -57.86 -31.61
CA VAL D 106 -1.76 -59.28 -31.55
C VAL D 106 -2.94 -60.11 -30.98
N GLU D 107 -3.49 -59.61 -29.88
CA GLU D 107 -4.57 -60.24 -29.15
C GLU D 107 -5.94 -59.73 -29.63
N ASP D 108 -6.03 -58.42 -29.89
CA ASP D 108 -7.29 -57.85 -30.32
C ASP D 108 -7.74 -58.24 -31.71
N THR D 109 -6.92 -59.02 -32.41
CA THR D 109 -7.26 -59.50 -33.74
C THR D 109 -7.22 -61.03 -33.73
N HIS D 110 -7.21 -61.60 -32.53
CA HIS D 110 -7.19 -63.05 -32.41
C HIS D 110 -8.63 -63.52 -32.57
N LEU D 111 -8.94 -63.98 -33.79
CA LEU D 111 -10.28 -64.42 -34.13
C LEU D 111 -10.73 -65.58 -33.27
N LEU D 112 -10.00 -66.69 -33.35
CA LEU D 112 -10.35 -67.88 -32.57
C LEU D 112 -10.59 -67.58 -31.09
N ASN D 113 -9.73 -66.75 -30.50
CA ASN D 113 -9.93 -66.43 -29.10
C ASN D 113 -11.22 -65.63 -28.88
N TYR D 114 -11.59 -64.82 -29.85
CA TYR D 114 -12.81 -64.02 -29.78
C TYR D 114 -14.01 -64.94 -29.88
N LEU D 115 -13.94 -65.83 -30.86
CA LEU D 115 -15.00 -66.78 -31.14
C LEU D 115 -15.19 -67.79 -30.02
N ARG D 116 -14.12 -68.10 -29.32
CA ARG D 116 -14.15 -69.07 -28.24
C ARG D 116 -14.46 -68.53 -26.86
N THR D 117 -14.05 -67.29 -26.64
CA THR D 117 -14.25 -66.70 -25.33
C THR D 117 -15.02 -65.40 -25.27
N ASN D 118 -15.19 -64.76 -26.42
CA ASN D 118 -15.91 -63.50 -26.46
C ASN D 118 -15.12 -62.39 -25.79
N SER D 119 -13.80 -62.55 -25.78
CA SER D 119 -12.87 -61.56 -25.23
C SER D 119 -12.97 -60.33 -26.12
N PRO D 120 -12.73 -59.15 -25.58
CA PRO D 120 -12.81 -57.92 -26.38
C PRO D 120 -11.94 -57.99 -27.62
N SER D 121 -12.50 -57.55 -28.75
CA SER D 121 -11.75 -57.57 -29.99
C SER D 121 -12.17 -56.46 -30.94
N ILE D 122 -11.70 -56.57 -32.18
CA ILE D 122 -12.04 -55.59 -33.20
C ILE D 122 -13.17 -56.16 -34.04
N PHE D 123 -13.62 -57.36 -33.66
CA PHE D 123 -14.68 -58.04 -34.39
C PHE D 123 -16.07 -57.73 -33.89
N VAL D 124 -17.01 -57.76 -34.85
CA VAL D 124 -18.42 -57.54 -34.56
C VAL D 124 -19.15 -58.69 -35.24
N SER D 125 -19.95 -59.41 -34.47
CA SER D 125 -20.66 -60.56 -35.00
C SER D 125 -22.08 -60.30 -35.50
N THR D 126 -22.48 -61.08 -36.50
CA THR D 126 -23.81 -61.02 -37.07
C THR D 126 -24.14 -62.44 -37.43
N THR D 127 -25.42 -62.70 -37.63
CA THR D 127 -25.84 -64.03 -38.02
C THR D 127 -26.71 -63.96 -39.28
N ARG D 128 -26.51 -64.90 -40.18
CA ARG D 128 -27.28 -64.96 -41.41
C ARG D 128 -28.77 -65.04 -41.06
N ALA D 129 -29.59 -64.44 -41.91
CA ALA D 129 -31.05 -64.49 -41.75
C ALA D 129 -31.41 -65.83 -42.40
N ARG D 130 -32.38 -66.55 -41.84
CA ARG D 130 -32.72 -67.87 -42.37
C ARG D 130 -34.00 -67.98 -43.20
N TYR D 131 -33.93 -68.76 -44.28
CA TYR D 131 -35.07 -68.95 -45.17
C TYR D 131 -35.26 -70.40 -45.59
N ASN D 132 -36.51 -70.77 -45.86
CA ASN D 132 -36.81 -72.12 -46.31
C ASN D 132 -36.56 -72.17 -47.82
N ASN D 133 -36.79 -73.33 -48.41
CA ASN D 133 -36.57 -73.49 -49.85
C ASN D 133 -37.67 -72.82 -50.67
N LEU D 134 -38.43 -71.93 -50.04
CA LEU D 134 -39.49 -71.22 -50.74
C LEU D 134 -39.20 -69.74 -50.71
N GLY D 135 -38.19 -69.36 -49.93
CA GLY D 135 -37.80 -67.97 -49.80
C GLY D 135 -38.53 -67.34 -48.62
N LEU D 136 -39.13 -68.18 -47.79
CA LEU D 136 -39.85 -67.71 -46.62
C LEU D 136 -38.92 -67.72 -45.41
N GLU D 137 -38.93 -66.64 -44.65
CA GLU D 137 -38.06 -66.54 -43.50
C GLU D 137 -38.44 -67.49 -42.37
N ILE D 138 -37.43 -68.17 -41.83
CA ILE D 138 -37.62 -69.10 -40.73
C ILE D 138 -36.74 -68.62 -39.58
N THR D 139 -36.91 -69.21 -38.41
CA THR D 139 -36.15 -68.79 -37.23
C THR D 139 -34.64 -68.77 -37.42
N PRO D 140 -34.02 -67.67 -37.01
CA PRO D 140 -32.58 -67.51 -37.12
C PRO D 140 -31.92 -67.87 -35.78
N TRP D 141 -30.59 -67.90 -35.75
CA TRP D 141 -29.87 -68.18 -34.51
C TRP D 141 -30.40 -67.15 -33.52
N THR D 142 -30.87 -67.60 -32.37
CA THR D 142 -31.44 -66.68 -31.41
C THR D 142 -30.85 -66.80 -30.02
N PRO D 143 -30.56 -65.65 -29.41
CA PRO D 143 -30.00 -65.60 -28.08
C PRO D 143 -30.98 -66.29 -27.13
N HIS D 144 -30.46 -66.92 -26.09
CA HIS D 144 -31.33 -67.60 -25.13
C HIS D 144 -32.10 -66.58 -24.30
N SER D 145 -31.52 -65.40 -24.11
CA SER D 145 -32.14 -64.35 -23.31
C SER D 145 -33.17 -63.55 -24.08
N ALA D 146 -33.34 -63.89 -25.36
CA ALA D 146 -34.24 -63.14 -26.22
C ALA D 146 -35.61 -62.77 -25.63
N ASN D 147 -36.22 -63.67 -24.86
CA ASN D 147 -37.54 -63.40 -24.28
C ASN D 147 -37.53 -62.58 -23.00
N ASN D 148 -36.35 -62.13 -22.59
CA ASN D 148 -36.26 -61.34 -21.36
C ASN D 148 -35.88 -59.91 -21.62
N ASN D 149 -36.71 -59.00 -21.11
CA ASN D 149 -36.47 -57.57 -21.23
C ASN D 149 -36.34 -57.03 -22.65
N ILE D 150 -35.65 -55.90 -22.75
CA ILE D 150 -35.46 -55.23 -24.03
C ILE D 150 -34.21 -55.61 -24.81
N ILE D 151 -34.44 -56.19 -25.98
CA ILE D 151 -33.39 -56.59 -26.90
C ILE D 151 -33.82 -56.17 -28.32
N TYR D 152 -32.85 -55.87 -29.17
CA TYR D 152 -33.15 -55.45 -30.54
C TYR D 152 -32.63 -56.45 -31.57
N ARG D 153 -33.35 -56.56 -32.68
CA ARG D 153 -32.98 -57.48 -33.75
C ARG D 153 -32.68 -56.63 -34.99
N TYR D 154 -31.42 -56.20 -35.11
CA TYR D 154 -31.01 -55.37 -36.22
C TYR D 154 -30.84 -56.08 -37.56
N GLU D 155 -31.21 -55.40 -38.63
CA GLU D 155 -31.13 -55.93 -39.98
C GLU D 155 -29.98 -55.24 -40.69
N ILE D 156 -29.06 -56.03 -41.21
CA ILE D 156 -27.88 -55.49 -41.84
C ILE D 156 -27.67 -56.03 -43.23
N PHE D 157 -27.15 -55.15 -44.09
CA PHE D 157 -26.75 -55.45 -45.47
C PHE D 157 -25.44 -54.66 -45.58
N ALA D 158 -24.32 -55.36 -45.57
CA ALA D 158 -23.03 -54.70 -45.62
C ALA D 158 -22.05 -55.49 -46.47
N PRO D 159 -21.00 -54.81 -46.91
CA PRO D 159 -19.99 -55.44 -47.73
C PRO D 159 -18.95 -56.24 -46.92
N GLY D 160 -18.54 -57.37 -47.51
CA GLY D 160 -17.52 -58.22 -46.91
C GLY D 160 -18.03 -59.00 -45.71
N GLY D 161 -17.12 -59.23 -44.77
CA GLY D 161 -17.44 -59.99 -43.58
C GLY D 161 -16.81 -61.37 -43.75
N ILE D 162 -16.42 -61.99 -42.66
CA ILE D 162 -15.80 -63.30 -42.73
C ILE D 162 -16.89 -64.35 -42.65
N ASP D 163 -16.84 -65.32 -43.55
CA ASP D 163 -17.81 -66.41 -43.57
C ASP D 163 -17.29 -67.45 -42.60
N ILE D 164 -17.77 -67.37 -41.36
CA ILE D 164 -17.32 -68.30 -40.33
C ILE D 164 -17.53 -69.72 -40.76
N ASN D 165 -18.71 -69.99 -41.29
CA ASN D 165 -19.04 -71.34 -41.75
C ASN D 165 -18.04 -71.90 -42.76
N ALA D 166 -17.60 -71.04 -43.68
CA ALA D 166 -16.65 -71.43 -44.73
C ALA D 166 -15.22 -71.44 -44.23
N SER D 167 -14.96 -70.74 -43.14
CA SER D 167 -13.60 -70.67 -42.62
C SER D 167 -13.27 -71.80 -41.65
N PHE D 168 -14.27 -72.25 -40.90
CA PHE D 168 -14.07 -73.32 -39.92
C PHE D 168 -14.99 -74.53 -40.05
N SER D 169 -14.53 -75.61 -39.43
CA SER D 169 -15.24 -76.88 -39.35
C SER D 169 -16.16 -76.94 -38.13
N ARG D 170 -17.34 -77.53 -38.35
CA ARG D 170 -18.28 -77.71 -37.27
C ARG D 170 -17.93 -78.92 -36.46
N ASN D 171 -17.01 -79.72 -36.97
CA ASN D 171 -16.56 -80.90 -36.27
C ASN D 171 -15.21 -80.45 -35.71
N HIS D 172 -15.17 -79.18 -35.32
CA HIS D 172 -13.95 -78.56 -34.85
C HIS D 172 -14.22 -77.31 -34.00
N ASN D 173 -13.14 -76.70 -33.52
CA ASN D 173 -13.18 -75.48 -32.69
C ASN D 173 -13.44 -74.22 -33.52
N PRO D 174 -14.00 -73.18 -32.88
CA PRO D 174 -14.46 -73.24 -31.48
C PRO D 174 -15.99 -73.32 -31.37
N PHE D 175 -16.59 -74.00 -32.35
CA PHE D 175 -18.03 -74.22 -32.45
C PHE D 175 -18.95 -73.00 -32.39
N PRO D 176 -18.72 -72.02 -33.26
CA PRO D 176 -19.56 -70.83 -33.32
C PRO D 176 -20.67 -71.24 -34.28
N ASN D 177 -21.82 -70.57 -34.23
CA ASN D 177 -22.90 -70.92 -35.12
C ASN D 177 -22.27 -70.67 -36.46
N GLN D 178 -22.28 -71.69 -37.30
CA GLN D 178 -21.73 -71.54 -38.60
C GLN D 178 -22.52 -70.42 -39.33
N ASP D 179 -23.68 -69.99 -38.79
CA ASP D 179 -24.44 -68.95 -39.48
C ASP D 179 -23.83 -67.57 -39.23
N GLU D 180 -22.66 -67.52 -38.59
CA GLU D 180 -22.05 -66.25 -38.27
C GLU D 180 -21.23 -65.60 -39.36
N ILE D 181 -21.30 -64.28 -39.38
CA ILE D 181 -20.53 -63.46 -40.30
C ILE D 181 -19.85 -62.41 -39.42
N THR D 182 -18.53 -62.45 -39.39
CA THR D 182 -17.78 -61.55 -38.55
C THR D 182 -17.22 -60.37 -39.32
N PHE D 183 -17.36 -59.19 -38.73
CA PHE D 183 -16.89 -57.97 -39.34
C PHE D 183 -15.78 -57.31 -38.55
N PRO D 184 -14.56 -57.41 -39.06
CA PRO D 184 -13.41 -56.79 -38.43
C PRO D 184 -13.60 -55.28 -38.58
N GLY D 185 -13.53 -54.54 -37.49
CA GLY D 185 -13.70 -53.09 -37.57
C GLY D 185 -15.16 -52.67 -37.40
N GLY D 186 -16.04 -53.64 -37.23
CA GLY D 186 -17.46 -53.34 -37.04
C GLY D 186 -18.18 -53.00 -38.34
N ILE D 187 -19.33 -52.36 -38.19
CA ILE D 187 -20.18 -51.98 -39.31
C ILE D 187 -20.69 -50.55 -39.12
N ARG D 188 -20.75 -49.77 -40.21
CA ARG D 188 -21.25 -48.40 -40.14
C ARG D 188 -22.78 -48.38 -40.17
N PRO D 189 -23.38 -47.38 -39.52
CA PRO D 189 -24.84 -47.28 -39.43
C PRO D 189 -25.57 -47.36 -40.76
N GLU D 190 -24.97 -46.78 -41.78
CA GLU D 190 -25.55 -46.77 -43.11
C GLU D 190 -25.85 -48.16 -43.66
N PHE D 191 -25.35 -49.21 -42.99
CA PHE D 191 -25.57 -50.58 -43.46
C PHE D 191 -26.64 -51.29 -42.65
N ILE D 192 -27.15 -50.60 -41.64
CA ILE D 192 -28.19 -51.15 -40.79
C ILE D 192 -29.51 -50.56 -41.28
N ARG D 193 -30.31 -51.39 -41.96
CA ARG D 193 -31.59 -50.93 -42.50
C ARG D 193 -32.70 -50.73 -41.46
N SER D 194 -32.89 -51.69 -40.59
CA SER D 194 -33.96 -51.61 -39.59
C SER D 194 -33.66 -52.44 -38.37
N THR D 195 -34.61 -52.47 -37.43
CA THR D 195 -34.47 -53.26 -36.22
C THR D 195 -35.82 -53.43 -35.52
N TYR D 196 -36.03 -54.60 -34.91
CA TYR D 196 -37.26 -54.88 -34.20
C TYR D 196 -36.98 -54.64 -32.71
N GLU D 197 -37.86 -53.90 -32.04
CA GLU D 197 -37.66 -53.65 -30.62
C GLU D 197 -38.52 -54.65 -29.84
N TYR D 198 -37.87 -55.54 -29.09
CA TYR D 198 -38.60 -56.54 -28.34
C TYR D 198 -38.68 -56.19 -26.88
N HIS D 199 -39.81 -56.52 -26.29
CA HIS D 199 -40.04 -56.30 -24.87
C HIS D 199 -40.57 -57.62 -24.35
N ASN D 200 -39.74 -58.31 -23.60
CA ASN D 200 -40.08 -59.61 -23.05
C ASN D 200 -40.55 -60.58 -24.12
N GLY D 201 -39.79 -60.64 -25.21
CA GLY D 201 -40.08 -61.56 -26.30
C GLY D 201 -41.18 -61.15 -27.26
N GLU D 202 -41.70 -59.94 -27.09
CA GLU D 202 -42.77 -59.44 -27.96
C GLU D 202 -42.37 -58.20 -28.75
N ILE D 203 -42.57 -58.25 -30.07
CA ILE D 203 -42.23 -57.10 -30.90
C ILE D 203 -43.07 -55.93 -30.45
N VAL D 204 -42.44 -54.79 -30.27
CA VAL D 204 -43.13 -53.61 -29.82
C VAL D 204 -43.10 -52.50 -30.85
N ARG D 205 -42.02 -52.44 -31.62
CA ARG D 205 -41.88 -51.42 -32.65
C ARG D 205 -40.92 -51.89 -33.72
N ILE D 206 -41.00 -51.28 -34.89
CA ILE D 206 -40.10 -51.62 -35.99
C ILE D 206 -39.46 -50.31 -36.41
N TRP D 207 -38.16 -50.20 -36.22
CA TRP D 207 -37.48 -48.97 -36.58
C TRP D 207 -36.88 -49.02 -37.97
N ILE D 208 -36.89 -47.88 -38.63
CA ILE D 208 -36.33 -47.76 -39.97
C ILE D 208 -35.21 -46.71 -39.98
N ASN D 209 -34.12 -47.06 -40.64
CA ASN D 209 -32.99 -46.15 -40.70
C ASN D 209 -33.08 -45.34 -41.98
N PRO D 210 -33.53 -44.11 -41.84
CA PRO D 210 -33.66 -43.20 -42.98
C PRO D 210 -32.34 -43.07 -43.70
N ASN D 211 -31.26 -43.14 -42.93
CA ASN D 211 -29.91 -43.02 -43.48
C ASN D 211 -29.35 -44.29 -44.11
N PHE D 212 -30.18 -45.31 -44.25
CA PHE D 212 -29.71 -46.56 -44.83
C PHE D 212 -29.11 -46.33 -46.21
N ILE D 213 -28.02 -47.02 -46.49
CA ILE D 213 -27.29 -46.89 -47.74
C ILE D 213 -28.14 -46.83 -49.03
N ASN D 214 -29.19 -47.64 -49.09
CA ASN D 214 -30.06 -47.67 -50.28
C ASN D 214 -31.52 -47.49 -49.87
N PRO D 215 -31.86 -46.22 -49.63
CA PRO D 215 -33.20 -45.82 -49.17
C PRO D 215 -34.35 -46.28 -50.05
N SER D 216 -34.07 -46.54 -51.32
CA SER D 216 -35.10 -46.99 -52.25
C SER D 216 -35.76 -48.27 -51.72
N THR D 217 -35.01 -49.03 -50.93
CA THR D 217 -35.52 -50.29 -50.39
C THR D 217 -36.11 -50.22 -49.00
N LEU D 218 -36.08 -49.05 -48.37
CA LEU D 218 -36.64 -48.88 -47.02
C LEU D 218 -38.07 -49.38 -47.02
N ASN D 219 -38.63 -49.44 -48.22
CA ASN D 219 -39.97 -49.91 -48.44
C ASN D 219 -40.12 -51.39 -48.12
N ASP D 220 -39.18 -52.20 -48.62
CA ASP D 220 -39.20 -53.65 -48.44
C ASP D 220 -39.13 -54.17 -47.01
N VAL D 221 -39.02 -53.29 -46.03
CA VAL D 221 -38.94 -53.73 -44.65
C VAL D 221 -40.16 -54.51 -44.17
N SER D 222 -40.03 -55.84 -44.15
CA SER D 222 -41.08 -56.74 -43.71
C SER D 222 -41.34 -56.56 -42.22
N GLY D 223 -42.42 -57.15 -41.72
CA GLY D 223 -42.73 -57.06 -40.31
C GLY D 223 -44.20 -57.34 -40.03
N PRO D 224 -44.51 -57.67 -38.79
CA PRO D 224 -45.86 -57.97 -38.37
C PRO D 224 -46.83 -56.81 -38.55
N SER D 225 -48.10 -57.16 -38.73
CA SER D 225 -49.16 -56.18 -38.89
C SER D 225 -49.60 -55.68 -37.52
N ASN D 226 -50.07 -54.44 -37.48
CA ASN D 226 -50.53 -53.84 -36.24
C ASN D 226 -49.40 -53.50 -35.26
N ILE D 227 -48.21 -53.28 -35.82
CA ILE D 227 -47.03 -52.92 -35.02
C ILE D 227 -46.39 -51.68 -35.62
N SER D 228 -46.44 -50.58 -34.87
CA SER D 228 -45.90 -49.29 -35.31
C SER D 228 -44.55 -49.37 -36.04
N LYS D 229 -44.54 -48.94 -37.29
CA LYS D 229 -43.32 -48.93 -38.09
C LYS D 229 -42.73 -47.52 -38.10
N VAL D 230 -42.06 -47.17 -37.01
CA VAL D 230 -41.46 -45.84 -36.86
C VAL D 230 -40.19 -45.56 -37.67
N PHE D 231 -39.98 -44.29 -37.96
CA PHE D 231 -38.79 -43.84 -38.68
C PHE D 231 -37.86 -43.17 -37.70
N TRP D 232 -36.69 -43.76 -37.51
CA TRP D 232 -35.73 -43.22 -36.56
C TRP D 232 -35.14 -41.89 -37.00
N HIS D 233 -34.86 -41.06 -36.01
CA HIS D 233 -34.20 -39.78 -36.20
C HIS D 233 -33.38 -39.58 -34.93
N GLU D 234 -32.22 -38.96 -35.09
CA GLU D 234 -31.33 -38.74 -33.96
C GLU D 234 -32.05 -38.27 -32.69
N ASN D 235 -31.54 -38.69 -31.54
CA ASN D 235 -32.13 -38.32 -30.26
C ASN D 235 -33.62 -38.55 -30.12
N HIS D 236 -34.15 -39.43 -30.97
CA HIS D 236 -35.57 -39.77 -30.94
C HIS D 236 -35.99 -40.12 -29.51
N SER D 237 -37.15 -39.66 -29.09
CA SER D 237 -37.63 -39.89 -27.73
C SER D 237 -37.78 -41.34 -27.30
N GLU D 238 -38.20 -42.21 -28.22
CA GLU D 238 -38.41 -43.60 -27.86
C GLU D 238 -37.39 -44.54 -28.48
N GLY D 239 -36.28 -43.96 -28.92
CA GLY D 239 -35.21 -44.71 -29.54
C GLY D 239 -34.09 -44.98 -28.54
N ASN D 240 -34.41 -44.91 -27.26
CA ASN D 240 -33.40 -45.14 -26.24
C ASN D 240 -33.87 -46.08 -25.13
N ASN D 241 -34.84 -46.93 -25.45
CA ASN D 241 -35.35 -47.88 -24.47
C ASN D 241 -34.42 -49.08 -24.35
N MET D 242 -33.87 -49.29 -23.15
CA MET D 242 -32.96 -50.41 -22.93
C MET D 242 -32.87 -50.83 -21.48
N ASP D 243 -32.38 -52.06 -21.26
CA ASP D 243 -32.25 -52.59 -19.91
C ASP D 243 -31.43 -51.70 -18.99
N SER D 244 -31.85 -51.65 -17.74
CA SER D 244 -31.19 -50.84 -16.71
C SER D 244 -29.67 -50.91 -16.69
N LYS D 245 -29.09 -52.08 -16.85
CA LYS D 245 -27.63 -52.25 -16.77
C LYS D 245 -26.74 -51.34 -17.60
N GLY D 246 -27.23 -50.93 -18.76
CA GLY D 246 -26.49 -50.09 -19.73
C GLY D 246 -26.35 -48.66 -19.29
N PHE D 247 -27.03 -48.29 -18.20
CA PHE D 247 -26.95 -46.93 -17.65
C PHE D 247 -25.93 -46.83 -16.52
N ILE D 248 -25.45 -47.99 -16.08
CA ILE D 248 -24.45 -47.99 -15.04
C ILE D 248 -23.17 -47.72 -15.79
N LEU D 249 -22.76 -46.47 -15.76
CA LEU D 249 -21.63 -46.07 -16.54
C LEU D 249 -20.28 -46.47 -15.97
N ASP D 250 -20.19 -46.57 -14.65
CA ASP D 250 -18.96 -46.95 -13.98
C ASP D 250 -18.59 -48.39 -14.41
N LEU D 251 -19.63 -49.18 -14.74
CA LEU D 251 -19.50 -50.59 -15.15
C LEU D 251 -19.45 -50.83 -16.65
N ASP D 252 -18.45 -51.60 -17.08
CA ASP D 252 -18.34 -51.94 -18.50
C ASP D 252 -19.34 -52.88 -19.17
N TYR D 253 -19.70 -52.47 -20.39
CA TYR D 253 -20.72 -53.14 -21.14
C TYR D 253 -20.31 -54.29 -22.03
N ASN D 254 -20.87 -55.48 -21.74
CA ASN D 254 -20.58 -56.58 -22.63
C ASN D 254 -21.74 -56.69 -23.60
N GLN D 255 -21.56 -55.95 -24.67
CA GLN D 255 -22.55 -55.73 -25.71
C GLN D 255 -22.57 -56.86 -26.71
N ASP D 256 -21.50 -57.65 -26.74
CA ASP D 256 -21.39 -58.75 -27.69
C ASP D 256 -21.91 -60.02 -27.05
N PHE D 257 -22.45 -59.90 -25.85
CA PHE D 257 -22.93 -61.06 -25.12
C PHE D 257 -23.96 -61.95 -25.81
N ASP D 258 -25.02 -61.36 -26.33
CA ASP D 258 -26.06 -62.17 -26.96
C ASP D 258 -25.74 -62.69 -28.35
N MET D 259 -24.56 -62.39 -28.85
CA MET D 259 -24.15 -62.86 -30.17
C MET D 259 -23.09 -63.95 -30.01
N PHE D 260 -22.78 -64.25 -28.75
CA PHE D 260 -21.79 -65.25 -28.40
C PHE D 260 -22.39 -66.64 -28.58
N ALA D 261 -21.75 -67.45 -29.41
CA ALA D 261 -22.20 -68.80 -29.73
C ALA D 261 -22.96 -69.58 -28.65
N PRO D 262 -22.31 -69.79 -27.50
CA PRO D 262 -22.93 -70.54 -26.41
C PRO D 262 -24.15 -69.86 -25.81
N ASN D 263 -24.32 -68.57 -26.09
CA ASN D 263 -25.44 -67.84 -25.53
C ASN D 263 -26.69 -67.83 -26.40
N GLY D 264 -26.71 -68.71 -27.39
CA GLY D 264 -27.85 -68.82 -28.29
C GLY D 264 -27.75 -70.04 -29.19
N GLU D 265 -28.75 -70.21 -30.04
CA GLU D 265 -28.78 -71.33 -30.97
C GLU D 265 -29.97 -71.14 -31.91
N ILE D 266 -30.04 -71.97 -32.95
CA ILE D 266 -31.15 -71.93 -33.89
C ILE D 266 -32.23 -72.82 -33.27
N PRO D 267 -33.19 -72.19 -32.62
CA PRO D 267 -34.25 -72.93 -31.93
C PRO D 267 -35.05 -73.93 -32.75
N ASN D 268 -35.41 -73.55 -33.97
CA ASN D 268 -36.22 -74.41 -34.83
C ASN D 268 -36.13 -73.96 -36.28
N ASN D 269 -36.94 -74.58 -37.14
CA ASN D 269 -36.96 -74.23 -38.55
C ASN D 269 -38.35 -73.75 -38.97
N ASN D 270 -39.12 -73.32 -37.99
CA ASN D 270 -40.47 -72.82 -38.22
C ASN D 270 -40.43 -71.51 -38.95
N LEU D 271 -41.51 -71.19 -39.64
CA LEU D 271 -41.61 -69.93 -40.36
C LEU D 271 -41.85 -68.85 -39.31
N LEU D 272 -41.80 -67.59 -39.73
CA LEU D 272 -41.99 -66.50 -38.79
C LEU D 272 -43.40 -65.91 -38.84
N ASP E 20 -22.24 51.04 7.69
CA ASP E 20 -23.46 51.86 7.68
C ASP E 20 -23.36 52.92 8.77
N ASN E 21 -24.32 53.84 8.79
CA ASN E 21 -24.32 54.91 9.77
C ASN E 21 -25.40 54.59 10.79
N THR E 22 -25.52 53.30 11.03
CA THR E 22 -26.50 52.73 11.93
C THR E 22 -26.32 53.04 13.39
N TRP E 23 -25.11 52.87 13.90
CA TRP E 23 -24.85 53.13 15.33
C TRP E 23 -25.46 54.42 15.82
N ILE E 24 -25.24 55.51 15.09
CA ILE E 24 -25.79 56.80 15.55
C ILE E 24 -27.16 57.05 14.95
N GLN E 25 -27.81 55.98 14.48
CA GLN E 25 -29.12 56.14 13.85
C GLN E 25 -30.29 56.64 14.68
N ALA E 26 -30.32 56.26 15.94
CA ALA E 26 -31.38 56.67 16.85
C ALA E 26 -31.24 58.10 17.39
N ALA E 27 -30.19 58.82 16.94
CA ALA E 27 -29.88 60.17 17.40
C ALA E 27 -30.94 61.22 17.57
N SER E 28 -30.89 61.86 18.75
CA SER E 28 -31.86 62.88 19.06
C SER E 28 -31.30 64.17 18.51
N LEU E 29 -29.99 64.13 18.21
CA LEU E 29 -29.24 65.27 17.62
C LEU E 29 -29.20 65.19 16.11
N THR E 30 -29.96 66.07 15.48
CA THR E 30 -30.03 66.11 14.02
C THR E 30 -28.67 66.45 13.35
N TRP E 31 -28.15 67.59 13.75
CA TRP E 31 -26.89 68.11 13.25
C TRP E 31 -25.69 67.16 13.33
N LEU E 32 -25.83 66.09 14.09
CA LEU E 32 -24.75 65.12 14.18
C LEU E 32 -24.60 64.36 12.87
N LEU E 38 -16.01 59.55 10.41
CA LEU E 38 -15.13 60.60 10.97
C LEU E 38 -15.41 60.68 12.43
N LEU E 39 -16.67 61.02 12.73
CA LEU E 39 -17.15 61.10 14.09
C LEU E 39 -16.62 59.90 14.81
N TYR E 40 -16.90 58.73 14.25
CA TYR E 40 -16.46 57.49 14.83
C TYR E 40 -14.97 57.55 15.04
N GLN E 41 -14.21 57.62 13.95
CA GLN E 41 -12.74 57.72 13.99
C GLN E 41 -12.28 58.59 15.20
N LEU E 42 -12.95 59.73 15.35
CA LEU E 42 -12.70 60.69 16.43
C LEU E 42 -12.84 60.16 17.86
N ILE E 43 -13.78 59.25 18.05
CA ILE E 43 -14.03 58.76 19.39
C ILE E 43 -13.07 57.71 19.68
N SER E 44 -13.03 56.76 18.76
CA SER E 44 -12.20 55.58 18.83
C SER E 44 -10.66 55.67 18.76
N THR E 45 -10.11 56.57 17.98
CA THR E 45 -8.65 56.67 17.88
C THR E 45 -8.09 57.28 19.15
N ARG E 46 -8.96 57.69 20.07
CA ARG E 46 -8.46 58.25 21.32
C ARG E 46 -8.17 57.24 22.43
N ILE E 47 -8.94 56.15 22.44
CA ILE E 47 -8.85 55.11 23.43
C ILE E 47 -7.56 54.29 23.51
N PRO E 48 -6.95 54.30 24.72
CA PRO E 48 -5.73 53.53 24.97
C PRO E 48 -6.00 52.03 24.86
N SER E 49 -5.00 51.28 24.43
CA SER E 49 -5.09 49.81 24.29
C SER E 49 -5.71 49.22 25.54
N PHE E 50 -5.12 49.59 26.67
CA PHE E 50 -5.50 49.18 28.03
C PHE E 50 -7.00 49.23 28.36
N ALA E 51 -7.65 50.28 27.89
CA ALA E 51 -9.05 50.50 28.11
C ALA E 51 -9.78 49.61 27.08
N SER E 52 -9.67 49.98 25.80
CA SER E 52 -10.28 49.21 24.70
C SER E 52 -9.28 48.42 23.86
N PRO E 53 -9.11 47.16 24.21
CA PRO E 53 -8.18 46.23 23.54
C PRO E 53 -8.55 46.02 22.07
N ASN E 54 -9.65 45.29 21.85
CA ASN E 54 -10.19 45.00 20.52
C ASN E 54 -10.73 46.23 19.79
N GLY E 55 -11.17 47.22 20.56
CA GLY E 55 -11.68 48.43 19.97
C GLY E 55 -13.16 48.58 20.08
N LEU E 56 -13.62 49.80 19.94
CA LEU E 56 -15.02 50.10 20.06
C LEU E 56 -15.93 49.17 19.26
N HIS E 57 -16.66 48.25 19.91
CA HIS E 57 -17.58 47.43 19.14
C HIS E 57 -18.99 47.94 19.27
N MET E 58 -19.76 47.66 18.24
CA MET E 58 -21.13 48.15 18.17
C MET E 58 -22.20 47.06 18.12
N ARG E 59 -23.26 47.32 18.86
CA ARG E 59 -24.38 46.40 18.92
C ARG E 59 -24.85 46.02 17.53
N GLU E 60 -24.60 44.77 17.15
CA GLU E 60 -25.05 44.27 15.86
C GLU E 60 -26.46 43.69 16.00
N GLN E 61 -27.24 43.75 14.93
CA GLN E 61 -28.59 43.18 14.93
C GLN E 61 -29.68 43.98 15.67
N THR E 62 -29.50 45.28 15.74
CA THR E 62 -30.49 46.13 16.40
C THR E 62 -31.74 46.29 15.54
N ILE E 63 -31.61 45.90 14.28
CA ILE E 63 -32.71 46.06 13.34
C ILE E 63 -32.80 44.86 12.43
N ASP E 64 -34.02 44.40 12.19
CA ASP E 64 -34.21 43.25 11.33
C ASP E 64 -33.56 43.46 9.96
N SER E 65 -32.80 42.47 9.52
CA SER E 65 -32.09 42.54 8.25
C SER E 65 -33.05 42.72 7.06
N ASN E 66 -34.23 42.11 7.22
CA ASN E 66 -35.31 42.17 6.23
C ASN E 66 -36.20 43.40 6.48
N THR E 67 -37.11 43.26 7.44
CA THR E 67 -38.08 44.31 7.76
C THR E 67 -37.52 45.74 7.77
N GLY E 68 -36.25 45.89 8.14
CA GLY E 68 -35.60 47.20 8.25
C GLY E 68 -36.21 47.88 9.49
N GLN E 69 -36.72 47.03 10.40
CA GLN E 69 -37.39 47.47 11.61
C GLN E 69 -36.49 47.38 12.83
N ILE E 70 -37.02 47.88 13.93
CA ILE E 70 -36.30 47.87 15.20
C ILE E 70 -36.47 46.50 15.86
N GLN E 71 -35.40 45.71 15.86
CA GLN E 71 -35.45 44.39 16.51
C GLN E 71 -35.89 44.57 17.97
N ILE E 72 -37.07 44.05 18.25
CA ILE E 72 -37.74 44.20 19.53
C ILE E 72 -37.83 42.90 20.30
N ASP E 73 -36.71 42.48 20.88
CA ASP E 73 -36.67 41.26 21.67
C ASP E 73 -36.03 41.51 23.03
N ASN E 74 -35.82 40.46 23.79
CA ASN E 74 -35.22 40.59 25.11
C ASN E 74 -33.72 40.85 25.03
N GLU E 75 -33.07 40.24 24.04
CA GLU E 75 -31.63 40.41 23.85
C GLU E 75 -31.29 41.88 23.66
N HIS E 76 -32.15 42.59 22.96
CA HIS E 76 -31.90 44.01 22.69
C HIS E 76 -32.71 45.01 23.51
N ARG E 77 -33.35 44.52 24.58
CA ARG E 77 -34.11 45.42 25.43
C ARG E 77 -33.13 46.20 26.27
N LEU E 78 -33.36 47.51 26.37
CA LEU E 78 -32.47 48.39 27.13
C LEU E 78 -33.27 49.24 28.08
N LEU E 79 -32.61 49.73 29.12
CA LEU E 79 -33.27 50.56 30.11
C LEU E 79 -32.43 51.76 30.50
N ARG E 80 -33.09 52.83 30.91
CA ARG E 80 -32.41 54.01 31.37
C ARG E 80 -33.12 54.59 32.57
N TRP E 81 -32.38 54.71 33.66
CA TRP E 81 -32.92 55.27 34.89
C TRP E 81 -32.73 56.76 34.75
N ASP E 82 -33.84 57.49 34.82
CA ASP E 82 -33.81 58.92 34.70
C ASP E 82 -34.83 59.52 35.65
N ARG E 83 -34.54 60.71 36.17
CA ARG E 83 -35.45 61.37 37.11
C ARG E 83 -36.39 62.36 36.44
N ARG E 84 -36.28 62.46 35.11
CA ARG E 84 -37.10 63.36 34.30
C ARG E 84 -38.38 62.63 33.87
N PRO E 85 -39.51 63.33 33.96
CA PRO E 85 -40.80 62.75 33.60
C PRO E 85 -41.02 62.57 32.10
N PRO E 86 -41.97 61.72 31.75
CA PRO E 86 -42.28 61.43 30.35
C PRO E 86 -42.68 62.65 29.53
N ASN E 87 -43.30 63.62 30.17
CA ASN E 87 -43.72 64.84 29.47
C ASN E 87 -42.53 65.45 28.75
N ASP E 88 -41.34 65.17 29.29
CA ASP E 88 -40.09 65.64 28.72
C ASP E 88 -39.57 64.55 27.79
N ILE E 89 -39.28 63.41 28.40
CA ILE E 89 -38.73 62.26 27.69
C ILE E 89 -39.50 61.75 26.48
N PHE E 90 -40.79 61.47 26.66
CA PHE E 90 -41.61 60.94 25.57
C PHE E 90 -41.76 61.98 24.45
N LEU E 91 -41.45 63.21 24.80
CA LEU E 91 -41.53 64.33 23.89
C LEU E 91 -40.21 64.58 23.15
N ASN E 92 -39.16 64.84 23.93
CA ASN E 92 -37.83 65.13 23.38
C ASN E 92 -36.90 63.94 23.22
N GLY E 93 -37.19 62.84 23.90
CA GLY E 93 -36.32 61.67 23.86
C GLY E 93 -35.14 61.95 24.79
N PHE E 94 -34.05 61.22 24.60
CA PHE E 94 -32.87 61.46 25.43
C PHE E 94 -31.85 62.28 24.65
N ILE E 95 -31.72 63.54 25.04
CA ILE E 95 -30.76 64.43 24.39
C ILE E 95 -29.52 64.59 25.27
N PRO E 96 -28.36 64.35 24.66
CA PRO E 96 -27.09 64.45 25.38
C PRO E 96 -26.94 65.79 26.08
N ARG E 97 -26.05 65.84 27.06
CA ARG E 97 -25.82 67.07 27.79
C ARG E 97 -25.17 68.11 26.87
N VAL E 98 -24.49 67.66 25.85
CA VAL E 98 -23.92 68.58 24.89
C VAL E 98 -24.87 68.44 23.71
N THR E 99 -25.55 69.54 23.44
CA THR E 99 -26.54 69.64 22.39
C THR E 99 -26.45 70.96 21.56
N ASN E 100 -25.54 71.07 20.60
CA ASN E 100 -25.43 72.28 19.78
C ASN E 100 -24.39 72.04 18.71
N GLN E 101 -24.74 72.29 17.45
CA GLN E 101 -23.83 72.13 16.31
C GLN E 101 -22.41 72.59 16.60
N ASN E 102 -22.27 73.82 17.10
CA ASN E 102 -20.97 74.37 17.44
C ASN E 102 -20.29 73.92 18.76
N LEU E 103 -20.11 72.61 18.90
CA LEU E 103 -19.45 72.02 20.08
C LEU E 103 -17.93 71.99 19.93
N SER E 104 -17.26 71.95 21.08
CA SER E 104 -15.82 71.82 21.14
C SER E 104 -15.68 70.28 21.19
N PRO E 105 -15.82 69.72 19.99
CA PRO E 105 -15.78 68.30 19.72
C PRO E 105 -14.86 67.44 20.53
N VAL E 106 -13.60 67.84 20.57
CA VAL E 106 -12.54 67.13 21.23
C VAL E 106 -12.89 66.65 22.61
N GLU E 107 -13.38 67.57 23.44
CA GLU E 107 -13.76 67.23 24.82
C GLU E 107 -15.04 66.43 24.93
N ASP E 108 -15.91 66.70 24.00
CA ASP E 108 -17.28 66.24 24.07
C ASP E 108 -17.56 64.89 23.45
N THR E 109 -16.52 64.30 22.85
CA THR E 109 -16.64 62.96 22.26
C THR E 109 -15.62 62.04 22.91
N HIS E 110 -15.08 62.47 24.05
CA HIS E 110 -14.12 61.66 24.78
C HIS E 110 -14.90 60.67 25.58
N LEU E 111 -15.01 59.46 25.05
CA LEU E 111 -15.77 58.39 25.67
C LEU E 111 -15.24 58.03 27.04
N LEU E 112 -13.98 57.60 27.11
CA LEU E 112 -13.37 57.23 28.38
C LEU E 112 -13.56 58.30 29.46
N ASN E 113 -13.36 59.55 29.10
CA ASN E 113 -13.54 60.59 30.09
C ASN E 113 -14.99 60.70 30.56
N TYR E 114 -15.93 60.41 29.67
CA TYR E 114 -17.35 60.45 30.00
C TYR E 114 -17.66 59.29 30.94
N LEU E 115 -17.17 58.13 30.58
CA LEU E 115 -17.37 56.90 31.33
C LEU E 115 -16.72 56.94 32.70
N ARG E 116 -15.64 57.67 32.85
CA ARG E 116 -15.00 57.68 34.15
C ARG E 116 -15.46 58.83 35.03
N THR E 117 -15.73 59.96 34.40
CA THR E 117 -16.09 61.12 35.20
C THR E 117 -17.51 61.63 35.07
N ASN E 118 -18.20 61.20 34.03
CA ASN E 118 -19.58 61.65 33.81
C ASN E 118 -19.59 63.12 33.41
N SER E 119 -18.50 63.58 32.82
CA SER E 119 -18.38 64.95 32.32
C SER E 119 -19.38 65.08 31.16
N PRO E 120 -19.88 66.28 30.92
CA PRO E 120 -20.84 66.48 29.85
C PRO E 120 -20.32 65.98 28.51
N SER E 121 -21.17 65.27 27.77
CA SER E 121 -20.76 64.75 26.47
C SER E 121 -21.92 64.63 25.50
N ILE E 122 -21.67 63.95 24.39
CA ILE E 122 -22.69 63.74 23.37
C ILE E 122 -23.27 62.36 23.59
N PHE E 123 -22.79 61.67 24.62
CA PHE E 123 -23.24 60.33 24.93
C PHE E 123 -24.42 60.26 25.87
N VAL E 124 -25.23 59.23 25.66
CA VAL E 124 -26.39 58.94 26.49
C VAL E 124 -26.28 57.48 26.86
N SER E 125 -26.32 57.20 28.16
CA SER E 125 -26.16 55.84 28.64
C SER E 125 -27.47 55.07 28.88
N THR E 126 -27.39 53.76 28.69
CA THR E 126 -28.51 52.87 28.93
C THR E 126 -27.87 51.59 29.45
N THR E 127 -28.69 50.76 30.06
CA THR E 127 -28.20 49.50 30.59
C THR E 127 -29.06 48.36 30.07
N ARG E 128 -28.42 47.25 29.71
CA ARG E 128 -29.13 46.08 29.23
C ARG E 128 -30.14 45.63 30.28
N ALA E 129 -31.27 45.10 29.81
CA ALA E 129 -32.30 44.57 30.69
C ALA E 129 -31.79 43.15 30.98
N ARG E 130 -31.98 42.66 32.21
CA ARG E 130 -31.44 41.34 32.57
C ARG E 130 -32.44 40.20 32.67
N TYR E 131 -32.04 39.03 32.16
CA TYR E 131 -32.88 37.84 32.17
C TYR E 131 -32.14 36.57 32.60
N ASN E 132 -32.87 35.65 33.21
CA ASN E 132 -32.28 34.38 33.61
C ASN E 132 -32.26 33.47 32.40
N ASN E 133 -31.76 32.26 32.58
CA ASN E 133 -31.69 31.29 31.49
C ASN E 133 -33.05 30.71 31.15
N LEU E 134 -34.11 31.36 31.61
CA LEU E 134 -35.45 30.88 31.32
C LEU E 134 -36.20 31.95 30.54
N GLY E 135 -35.58 33.12 30.44
CA GLY E 135 -36.18 34.24 29.73
C GLY E 135 -36.97 35.11 30.69
N LEU E 136 -36.77 34.88 31.98
CA LEU E 136 -37.45 35.64 33.00
C LEU E 136 -36.59 36.82 33.43
N GLU E 137 -37.20 37.99 33.52
CA GLU E 137 -36.46 39.19 33.88
C GLU E 137 -35.98 39.18 35.33
N ILE E 138 -34.71 39.54 35.51
CA ILE E 138 -34.10 39.61 36.84
C ILE E 138 -33.59 41.05 37.02
N THR E 139 -33.19 41.38 38.23
CA THR E 139 -32.74 42.74 38.53
C THR E 139 -31.64 43.25 37.61
N PRO E 140 -31.84 44.48 37.11
CA PRO E 140 -30.87 45.11 36.22
C PRO E 140 -29.97 46.04 37.04
N TRP E 141 -28.95 46.61 36.40
CA TRP E 141 -28.06 47.54 37.06
C TRP E 141 -29.00 48.62 37.60
N THR E 142 -28.90 48.91 38.90
CA THR E 142 -29.80 49.87 39.49
C THR E 142 -29.09 50.97 40.27
N PRO E 143 -29.55 52.20 40.07
CA PRO E 143 -28.98 53.36 40.74
C PRO E 143 -29.14 53.15 42.24
N HIS E 144 -28.21 53.65 43.03
CA HIS E 144 -28.29 53.49 44.47
C HIS E 144 -29.42 54.35 45.04
N SER E 145 -29.71 55.46 44.37
CA SER E 145 -30.75 56.37 44.81
C SER E 145 -32.14 55.93 44.41
N ALA E 146 -32.24 54.81 43.70
CA ALA E 146 -33.51 54.32 43.21
C ALA E 146 -34.69 54.36 44.17
N ASN E 147 -34.46 54.06 45.44
CA ASN E 147 -35.55 54.05 46.44
C ASN E 147 -35.90 55.41 47.02
N ASN E 148 -35.27 56.47 46.52
CA ASN E 148 -35.53 57.79 47.03
C ASN E 148 -36.22 58.69 46.02
N ASN E 149 -37.37 59.23 46.42
CA ASN E 149 -38.11 60.14 45.59
C ASN E 149 -38.56 59.60 44.23
N ILE E 150 -38.79 60.52 43.30
CA ILE E 150 -39.27 60.18 41.96
C ILE E 150 -38.18 59.95 40.92
N ILE E 151 -38.13 58.72 40.43
CA ILE E 151 -37.20 58.30 39.39
C ILE E 151 -37.98 57.45 38.37
N TYR E 152 -37.57 57.47 37.12
CA TYR E 152 -38.25 56.70 36.07
C TYR E 152 -37.34 55.62 35.48
N ARG E 153 -37.95 54.51 35.08
CA ARG E 153 -37.24 53.39 34.51
C ARG E 153 -37.72 53.23 33.06
N TYR E 154 -37.07 53.95 32.14
CA TYR E 154 -37.45 53.90 30.74
C TYR E 154 -37.04 52.65 29.99
N GLU E 155 -37.91 52.21 29.09
CA GLU E 155 -37.68 51.02 28.28
C GLU E 155 -37.36 51.47 26.86
N ILE E 156 -36.22 51.03 26.36
CA ILE E 156 -35.78 51.43 25.05
C ILE E 156 -35.45 50.27 24.14
N PHE E 157 -35.75 50.47 22.86
CA PHE E 157 -35.43 49.54 21.77
C PHE E 157 -34.99 50.50 20.67
N ALA E 158 -33.68 50.54 20.41
CA ALA E 158 -33.15 51.45 19.43
C ALA E 158 -32.03 50.83 18.65
N PRO E 159 -31.73 51.40 17.49
CA PRO E 159 -30.68 50.89 16.64
C PRO E 159 -29.28 51.35 17.06
N GLY E 160 -28.32 50.45 16.91
CA GLY E 160 -26.92 50.74 17.22
C GLY E 160 -26.63 50.83 18.70
N GLY E 161 -25.67 51.69 19.04
CA GLY E 161 -25.26 51.88 20.41
C GLY E 161 -23.93 51.16 20.56
N ILE E 162 -23.07 51.68 21.44
CA ILE E 162 -21.78 51.07 21.65
C ILE E 162 -21.89 50.01 22.74
N ASP E 163 -21.35 48.84 22.46
CA ASP E 163 -21.38 47.74 23.42
C ASP E 163 -20.18 47.96 24.34
N ILE E 164 -20.43 48.62 25.46
CA ILE E 164 -19.35 48.91 26.38
C ILE E 164 -18.64 47.66 26.81
N ASN E 165 -19.42 46.63 27.14
CA ASN E 165 -18.86 45.36 27.56
C ASN E 165 -17.88 44.76 26.54
N ALA E 166 -18.23 44.88 25.26
CA ALA E 166 -17.41 44.35 24.18
C ALA E 166 -16.26 45.26 23.81
N SER E 167 -16.38 46.54 24.17
CA SER E 167 -15.34 47.49 23.85
C SER E 167 -14.23 47.57 24.88
N PHE E 168 -14.58 47.36 26.15
CA PHE E 168 -13.60 47.42 27.24
C PHE E 168 -13.53 46.20 28.15
N SER E 169 -12.44 46.21 28.89
CA SER E 169 -12.07 45.21 29.84
C SER E 169 -12.59 45.62 31.17
N ARG E 170 -12.85 44.64 32.03
CA ARG E 170 -13.34 44.89 33.40
C ARG E 170 -12.16 45.13 34.35
N ASN E 171 -12.40 45.81 35.47
CA ASN E 171 -11.32 46.00 36.44
C ASN E 171 -10.20 46.79 35.75
N HIS E 172 -10.59 47.50 34.68
CA HIS E 172 -9.72 48.40 33.88
C HIS E 172 -10.51 49.72 33.55
N ASN E 173 -9.78 50.83 33.45
CA ASN E 173 -10.38 52.13 33.10
C ASN E 173 -11.02 52.19 31.73
N PRO E 174 -12.11 52.94 31.61
CA PRO E 174 -12.67 53.66 32.73
C PRO E 174 -13.75 53.01 33.59
N PHE E 175 -13.64 51.71 33.93
CA PHE E 175 -14.63 51.08 34.83
C PHE E 175 -16.09 51.46 34.61
N PRO E 176 -16.54 51.26 33.39
CA PRO E 176 -17.94 51.57 33.02
C PRO E 176 -18.86 50.40 33.39
N ASN E 177 -20.14 50.68 33.37
CA ASN E 177 -21.13 49.66 33.65
C ASN E 177 -21.01 48.74 32.40
N GLN E 178 -20.67 47.45 32.60
CA GLN E 178 -20.46 46.53 31.47
C GLN E 178 -21.76 46.17 30.75
N ASP E 179 -22.82 46.20 31.53
CA ASP E 179 -24.14 46.08 30.94
C ASP E 179 -24.56 47.35 30.22
N GLU E 180 -23.63 48.29 30.07
CA GLU E 180 -23.95 49.55 29.43
C GLU E 180 -23.91 49.57 27.93
N ILE E 181 -24.81 50.36 27.36
CA ILE E 181 -24.90 50.59 25.93
C ILE E 181 -24.95 52.10 25.77
N THR E 182 -23.92 52.65 25.14
CA THR E 182 -23.84 54.10 24.98
C THR E 182 -24.28 54.55 23.61
N PHE E 183 -25.08 55.62 23.60
CA PHE E 183 -25.61 56.17 22.36
C PHE E 183 -25.09 57.57 22.09
N PRO E 184 -24.18 57.68 21.14
CA PRO E 184 -23.63 58.97 20.75
C PRO E 184 -24.78 59.71 20.06
N GLY E 185 -25.05 60.94 20.51
CA GLY E 185 -26.14 61.71 19.91
C GLY E 185 -27.48 61.48 20.58
N GLY E 186 -27.48 60.61 21.59
CA GLY E 186 -28.72 60.33 22.33
C GLY E 186 -29.66 59.38 21.59
N ILE E 187 -30.91 59.39 22.02
CA ILE E 187 -31.95 58.52 21.45
C ILE E 187 -33.24 59.32 21.21
N ARG E 188 -33.92 59.06 20.09
CA ARG E 188 -35.18 59.75 19.80
C ARG E 188 -36.34 59.10 20.56
N PRO E 189 -37.35 59.90 20.90
CA PRO E 189 -38.50 59.42 21.67
C PRO E 189 -39.18 58.17 21.09
N GLU E 190 -39.23 58.11 19.77
CA GLU E 190 -39.86 56.99 19.09
C GLU E 190 -39.25 55.64 19.45
N PHE E 191 -38.11 55.64 20.14
CA PHE E 191 -37.44 54.39 20.52
C PHE E 191 -37.68 54.03 21.96
N ILE E 192 -38.38 54.91 22.67
CA ILE E 192 -38.68 54.69 24.07
C ILE E 192 -40.12 54.18 24.13
N ARG E 193 -40.27 52.89 24.41
CA ARG E 193 -41.60 52.28 24.46
C ARG E 193 -42.43 52.61 25.70
N SER E 194 -41.83 52.51 26.87
CA SER E 194 -42.55 52.78 28.11
C SER E 194 -41.62 53.19 29.23
N THR E 195 -42.19 53.39 30.41
CA THR E 195 -41.42 53.76 31.59
C THR E 195 -42.23 53.55 32.87
N TYR E 196 -41.55 53.14 33.94
CA TYR E 196 -42.19 52.93 35.23
C TYR E 196 -41.94 54.16 36.06
N GLU E 197 -42.98 54.70 36.70
CA GLU E 197 -42.80 55.87 37.54
C GLU E 197 -42.70 55.41 38.97
N TYR E 198 -41.54 55.62 39.59
CA TYR E 198 -41.33 55.19 40.95
C TYR E 198 -41.43 56.34 41.93
N HIS E 199 -41.99 56.04 43.10
CA HIS E 199 -42.10 57.02 44.15
C HIS E 199 -41.59 56.33 45.40
N ASN E 200 -40.40 56.75 45.83
CA ASN E 200 -39.76 56.15 46.98
C ASN E 200 -39.62 54.65 46.86
N GLY E 201 -39.16 54.21 45.68
CA GLY E 201 -38.91 52.80 45.44
C GLY E 201 -40.14 51.95 45.11
N GLU E 202 -41.29 52.60 44.96
CA GLU E 202 -42.53 51.89 44.65
C GLU E 202 -43.13 52.30 43.32
N ILE E 203 -43.43 51.31 42.46
CA ILE E 203 -44.03 51.61 41.18
C ILE E 203 -45.37 52.29 41.41
N VAL E 204 -45.60 53.38 40.72
CA VAL E 204 -46.82 54.14 40.90
C VAL E 204 -47.67 54.14 39.63
N ARG E 205 -47.00 54.14 38.48
CA ARG E 205 -47.69 54.15 37.21
C ARG E 205 -46.80 53.55 36.12
N ILE E 206 -47.42 53.11 35.05
CA ILE E 206 -46.67 52.56 33.93
C ILE E 206 -47.10 53.37 32.71
N TRP E 207 -46.17 54.11 32.13
CA TRP E 207 -46.50 54.92 30.98
C TRP E 207 -46.20 54.22 29.67
N ILE E 208 -47.04 54.50 28.68
CA ILE E 208 -46.87 53.92 27.36
C ILE E 208 -46.71 55.03 26.31
N ASN E 209 -45.76 54.84 25.42
CA ASN E 209 -45.50 55.84 24.40
C ASN E 209 -46.27 55.46 23.14
N PRO E 210 -47.39 56.13 22.93
CA PRO E 210 -48.23 55.88 21.77
C PRO E 210 -47.41 56.05 20.50
N ASN E 211 -46.46 56.96 20.54
CA ASN E 211 -45.61 57.24 19.40
C ASN E 211 -44.43 56.28 19.21
N PHE E 212 -44.41 55.20 19.98
CA PHE E 212 -43.33 54.24 19.85
C PHE E 212 -43.23 53.72 18.42
N ILE E 213 -41.99 53.57 17.96
CA ILE E 213 -41.70 53.12 16.61
C ILE E 213 -42.54 51.96 16.07
N ASN E 214 -42.82 50.96 16.91
CA ASN E 214 -43.61 49.79 16.50
C ASN E 214 -44.77 49.56 17.45
N PRO E 215 -45.81 50.37 17.26
CA PRO E 215 -47.01 50.36 18.10
C PRO E 215 -47.69 49.01 18.25
N SER E 216 -47.48 48.12 17.27
CA SER E 216 -48.08 46.80 17.32
C SER E 216 -47.69 46.08 18.61
N THR E 217 -46.52 46.43 19.14
CA THR E 217 -46.01 45.80 20.36
C THR E 217 -46.32 46.52 21.66
N LEU E 218 -46.97 47.68 21.58
CA LEU E 218 -47.31 48.44 22.79
C LEU E 218 -48.07 47.53 23.75
N ASN E 219 -48.61 46.47 23.18
CA ASN E 219 -49.34 45.46 23.91
C ASN E 219 -48.43 44.69 24.87
N ASP E 220 -47.29 44.24 24.37
CA ASP E 220 -46.34 43.45 25.15
C ASP E 220 -45.75 44.09 26.40
N VAL E 221 -46.10 45.35 26.68
CA VAL E 221 -45.58 46.02 27.85
C VAL E 221 -45.92 45.34 29.17
N SER E 222 -44.96 44.59 29.70
CA SER E 222 -45.12 43.87 30.97
C SER E 222 -45.21 44.86 32.12
N GLY E 223 -45.57 44.36 33.30
CA GLY E 223 -45.69 45.22 34.47
C GLY E 223 -46.57 44.60 35.54
N PRO E 224 -46.42 45.11 36.76
CA PRO E 224 -47.18 44.61 37.90
C PRO E 224 -48.69 44.82 37.75
N SER E 225 -49.44 43.95 38.42
CA SER E 225 -50.89 44.00 38.41
C SER E 225 -51.35 45.03 39.43
N ASN E 226 -52.51 45.63 39.16
CA ASN E 226 -53.08 46.63 40.04
C ASN E 226 -52.32 47.95 40.03
N ILE E 227 -51.65 48.23 38.91
CA ILE E 227 -50.89 49.47 38.74
C ILE E 227 -51.29 50.13 37.43
N SER E 228 -51.95 51.28 37.53
CA SER E 228 -52.43 52.02 36.36
C SER E 228 -51.47 52.06 35.17
N LYS E 229 -51.90 51.50 34.04
CA LYS E 229 -51.10 51.48 32.83
C LYS E 229 -51.57 52.61 31.91
N VAL E 230 -51.16 53.83 32.21
CA VAL E 230 -51.56 55.01 31.42
C VAL E 230 -50.89 55.18 30.06
N PHE E 231 -51.59 55.88 29.18
CA PHE E 231 -51.09 56.17 27.85
C PHE E 231 -50.69 57.63 27.80
N TRP E 232 -49.40 57.88 27.60
CA TRP E 232 -48.92 59.25 27.57
C TRP E 232 -49.40 60.02 26.36
N HIS E 233 -49.59 61.32 26.58
CA HIS E 233 -49.95 62.26 25.55
C HIS E 233 -49.31 63.57 25.97
N GLU E 234 -48.85 64.35 25.00
CA GLU E 234 -48.18 65.61 25.27
C GLU E 234 -48.85 66.42 26.38
N ASN E 235 -48.05 67.14 27.15
CA ASN E 235 -48.55 67.97 28.24
C ASN E 235 -49.51 67.28 29.20
N HIS E 236 -49.46 65.96 29.23
CA HIS E 236 -50.29 65.17 30.13
C HIS E 236 -50.18 65.72 31.55
N SER E 237 -51.30 65.80 32.25
CA SER E 237 -51.33 66.35 33.61
C SER E 237 -50.44 65.67 34.64
N GLU E 238 -50.31 64.35 34.55
CA GLU E 238 -49.52 63.62 35.53
C GLU E 238 -48.22 63.07 34.96
N GLY E 239 -47.84 63.61 33.81
CA GLY E 239 -46.62 63.18 33.15
C GLY E 239 -45.48 64.14 33.43
N ASN E 240 -45.60 64.89 34.51
CA ASN E 240 -44.54 65.85 34.85
C ASN E 240 -44.14 65.80 36.32
N ASN E 241 -44.36 64.66 36.95
CA ASN E 241 -44.00 64.50 38.36
C ASN E 241 -42.51 64.22 38.50
N MET E 242 -41.80 65.12 39.19
CA MET E 242 -40.37 64.95 39.39
C MET E 242 -39.82 65.68 40.59
N ASP E 243 -38.64 65.28 41.05
CA ASP E 243 -38.02 65.88 42.21
C ASP E 243 -37.86 67.39 42.07
N SER E 244 -38.04 68.08 43.20
CA SER E 244 -37.94 69.53 43.27
C SER E 244 -36.75 70.16 42.54
N GLN E 255 -28.45 65.16 34.70
CA GLN E 255 -29.48 64.19 34.35
C GLN E 255 -28.90 62.80 34.11
N ASP E 256 -27.59 62.75 33.89
CA ASP E 256 -26.92 61.49 33.61
C ASP E 256 -26.39 60.89 34.91
N PHE E 257 -26.71 61.54 36.03
CA PHE E 257 -26.23 61.10 37.32
C PHE E 257 -26.51 59.66 37.72
N ASP E 258 -27.76 59.23 37.63
CA ASP E 258 -28.10 57.89 38.04
C ASP E 258 -27.71 56.77 37.09
N MET E 259 -27.09 57.14 35.97
CA MET E 259 -26.64 56.13 35.00
C MET E 259 -25.13 56.00 35.06
N PHE E 260 -24.53 56.79 35.96
CA PHE E 260 -23.10 56.80 36.15
C PHE E 260 -22.68 55.57 36.93
N ALA E 261 -21.78 54.79 36.35
CA ALA E 261 -21.28 53.55 36.94
C ALA E 261 -21.19 53.46 38.46
N PRO E 262 -20.42 54.36 39.07
CA PRO E 262 -20.25 54.36 40.52
C PRO E 262 -21.53 54.66 41.30
N ASN E 263 -22.53 55.21 40.61
CA ASN E 263 -23.77 55.56 41.28
C ASN E 263 -24.83 54.46 41.27
N GLY E 264 -24.40 53.25 40.93
CA GLY E 264 -25.31 52.11 40.90
C GLY E 264 -24.56 50.80 40.72
N GLU E 265 -25.32 49.71 40.67
CA GLU E 265 -24.74 48.39 40.50
C GLU E 265 -25.86 47.39 40.32
N ILE E 266 -25.52 46.15 39.96
CA ILE E 266 -26.50 45.09 39.82
C ILE E 266 -26.66 44.50 41.21
N PRO E 267 -27.70 44.91 41.92
CA PRO E 267 -27.92 44.47 43.29
C PRO E 267 -27.98 42.96 43.53
N ASN E 268 -28.65 42.23 42.65
CA ASN E 268 -28.82 40.80 42.81
C ASN E 268 -29.25 40.15 41.49
N ASN E 269 -29.56 38.86 41.54
CA ASN E 269 -30.00 38.14 40.36
C ASN E 269 -31.39 37.58 40.54
N ASN E 270 -32.12 38.17 41.48
CA ASN E 270 -33.49 37.75 41.78
C ASN E 270 -34.41 38.11 40.63
N LEU E 271 -35.52 37.40 40.54
CA LEU E 271 -36.51 37.66 39.52
C LEU E 271 -37.24 38.92 39.92
N LEU E 272 -38.08 39.45 39.05
CA LEU E 272 -38.81 40.66 39.36
C LEU E 272 -40.26 40.41 39.78
N ASP F 20 13.24 43.81 34.56
CA ASP F 20 14.32 44.72 34.99
C ASP F 20 14.14 46.18 34.61
N ASN F 21 14.64 47.08 35.45
CA ASN F 21 14.50 48.52 35.18
C ASN F 21 15.67 49.07 34.37
N THR F 22 16.05 48.28 33.38
CA THR F 22 17.15 48.60 32.49
C THR F 22 16.75 49.65 31.42
N TRP F 23 15.47 49.79 31.14
CA TRP F 23 15.09 50.74 30.11
C TRP F 23 15.49 52.18 30.45
N ILE F 24 15.41 52.56 31.73
CA ILE F 24 15.81 53.91 32.18
C ILE F 24 17.16 53.91 32.88
N GLN F 25 17.84 52.77 32.81
CA GLN F 25 19.16 52.60 33.41
C GLN F 25 20.12 53.61 32.79
N ALA F 26 19.71 54.21 31.68
CA ALA F 26 20.53 55.17 30.98
C ALA F 26 20.38 56.53 31.64
N ALA F 27 19.16 56.77 32.13
CA ALA F 27 18.69 57.99 32.77
C ALA F 27 19.79 58.77 33.47
N SER F 28 19.87 60.07 33.18
CA SER F 28 20.87 60.92 33.85
C SER F 28 20.16 61.69 34.97
N LEU F 29 18.83 61.57 35.01
CA LEU F 29 17.99 62.21 36.03
C LEU F 29 17.94 61.28 37.26
N THR F 30 18.76 61.62 38.26
CA THR F 30 18.90 60.84 39.50
C THR F 30 17.59 60.35 40.16
N TRP F 31 16.65 61.27 40.33
CA TRP F 31 15.37 60.94 40.96
C TRP F 31 14.52 59.95 40.15
N LEU F 32 14.75 59.87 38.84
CA LEU F 32 13.98 58.94 38.01
C LEU F 32 13.98 57.51 38.57
N LEU F 38 5.71 51.60 37.23
CA LEU F 38 4.80 52.73 37.56
C LEU F 38 4.97 53.79 36.48
N LEU F 39 6.22 54.23 36.37
CA LEU F 39 6.65 55.22 35.38
C LEU F 39 6.36 54.56 34.09
N TYR F 40 6.79 53.30 33.98
CA TYR F 40 6.55 52.53 32.77
C TYR F 40 5.07 52.54 32.35
N GLN F 41 4.19 52.41 33.33
CA GLN F 41 2.74 52.33 33.10
C GLN F 41 2.01 53.66 33.08
N LEU F 42 2.74 54.72 33.38
CA LEU F 42 2.16 56.07 33.41
C LEU F 42 2.29 56.55 31.97
N ILE F 43 3.38 56.06 31.38
CA ILE F 43 3.74 56.37 30.01
C ILE F 43 2.96 55.54 29.03
N SER F 44 3.03 54.22 29.19
CA SER F 44 2.39 53.32 28.24
C SER F 44 0.87 53.19 28.19
N THR F 45 0.17 53.37 29.31
CA THR F 45 -1.29 53.23 29.23
C THR F 45 -1.99 54.31 28.43
N ARG F 46 -1.45 55.52 28.42
CA ARG F 46 -2.05 56.63 27.70
C ARG F 46 -2.14 56.37 26.19
N ILE F 47 -1.10 55.78 25.63
CA ILE F 47 -1.05 55.52 24.20
C ILE F 47 -2.24 54.75 23.60
N PRO F 48 -2.93 55.39 22.65
CA PRO F 48 -4.06 54.78 21.98
C PRO F 48 -3.59 53.58 21.16
N SER F 49 -4.51 52.69 20.85
CA SER F 49 -4.21 51.47 20.09
C SER F 49 -3.86 51.78 18.64
N PHE F 50 -4.45 52.85 18.10
CA PHE F 50 -4.23 53.28 16.74
C PHE F 50 -2.72 53.57 16.59
N ALA F 51 -2.19 54.43 17.47
CA ALA F 51 -0.76 54.77 17.44
C ALA F 51 0.15 53.59 17.88
N SER F 52 -0.18 52.99 19.01
CA SER F 52 0.59 51.86 19.51
C SER F 52 -0.33 50.67 19.64
N PRO F 53 -0.33 49.83 18.61
CA PRO F 53 -1.18 48.66 18.59
C PRO F 53 -0.70 47.76 19.69
N ASN F 54 0.23 46.88 19.26
CA ASN F 54 0.94 45.90 20.09
C ASN F 54 1.31 46.44 21.46
N GLY F 55 1.95 47.60 21.50
CA GLY F 55 2.30 48.21 22.77
C GLY F 55 3.60 48.94 22.66
N LEU F 56 4.14 49.32 23.81
CA LEU F 56 5.40 50.02 23.92
C LEU F 56 6.53 49.02 24.19
N HIS F 57 7.28 48.70 23.14
CA HIS F 57 8.39 47.77 23.28
C HIS F 57 9.75 48.46 23.38
N MET F 58 10.65 47.90 24.19
CA MET F 58 11.99 48.46 24.40
C MET F 58 13.15 47.68 23.76
N ARG F 59 14.22 48.41 23.44
CA ARG F 59 15.41 47.81 22.85
C ARG F 59 15.91 46.63 23.73
N GLU F 60 16.11 45.47 23.11
CA GLU F 60 16.60 44.28 23.81
C GLU F 60 18.09 44.15 23.52
N GLN F 61 18.71 43.13 24.12
CA GLN F 61 20.14 42.85 23.97
C GLN F 61 21.05 44.07 24.09
N THR F 62 20.56 45.08 24.80
CA THR F 62 21.31 46.32 25.02
C THR F 62 22.50 46.01 25.91
N ILE F 63 22.35 44.95 26.68
CA ILE F 63 23.36 44.52 27.62
C ILE F 63 23.78 43.07 27.39
N ASP F 64 25.08 42.86 27.55
CA ASP F 64 25.65 41.54 27.41
C ASP F 64 24.85 40.59 28.30
N SER F 65 24.08 39.71 27.67
CA SER F 65 23.26 38.74 28.40
C SER F 65 24.09 37.65 29.09
N ASN F 66 25.41 37.88 29.14
CA ASN F 66 26.38 36.99 29.79
C ASN F 66 26.99 37.90 30.88
N THR F 67 27.83 38.85 30.44
CA THR F 67 28.53 39.82 31.29
C THR F 67 27.65 40.70 32.17
N GLY F 68 26.95 41.60 31.49
CA GLY F 68 26.11 42.63 32.07
C GLY F 68 26.68 43.96 31.54
N GLN F 69 27.43 43.87 30.44
CA GLN F 69 28.05 45.05 29.82
C GLN F 69 27.32 45.64 28.59
N ILE F 70 27.50 46.93 28.38
CA ILE F 70 26.90 47.65 27.27
C ILE F 70 27.25 47.06 25.91
N GLN F 71 26.25 46.53 25.22
CA GLN F 71 26.48 45.95 23.90
C GLN F 71 27.01 47.00 22.94
N ILE F 72 28.19 46.72 22.37
CA ILE F 72 28.79 47.74 21.52
C ILE F 72 28.99 47.26 20.09
N ASP F 73 27.91 47.21 19.34
CA ASP F 73 27.98 46.79 17.94
C ASP F 73 27.26 47.79 17.05
N ASN F 74 27.15 47.46 15.77
CA ASN F 74 26.49 48.35 14.82
C ASN F 74 24.98 48.33 14.99
N GLU F 75 24.43 47.16 15.31
CA GLU F 75 22.99 47.00 15.50
C GLU F 75 22.49 47.95 16.58
N HIS F 76 23.29 48.14 17.62
CA HIS F 76 22.89 49.01 18.72
C HIS F 76 23.56 50.37 18.78
N ARG F 77 24.20 50.77 17.68
CA ARG F 77 24.83 52.08 17.65
C ARG F 77 23.73 53.11 17.47
N LEU F 78 23.81 54.18 18.25
CA LEU F 78 22.81 55.24 18.21
C LEU F 78 23.46 56.59 18.06
N LEU F 79 22.71 57.55 17.56
CA LEU F 79 23.24 58.90 17.38
C LEU F 79 22.25 59.96 17.82
N ARG F 80 22.78 61.10 18.22
CA ARG F 80 21.95 62.22 18.61
C ARG F 80 22.55 63.51 18.10
N TRP F 81 21.76 64.22 17.31
CA TRP F 81 22.17 65.50 16.75
C TRP F 81 21.83 66.52 17.82
N ASP F 82 22.85 67.23 18.28
CA ASP F 82 22.66 68.24 19.31
C ASP F 82 23.57 69.41 19.01
N ARG F 83 23.13 70.61 19.37
CA ARG F 83 23.92 71.81 19.14
C ARG F 83 24.76 72.24 20.32
N ARG F 84 24.69 71.44 21.39
CA ARG F 84 25.44 71.69 22.62
C ARG F 84 26.80 71.00 22.55
N PRO F 85 27.85 71.71 22.98
CA PRO F 85 29.20 71.18 22.93
C PRO F 85 29.49 70.11 23.98
N PRO F 86 30.55 69.33 23.73
CA PRO F 86 30.94 68.25 24.62
C PRO F 86 31.23 68.67 26.06
N ASN F 87 31.72 69.89 26.23
CA ASN F 87 32.02 70.41 27.56
C ASN F 87 30.78 70.27 28.45
N ASP F 88 29.63 70.27 27.81
CA ASP F 88 28.35 70.12 28.49
C ASP F 88 28.00 68.64 28.46
N ILE F 89 27.81 68.14 27.25
CA ILE F 89 27.42 66.76 27.03
C ILE F 89 28.29 65.68 27.66
N PHE F 90 29.60 65.72 27.39
CA PHE F 90 30.51 64.72 27.92
C PHE F 90 30.58 64.78 29.44
N LEU F 91 30.12 65.91 29.97
CA LEU F 91 30.10 66.17 31.39
C LEU F 91 28.79 65.74 32.05
N ASN F 92 27.69 66.32 31.59
CA ASN F 92 26.36 66.03 32.13
C ASN F 92 25.58 64.93 31.43
N GLY F 93 25.97 64.59 30.21
CA GLY F 93 25.25 63.57 29.45
C GLY F 93 24.00 64.25 28.88
N PHE F 94 23.00 63.46 28.50
CA PHE F 94 21.78 64.04 27.97
C PHE F 94 20.70 64.05 29.04
N ILE F 95 20.41 65.24 29.55
CA ILE F 95 19.39 65.38 30.58
C ILE F 95 18.11 65.94 29.96
N PRO F 96 17.00 65.25 30.21
CA PRO F 96 15.70 65.64 29.68
C PRO F 96 15.38 67.09 30.00
N ARG F 97 14.45 67.66 29.25
CA ARG F 97 14.06 69.03 29.48
C ARG F 97 13.33 69.15 30.82
N VAL F 98 12.71 68.08 31.25
CA VAL F 98 12.05 68.06 32.53
C VAL F 98 13.04 67.39 33.48
N THR F 99 13.65 68.29 34.22
CA THR F 99 14.70 68.02 35.19
C THR F 99 14.38 68.01 36.70
N ASN F 100 13.28 68.68 37.09
CA ASN F 100 12.89 68.74 38.49
C ASN F 100 12.11 67.53 39.05
N GLN F 101 12.51 67.10 40.25
CA GLN F 101 11.86 65.97 40.92
C GLN F 101 10.36 66.26 41.06
N ASN F 102 10.04 67.55 41.18
CA ASN F 102 8.70 68.06 41.34
C ASN F 102 8.06 68.47 40.01
N LEU F 103 7.97 67.52 39.09
CA LEU F 103 7.42 67.72 37.77
C LEU F 103 5.93 67.39 37.67
N SER F 104 5.33 67.65 36.51
CA SER F 104 3.94 67.32 36.26
C SER F 104 3.88 66.00 35.51
N PRO F 105 3.93 64.89 36.23
CA PRO F 105 3.94 63.58 35.61
C PRO F 105 2.99 63.30 34.45
N VAL F 106 1.76 63.80 34.58
CA VAL F 106 0.71 63.55 33.60
C VAL F 106 1.06 64.11 32.26
N GLU F 107 1.82 65.19 32.25
CA GLU F 107 2.15 65.82 31.00
C GLU F 107 3.62 65.72 30.72
N ASP F 108 4.40 65.21 31.67
CA ASP F 108 5.81 65.05 31.38
C ASP F 108 6.25 63.67 31.00
N THR F 109 5.33 62.72 31.01
CA THR F 109 5.61 61.34 30.62
C THR F 109 4.68 60.95 29.48
N HIS F 110 4.05 61.96 28.87
CA HIS F 110 3.16 61.71 27.75
C HIS F 110 4.03 61.57 26.52
N LEU F 111 4.28 60.32 26.15
CA LEU F 111 5.13 60.00 25.01
C LEU F 111 4.60 60.57 23.71
N LEU F 112 3.40 60.13 23.34
CA LEU F 112 2.78 60.62 22.10
C LEU F 112 2.81 62.13 21.97
N ASN F 113 2.49 62.83 23.06
CA ASN F 113 2.50 64.28 22.97
C ASN F 113 3.93 64.82 22.75
N TYR F 114 4.92 64.13 23.27
CA TYR F 114 6.31 64.53 23.12
C TYR F 114 6.72 64.31 21.67
N LEU F 115 6.38 63.13 21.18
CA LEU F 115 6.69 62.72 19.82
C LEU F 115 5.99 63.56 18.77
N ARG F 116 4.82 64.09 19.09
CA ARG F 116 4.07 64.85 18.11
C ARG F 116 4.36 66.33 18.18
N THR F 117 4.60 66.83 19.38
CA THR F 117 4.79 68.26 19.53
C THR F 117 6.16 68.71 20.03
N ASN F 118 6.93 67.79 20.58
CA ASN F 118 8.24 68.14 21.10
C ASN F 118 8.12 69.00 22.35
N SER F 119 7.00 68.83 23.06
CA SER F 119 6.75 69.54 24.31
C SER F 119 7.76 69.00 25.32
N PRO F 120 8.13 69.81 26.30
CA PRO F 120 9.11 69.37 27.30
C PRO F 120 8.69 68.07 27.97
N SER F 121 9.64 67.15 28.12
CA SER F 121 9.34 65.87 28.75
C SER F 121 10.54 65.28 29.47
N ILE F 122 10.41 64.02 29.86
CA ILE F 122 11.49 63.32 30.54
C ILE F 122 12.22 62.48 29.51
N PHE F 123 11.77 62.57 28.26
CA PHE F 123 12.36 61.80 27.18
C PHE F 123 13.51 62.49 26.47
N VAL F 124 14.44 61.67 26.00
CA VAL F 124 15.59 62.12 25.24
C VAL F 124 15.63 61.24 23.99
N SER F 125 15.66 61.88 22.83
CA SER F 125 15.65 61.14 21.58
C SER F 125 17.01 60.85 20.96
N THR F 126 17.09 59.75 20.26
CA THR F 126 18.30 59.35 19.55
C THR F 126 17.78 58.66 18.30
N THR F 127 18.67 58.51 17.33
CA THR F 127 18.31 57.85 16.10
C THR F 127 19.32 56.74 15.79
N ARG F 128 18.81 55.60 15.32
CA ARG F 128 19.67 54.49 14.96
C ARG F 128 20.68 54.95 13.92
N ALA F 129 21.88 54.36 13.98
CA ALA F 129 22.93 54.64 13.02
C ALA F 129 22.57 53.70 11.85
N ARG F 130 22.77 54.15 10.61
CA ARG F 130 22.38 53.33 9.46
C ARG F 130 23.49 52.63 8.69
N TYR F 131 23.24 51.39 8.30
CA TYR F 131 24.21 50.59 7.56
C TYR F 131 23.60 49.83 6.38
N ASN F 132 24.42 49.60 5.36
CA ASN F 132 23.95 48.84 4.20
C ASN F 132 24.09 47.37 4.53
N ASN F 133 23.72 46.51 3.58
CA ASN F 133 23.80 45.07 3.79
C ASN F 133 25.23 44.57 3.74
N LEU F 134 26.19 45.46 3.87
CA LEU F 134 27.59 45.07 3.83
C LEU F 134 28.24 45.45 5.15
N GLY F 135 27.50 46.20 5.96
CA GLY F 135 28.00 46.65 7.25
C GLY F 135 28.64 48.02 7.11
N LEU F 136 28.41 48.66 5.96
CA LEU F 136 28.97 49.97 5.71
C LEU F 136 27.97 51.04 6.10
N GLU F 137 28.44 52.05 6.84
CA GLU F 137 27.56 53.10 7.30
C GLU F 137 27.02 53.98 6.17
N ILE F 138 25.72 54.23 6.20
CA ILE F 138 25.05 55.07 5.21
C ILE F 138 24.38 56.21 5.98
N THR F 139 23.90 57.21 5.25
CA THR F 139 23.29 58.38 5.88
C THR F 139 22.17 58.05 6.87
N PRO F 140 22.25 58.66 8.04
CA PRO F 140 21.25 58.47 9.08
C PRO F 140 20.21 59.59 9.02
N TRP F 141 19.16 59.50 9.83
CA TRP F 141 18.15 60.55 9.90
C TRP F 141 18.94 61.81 10.22
N THR F 142 18.77 62.85 9.41
CA THR F 142 19.53 64.07 9.62
C THR F 142 18.67 65.31 9.72
N PRO F 143 18.99 66.16 10.68
CA PRO F 143 18.27 67.41 10.88
C PRO F 143 18.39 68.24 9.61
N HIS F 144 17.37 69.02 9.30
CA HIS F 144 17.42 69.84 8.10
C HIS F 144 18.44 70.98 8.28
N SER F 145 18.63 71.42 9.52
CA SER F 145 19.54 72.51 9.82
C SER F 145 20.98 72.08 9.90
N ALA F 146 21.22 70.78 9.72
CA ALA F 146 22.56 70.23 9.84
C ALA F 146 23.70 71.02 9.19
N ASN F 147 23.46 71.59 8.00
CA ASN F 147 24.50 72.34 7.30
C ASN F 147 24.68 73.78 7.75
N ASN F 148 23.94 74.18 8.78
CA ASN F 148 24.04 75.55 9.26
C ASN F 148 24.66 75.65 10.64
N ASN F 149 25.71 76.44 10.74
CA ASN F 149 26.40 76.67 12.00
C ASN F 149 26.95 75.43 12.71
N ILE F 150 27.11 75.56 14.02
CA ILE F 150 27.66 74.48 14.83
C ILE F 150 26.65 73.52 15.44
N ILE F 151 26.76 72.26 15.01
CA ILE F 151 25.92 71.17 15.49
C ILE F 151 26.83 69.96 15.75
N TYR F 152 26.46 69.11 16.70
CA TYR F 152 27.26 67.94 17.03
C TYR F 152 26.51 66.64 16.73
N ARG F 153 27.26 65.62 16.35
CA ARG F 153 26.69 64.31 16.04
C ARG F 153 27.25 63.31 17.04
N TYR F 154 26.56 63.19 18.18
CA TYR F 154 26.98 62.29 19.25
C TYR F 154 26.75 60.81 18.98
N GLU F 155 27.70 60.00 19.43
CA GLU F 155 27.63 58.54 19.27
C GLU F 155 27.32 57.93 20.62
N ILE F 156 26.26 57.14 20.66
CA ILE F 156 25.82 56.56 21.91
C ILE F 156 25.65 55.05 21.82
N PHE F 157 25.98 54.41 22.94
CA PHE F 157 25.81 52.97 23.16
C PHE F 157 25.30 52.94 24.60
N ALA F 158 24.02 52.66 24.77
CA ALA F 158 23.41 52.65 26.09
C ALA F 158 22.39 51.54 26.21
N PRO F 159 22.08 51.20 27.46
CA PRO F 159 21.12 50.15 27.72
C PRO F 159 19.66 50.61 27.64
N GLY F 160 18.81 49.73 27.14
CA GLY F 160 17.39 49.99 27.02
C GLY F 160 17.04 50.98 25.94
N GLY F 161 15.98 51.75 26.20
CA GLY F 161 15.49 52.73 25.25
C GLY F 161 14.25 52.14 24.61
N ILE F 162 13.32 53.01 24.23
CA ILE F 162 12.09 52.53 23.62
C ILE F 162 12.28 52.45 22.12
N ASP F 163 11.88 51.32 21.54
CA ASP F 163 11.99 51.13 20.10
C ASP F 163 10.76 51.75 19.49
N ILE F 164 10.88 53.01 19.07
CA ILE F 164 9.74 53.71 18.51
C ILE F 164 9.17 52.96 17.34
N ASN F 165 10.04 52.49 16.47
CA ASN F 165 9.61 51.73 15.30
C ASN F 165 8.75 50.52 15.65
N ALA F 166 9.13 49.81 16.71
CA ALA F 166 8.41 48.62 17.15
C ALA F 166 7.18 48.95 17.97
N SER F 167 7.14 50.16 18.52
CA SER F 167 6.01 50.55 19.35
C SER F 167 4.87 51.16 18.55
N PHE F 168 5.19 51.85 17.46
CA PHE F 168 4.17 52.50 16.64
C PHE F 168 4.21 52.16 15.15
N SER F 169 3.05 52.39 14.55
CA SER F 169 2.82 52.26 13.11
C SER F 169 3.63 53.31 12.37
N ARG F 170 3.83 53.08 11.05
CA ARG F 170 4.60 54.02 10.21
C ARG F 170 3.78 55.24 9.71
N ASN F 171 2.54 54.99 9.31
CA ASN F 171 1.70 56.06 8.78
C ASN F 171 0.67 56.52 9.75
N HIS F 172 0.88 56.33 11.05
CA HIS F 172 -0.09 56.72 12.06
C HIS F 172 0.48 57.71 13.07
N ASN F 173 -0.39 58.51 13.70
CA ASN F 173 0.05 59.48 14.70
C ASN F 173 0.81 58.67 15.75
N PRO F 174 1.94 59.19 16.30
CA PRO F 174 2.42 60.53 15.96
C PRO F 174 3.53 60.67 14.93
N PHE F 175 3.56 59.79 13.92
CA PHE F 175 4.53 59.87 12.81
C PHE F 175 5.93 60.10 13.33
N PRO F 176 6.40 59.24 14.22
CA PRO F 176 7.72 59.48 14.75
C PRO F 176 8.79 59.08 13.77
N ASN F 177 10.04 59.28 14.17
CA ASN F 177 11.19 58.90 13.36
C ASN F 177 11.31 57.45 13.73
N GLN F 178 10.84 56.58 12.84
CA GLN F 178 10.90 55.12 13.04
C GLN F 178 12.29 54.73 13.56
N ASP F 179 13.30 55.38 13.01
CA ASP F 179 14.65 55.04 13.42
C ASP F 179 14.94 55.59 14.82
N GLU F 180 13.93 56.09 15.50
CA GLU F 180 14.13 56.67 16.82
C GLU F 180 14.13 55.70 17.97
N ILE F 181 14.96 56.04 18.96
CA ILE F 181 15.07 55.29 20.19
C ILE F 181 14.96 56.33 21.29
N THR F 182 13.90 56.24 22.08
CA THR F 182 13.67 57.20 23.14
C THR F 182 14.10 56.71 24.50
N PHE F 183 14.76 57.60 25.23
CA PHE F 183 15.28 57.27 26.55
C PHE F 183 14.62 58.09 27.64
N PRO F 184 13.74 57.46 28.40
CA PRO F 184 13.07 58.12 29.50
C PRO F 184 14.13 58.37 30.56
N GLY F 185 14.26 59.61 31.02
CA GLY F 185 15.27 59.92 32.03
C GLY F 185 16.60 60.34 31.42
N GLY F 186 16.67 60.33 30.09
CA GLY F 186 17.90 60.72 29.40
C GLY F 186 18.96 59.63 29.40
N ILE F 187 20.20 60.06 29.14
CA ILE F 187 21.34 59.16 29.06
C ILE F 187 22.54 59.75 29.82
N ARG F 188 23.28 58.90 30.52
CA ARG F 188 24.47 59.37 31.25
C ARG F 188 25.68 59.50 30.32
N PRO F 189 26.57 60.44 30.61
CA PRO F 189 27.74 60.69 29.76
C PRO F 189 28.58 59.45 29.43
N GLU F 190 28.69 58.57 30.39
CA GLU F 190 29.46 57.34 30.23
C GLU F 190 28.99 56.49 29.05
N PHE F 191 27.84 56.82 28.47
CA PHE F 191 27.30 56.04 27.35
C PHE F 191 27.52 56.72 26.02
N ILE F 192 28.09 57.93 26.09
CA ILE F 192 28.36 58.70 24.89
C ILE F 192 29.84 58.51 24.57
N ARG F 193 30.14 57.72 23.54
CA ARG F 193 31.52 57.44 23.16
C ARG F 193 32.27 58.59 22.48
N SER F 194 31.63 59.21 21.48
CA SER F 194 32.28 60.29 20.75
C SER F 194 31.26 61.24 20.12
N THR F 195 31.77 62.21 19.38
CA THR F 195 30.91 63.17 18.68
C THR F 195 31.69 63.92 17.60
N TYR F 196 31.02 64.22 16.50
CA TYR F 196 31.63 64.97 15.40
C TYR F 196 31.22 66.42 15.56
N GLU F 197 32.17 67.35 15.47
CA GLU F 197 31.83 68.76 15.59
C GLU F 197 31.72 69.32 14.18
N TYR F 198 30.52 69.76 13.80
CA TYR F 198 30.32 70.30 12.46
C TYR F 198 30.24 71.80 12.47
N HIS F 199 30.79 72.40 11.42
CA HIS F 199 30.76 73.83 11.25
C HIS F 199 30.28 74.05 9.84
N ASN F 200 29.04 74.50 9.73
CA ASN F 200 28.42 74.75 8.44
C ASN F 200 28.45 73.51 7.55
N GLY F 201 28.10 72.38 8.14
CA GLY F 201 28.03 71.12 7.40
C GLY F 201 29.35 70.40 7.16
N GLU F 202 30.42 70.92 7.75
CA GLU F 202 31.74 70.32 7.58
C GLU F 202 32.34 69.84 8.88
N ILE F 203 32.78 68.57 8.92
CA ILE F 203 33.39 68.04 10.12
C ILE F 203 34.64 68.84 10.43
N VAL F 204 34.77 69.25 11.68
CA VAL F 204 35.89 70.06 12.08
C VAL F 204 36.77 69.35 13.09
N ARG F 205 36.15 68.52 13.93
CA ARG F 205 36.88 67.78 14.94
C ARG F 205 36.10 66.53 15.34
N ILE F 206 36.81 65.57 15.91
CA ILE F 206 36.17 64.35 16.37
C ILE F 206 36.55 64.22 17.84
N TRP F 207 35.56 64.30 18.72
CA TRP F 207 35.84 64.20 20.14
C TRP F 207 35.67 62.80 20.67
N ILE F 208 36.52 62.45 21.63
CA ILE F 208 36.47 61.15 22.26
C ILE F 208 36.22 61.30 23.76
N ASN F 209 35.32 60.47 24.28
CA ASN F 209 35.00 60.54 25.70
C ASN F 209 35.84 59.51 26.44
N PRO F 210 36.90 60.01 27.08
CA PRO F 210 37.80 59.17 27.84
C PRO F 210 37.02 58.37 28.88
N ASN F 211 35.95 58.99 29.40
CA ASN F 211 35.13 58.36 30.41
C ASN F 211 34.08 57.39 29.88
N PHE F 212 34.15 57.07 28.59
CA PHE F 212 33.19 56.14 28.02
C PHE F 212 33.20 54.82 28.77
N ILE F 213 32.00 54.27 28.97
CA ILE F 213 31.81 53.02 29.69
C ILE F 213 32.80 51.88 29.39
N ASN F 214 33.16 51.72 28.12
CA ASN F 214 34.09 50.65 27.72
C ASN F 214 35.23 51.23 26.89
N PRO F 215 36.18 51.82 27.61
CA PRO F 215 37.34 52.49 27.02
C PRO F 215 38.17 51.64 26.06
N SER F 216 38.10 50.32 26.22
CA SER F 216 38.84 49.41 25.36
C SER F 216 38.48 49.66 23.89
N THR F 217 37.27 50.15 23.66
CA THR F 217 36.79 50.40 22.30
C THR F 217 36.96 51.81 21.80
N LEU F 218 37.48 52.71 22.62
CA LEU F 218 37.69 54.10 22.21
C LEU F 218 38.50 54.12 20.93
N ASN F 219 39.18 53.01 20.71
CA ASN F 219 40.00 52.81 19.53
C ASN F 219 39.16 52.74 18.26
N ASP F 220 38.08 51.96 18.30
CA ASP F 220 37.20 51.76 17.15
C ASP F 220 36.50 53.00 16.59
N VAL F 221 36.70 54.16 17.20
CA VAL F 221 36.05 55.36 16.72
C VAL F 221 36.43 55.74 15.28
N SER F 222 35.54 55.41 14.35
CA SER F 222 35.72 55.70 12.93
C SER F 222 35.67 57.20 12.69
N GLY F 223 36.04 57.64 11.50
CA GLY F 223 36.01 59.05 11.17
C GLY F 223 36.92 59.38 9.99
N PRO F 224 36.66 60.53 9.38
CA PRO F 224 37.44 60.98 8.23
C PRO F 224 38.91 61.20 8.53
N SER F 225 39.73 61.06 7.50
CA SER F 225 41.16 61.25 7.61
C SER F 225 41.47 62.75 7.52
N ASN F 226 42.56 63.15 8.17
CA ASN F 226 42.98 64.54 8.17
C ASN F 226 42.08 65.45 8.99
N ILE F 227 41.42 64.87 10.00
CA ILE F 227 40.54 65.60 10.90
C ILE F 227 40.91 65.29 12.33
N SER F 228 41.42 66.30 13.04
CA SER F 228 41.86 66.15 14.43
C SER F 228 40.95 65.30 15.31
N LYS F 229 41.48 64.20 15.83
CA LYS F 229 40.73 63.31 16.71
C LYS F 229 41.11 63.62 18.17
N VAL F 230 40.56 64.70 18.71
CA VAL F 230 40.84 65.12 20.08
C VAL F 230 40.22 64.29 21.20
N PHE F 231 40.86 64.32 22.36
CA PHE F 231 40.39 63.63 23.53
C PHE F 231 39.82 64.65 24.50
N TRP F 232 38.52 64.57 24.74
CA TRP F 232 37.88 65.53 25.63
C TRP F 232 38.31 65.39 27.08
N HIS F 233 38.35 66.53 27.75
CA HIS F 233 38.64 66.61 29.18
C HIS F 233 37.84 67.80 29.66
N GLU F 234 37.34 67.70 30.89
CA GLU F 234 36.51 68.76 31.45
C GLU F 234 37.05 70.17 31.18
N ASN F 235 36.14 71.12 31.01
CA ASN F 235 36.50 72.51 30.75
C ASN F 235 37.49 72.71 29.61
N HIS F 236 37.59 71.72 28.74
CA HIS F 236 38.47 71.80 27.57
C HIS F 236 38.25 73.13 26.85
N SER F 237 39.33 73.76 26.40
CA SER F 237 39.24 75.06 25.74
C SER F 237 38.40 75.12 24.47
N GLU F 238 38.43 74.05 23.68
CA GLU F 238 37.69 74.05 22.42
C GLU F 238 36.49 73.13 22.44
N GLY F 239 36.08 72.74 23.64
CA GLY F 239 34.95 71.85 23.82
C GLY F 239 33.70 72.64 24.17
N ASN F 240 33.69 73.92 23.84
CA ASN F 240 32.53 74.73 24.15
C ASN F 240 32.08 75.61 22.99
N ASN F 241 32.40 75.18 21.77
CA ASN F 241 32.01 75.93 20.59
C ASN F 241 30.55 75.65 20.23
N MET F 242 29.73 76.69 20.25
CA MET F 242 28.31 76.53 19.93
C MET F 242 27.64 77.81 19.45
N ASP F 243 26.50 77.66 18.80
CA ASP F 243 25.77 78.81 18.27
C ASP F 243 25.45 79.84 19.35
N SER F 244 25.50 81.10 18.95
CA SER F 244 25.23 82.24 19.83
C SER F 244 24.01 82.10 20.73
N GLN F 255 16.63 72.35 23.10
CA GLN F 255 17.77 71.50 22.78
C GLN F 255 17.36 70.24 22.04
N ASP F 256 16.08 69.91 22.11
CA ASP F 256 15.56 68.71 21.48
C ASP F 256 15.06 69.04 20.08
N PHE F 257 15.27 70.29 19.67
CA PHE F 257 14.79 70.73 18.37
C PHE F 257 15.22 69.94 17.14
N ASP F 258 16.51 69.70 17.01
CA ASP F 258 16.98 68.98 15.83
C ASP F 258 16.75 67.48 15.82
N MET F 259 16.13 66.96 16.87
CA MET F 259 15.85 65.54 16.94
C MET F 259 14.35 65.31 16.75
N PHE F 260 13.63 66.41 16.55
CA PHE F 260 12.20 66.39 16.35
C PHE F 260 11.90 65.93 14.94
N ALA F 261 11.12 64.85 14.83
CA ALA F 261 10.75 64.25 13.56
C ALA F 261 10.61 65.15 12.34
N PRO F 262 9.72 66.15 12.42
CA PRO F 262 9.50 67.06 11.31
C PRO F 262 10.71 67.93 10.97
N ASN F 263 11.65 68.02 11.89
CA ASN F 263 12.83 68.84 11.67
C ASN F 263 14.00 68.13 11.02
N GLY F 264 13.73 66.95 10.46
CA GLY F 264 14.75 66.17 9.80
C GLY F 264 14.17 64.98 9.05
N GLU F 265 15.04 64.21 8.42
CA GLU F 265 14.63 63.03 7.66
C GLU F 265 15.87 62.29 7.20
N ILE F 266 15.67 61.09 6.67
CA ILE F 266 16.78 60.31 6.13
C ILE F 266 16.95 60.78 4.69
N PRO F 267 17.91 61.66 4.48
CA PRO F 267 18.14 62.23 3.15
C PRO F 267 18.35 61.25 2.00
N ASN F 268 19.14 60.22 2.24
CA ASN F 268 19.46 59.25 1.19
C ASN F 268 20.00 57.96 1.79
N ASN F 269 20.46 57.05 0.94
CA ASN F 269 21.02 55.79 1.39
C ASN F 269 22.46 55.64 0.95
N ASN F 270 23.09 56.77 0.66
CA ASN F 270 24.47 56.80 0.22
C ASN F 270 25.39 56.44 1.36
N LEU F 271 26.58 55.95 1.02
CA LEU F 271 27.57 55.60 2.02
C LEU F 271 28.13 56.90 2.55
N LEU F 272 28.95 56.82 3.60
CA LEU F 272 29.51 58.02 4.19
C LEU F 272 30.96 58.27 3.76
N ASP G 20 -22.29 76.46 3.78
CA ASP G 20 -22.44 75.18 3.09
C ASP G 20 -21.26 74.26 3.36
N ASN G 21 -20.70 73.69 2.31
CA ASN G 21 -19.55 72.82 2.45
C ASN G 21 -18.61 73.22 1.34
N THR G 22 -18.89 74.37 0.74
CA THR G 22 -18.06 74.91 -0.34
C THR G 22 -16.59 74.94 0.12
N TRP G 23 -16.37 75.39 1.35
CA TRP G 23 -15.01 75.43 1.90
C TRP G 23 -14.28 74.07 1.78
N ILE G 24 -15.01 72.96 1.64
CA ILE G 24 -14.38 71.64 1.54
C ILE G 24 -14.79 70.82 0.31
N GLN G 25 -15.49 71.49 -0.59
CA GLN G 25 -15.94 70.86 -1.80
C GLN G 25 -14.82 70.31 -2.72
N ALA G 26 -13.68 71.01 -2.73
CA ALA G 26 -12.55 70.63 -3.58
C ALA G 26 -11.98 69.29 -3.16
N ALA G 27 -12.39 68.87 -1.96
CA ALA G 27 -11.89 67.68 -1.29
C ALA G 27 -11.92 66.40 -2.03
N SER G 28 -10.95 65.55 -1.68
CA SER G 28 -10.81 64.22 -2.28
C SER G 28 -11.90 63.31 -1.73
N LEU G 38 -18.74 69.26 11.87
CA LEU G 38 -17.87 68.57 12.83
C LEU G 38 -16.48 68.97 12.48
N LEU G 39 -16.01 68.49 11.34
CA LEU G 39 -14.67 68.86 10.90
C LEU G 39 -14.42 70.35 10.97
N TYR G 40 -15.40 71.14 10.54
CA TYR G 40 -15.22 72.56 10.65
C TYR G 40 -14.99 72.87 12.13
N GLN G 41 -15.76 72.23 13.02
CA GLN G 41 -15.59 72.47 14.47
C GLN G 41 -14.29 71.83 14.96
N LEU G 42 -14.00 70.67 14.43
CA LEU G 42 -12.79 70.00 14.81
C LEU G 42 -11.56 70.92 14.54
N ILE G 43 -11.62 71.69 13.44
CA ILE G 43 -10.53 72.56 13.08
C ILE G 43 -10.66 73.85 13.87
N SER G 44 -11.76 74.56 13.67
CA SER G 44 -11.96 75.82 14.37
C SER G 44 -11.74 75.81 15.88
N THR G 45 -12.40 74.89 16.56
CA THR G 45 -12.28 74.86 18.01
C THR G 45 -10.91 74.94 18.62
N ARG G 46 -9.96 74.14 18.15
CA ARG G 46 -8.58 74.19 18.69
C ARG G 46 -7.68 75.34 18.15
N ILE G 47 -8.30 76.50 17.87
CA ILE G 47 -7.61 77.70 17.34
C ILE G 47 -8.00 78.89 18.22
N PRO G 48 -7.09 79.35 19.09
CA PRO G 48 -7.37 80.46 20.03
C PRO G 48 -7.75 81.76 19.34
N SER G 49 -8.48 82.61 20.05
CA SER G 49 -8.92 83.90 19.51
C SER G 49 -7.80 84.92 19.37
N PHE G 50 -6.74 84.80 20.15
CA PHE G 50 -5.69 85.77 19.95
C PHE G 50 -5.12 85.50 18.59
N ALA G 51 -4.80 84.24 18.32
CA ALA G 51 -4.27 83.81 17.02
C ALA G 51 -5.17 84.31 15.87
N SER G 52 -6.45 83.98 15.96
CA SER G 52 -7.45 84.42 14.99
C SER G 52 -8.61 85.07 15.74
N PRO G 53 -8.68 86.40 15.74
CA PRO G 53 -9.73 87.09 16.47
C PRO G 53 -11.07 87.07 15.74
N ASN G 54 -11.01 86.90 14.42
CA ASN G 54 -12.22 86.83 13.62
C ASN G 54 -12.62 85.42 13.29
N GLY G 55 -11.71 84.48 13.46
CA GLY G 55 -12.01 83.08 13.18
C GLY G 55 -11.58 82.72 11.78
N LEU G 56 -11.61 81.43 11.48
CA LEU G 56 -11.22 80.94 10.18
C LEU G 56 -11.99 81.65 9.12
N HIS G 57 -11.33 81.89 8.01
CA HIS G 57 -11.99 82.56 6.92
C HIS G 57 -11.74 81.88 5.63
N MET G 58 -12.83 81.37 5.07
CA MET G 58 -12.78 80.70 3.80
C MET G 58 -12.67 81.74 2.68
N ARG G 59 -12.18 81.31 1.52
CA ARG G 59 -12.04 82.20 0.41
C ARG G 59 -13.46 82.40 -0.15
N GLU G 60 -13.76 83.60 -0.65
CA GLU G 60 -15.08 83.81 -1.20
C GLU G 60 -15.18 83.99 -2.70
N GLN G 61 -16.37 83.64 -3.19
CA GLN G 61 -16.69 83.70 -4.60
C GLN G 61 -15.81 82.75 -5.43
N THR G 62 -15.19 81.79 -4.73
CA THR G 62 -14.33 80.79 -5.38
C THR G 62 -15.19 80.16 -6.48
N ILE G 63 -16.45 79.92 -6.14
CA ILE G 63 -17.41 79.38 -7.09
C ILE G 63 -18.31 80.53 -7.52
N ASP G 64 -19.07 80.34 -8.59
CA ASP G 64 -19.96 81.41 -9.05
C ASP G 64 -21.30 81.38 -8.31
N SER G 65 -21.90 82.57 -8.14
CA SER G 65 -23.19 82.78 -7.44
C SER G 65 -24.37 82.01 -8.04
N ASN G 66 -24.51 82.17 -9.34
CA ASN G 66 -25.62 81.61 -10.10
C ASN G 66 -25.47 80.16 -10.58
N THR G 67 -24.68 79.94 -11.64
CA THR G 67 -24.45 78.59 -12.20
C THR G 67 -23.98 77.55 -11.15
N GLY G 68 -22.90 77.89 -10.47
CA GLY G 68 -22.31 77.02 -9.50
C GLY G 68 -20.88 76.76 -9.97
N GLN G 69 -20.60 77.12 -11.23
CA GLN G 69 -19.27 76.92 -11.81
C GLN G 69 -18.14 77.55 -11.01
N ILE G 70 -17.03 76.82 -10.98
CA ILE G 70 -15.80 77.21 -10.29
C ILE G 70 -15.23 78.49 -10.92
N GLN G 71 -15.02 79.52 -10.13
CA GLN G 71 -14.50 80.76 -10.66
C GLN G 71 -13.11 80.56 -11.23
N ILE G 72 -12.98 80.75 -12.54
CA ILE G 72 -11.68 80.63 -13.17
C ILE G 72 -11.11 81.97 -13.57
N ASP G 73 -10.62 82.73 -12.58
CA ASP G 73 -10.03 84.03 -12.84
C ASP G 73 -8.67 84.14 -12.15
N ASN G 74 -8.07 85.33 -12.22
CA ASN G 74 -6.77 85.53 -11.61
C ASN G 74 -6.86 85.63 -10.10
N GLU G 75 -7.94 86.22 -9.60
CA GLU G 75 -8.15 86.37 -8.16
C GLU G 75 -8.14 85.02 -7.47
N HIS G 76 -8.69 84.01 -8.13
CA HIS G 76 -8.75 82.68 -7.56
C HIS G 76 -7.78 81.65 -8.11
N ARG G 77 -6.78 82.13 -8.84
CA ARG G 77 -5.78 81.20 -9.38
C ARG G 77 -4.86 80.81 -8.24
N LEU G 78 -4.57 79.52 -8.15
CA LEU G 78 -3.72 79.00 -7.09
C LEU G 78 -2.62 78.13 -7.66
N LEU G 79 -1.54 77.98 -6.90
CA LEU G 79 -0.42 77.17 -7.35
C LEU G 79 0.10 76.28 -6.25
N ARG G 80 0.69 75.16 -6.64
CA ARG G 80 1.29 74.25 -5.70
C ARG G 80 2.60 73.72 -6.26
N TRP G 81 3.66 73.94 -5.51
CA TRP G 81 4.98 73.47 -5.90
C TRP G 81 5.06 72.04 -5.37
N ASP G 82 5.27 71.10 -6.27
CA ASP G 82 5.36 69.71 -5.89
C ASP G 82 6.42 69.04 -6.75
N ARG G 83 7.09 68.04 -6.18
CA ARG G 83 8.14 67.33 -6.90
C ARG G 83 7.65 66.05 -7.58
N ARG G 84 6.35 65.79 -7.45
CA ARG G 84 5.71 64.61 -8.03
C ARG G 84 5.22 64.94 -9.43
N PRO G 85 5.44 64.01 -10.36
CA PRO G 85 5.04 64.20 -11.76
C PRO G 85 3.54 64.10 -12.00
N PRO G 86 3.09 64.63 -13.13
CA PRO G 86 1.68 64.63 -13.49
C PRO G 86 1.05 63.25 -13.57
N ASN G 87 1.86 62.26 -13.96
CA ASN G 87 1.35 60.88 -14.06
C ASN G 87 0.70 60.48 -12.76
N ASP G 88 1.15 61.11 -11.67
CA ASP G 88 0.61 60.87 -10.35
C ASP G 88 -0.48 61.91 -10.10
N ILE G 89 -0.06 63.16 -10.10
CA ILE G 89 -0.94 64.28 -9.82
C ILE G 89 -2.18 64.41 -10.70
N PHE G 90 -2.01 64.40 -12.01
CA PHE G 90 -3.14 64.55 -12.94
C PHE G 90 -4.08 63.36 -12.82
N LEU G 91 -3.56 62.29 -12.22
CA LEU G 91 -4.31 61.06 -12.02
C LEU G 91 -5.04 61.03 -10.69
N ASN G 92 -4.27 61.14 -9.60
CA ASN G 92 -4.81 61.10 -8.24
C ASN G 92 -5.17 62.44 -7.62
N GLY G 93 -4.64 63.53 -8.18
CA GLY G 93 -4.89 64.85 -7.62
C GLY G 93 -3.97 65.00 -6.40
N PHE G 94 -4.29 65.93 -5.52
CA PHE G 94 -3.47 66.10 -4.32
C PHE G 94 -4.15 65.45 -3.12
N ILE G 95 -3.58 64.33 -2.69
CA ILE G 95 -4.12 63.60 -1.56
C ILE G 95 -3.28 63.88 -0.32
N PRO G 96 -3.94 64.29 0.76
CA PRO G 96 -3.26 64.60 2.00
C PRO G 96 -2.38 63.47 2.47
N ARG G 97 -1.43 63.77 3.34
CA ARG G 97 -0.53 62.75 3.86
C ARG G 97 -1.30 61.77 4.73
N VAL G 98 -2.42 62.24 5.28
CA VAL G 98 -3.27 61.44 6.15
C VAL G 98 -4.59 61.16 5.40
N THR G 99 -4.84 59.90 5.10
CA THR G 99 -6.09 59.50 4.42
C THR G 99 -7.08 59.22 5.53
N ASN G 100 -8.34 58.96 5.20
CA ASN G 100 -9.30 58.62 6.24
C ASN G 100 -8.80 57.28 6.81
N GLN G 101 -8.17 56.51 5.94
CA GLN G 101 -7.64 55.23 6.34
C GLN G 101 -6.65 55.42 7.49
N ASN G 102 -5.91 56.51 7.51
CA ASN G 102 -5.00 56.69 8.64
C ASN G 102 -5.29 57.91 9.49
N LEU G 103 -6.57 58.24 9.62
CA LEU G 103 -7.00 59.42 10.38
C LEU G 103 -7.21 59.31 11.88
N SER G 104 -6.54 60.19 12.60
CA SER G 104 -6.65 60.36 14.04
C SER G 104 -7.04 61.85 14.16
N PRO G 105 -8.34 62.04 13.98
CA PRO G 105 -9.01 63.31 13.97
C PRO G 105 -8.48 64.40 14.83
N VAL G 106 -8.14 64.10 16.07
CA VAL G 106 -7.69 65.19 16.93
C VAL G 106 -6.43 65.89 16.46
N GLU G 107 -5.40 65.11 16.16
CA GLU G 107 -4.14 65.67 15.70
C GLU G 107 -4.07 65.84 14.18
N ASP G 108 -4.64 64.91 13.41
CA ASP G 108 -4.59 65.03 11.97
C ASP G 108 -5.40 66.17 11.39
N THR G 109 -6.10 66.90 12.24
CA THR G 109 -6.88 68.05 11.81
C THR G 109 -6.40 69.28 12.58
N HIS G 110 -5.23 69.16 13.19
CA HIS G 110 -4.66 70.28 13.93
C HIS G 110 -3.98 71.17 12.92
N LEU G 111 -4.68 72.23 12.54
CA LEU G 111 -4.19 73.16 11.54
C LEU G 111 -2.91 73.84 11.96
N LEU G 112 -2.95 74.56 13.08
CA LEU G 112 -1.76 75.25 13.58
C LEU G 112 -0.54 74.35 13.65
N ASN G 113 -0.72 73.13 14.14
CA ASN G 113 0.42 72.24 14.21
C ASN G 113 0.96 71.87 12.83
N TYR G 114 0.05 71.80 11.85
CA TYR G 114 0.43 71.46 10.47
C TYR G 114 1.20 72.64 9.89
N LEU G 115 0.66 73.82 10.10
CA LEU G 115 1.23 75.06 9.59
C LEU G 115 2.57 75.38 10.23
N ARG G 116 2.74 74.99 11.48
CA ARG G 116 3.95 75.28 12.21
C ARG G 116 5.04 74.23 12.13
N THR G 117 4.66 72.97 11.91
CA THR G 117 5.63 71.90 11.82
C THR G 117 5.62 71.05 10.57
N ASN G 118 4.54 71.14 9.80
CA ASN G 118 4.44 70.34 8.59
C ASN G 118 4.26 68.87 8.91
N SER G 119 3.70 68.60 10.09
CA SER G 119 3.41 67.24 10.55
C SER G 119 2.32 66.71 9.61
N PRO G 120 2.28 65.40 9.42
CA PRO G 120 1.26 64.81 8.53
C PRO G 120 -0.15 65.22 8.93
N SER G 121 -0.96 65.59 7.94
CA SER G 121 -2.33 65.99 8.22
C SER G 121 -3.27 65.68 7.07
N ILE G 122 -4.48 66.22 7.15
CA ILE G 122 -5.48 66.04 6.12
C ILE G 122 -5.45 67.26 5.22
N PHE G 123 -4.54 68.19 5.52
CA PHE G 123 -4.42 69.42 4.76
C PHE G 123 -3.48 69.35 3.59
N VAL G 124 -3.81 70.11 2.56
CA VAL G 124 -2.98 70.23 1.35
C VAL G 124 -2.83 71.72 1.11
N SER G 125 -1.60 72.16 1.00
CA SER G 125 -1.32 73.58 0.82
C SER G 125 -1.16 74.04 -0.63
N THR G 126 -1.53 75.29 -0.87
CA THR G 126 -1.40 75.92 -2.17
C THR G 126 -1.09 77.36 -1.86
N THR G 127 -0.58 78.07 -2.86
CA THR G 127 -0.26 79.46 -2.68
C THR G 127 -0.92 80.28 -3.80
N ARG G 128 -1.45 81.44 -3.43
CA ARG G 128 -2.08 82.33 -4.40
C ARG G 128 -1.07 82.67 -5.50
N ALA G 129 -1.58 82.84 -6.72
CA ALA G 129 -0.75 83.25 -7.85
C ALA G 129 -0.69 84.77 -7.70
N ARG G 130 0.45 85.38 -8.00
CA ARG G 130 0.60 86.82 -7.80
C ARG G 130 0.56 87.70 -9.05
N TYR G 131 -0.12 88.85 -8.93
CA TYR G 131 -0.25 89.79 -10.04
C TYR G 131 -0.04 91.23 -9.62
N ASN G 132 0.45 92.04 -10.56
CA ASN G 132 0.65 93.47 -10.29
C ASN G 132 -0.69 94.16 -10.49
N ASN G 133 -0.70 95.47 -10.30
CA ASN G 133 -1.94 96.25 -10.45
C ASN G 133 -2.31 96.44 -11.91
N LEU G 134 -1.73 95.63 -12.78
CA LEU G 134 -2.04 95.72 -14.20
C LEU G 134 -2.63 94.40 -14.67
N GLY G 135 -2.58 93.41 -13.78
CA GLY G 135 -3.10 92.08 -14.09
C GLY G 135 -2.00 91.21 -14.66
N LEU G 136 -0.77 91.68 -14.52
CA LEU G 136 0.38 90.93 -15.01
C LEU G 136 0.95 90.07 -13.89
N GLU G 137 1.23 88.80 -14.20
CA GLU G 137 1.74 87.89 -13.20
C GLU G 137 3.15 88.22 -12.74
N ILE G 138 3.34 88.22 -11.43
CA ILE G 138 4.64 88.49 -10.81
C ILE G 138 5.02 87.27 -9.99
N THR G 139 6.26 87.21 -9.52
CA THR G 139 6.74 86.06 -8.76
C THR G 139 5.87 85.69 -7.57
N PRO G 140 5.56 84.40 -7.46
CA PRO G 140 4.75 83.89 -6.36
C PRO G 140 5.66 83.33 -5.27
N TRP G 141 5.07 82.94 -4.13
CA TRP G 141 5.84 82.34 -3.06
C TRP G 141 6.58 81.17 -3.71
N THR G 142 7.89 81.11 -3.55
CA THR G 142 8.65 80.06 -4.20
C THR G 142 9.55 79.29 -3.25
N PRO G 143 9.54 77.97 -3.40
CA PRO G 143 10.38 77.10 -2.58
C PRO G 143 11.82 77.49 -2.78
N HIS G 144 12.64 77.35 -1.76
CA HIS G 144 14.05 77.69 -1.89
C HIS G 144 14.77 76.68 -2.78
N SER G 145 14.27 75.45 -2.80
CA SER G 145 14.89 74.39 -3.60
C SER G 145 14.47 74.43 -5.06
N ALA G 146 13.61 75.37 -5.40
CA ALA G 146 13.09 75.47 -6.76
C ALA G 146 14.08 75.28 -7.90
N ASN G 147 15.29 75.83 -7.75
CA ASN G 147 16.29 75.72 -8.82
C ASN G 147 17.08 74.41 -8.84
N ASN G 148 16.73 73.48 -7.96
CA ASN G 148 17.43 72.22 -7.91
C ASN G 148 16.59 71.05 -8.36
N ASN G 149 17.10 70.32 -9.33
CA ASN G 149 16.43 69.13 -9.84
C ASN G 149 15.02 69.35 -10.40
N ILE G 150 14.24 68.27 -10.40
CA ILE G 150 12.88 68.28 -10.93
C ILE G 150 11.79 68.60 -9.92
N ILE G 151 11.12 69.73 -10.17
CA ILE G 151 10.00 70.20 -9.37
C ILE G 151 8.90 70.68 -10.32
N TYR G 152 7.64 70.56 -9.91
CA TYR G 152 6.52 70.99 -10.74
C TYR G 152 5.75 72.15 -10.13
N ARG G 153 5.22 73.01 -10.99
CA ARG G 153 4.45 74.17 -10.55
C ARG G 153 3.02 74.00 -11.04
N TYR G 154 2.21 73.33 -10.25
CA TYR G 154 0.81 73.06 -10.61
C TYR G 154 -0.12 74.26 -10.50
N GLU G 155 -1.05 74.33 -11.46
CA GLU G 155 -2.03 75.41 -11.51
C GLU G 155 -3.37 74.84 -11.09
N ILE G 156 -3.98 75.46 -10.09
CA ILE G 156 -5.22 74.98 -9.55
C ILE G 156 -6.30 76.05 -9.50
N PHE G 157 -7.53 75.60 -9.74
CA PHE G 157 -8.75 76.40 -9.66
C PHE G 157 -9.70 75.41 -8.98
N ALA G 158 -10.00 75.65 -7.71
CA ALA G 158 -10.86 74.74 -6.96
C ALA G 158 -11.75 75.51 -6.02
N PRO G 159 -12.83 74.85 -5.59
CA PRO G 159 -13.77 75.46 -4.68
C PRO G 159 -13.33 75.42 -3.21
N GLY G 160 -13.65 76.49 -2.49
CA GLY G 160 -13.34 76.59 -1.08
C GLY G 160 -11.87 76.79 -0.77
N GLY G 161 -11.44 76.24 0.35
CA GLY G 161 -10.06 76.36 0.80
C GLY G 161 -10.06 77.40 1.92
N ILE G 162 -9.15 77.24 2.86
CA ILE G 162 -9.06 78.16 3.97
C ILE G 162 -8.14 79.31 3.60
N ASP G 163 -8.60 80.53 3.85
CA ASP G 163 -7.82 81.72 3.55
C ASP G 163 -6.91 81.93 4.75
N ILE G 164 -5.70 81.40 4.68
CA ILE G 164 -4.77 81.51 5.78
C ILE G 164 -4.55 82.95 6.16
N ASN G 165 -4.36 83.79 5.17
CA ASN G 165 -4.15 85.22 5.41
C ASN G 165 -5.27 85.87 6.21
N ALA G 166 -6.50 85.49 5.91
CA ALA G 166 -7.68 86.04 6.58
C ALA G 166 -7.94 85.37 7.92
N SER G 167 -7.40 84.17 8.11
CA SER G 167 -7.62 83.46 9.36
C SER G 167 -6.61 83.80 10.44
N PHE G 168 -5.38 84.11 10.04
CA PHE G 168 -4.32 84.44 11.00
C PHE G 168 -3.61 85.76 10.77
N ASN G 177 3.45 81.84 4.74
CA ASN G 177 3.09 82.80 3.69
C ASN G 177 1.68 83.19 4.06
N GLN G 178 1.36 84.46 3.77
CA GLN G 178 0.01 84.92 4.05
C GLN G 178 -0.74 84.55 2.74
N ASP G 179 0.03 84.06 1.74
CA ASP G 179 -0.53 83.77 0.42
C ASP G 179 -1.05 82.34 0.33
N GLU G 180 -1.09 81.64 1.47
CA GLU G 180 -1.53 80.26 1.46
C GLU G 180 -3.02 80.02 1.52
N ILE G 181 -3.43 78.97 0.83
CA ILE G 181 -4.80 78.52 0.81
C ILE G 181 -4.74 77.03 1.12
N THR G 182 -5.32 76.64 2.26
CA THR G 182 -5.27 75.25 2.68
C THR G 182 -6.54 74.52 2.36
N PHE G 183 -6.37 73.30 1.85
CA PHE G 183 -7.50 72.46 1.48
C PHE G 183 -7.57 71.20 2.31
N PRO G 184 -8.53 71.16 3.22
CA PRO G 184 -8.75 70.00 4.07
C PRO G 184 -9.28 68.91 3.15
N GLY G 185 -8.66 67.73 3.16
CA GLY G 185 -9.10 66.64 2.30
C GLY G 185 -8.42 66.65 0.94
N GLY G 186 -7.55 67.63 0.71
CA GLY G 186 -6.83 67.73 -0.55
C GLY G 186 -7.67 68.30 -1.68
N ILE G 187 -7.22 68.05 -2.90
CA ILE G 187 -7.87 68.55 -4.11
C ILE G 187 -7.95 67.44 -5.17
N ARG G 188 -9.06 67.37 -5.88
CA ARG G 188 -9.22 66.37 -6.94
C ARG G 188 -8.53 66.82 -8.23
N PRO G 189 -8.04 65.86 -9.02
CA PRO G 189 -7.31 66.18 -10.26
C PRO G 189 -8.04 67.11 -11.21
N GLU G 190 -9.36 66.96 -11.28
CA GLU G 190 -10.18 67.78 -12.14
C GLU G 190 -10.04 69.28 -11.88
N PHE G 191 -9.38 69.66 -10.77
CA PHE G 191 -9.22 71.08 -10.44
C PHE G 191 -7.83 71.58 -10.75
N ILE G 192 -6.98 70.67 -11.22
CA ILE G 192 -5.63 71.01 -11.58
C ILE G 192 -5.60 71.17 -13.09
N ARG G 193 -5.51 72.42 -13.57
CA ARG G 193 -5.51 72.70 -15.00
C ARG G 193 -4.21 72.36 -15.73
N SER G 194 -3.08 72.78 -15.18
CA SER G 194 -1.80 72.54 -15.82
C SER G 194 -0.65 72.53 -14.82
N THR G 195 0.56 72.38 -15.33
CA THR G 195 1.76 72.39 -14.50
C THR G 195 3.02 72.59 -15.34
N TYR G 196 3.99 73.31 -14.79
CA TYR G 196 5.25 73.56 -15.47
C TYR G 196 6.25 72.54 -14.93
N GLU G 197 6.98 71.88 -15.82
CA GLU G 197 7.99 70.91 -15.38
C GLU G 197 9.34 71.60 -15.39
N TYR G 198 9.94 71.77 -14.22
CA TYR G 198 11.23 72.44 -14.13
C TYR G 198 12.36 71.46 -13.95
N HIS G 199 13.49 71.78 -14.57
CA HIS G 199 14.68 70.97 -14.45
C HIS G 199 15.79 71.94 -14.13
N ASN G 200 16.23 71.88 -12.88
CA ASN G 200 17.28 72.78 -12.41
C ASN G 200 16.93 74.24 -12.62
N GLY G 201 15.69 74.59 -12.27
CA GLY G 201 15.22 75.98 -12.38
C GLY G 201 14.81 76.44 -13.77
N GLU G 202 14.80 75.52 -14.74
CA GLU G 202 14.43 75.86 -16.11
C GLU G 202 13.19 75.13 -16.58
N ILE G 203 12.21 75.87 -17.10
CA ILE G 203 11.00 75.25 -17.61
C ILE G 203 11.38 74.33 -18.74
N VAL G 204 10.86 73.11 -18.70
CA VAL G 204 11.18 72.13 -19.71
C VAL G 204 9.96 71.73 -20.52
N ARG G 205 8.79 71.73 -19.87
CA ARG G 205 7.56 71.35 -20.53
C ARG G 205 6.37 71.98 -19.79
N ILE G 206 5.26 72.09 -20.50
CA ILE G 206 4.05 72.63 -19.90
C ILE G 206 2.98 71.58 -20.11
N TRP G 207 2.48 71.00 -19.03
CA TRP G 207 1.48 69.97 -19.15
C TRP G 207 0.07 70.51 -19.02
N ILE G 208 -0.84 69.90 -19.77
CA ILE G 208 -2.25 70.30 -19.73
C ILE G 208 -3.11 69.12 -19.31
N ASN G 209 -4.06 69.39 -18.42
CA ASN G 209 -4.93 68.34 -17.93
C ASN G 209 -6.20 68.33 -18.75
N PRO G 210 -6.28 67.39 -19.69
CA PRO G 210 -7.43 67.26 -20.56
C PRO G 210 -8.70 67.10 -19.71
N ASN G 211 -8.55 66.46 -18.56
CA ASN G 211 -9.67 66.22 -17.67
C ASN G 211 -10.03 67.40 -16.76
N PHE G 212 -9.43 68.55 -17.00
CA PHE G 212 -9.72 69.72 -16.18
C PHE G 212 -11.21 70.03 -16.19
N ILE G 213 -11.73 70.39 -15.02
CA ILE G 213 -13.14 70.69 -14.84
C ILE G 213 -13.82 71.53 -15.93
N ASN G 214 -13.12 72.54 -16.45
CA ASN G 214 -13.68 73.41 -17.49
C ASN G 214 -12.73 73.50 -18.68
N PRO G 215 -12.77 72.45 -19.50
CA PRO G 215 -11.91 72.30 -20.67
C PRO G 215 -11.94 73.46 -21.66
N SER G 216 -13.04 74.21 -21.66
CA SER G 216 -13.17 75.34 -22.56
C SER G 216 -12.01 76.33 -22.35
N THR G 217 -11.47 76.34 -21.14
CA THR G 217 -10.38 77.25 -20.81
C THR G 217 -8.97 76.69 -20.94
N LEU G 218 -8.85 75.41 -21.29
CA LEU G 218 -7.55 74.77 -21.46
C LEU G 218 -6.71 75.62 -22.41
N ASN G 219 -7.42 76.42 -23.18
CA ASN G 219 -6.82 77.32 -24.14
C ASN G 219 -6.01 78.42 -23.46
N ASP G 220 -6.60 79.04 -22.44
CA ASP G 220 -5.97 80.14 -21.72
C ASP G 220 -4.65 79.86 -21.00
N VAL G 221 -4.19 78.61 -21.05
CA VAL G 221 -2.94 78.26 -20.37
C VAL G 221 -1.72 79.03 -20.89
N SER G 222 -1.34 80.06 -20.14
CA SER G 222 -0.19 80.91 -20.46
C SER G 222 1.10 80.10 -20.33
N GLY G 223 2.20 80.67 -20.80
CA GLY G 223 3.49 79.99 -20.71
C GLY G 223 4.48 80.54 -21.72
N PRO G 224 5.76 80.27 -21.46
CA PRO G 224 6.83 80.73 -22.33
C PRO G 224 6.77 80.16 -23.74
N SER G 225 7.32 80.92 -24.68
CA SER G 225 7.36 80.51 -26.08
C SER G 225 8.54 79.57 -26.29
N ASN G 226 8.39 78.67 -27.26
CA ASN G 226 9.42 77.72 -27.58
C ASN G 226 9.60 76.62 -26.53
N ILE G 227 8.51 76.34 -25.80
CA ILE G 227 8.49 75.31 -24.76
C ILE G 227 7.30 74.39 -24.99
N SER G 228 7.58 73.14 -25.35
CA SER G 228 6.55 72.14 -25.63
C SER G 228 5.36 72.16 -24.69
N LYS G 229 4.17 72.42 -25.24
CA LYS G 229 2.94 72.45 -24.45
C LYS G 229 2.21 71.11 -24.64
N VAL G 230 2.67 70.08 -23.94
CA VAL G 230 2.08 68.75 -24.05
C VAL G 230 0.74 68.54 -23.35
N PHE G 231 -0.01 67.57 -23.86
CA PHE G 231 -1.29 67.21 -23.29
C PHE G 231 -1.15 65.90 -22.55
N TRP G 232 -1.34 65.94 -21.25
CA TRP G 232 -1.19 64.73 -20.45
C TRP G 232 -2.26 63.69 -20.71
N HIS G 233 -1.83 62.43 -20.59
CA HIS G 233 -2.71 61.29 -20.71
C HIS G 233 -2.12 60.25 -19.77
N GLU G 234 -2.99 59.47 -19.14
CA GLU G 234 -2.55 58.46 -18.19
C GLU G 234 -1.32 57.68 -18.65
N ASN G 235 -0.47 57.30 -17.71
CA ASN G 235 0.75 56.55 -18.00
C ASN G 235 1.62 57.12 -19.10
N HIS G 236 1.46 58.42 -19.36
CA HIS G 236 2.25 59.11 -20.36
C HIS G 236 3.74 58.81 -20.14
N SER G 237 4.48 58.58 -21.21
CA SER G 237 5.90 58.24 -21.11
C SER G 237 6.79 59.27 -20.41
N GLU G 238 6.51 60.55 -20.61
CA GLU G 238 7.35 61.58 -20.02
C GLU G 238 6.66 62.33 -18.89
N GLY G 239 5.60 61.75 -18.38
CA GLY G 239 4.84 62.34 -17.31
C GLY G 239 5.23 61.74 -15.96
N ASN G 240 6.40 61.14 -15.90
CA ASN G 240 6.85 60.53 -14.66
C ASN G 240 8.28 60.88 -14.29
N ASN G 241 8.75 62.02 -14.77
CA ASN G 241 10.10 62.48 -14.48
C ASN G 241 10.15 63.11 -13.09
N MET G 242 10.94 62.53 -12.19
CA MET G 242 11.06 63.05 -10.84
C MET G 242 12.36 62.67 -10.14
N ASP G 243 12.71 63.41 -9.09
CA ASP G 243 13.93 63.14 -8.34
C ASP G 243 14.01 61.71 -7.83
N SER G 244 15.22 61.18 -7.85
CA SER G 244 15.51 59.82 -7.41
C SER G 244 14.83 59.40 -6.10
N LYS G 245 14.86 60.27 -5.09
CA LYS G 245 14.30 59.93 -3.79
C LYS G 245 12.95 59.20 -3.68
N GLY G 246 11.92 59.73 -4.34
CA GLY G 246 10.63 59.11 -4.26
C GLY G 246 10.65 57.74 -4.87
N PHE G 247 11.82 57.32 -5.35
CA PHE G 247 11.96 56.02 -5.98
C PHE G 247 12.32 54.90 -4.98
N ILE G 248 12.69 55.33 -3.77
CA ILE G 248 13.06 54.44 -2.66
C ILE G 248 11.87 54.25 -1.74
N LEU G 249 10.90 53.47 -2.22
CA LEU G 249 9.66 53.19 -1.49
C LEU G 249 9.74 52.88 0.02
N ASP G 250 10.90 52.38 0.47
CA ASP G 250 11.12 52.05 1.88
C ASP G 250 11.00 53.30 2.75
N LEU G 251 11.89 54.26 2.52
CA LEU G 251 11.83 55.53 3.23
C LEU G 251 10.51 56.21 2.85
N ASP G 252 9.98 57.09 3.68
CA ASP G 252 8.74 57.74 3.26
C ASP G 252 8.99 59.14 2.75
N TYR G 253 7.97 59.69 2.10
CA TYR G 253 8.11 60.94 1.40
C TYR G 253 7.38 62.10 1.99
N ASN G 254 8.09 63.19 2.15
CA ASN G 254 7.49 64.44 2.64
C ASN G 254 7.20 65.33 1.45
N GLN G 255 6.10 65.00 0.80
CA GLN G 255 5.65 65.63 -0.43
C GLN G 255 5.19 67.06 -0.19
N ASP G 256 4.92 67.39 1.07
CA ASP G 256 4.45 68.72 1.42
C ASP G 256 5.62 69.61 1.77
N PHE G 257 6.83 69.08 1.61
CA PHE G 257 8.03 69.81 1.96
C PHE G 257 8.23 71.19 1.35
N ASP G 258 8.11 71.29 0.04
CA ASP G 258 8.34 72.56 -0.62
C ASP G 258 7.22 73.59 -0.50
N MET G 259 6.14 73.22 0.19
CA MET G 259 5.03 74.13 0.39
C MET G 259 5.02 74.63 1.84
N PHE G 260 6.00 74.15 2.60
CA PHE G 260 6.15 74.51 3.99
C PHE G 260 6.74 75.90 4.09
N ALA G 261 6.02 76.79 4.78
CA ALA G 261 6.40 78.18 4.97
C ALA G 261 7.89 78.51 5.02
N PRO G 262 8.60 77.93 5.98
CA PRO G 262 10.03 78.18 6.14
C PRO G 262 10.88 77.70 4.96
N ASN G 263 10.31 76.83 4.13
CA ASN G 263 11.06 76.31 3.00
C ASN G 263 10.92 77.10 1.71
N GLY G 264 10.40 78.32 1.84
CA GLY G 264 10.23 79.19 0.70
C GLY G 264 9.83 80.60 1.11
N GLU G 265 9.64 81.46 0.11
CA GLU G 265 9.27 82.85 0.35
C GLU G 265 8.99 83.51 -0.99
N ILE G 266 8.43 84.72 -0.93
CA ILE G 266 8.17 85.48 -2.14
C ILE G 266 9.47 86.23 -2.45
N PRO G 267 10.25 85.68 -3.37
CA PRO G 267 11.55 86.26 -3.70
C PRO G 267 11.57 87.73 -4.12
N ASN G 268 10.61 88.13 -4.94
CA ASN G 268 10.56 89.50 -5.44
C ASN G 268 9.18 89.82 -6.01
N ASN G 269 9.06 90.99 -6.63
CA ASN G 269 7.79 91.41 -7.21
C ASN G 269 7.93 91.64 -8.71
N ASN G 270 8.97 91.03 -9.28
CA ASN G 270 9.24 91.15 -10.70
C ASN G 270 8.20 90.42 -11.50
N LEU G 271 8.03 90.84 -12.75
CA LEU G 271 7.08 90.19 -13.64
C LEU G 271 7.70 88.86 -14.05
N LEU G 272 6.92 88.03 -14.73
CA LEU G 272 7.44 86.74 -15.16
C LEU G 272 7.86 86.69 -16.63
N ASP H 20 10.74 61.36 53.50
CA ASP H 20 10.77 59.89 53.64
C ASP H 20 9.47 59.30 53.10
N ASN H 21 9.48 58.00 52.85
CA ASN H 21 8.32 57.34 52.29
C ASN H 21 7.22 57.05 53.28
N THR H 22 7.45 57.45 54.53
CA THR H 22 6.48 57.23 55.60
C THR H 22 5.02 57.37 55.22
N TRP H 23 4.72 58.21 54.23
CA TRP H 23 3.34 58.37 53.80
C TRP H 23 2.76 57.13 53.13
N ILE H 24 3.61 56.16 52.81
CA ILE H 24 3.08 54.94 52.19
C ILE H 24 3.76 53.67 52.65
N GLN H 25 3.90 53.47 53.96
CA GLN H 25 4.51 52.26 54.48
C GLN H 25 3.49 51.18 54.60
N ALA H 26 2.22 51.56 54.62
CA ALA H 26 1.15 50.59 54.79
C ALA H 26 0.76 49.97 53.46
N ALA H 27 1.24 50.57 52.38
CA ALA H 27 0.99 50.12 51.00
C ALA H 27 1.19 48.63 50.87
N SER H 28 0.22 47.99 50.23
CA SER H 28 0.22 46.55 50.10
C SER H 28 1.11 46.00 49.00
N SER H 37 7.73 58.96 45.08
CA SER H 37 7.99 60.33 44.55
C SER H 37 7.09 60.67 43.35
N LEU H 38 7.24 59.91 42.28
CA LEU H 38 6.44 60.08 41.09
C LEU H 38 5.01 60.04 41.61
N LEU H 39 4.75 59.00 42.38
CA LEU H 39 3.45 58.82 42.95
C LEU H 39 2.97 60.05 43.68
N TYR H 40 3.75 60.57 44.62
CA TYR H 40 3.36 61.77 45.36
C TYR H 40 2.93 62.85 44.41
N GLN H 41 3.74 63.04 43.38
CA GLN H 41 3.56 64.01 42.30
C GLN H 41 2.40 63.70 41.45
N LEU H 42 2.30 62.43 41.06
CA LEU H 42 1.19 61.96 40.26
C LEU H 42 0.00 62.41 41.09
N ILE H 43 0.04 62.14 42.38
CA ILE H 43 -1.03 62.55 43.23
C ILE H 43 -1.35 64.04 43.43
N SER H 44 -0.34 64.81 43.82
CA SER H 44 -0.52 66.21 44.18
C SER H 44 -0.74 67.16 43.05
N THR H 45 0.06 67.00 42.03
CA THR H 45 -0.02 67.85 40.84
C THR H 45 -1.43 67.92 40.28
N ARG H 46 -2.34 67.08 40.77
CA ARG H 46 -3.72 67.13 40.31
C ARG H 46 -4.77 67.62 41.30
N ILE H 47 -4.34 68.46 42.23
CA ILE H 47 -5.22 69.09 43.21
C ILE H 47 -5.07 70.58 43.01
N PRO H 48 -6.16 71.25 42.69
CA PRO H 48 -6.15 72.68 42.47
C PRO H 48 -6.20 73.41 43.82
N SER H 49 -5.75 74.67 43.82
CA SER H 49 -5.75 75.45 45.04
C SER H 49 -7.10 75.60 45.79
N PHE H 50 -8.15 76.03 45.08
CA PHE H 50 -9.44 76.19 45.77
C PHE H 50 -9.85 74.83 46.36
N ALA H 51 -9.25 73.76 45.82
CA ALA H 51 -9.54 72.41 46.27
C ALA H 51 -8.93 72.27 47.65
N SER H 52 -7.61 72.46 47.72
CA SER H 52 -6.91 72.38 49.00
C SER H 52 -6.05 73.61 48.99
N PRO H 53 -6.34 74.55 49.87
CA PRO H 53 -5.54 75.76 49.91
C PRO H 53 -4.10 75.49 50.36
N ASN H 54 -3.97 74.86 51.54
CA ASN H 54 -2.66 74.54 52.12
C ASN H 54 -1.93 73.34 51.52
N GLY H 55 -2.66 72.49 50.78
CA GLY H 55 -1.98 71.38 50.14
C GLY H 55 -2.24 70.08 50.83
N LEU H 56 -1.49 69.04 50.41
CA LEU H 56 -1.62 67.67 50.92
C LEU H 56 -0.85 67.41 52.19
N HIS H 57 -1.61 67.24 53.25
CA HIS H 57 -1.06 66.95 54.57
C HIS H 57 -1.24 65.48 54.92
N MET H 58 -0.13 64.83 55.25
CA MET H 58 -0.15 63.42 55.66
C MET H 58 -0.45 63.43 57.13
N ARG H 59 -0.82 62.29 57.66
CA ARG H 59 -1.08 62.25 59.09
C ARG H 59 0.27 62.42 59.83
N GLU H 60 0.29 62.83 61.10
CA GLU H 60 1.62 62.99 61.73
C GLU H 60 1.92 62.04 62.89
N GLN H 61 3.19 61.88 63.19
CA GLN H 61 3.63 61.04 64.29
C GLN H 61 2.98 59.65 64.31
N THR H 62 2.80 59.03 63.14
CA THR H 62 2.23 57.71 63.03
C THR H 62 3.32 56.68 63.37
N ILE H 63 4.51 57.16 63.63
CA ILE H 63 5.60 56.29 64.07
C ILE H 63 6.43 57.05 65.08
N ASP H 64 7.13 56.27 65.91
CA ASP H 64 7.99 56.84 66.97
C ASP H 64 9.27 57.41 66.34
N SER H 65 9.61 58.64 66.68
CA SER H 65 10.81 59.29 66.14
C SER H 65 12.04 58.52 66.59
N ASN H 66 11.84 57.62 67.56
CA ASN H 66 12.92 56.80 68.08
C ASN H 66 12.91 55.39 67.41
N THR H 67 12.12 54.53 68.02
CA THR H 67 11.93 53.13 67.68
C THR H 67 11.54 52.75 66.23
N GLY H 68 11.13 53.72 65.43
CA GLY H 68 10.70 53.42 64.06
C GLY H 68 9.28 52.77 64.07
N GLN H 69 8.90 52.22 65.22
CA GLN H 69 7.62 51.55 65.44
C GLN H 69 6.34 52.40 65.38
N ILE H 70 5.28 51.73 64.91
CA ILE H 70 3.94 52.27 64.78
C ILE H 70 3.51 52.85 66.11
N GLN H 71 3.01 54.07 66.10
CA GLN H 71 2.49 54.67 67.33
C GLN H 71 1.12 54.02 67.57
N ILE H 72 1.06 53.09 68.52
CA ILE H 72 -0.19 52.43 68.89
C ILE H 72 -0.91 53.14 70.02
N ASP H 73 -1.55 54.26 69.70
CA ASP H 73 -2.29 55.02 70.69
C ASP H 73 -3.69 55.35 70.18
N ASN H 74 -4.43 56.13 70.94
CA ASN H 74 -5.78 56.49 70.55
C ASN H 74 -5.79 57.53 69.44
N GLU H 75 -4.82 58.44 69.47
CA GLU H 75 -4.71 59.48 68.45
C GLU H 75 -4.58 58.88 67.06
N HIS H 76 -3.86 57.77 66.97
CA HIS H 76 -3.66 57.12 65.69
C HIS H 76 -4.46 55.86 65.44
N ARG H 77 -5.48 55.61 66.26
CA ARG H 77 -6.31 54.44 66.06
C ARG H 77 -7.23 54.73 64.89
N LEU H 78 -7.35 53.76 64.00
CA LEU H 78 -8.18 53.91 62.80
C LEU H 78 -9.13 52.73 62.66
N LEU H 79 -10.21 52.94 61.94
CA LEU H 79 -11.19 51.88 61.73
C LEU H 79 -11.65 51.82 60.28
N ARG H 80 -12.07 50.63 59.87
CA ARG H 80 -12.59 50.45 58.53
C ARG H 80 -13.78 49.50 58.58
N TRP H 81 -14.91 50.00 58.09
CA TRP H 81 -16.13 49.22 58.05
C TRP H 81 -16.05 48.45 56.74
N ASP H 82 -16.09 47.13 56.84
CA ASP H 82 -16.00 46.29 55.66
C ASP H 82 -16.92 45.09 55.87
N ARG H 83 -17.49 44.59 54.77
CA ARG H 83 -18.39 43.45 54.85
C ARG H 83 -17.71 42.11 54.59
N ARG H 84 -16.39 42.17 54.37
CA ARG H 84 -15.58 40.99 54.12
C ARG H 84 -15.04 40.43 55.43
N PRO H 85 -15.09 39.11 55.56
CA PRO H 85 -14.66 38.43 56.78
C PRO H 85 -13.14 38.40 56.97
N PRO H 86 -12.71 38.17 58.20
CA PRO H 86 -11.29 38.14 58.53
C PRO H 86 -10.49 37.10 57.76
N ASN H 87 -11.13 35.99 57.40
CA ASN H 87 -10.44 34.94 56.65
C ASN H 87 -9.81 35.54 55.39
N ASP H 88 -10.40 36.64 54.94
CA ASP H 88 -9.90 37.36 53.77
C ASP H 88 -8.98 38.46 54.28
N ILE H 89 -9.56 39.37 55.05
CA ILE H 89 -8.84 40.52 55.58
C ILE H 89 -7.58 40.24 56.39
N PHE H 90 -7.69 39.38 57.40
CA PHE H 90 -6.54 39.08 58.24
C PHE H 90 -5.45 38.36 57.46
N LEU H 91 -5.85 37.85 56.29
CA LEU H 91 -4.96 37.13 55.41
C LEU H 91 -4.32 38.04 54.36
N ASN H 92 -5.14 38.71 53.57
CA ASN H 92 -4.68 39.60 52.51
C ASN H 92 -4.54 41.07 52.88
N GLY H 93 -5.17 41.48 53.97
CA GLY H 93 -5.13 42.88 54.38
C GLY H 93 -6.13 43.62 53.49
N PHE H 94 -5.98 44.95 53.39
CA PHE H 94 -6.88 45.72 52.55
C PHE H 94 -6.19 46.05 51.23
N ILE H 95 -6.62 45.38 50.18
CA ILE H 95 -6.06 45.61 48.86
C ILE H 95 -7.00 46.49 48.03
N PRO H 96 -6.46 47.57 47.48
CA PRO H 96 -7.23 48.50 46.68
C PRO H 96 -7.98 47.80 45.56
N ARG H 97 -9.01 48.45 45.04
CA ARG H 97 -9.79 47.87 43.97
C ARG H 97 -8.95 47.78 42.70
N VAL H 98 -8.15 48.85 42.52
CA VAL H 98 -7.26 49.03 41.42
C VAL H 98 -5.86 48.66 41.84
N THR H 99 -5.41 47.51 41.36
CA THR H 99 -4.11 46.97 41.70
C THR H 99 -3.08 47.64 40.85
N ASN H 100 -2.03 46.90 40.52
CA ASN H 100 -0.94 47.40 39.70
C ASN H 100 -1.26 46.74 38.37
N GLN H 101 -1.77 45.50 38.48
CA GLN H 101 -2.17 44.67 37.33
C GLN H 101 -3.28 45.27 36.50
N ASN H 102 -3.83 46.39 36.95
CA ASN H 102 -4.93 47.03 36.24
C ASN H 102 -4.93 48.54 36.44
N LEU H 103 -3.75 49.04 36.79
CA LEU H 103 -3.48 50.45 37.06
C LEU H 103 -3.30 51.37 35.83
N SER H 104 -4.08 52.44 35.82
CA SER H 104 -4.08 53.43 34.79
C SER H 104 -3.88 54.70 35.59
N PRO H 105 -2.60 54.99 35.80
CA PRO H 105 -2.18 56.12 36.60
C PRO H 105 -2.89 57.46 36.57
N VAL H 106 -2.99 58.11 35.42
CA VAL H 106 -3.64 59.41 35.40
C VAL H 106 -4.99 59.41 36.11
N GLU H 107 -5.67 58.27 36.02
CA GLU H 107 -6.98 58.06 36.65
C GLU H 107 -7.05 57.31 37.99
N ASP H 108 -6.53 56.07 38.07
CA ASP H 108 -6.51 55.25 39.26
C ASP H 108 -5.84 55.87 40.46
N THR H 109 -5.28 57.06 40.28
CA THR H 109 -4.62 57.79 41.37
C THR H 109 -5.31 59.15 41.53
N HIS H 110 -6.49 59.28 40.93
CA HIS H 110 -7.23 60.52 41.03
C HIS H 110 -7.98 60.48 42.35
N LEU H 111 -7.39 61.14 43.34
CA LEU H 111 -7.95 61.17 44.68
C LEU H 111 -9.33 61.78 44.72
N LEU H 112 -9.44 63.04 44.32
CA LEU H 112 -10.75 63.72 44.31
C LEU H 112 -11.84 62.90 43.63
N ASN H 113 -11.53 62.30 42.50
CA ASN H 113 -12.54 61.51 41.84
C ASN H 113 -12.94 60.28 42.65
N TYR H 114 -11.99 59.73 43.41
CA TYR H 114 -12.25 58.57 44.25
C TYR H 114 -13.13 59.00 45.41
N LEU H 115 -12.76 60.11 46.02
CA LEU H 115 -13.46 60.67 47.16
C LEU H 115 -14.86 61.13 46.81
N ARG H 116 -14.96 61.75 45.64
CA ARG H 116 -16.23 62.25 45.09
C ARG H 116 -17.20 61.20 44.41
N THR H 117 -16.70 60.05 43.92
CA THR H 117 -17.53 59.04 43.27
C THR H 117 -17.33 57.61 43.70
N ASN H 118 -16.25 57.33 44.41
CA ASN H 118 -15.97 55.98 44.86
C ASN H 118 -15.62 55.07 43.68
N SER H 119 -15.09 55.69 42.62
CA SER H 119 -14.64 54.97 41.42
C SER H 119 -13.45 54.12 41.86
N PRO H 120 -13.22 53.00 41.20
CA PRO H 120 -12.09 52.14 41.55
C PRO H 120 -10.77 52.89 41.57
N SER H 121 -9.96 52.65 42.59
CA SER H 121 -8.67 53.34 42.68
C SER H 121 -7.63 52.51 43.42
N ILE H 122 -6.52 53.14 43.74
CA ILE H 122 -5.45 52.47 44.48
C ILE H 122 -5.59 52.85 45.94
N PHE H 123 -6.62 53.62 46.25
CA PHE H 123 -6.87 54.08 47.61
C PHE H 123 -7.73 53.16 48.43
N VAL H 124 -7.45 53.14 49.73
CA VAL H 124 -8.21 52.36 50.70
C VAL H 124 -8.54 53.34 51.83
N SER H 125 -9.82 53.44 52.14
CA SER H 125 -10.26 54.37 53.16
C SER H 125 -10.41 53.80 54.57
N THR H 126 -10.19 54.66 55.55
CA THR H 126 -10.34 54.30 56.95
C THR H 126 -10.85 55.57 57.61
N THR H 127 -11.39 55.41 58.80
CA THR H 127 -11.90 56.55 59.54
C THR H 127 -11.30 56.56 60.94
N ARG H 128 -10.95 57.76 61.41
CA ARG H 128 -10.39 57.92 62.75
C ARG H 128 -11.37 57.35 63.76
N ALA H 129 -10.83 56.79 64.85
CA ALA H 129 -11.63 56.27 65.94
C ALA H 129 -11.90 57.53 66.78
N ARG H 130 -13.10 57.65 67.34
CA ARG H 130 -13.45 58.86 68.11
C ARG H 130 -13.46 58.77 69.62
N TYR H 131 -12.95 59.80 70.27
CA TYR H 131 -12.88 59.85 71.72
C TYR H 131 -13.30 61.20 72.31
N ASN H 132 -13.84 61.16 73.52
CA ASN H 132 -14.23 62.40 74.20
C ASN H 132 -13.00 62.99 74.85
N ASN H 133 -13.16 64.12 75.52
CA ASN H 133 -12.04 64.79 76.17
C ASN H 133 -11.61 64.06 77.44
N LEU H 134 -12.03 62.81 77.58
CA LEU H 134 -11.66 62.04 78.76
C LEU H 134 -10.89 60.82 78.32
N GLY H 135 -10.84 60.60 77.01
CA GLY H 135 -10.13 59.46 76.44
C GLY H 135 -11.09 58.29 76.28
N LEU H 136 -12.38 58.57 76.41
CA LEU H 136 -13.39 57.53 76.29
C LEU H 136 -13.90 57.49 74.85
N GLU H 137 -13.99 56.29 74.28
CA GLU H 137 -14.43 56.14 72.91
C GLU H 137 -15.90 56.50 72.71
N ILE H 138 -16.15 57.29 71.67
CA ILE H 138 -17.51 57.70 71.31
C ILE H 138 -17.76 57.23 69.89
N THR H 139 -19.01 57.33 69.45
CA THR H 139 -19.37 56.85 68.11
C THR H 139 -18.53 57.43 66.99
N PRO H 140 -18.06 56.55 66.11
CA PRO H 140 -17.25 56.96 64.96
C PRO H 140 -18.14 57.09 63.73
N TRP H 141 -17.57 57.57 62.62
CA TRP H 141 -18.31 57.70 61.38
C TRP H 141 -18.84 56.28 61.13
N THR H 142 -20.14 56.16 60.91
CA THR H 142 -20.72 54.84 60.72
C THR H 142 -21.56 54.72 59.46
N PRO H 143 -21.38 53.62 58.75
CA PRO H 143 -22.12 53.36 57.53
C PRO H 143 -23.60 53.32 57.88
N HIS H 144 -24.45 53.74 56.96
CA HIS H 144 -25.89 53.73 57.21
C HIS H 144 -26.41 52.31 57.24
N SER H 145 -25.76 51.42 56.51
CA SER H 145 -26.18 50.02 56.43
C SER H 145 -25.69 49.19 57.60
N ALA H 146 -24.94 49.82 58.50
CA ALA H 146 -24.36 49.11 59.64
C ALA H 146 -25.27 48.12 60.37
N ASN H 147 -26.54 48.45 60.55
CA ASN H 147 -27.47 47.57 61.26
C ASN H 147 -28.07 46.45 60.43
N ASN H 148 -27.64 46.33 59.18
CA ASN H 148 -28.18 45.31 58.31
C ASN H 148 -27.17 44.24 57.97
N ASN H 149 -27.52 43.00 58.24
CA ASN H 149 -26.67 41.87 57.92
C ASN H 149 -25.28 41.87 58.55
N ILE H 150 -24.37 41.14 57.90
CA ILE H 150 -23.00 41.02 58.38
C ILE H 150 -22.00 42.04 57.85
N ILE H 151 -21.48 42.83 58.77
CA ILE H 151 -20.48 43.86 58.48
C ILE H 151 -19.41 43.77 59.58
N TYR H 152 -18.16 44.12 59.24
CA TYR H 152 -17.07 44.07 60.20
C TYR H 152 -16.49 45.45 60.47
N ARG H 153 -16.03 45.64 61.70
CA ARG H 153 -15.45 46.91 62.12
C ARG H 153 -13.99 46.66 62.46
N TYR H 154 -13.13 46.76 61.45
CA TYR H 154 -11.69 46.52 61.62
C TYR H 154 -10.93 47.63 62.33
N GLU H 155 -9.98 47.22 63.16
CA GLU H 155 -9.14 48.14 63.92
C GLU H 155 -7.76 48.16 63.28
N ILE H 156 -7.30 49.34 62.93
CA ILE H 156 -6.03 49.49 62.26
C ILE H 156 -5.11 50.47 62.93
N PHE H 157 -3.82 50.15 62.88
CA PHE H 157 -2.72 50.98 63.38
C PHE H 157 -1.68 50.77 62.27
N ALA H 158 -1.48 51.79 61.44
CA ALA H 158 -0.56 51.69 60.32
C ALA H 158 0.17 52.99 60.11
N PRO H 159 1.30 52.90 59.41
CA PRO H 159 2.10 54.07 59.12
C PRO H 159 1.59 54.89 57.94
N GLY H 160 1.73 56.21 58.06
CA GLY H 160 1.34 57.15 57.01
C GLY H 160 -0.16 57.27 56.84
N GLY H 161 -0.58 57.51 55.61
CA GLY H 161 -1.98 57.69 55.29
C GLY H 161 -2.18 59.18 55.06
N ILE H 162 -3.12 59.52 54.19
CA ILE H 162 -3.38 60.92 53.90
C ILE H 162 -4.42 61.45 54.88
N ASP H 163 -4.14 62.59 55.47
CA ASP H 163 -5.06 63.22 56.41
C ASP H 163 -6.04 64.02 55.57
N ILE H 164 -7.17 63.39 55.26
CA ILE H 164 -8.17 64.04 54.42
C ILE H 164 -8.59 65.36 55.02
N ASN H 165 -8.84 65.35 56.32
CA ASN H 165 -9.25 66.56 57.02
C ASN H 165 -8.27 67.72 56.85
N ALA H 166 -6.98 67.41 56.89
CA ALA H 166 -5.93 68.41 56.76
C ALA H 166 -5.65 68.77 55.31
N SER H 167 -6.04 67.91 54.40
CA SER H 167 -5.80 68.16 52.99
C SER H 167 -6.90 68.97 52.31
N PHE H 168 -8.14 68.79 52.77
CA PHE H 168 -9.28 69.50 52.20
C PHE H 168 -10.14 70.27 53.17
N SER H 169 -11.08 71.11 52.81
CA SER H 169 -11.87 71.43 54.01
C SER H 169 -13.11 70.52 54.19
N ARG H 170 -14.24 71.05 53.78
CA ARG H 170 -15.45 70.29 53.77
C ARG H 170 -15.71 70.44 52.27
N ASN H 171 -14.63 70.65 51.53
CA ASN H 171 -14.76 70.89 50.11
C ASN H 171 -14.65 69.72 49.10
N HIS H 172 -13.91 68.69 49.48
CA HIS H 172 -13.70 67.52 48.63
C HIS H 172 -15.02 66.81 48.21
N ASN H 173 -16.04 66.96 49.05
CA ASN H 173 -17.36 66.33 48.86
C ASN H 173 -18.43 67.21 49.55
N PRO H 174 -19.72 67.01 49.20
CA PRO H 174 -20.81 67.75 49.84
C PRO H 174 -21.30 67.07 51.11
N PHE H 175 -20.65 65.96 51.46
CA PHE H 175 -20.97 65.16 52.67
C PHE H 175 -19.69 64.63 53.24
N PRO H 176 -18.76 65.54 53.48
CA PRO H 176 -17.45 65.15 53.96
C PRO H 176 -17.39 64.43 55.29
N ASN H 177 -16.53 63.44 55.37
CA ASN H 177 -16.33 62.73 56.62
C ASN H 177 -14.99 63.30 57.07
N GLN H 178 -15.06 64.20 58.05
CA GLN H 178 -13.86 64.91 58.57
C GLN H 178 -12.81 64.07 59.12
N ASP H 179 -13.03 62.81 58.97
CA ASP H 179 -12.37 61.84 59.84
C ASP H 179 -11.67 60.76 59.02
N GLU H 180 -11.60 60.94 57.71
CA GLU H 180 -10.98 59.92 56.87
C GLU H 180 -9.48 59.98 56.74
N ILE H 181 -8.90 58.80 56.62
CA ILE H 181 -7.47 58.63 56.41
C ILE H 181 -7.35 57.68 55.23
N THR H 182 -6.80 58.18 54.14
CA THR H 182 -6.68 57.36 52.93
C THR H 182 -5.31 56.77 52.75
N PHE H 183 -5.28 55.50 52.39
CA PHE H 183 -4.05 54.78 52.20
C PHE H 183 -3.85 54.34 50.76
N PRO H 184 -2.95 55.01 50.06
CA PRO H 184 -2.63 54.68 48.69
C PRO H 184 -1.91 53.34 48.74
N GLY H 185 -2.37 52.37 47.96
CA GLY H 185 -1.74 51.05 47.97
C GLY H 185 -2.34 50.11 49.01
N GLY H 186 -3.31 50.60 49.77
CA GLY H 186 -3.97 49.78 50.78
C GLY H 186 -3.15 49.63 52.05
N ILE H 187 -3.52 48.61 52.83
CA ILE H 187 -2.86 48.32 54.10
C ILE H 187 -2.58 46.82 54.23
N ARG H 188 -1.44 46.46 54.79
CA ARG H 188 -1.08 45.05 54.98
C ARG H 188 -1.75 44.50 56.24
N PRO H 189 -2.08 43.20 56.24
CA PRO H 189 -2.76 42.57 57.36
C PRO H 189 -2.11 42.79 58.72
N GLU H 190 -0.79 42.82 58.73
CA GLU H 190 -0.03 43.01 59.96
C GLU H 190 -0.38 44.31 60.68
N PHE H 191 -1.14 45.20 60.04
CA PHE H 191 -1.51 46.48 60.65
C PHE H 191 -2.93 46.47 61.16
N ILE H 192 -3.63 45.37 60.93
CA ILE H 192 -5.00 45.22 61.36
C ILE H 192 -4.97 44.39 62.64
N ARG H 193 -5.19 45.05 63.78
CA ARG H 193 -5.15 44.36 65.07
C ARG H 193 -6.36 43.46 65.37
N SER H 194 -7.56 43.98 65.16
CA SER H 194 -8.77 43.20 65.46
C SER H 194 -9.95 43.67 64.62
N THR H 195 -11.10 43.06 64.88
CA THR H 195 -12.34 43.44 64.19
C THR H 195 -13.56 42.90 64.92
N TYR H 196 -14.65 43.66 64.90
CA TYR H 196 -15.89 43.25 65.53
C TYR H 196 -16.78 42.67 64.43
N GLU H 197 -17.38 41.50 64.68
CA GLU H 197 -18.25 40.91 63.69
C GLU H 197 -19.69 41.24 64.07
N TYR H 198 -20.37 42.02 63.24
CA TYR H 198 -21.74 42.42 63.54
C TYR H 198 -22.73 41.62 62.74
N HIS H 199 -23.85 41.32 63.38
CA HIS H 199 -24.94 40.61 62.73
C HIS H 199 -26.18 41.42 63.04
N ASN H 200 -26.68 42.10 62.02
CA ASN H 200 -27.85 42.94 62.16
C ASN H 200 -27.70 43.97 63.27
N GLY H 201 -26.54 44.62 63.28
CA GLY H 201 -26.24 45.68 64.24
C GLY H 201 -25.83 45.22 65.63
N GLU H 202 -25.65 43.92 65.80
CA GLU H 202 -25.24 43.38 67.10
C GLU H 202 -23.89 42.67 67.06
N ILE H 203 -23.00 43.06 67.97
CA ILE H 203 -21.70 42.43 68.02
C ILE H 203 -21.89 40.95 68.30
N VAL H 204 -21.21 40.12 67.54
CA VAL H 204 -21.34 38.69 67.69
C VAL H 204 -20.03 38.04 68.11
N ARG H 205 -18.92 38.61 67.65
CA ARG H 205 -17.61 38.08 67.99
C ARG H 205 -16.56 39.17 67.86
N ILE H 206 -15.44 38.97 68.52
CA ILE H 206 -14.35 39.92 68.45
C ILE H 206 -13.12 39.13 67.99
N TRP H 207 -12.62 39.43 66.81
CA TRP H 207 -11.48 38.70 66.30
C TRP H 207 -10.17 39.39 66.60
N ILE H 208 -9.14 38.59 66.84
CA ILE H 208 -7.81 39.10 67.11
C ILE H 208 -6.82 38.58 66.07
N ASN H 209 -5.97 39.47 65.59
CA ASN H 209 -5.00 39.09 64.59
C ASN H 209 -3.69 38.75 65.28
N PRO H 210 -3.44 37.44 65.41
CA PRO H 210 -2.23 36.96 66.05
C PRO H 210 -1.01 37.54 65.36
N ASN H 211 -1.14 37.75 64.05
CA ASN H 211 -0.04 38.29 63.25
C ASN H 211 0.11 39.80 63.29
N PHE H 212 -0.62 40.45 64.19
CA PHE H 212 -0.53 41.90 64.29
C PHE H 212 0.90 42.34 64.55
N ILE H 213 1.31 43.42 63.91
CA ILE H 213 2.65 43.95 64.00
C ILE H 213 3.28 44.00 65.41
N ASN H 214 2.49 44.36 66.41
CA ASN H 214 2.98 44.46 67.79
C ASN H 214 2.09 43.65 68.73
N PRO H 215 2.31 42.33 68.71
CA PRO H 215 1.54 41.37 69.49
C PRO H 215 1.47 41.64 70.99
N SER H 216 2.46 42.36 71.51
CA SER H 216 2.49 42.69 72.93
C SER H 216 1.21 43.41 73.33
N THR H 217 0.60 44.11 72.38
CA THR H 217 -0.62 44.87 72.65
C THR H 217 -1.93 44.16 72.33
N LEU H 218 -1.86 42.94 71.80
CA LEU H 218 -3.06 42.18 71.48
C LEU H 218 -3.95 42.12 72.71
N ASN H 219 -3.31 42.34 73.84
CA ASN H 219 -3.98 42.34 75.13
C ASN H 219 -4.96 43.51 75.25
N ASP H 220 -4.51 44.70 74.88
CA ASP H 220 -5.32 45.92 74.98
C ASP H 220 -6.62 45.96 74.18
N VAL H 221 -6.91 44.91 73.43
CA VAL H 221 -8.13 44.90 72.64
C VAL H 221 -9.41 45.00 73.47
N SER H 222 -9.97 46.22 73.52
CA SER H 222 -11.20 46.50 74.25
C SER H 222 -12.38 45.80 73.60
N GLY H 223 -13.52 45.79 74.27
CA GLY H 223 -14.70 45.15 73.72
C GLY H 223 -15.71 44.79 74.81
N PRO H 224 -16.95 44.57 74.39
CA PRO H 224 -18.03 44.24 75.30
C PRO H 224 -17.81 42.92 76.04
N SER H 225 -18.41 42.84 77.23
CA SER H 225 -18.32 41.65 78.06
C SER H 225 -19.35 40.62 77.58
N ASN H 226 -19.03 39.36 77.78
CA ASN H 226 -19.91 38.28 77.38
C ASN H 226 -20.00 38.08 75.87
N ILE H 227 -18.92 38.47 75.17
CA ILE H 227 -18.83 38.32 73.72
C ILE H 227 -17.52 37.64 73.37
N SER H 228 -17.61 36.42 72.85
CA SER H 228 -16.45 35.62 72.49
C SER H 228 -15.31 36.38 71.82
N LYS H 229 -14.14 36.40 72.46
CA LYS H 229 -12.97 37.08 71.91
C LYS H 229 -12.07 36.04 71.24
N VAL H 230 -12.43 35.62 70.05
CA VAL H 230 -11.66 34.62 69.31
C VAL H 230 -10.34 35.08 68.69
N PHE H 231 -9.44 34.12 68.52
CA PHE H 231 -8.15 34.37 67.89
C PHE H 231 -8.17 33.80 66.49
N TRP H 232 -8.05 34.68 65.51
CA TRP H 232 -8.09 34.24 64.12
C TRP H 232 -6.88 33.42 63.72
N HIS H 233 -7.14 32.48 62.82
CA HIS H 233 -6.11 31.64 62.22
C HIS H 233 -6.61 31.35 60.82
N GLU H 234 -5.68 31.26 59.88
CA GLU H 234 -6.04 31.03 58.48
C GLU H 234 -7.13 29.97 58.30
N ASN H 235 -7.97 30.17 57.29
CA ASN H 235 -9.05 29.24 57.01
C ASN H 235 -9.94 28.87 58.18
N HIS H 236 -9.92 29.72 59.20
CA HIS H 236 -10.76 29.51 60.39
C HIS H 236 -12.20 29.22 59.96
N SER H 237 -12.84 28.27 60.63
CA SER H 237 -14.21 27.88 60.28
C SER H 237 -15.26 28.98 60.34
N GLU H 238 -15.15 29.87 61.31
CA GLU H 238 -16.14 30.92 61.46
C GLU H 238 -15.63 32.30 61.09
N GLY H 239 -14.51 32.32 60.37
CA GLY H 239 -13.91 33.56 59.93
C GLY H 239 -14.28 33.88 58.49
N ASN H 240 -15.37 33.30 58.02
CA ASN H 240 -15.80 33.55 56.66
C ASN H 240 -17.28 33.86 56.53
N ASN H 241 -17.87 34.37 57.60
CA ASN H 241 -19.28 34.72 57.60
C ASN H 241 -19.49 36.07 56.92
N MET H 242 -20.25 36.07 55.83
CA MET H 242 -20.51 37.31 55.10
C MET H 242 -21.77 37.28 54.27
N ASP H 243 -22.28 38.45 53.91
CA ASP H 243 -23.49 38.55 53.10
C ASP H 243 -23.41 37.77 51.80
N SER H 244 -24.55 37.17 51.42
CA SER H 244 -24.67 36.38 50.21
C SER H 244 -24.01 36.96 48.96
N LYS H 245 -24.27 38.24 48.67
CA LYS H 245 -23.78 38.89 47.46
C LYS H 245 -22.29 38.77 47.09
N GLY H 246 -21.41 39.08 48.03
CA GLY H 246 -19.98 39.01 47.80
C GLY H 246 -19.52 37.61 47.39
N PHE H 247 -20.47 36.72 47.19
CA PHE H 247 -20.15 35.35 46.79
C PHE H 247 -20.59 35.03 45.37
N ILE H 248 -21.27 36.01 44.76
CA ILE H 248 -21.67 35.86 43.39
C ILE H 248 -20.50 36.52 42.71
N LEU H 249 -19.45 35.75 42.45
CA LEU H 249 -18.21 36.23 41.83
C LEU H 249 -18.45 36.67 40.37
N ASP H 250 -19.72 36.59 40.02
CA ASP H 250 -20.29 37.01 38.75
C ASP H 250 -20.15 38.53 38.68
N LEU H 251 -20.92 39.25 39.50
CA LEU H 251 -20.87 40.70 39.57
C LEU H 251 -19.74 41.18 40.49
N ASP H 252 -19.26 42.40 40.29
CA ASP H 252 -18.19 42.89 41.14
C ASP H 252 -18.68 43.54 42.44
N TYR H 253 -17.97 43.32 43.55
CA TYR H 253 -18.37 43.90 44.82
C TYR H 253 -17.73 45.27 45.03
N ASN H 254 -18.54 46.24 45.44
CA ASN H 254 -17.95 47.52 45.75
C ASN H 254 -17.64 47.38 47.21
N GLN H 255 -16.48 46.77 47.48
CA GLN H 255 -16.06 46.55 48.85
C GLN H 255 -15.80 47.86 49.58
N ASP H 256 -15.65 48.93 48.82
CA ASP H 256 -15.37 50.25 49.40
C ASP H 256 -16.68 50.98 49.64
N PHE H 257 -17.78 50.32 49.38
CA PHE H 257 -19.10 50.93 49.51
C PHE H 257 -19.44 51.57 50.85
N ASP H 258 -19.26 50.84 51.94
CA ASP H 258 -19.62 51.38 53.25
C ASP H 258 -18.65 52.39 53.83
N MET H 259 -17.58 52.69 53.10
CA MET H 259 -16.61 53.67 53.58
C MET H 259 -16.74 54.95 52.76
N PHE H 260 -17.69 54.93 51.84
CA PHE H 260 -17.96 56.06 50.97
C PHE H 260 -18.73 57.12 51.74
N ALA H 261 -18.17 58.32 51.79
CA ALA H 261 -18.75 59.46 52.51
C ALA H 261 -20.26 59.54 52.61
N PRO H 262 -20.94 59.59 51.47
CA PRO H 262 -22.40 59.69 51.45
C PRO H 262 -23.11 58.48 52.02
N ASN H 263 -22.40 57.37 52.15
CA ASN H 263 -23.00 56.15 52.67
C ASN H 263 -22.90 55.98 54.17
N GLY H 264 -22.55 57.06 54.85
CA GLY H 264 -22.43 57.03 56.30
C GLY H 264 -22.25 58.42 56.89
N GLU H 265 -22.13 58.47 58.21
CA GLU H 265 -21.95 59.75 58.90
C GLU H 265 -21.69 59.45 60.37
N ILE H 266 -21.30 60.49 61.12
CA ILE H 266 -21.07 60.35 62.55
C ILE H 266 -22.44 60.56 63.20
N PRO H 267 -23.10 59.46 63.54
CA PRO H 267 -24.44 59.52 64.11
C PRO H 267 -24.63 60.39 65.35
N ASN H 268 -23.69 60.30 66.28
CA ASN H 268 -23.79 61.04 67.53
C ASN H 268 -22.44 61.12 68.23
N ASN H 269 -22.43 61.65 69.45
CA ASN H 269 -21.20 61.77 70.22
C ASN H 269 -21.29 61.00 71.52
N ASN H 270 -22.21 60.03 71.54
CA ASN H 270 -22.42 59.20 72.71
C ASN H 270 -21.25 58.27 72.92
N LEU H 271 -21.07 57.83 74.16
CA LEU H 271 -19.99 56.90 74.49
C LEU H 271 -20.41 55.54 73.94
N LEU H 272 -19.50 54.58 73.98
CA LEU H 272 -19.81 53.26 73.48
C LEU H 272 -20.15 52.25 74.57
N ASP I 20 23.56 16.21 6.15
CA ASP I 20 24.64 17.03 6.71
C ASP I 20 25.92 16.89 5.89
N ASN I 21 27.07 17.07 6.57
CA ASN I 21 28.42 16.97 6.00
C ASN I 21 29.32 16.12 6.90
N THR I 22 28.73 15.17 7.62
CA THR I 22 29.52 14.34 8.55
C THR I 22 30.39 13.30 7.81
N TRP I 23 29.91 12.81 6.67
CA TRP I 23 30.58 11.76 5.86
C TRP I 23 32.07 11.96 5.63
N ILE I 24 32.43 13.22 5.39
CA ILE I 24 33.79 13.59 5.15
C ILE I 24 34.28 14.49 6.28
N GLN I 25 33.77 14.26 7.49
CA GLN I 25 34.18 15.08 8.60
C GLN I 25 35.69 15.08 8.79
N ALA I 26 36.27 13.90 9.02
CA ALA I 26 37.73 13.71 9.24
C ALA I 26 38.60 14.01 8.02
N ALA I 27 38.01 14.70 7.04
CA ALA I 27 38.71 15.08 5.82
C ALA I 27 39.93 15.93 6.21
N SER I 28 41.08 15.53 5.70
CA SER I 28 42.31 16.24 6.00
C SER I 28 42.80 17.14 4.87
N LEU I 29 41.87 17.77 4.13
CA LEU I 29 42.20 18.71 3.04
C LEU I 29 41.16 19.81 3.08
N THR I 30 41.51 20.96 3.64
CA THR I 30 40.59 22.09 3.74
C THR I 30 39.63 22.41 2.57
N TRP I 31 40.19 22.99 1.50
CA TRP I 31 39.46 23.43 0.30
C TRP I 31 38.29 22.53 -0.02
N LEU I 32 38.51 21.25 0.17
CA LEU I 32 37.48 20.24 -0.05
C LEU I 32 36.21 20.64 0.71
N LEU I 38 27.23 18.68 -2.67
CA LEU I 38 27.71 18.77 -4.06
C LEU I 38 28.83 17.78 -4.45
N LEU I 39 29.86 17.75 -3.64
CA LEU I 39 30.96 16.85 -3.91
C LEU I 39 30.31 15.47 -3.91
N TYR I 40 29.36 15.25 -3.00
CA TYR I 40 28.71 13.95 -2.96
C TYR I 40 27.92 13.74 -4.24
N GLN I 41 27.24 14.78 -4.71
CA GLN I 41 26.47 14.68 -5.96
C GLN I 41 27.44 14.43 -7.16
N LEU I 42 28.61 15.06 -7.09
CA LEU I 42 29.62 14.90 -8.13
C LEU I 42 30.11 13.45 -8.15
N ILE I 43 30.15 12.82 -6.98
CA ILE I 43 30.63 11.43 -6.84
C ILE I 43 29.57 10.40 -7.13
N SER I 44 28.51 10.44 -6.35
CA SER I 44 27.41 9.52 -6.45
C SER I 44 26.58 9.49 -7.71
N THR I 45 26.47 10.62 -8.40
CA THR I 45 25.65 10.67 -9.59
C THR I 45 26.34 10.16 -10.84
N ARG I 46 27.55 9.60 -10.69
CA ARG I 46 28.37 9.15 -11.82
C ARG I 46 28.52 7.62 -11.84
N ILE I 47 27.86 7.00 -10.88
CA ILE I 47 27.94 5.55 -10.70
C ILE I 47 26.78 4.74 -11.26
N PRO I 48 27.10 3.70 -12.00
CA PRO I 48 26.05 2.86 -12.58
C PRO I 48 25.23 2.07 -11.54
N SER I 49 23.99 1.76 -11.93
CA SER I 49 23.08 1.03 -11.07
C SER I 49 23.79 -0.31 -10.84
N PHE I 50 24.34 -0.85 -11.93
CA PHE I 50 25.05 -2.12 -11.90
C PHE I 50 25.98 -2.35 -10.70
N ALA I 51 26.88 -1.40 -10.44
CA ALA I 51 27.81 -1.51 -9.30
C ALA I 51 27.11 -1.01 -8.02
N SER I 52 26.35 0.05 -8.18
CA SER I 52 25.67 0.63 -7.04
C SER I 52 24.17 0.63 -7.29
N PRO I 53 23.60 -0.54 -7.07
CA PRO I 53 22.17 -0.75 -7.25
C PRO I 53 21.34 0.12 -6.32
N ASN I 54 21.84 0.34 -5.10
CA ASN I 54 21.18 1.12 -4.04
C ASN I 54 21.72 2.51 -3.82
N GLY I 55 22.72 2.89 -4.58
CA GLY I 55 23.33 4.21 -4.41
C GLY I 55 24.34 4.10 -3.29
N LEU I 56 25.07 5.18 -3.02
CA LEU I 56 26.07 5.10 -1.97
C LEU I 56 25.45 4.97 -0.57
N HIS I 57 26.32 4.79 0.40
CA HIS I 57 25.95 4.70 1.83
C HIS I 57 27.25 4.90 2.58
N MET I 58 27.23 5.84 3.53
CA MET I 58 28.40 6.16 4.34
C MET I 58 28.29 5.38 5.62
N ARG I 59 29.39 5.29 6.35
CA ARG I 59 29.39 4.56 7.61
C ARG I 59 28.46 5.28 8.62
N GLU I 60 27.68 4.52 9.38
CA GLU I 60 26.80 5.11 10.38
C GLU I 60 27.39 4.96 11.76
N GLN I 61 26.96 5.84 12.66
CA GLN I 61 27.39 5.77 14.04
C GLN I 61 28.90 5.76 14.23
N THR I 62 29.58 6.41 13.30
CA THR I 62 31.02 6.53 13.37
C THR I 62 31.29 7.47 14.53
N ILE I 63 30.26 8.29 14.78
CA ILE I 63 30.27 9.34 15.80
C ILE I 63 29.19 9.11 16.91
N ASP I 64 29.39 9.76 18.06
CA ASP I 64 28.45 9.66 19.17
C ASP I 64 27.41 10.78 19.20
N SER I 65 26.14 10.39 19.07
CA SER I 65 25.04 11.36 19.09
C SER I 65 24.41 11.69 20.46
N ASN I 66 25.22 11.63 21.52
CA ASN I 66 24.84 12.01 22.88
C ASN I 66 26.00 12.93 23.21
N THR I 67 27.06 12.85 22.38
CA THR I 67 28.23 13.71 22.56
C THR I 67 28.52 14.43 21.24
N GLY I 68 29.34 13.80 20.41
CA GLY I 68 29.75 14.36 19.13
C GLY I 68 31.25 14.08 19.07
N GLN I 69 31.61 13.01 19.77
CA GLN I 69 32.97 12.53 19.86
C GLN I 69 33.05 11.13 19.22
N ILE I 70 34.23 10.80 18.73
CA ILE I 70 34.45 9.53 18.07
C ILE I 70 33.93 8.18 18.58
N GLN I 71 33.28 7.42 17.69
CA GLN I 71 32.78 6.12 18.08
C GLN I 71 34.04 5.24 18.15
N ILE I 72 34.62 5.11 19.33
CA ILE I 72 35.83 4.30 19.42
C ILE I 72 35.55 2.88 19.88
N ASP I 73 35.01 2.07 18.99
CA ASP I 73 34.72 0.68 19.31
C ASP I 73 35.29 -0.25 18.24
N ASN I 74 35.00 -1.54 18.35
CA ASN I 74 35.50 -2.50 17.39
C ASN I 74 34.75 -2.42 16.07
N GLU I 75 33.46 -2.14 16.12
CA GLU I 75 32.64 -2.02 14.93
C GLU I 75 33.19 -0.98 13.99
N HIS I 76 33.70 0.11 14.56
CA HIS I 76 34.24 1.20 13.75
C HIS I 76 35.75 1.31 13.69
N ARG I 77 36.45 0.26 14.11
CA ARG I 77 37.90 0.26 14.04
C ARG I 77 38.30 0.04 12.59
N LEU I 78 39.24 0.83 12.12
CA LEU I 78 39.70 0.74 10.74
C LEU I 78 41.21 0.65 10.68
N LEU I 79 41.72 0.11 9.59
CA LEU I 79 43.15 -0.04 9.41
C LEU I 79 43.60 0.37 8.03
N ARG I 80 44.84 0.80 7.93
CA ARG I 80 45.42 1.17 6.65
C ARG I 80 46.86 0.69 6.59
N TRP I 81 47.14 -0.13 5.58
CA TRP I 81 48.47 -0.65 5.37
C TRP I 81 49.18 0.40 4.55
N ASP I 82 50.27 0.92 5.07
CA ASP I 82 51.03 1.96 4.39
C ASP I 82 52.51 1.71 4.65
N ARG I 83 53.35 2.06 3.68
CA ARG I 83 54.78 1.88 3.81
C ARG I 83 55.52 3.12 4.30
N ARG I 84 54.74 4.17 4.58
CA ARG I 84 55.27 5.44 5.06
C ARG I 84 55.32 5.43 6.59
N PRO I 85 56.41 5.93 7.15
CA PRO I 85 56.61 5.95 8.59
C PRO I 85 55.76 7.00 9.32
N PRO I 86 55.59 6.81 10.63
CA PRO I 86 54.78 7.70 11.45
C PRO I 86 55.25 9.15 11.42
N ASN I 87 56.56 9.35 11.27
CA ASN I 87 57.10 10.72 11.24
C ASN I 87 56.37 11.54 10.18
N ASP I 88 55.84 10.83 9.18
CA ASP I 88 55.08 11.45 8.11
C ASP I 88 53.61 11.38 8.50
N ILE I 89 53.13 10.15 8.63
CA ILE I 89 51.73 9.91 8.95
C ILE I 89 51.17 10.56 10.20
N PHE I 90 51.84 10.37 11.34
CA PHE I 90 51.36 10.94 12.60
C PHE I 90 51.40 12.46 12.56
N LEU I 91 52.16 12.97 11.60
CA LEU I 91 52.33 14.39 11.40
C LEU I 91 51.31 14.98 10.43
N ASN I 92 51.31 14.46 9.20
CA ASN I 92 50.42 14.93 8.16
C ASN I 92 49.10 14.19 8.00
N GLY I 93 49.02 12.99 8.57
CA GLY I 93 47.81 12.18 8.45
C GLY I 93 47.84 11.54 7.05
N PHE I 94 46.68 11.10 6.56
CA PHE I 94 46.64 10.51 5.24
C PHE I 94 46.09 11.52 4.23
N ILE I 95 46.99 12.03 3.39
CA ILE I 95 46.60 13.00 2.38
C ILE I 95 46.49 12.32 1.03
N PRO I 96 45.35 12.50 0.37
CA PRO I 96 45.10 11.90 -0.94
C PRO I 96 46.21 12.23 -1.92
N ARG I 97 46.30 11.43 -2.97
CA ARG I 97 47.32 11.65 -3.98
C ARG I 97 47.04 12.95 -4.74
N VAL I 98 45.77 13.34 -4.70
CA VAL I 98 45.30 14.58 -5.30
C VAL I 98 45.15 15.51 -4.08
N THR I 99 46.01 16.52 -4.08
CA THR I 99 46.02 17.47 -2.99
C THR I 99 45.64 18.89 -3.41
N ASN I 100 45.98 19.24 -4.64
CA ASN I 100 45.70 20.55 -5.14
C ASN I 100 44.24 20.97 -5.06
N GLN I 101 44.02 22.28 -5.02
CA GLN I 101 42.71 22.87 -4.98
C GLN I 101 42.35 23.36 -6.42
N ASN I 102 43.20 23.05 -7.40
CA ASN I 102 42.96 23.42 -8.81
C ASN I 102 42.89 22.13 -9.57
N LEU I 103 42.35 21.16 -8.85
CA LEU I 103 42.20 19.83 -9.34
C LEU I 103 41.21 19.73 -10.47
N SER I 104 41.16 18.52 -11.03
CA SER I 104 40.26 18.14 -12.11
C SER I 104 39.29 17.22 -11.42
N PRO I 105 38.27 17.84 -10.83
CA PRO I 105 37.25 17.18 -10.07
C PRO I 105 36.69 15.94 -10.78
N VAL I 106 36.41 16.06 -12.07
CA VAL I 106 35.89 14.94 -12.81
C VAL I 106 36.72 13.70 -12.62
N GLU I 107 37.93 13.74 -13.14
CA GLU I 107 38.82 12.60 -13.04
C GLU I 107 39.38 12.31 -11.65
N ASP I 108 39.30 13.29 -10.76
CA ASP I 108 39.85 13.07 -9.43
C ASP I 108 38.85 12.70 -8.36
N THR I 109 37.57 12.66 -8.73
CA THR I 109 36.51 12.27 -7.80
C THR I 109 35.77 11.07 -8.40
N HIS I 110 36.38 10.44 -9.39
CA HIS I 110 35.77 9.27 -10.01
C HIS I 110 36.10 8.09 -9.13
N LEU I 111 35.14 7.72 -8.30
CA LEU I 111 35.30 6.63 -7.35
C LEU I 111 35.58 5.32 -8.04
N LEU I 112 34.65 4.86 -8.87
CA LEU I 112 34.83 3.60 -9.58
C LEU I 112 36.17 3.49 -10.28
N ASN I 113 36.60 4.55 -10.94
CA ASN I 113 37.88 4.50 -11.61
C ASN I 113 39.05 4.36 -10.61
N TYR I 114 38.89 4.93 -9.42
CA TYR I 114 39.90 4.84 -8.38
C TYR I 114 39.95 3.42 -7.86
N LEU I 115 38.76 2.89 -7.58
CA LEU I 115 38.59 1.55 -7.05
C LEU I 115 39.04 0.47 -8.02
N ARG I 116 38.90 0.73 -9.31
CA ARG I 116 39.30 -0.30 -10.24
C ARG I 116 40.73 -0.19 -10.72
N THR I 117 41.24 1.04 -10.82
CA THR I 117 42.59 1.22 -11.33
C THR I 117 43.62 1.79 -10.37
N ASN I 118 43.16 2.37 -9.28
CA ASN I 118 44.07 2.97 -8.32
C ASN I 118 44.72 4.22 -8.88
N SER I 119 44.03 4.86 -9.82
CA SER I 119 44.47 6.11 -10.43
C SER I 119 44.45 7.16 -9.33
N PRO I 120 45.30 8.17 -9.43
CA PRO I 120 45.35 9.22 -8.40
C PRO I 120 43.98 9.84 -8.17
N SER I 121 43.61 10.03 -6.91
CA SER I 121 42.33 10.64 -6.59
C SER I 121 42.36 11.41 -5.29
N ILE I 122 41.17 11.80 -4.83
CA ILE I 122 41.04 12.52 -3.58
C ILE I 122 40.67 11.52 -2.49
N PHE I 123 40.60 10.25 -2.87
CA PHE I 123 40.23 9.20 -1.94
C PHE I 123 41.40 8.55 -1.23
N VAL I 124 41.13 8.12 -0.01
CA VAL I 124 42.10 7.43 0.83
C VAL I 124 41.39 6.19 1.33
N SER I 125 42.00 5.04 1.10
CA SER I 125 41.39 3.78 1.50
C SER I 125 41.81 3.23 2.86
N THR I 126 40.89 2.52 3.48
CA THR I 126 41.13 1.87 4.76
C THR I 126 40.33 0.59 4.69
N THR I 127 40.65 -0.33 5.58
CA THR I 127 39.93 -1.59 5.63
C THR I 127 39.45 -1.84 7.05
N ARG I 128 38.23 -2.36 7.17
CA ARG I 128 37.66 -2.68 8.47
C ARG I 128 38.59 -3.66 9.20
N ALA I 129 38.63 -3.53 10.52
CA ALA I 129 39.40 -4.45 11.35
C ALA I 129 38.45 -5.63 11.53
N ARG I 130 38.98 -6.85 11.54
CA ARG I 130 38.11 -8.03 11.64
C ARG I 130 38.05 -8.75 12.99
N TYR I 131 36.86 -9.17 13.37
CA TYR I 131 36.63 -9.86 14.64
C TYR I 131 35.72 -11.07 14.51
N ASN I 132 35.93 -12.06 15.37
CA ASN I 132 35.08 -13.25 15.39
C ASN I 132 33.83 -12.92 16.19
N ASN I 133 32.94 -13.89 16.31
CA ASN I 133 31.70 -13.69 17.05
C ASN I 133 31.94 -13.67 18.55
N LEU I 134 33.18 -13.50 18.97
CA LEU I 134 33.50 -13.45 20.38
C LEU I 134 34.10 -12.10 20.72
N GLY I 135 34.38 -11.32 19.68
CA GLY I 135 34.96 -10.00 19.84
C GLY I 135 36.48 -10.09 19.77
N LEU I 136 36.97 -11.24 19.32
CA LEU I 136 38.40 -11.45 19.19
C LEU I 136 38.86 -11.10 17.78
N GLU I 137 39.95 -10.34 17.68
CA GLU I 137 40.44 -9.92 16.39
C GLU I 137 41.00 -11.07 15.56
N ILE I 138 40.59 -11.10 14.29
CA ILE I 138 41.05 -12.12 13.35
C ILE I 138 41.71 -11.38 12.19
N THR I 139 42.39 -12.12 11.32
CA THR I 139 43.11 -11.51 10.20
C THR I 139 42.25 -10.59 9.34
N PRO I 140 42.79 -9.41 9.06
CA PRO I 140 42.11 -8.42 8.22
C PRO I 140 42.62 -8.53 6.78
N TRP I 141 42.00 -7.77 5.87
CA TRP I 141 42.45 -7.76 4.48
C TRP I 141 43.92 -7.38 4.56
N THR I 142 44.78 -8.18 3.95
CA THR I 142 46.20 -7.93 4.03
C THR I 142 46.89 -7.87 2.68
N PRO I 143 47.76 -6.88 2.51
CA PRO I 143 48.51 -6.70 1.29
C PRO I 143 49.34 -7.97 1.06
N HIS I 144 49.56 -8.31 -0.20
CA HIS I 144 50.35 -9.51 -0.49
C HIS I 144 51.82 -9.26 -0.16
N SER I 145 52.25 -8.01 -0.24
CA SER I 145 53.65 -7.66 0.03
C SER I 145 53.93 -7.50 1.51
N ALA I 146 52.91 -7.68 2.33
CA ALA I 146 53.06 -7.49 3.77
C ALA I 146 54.32 -8.08 4.42
N ASN I 147 54.74 -9.26 3.99
CA ASN I 147 55.92 -9.90 4.58
C ASN I 147 57.26 -9.43 4.03
N ASN I 148 57.23 -8.43 3.15
CA ASN I 148 58.46 -7.93 2.57
C ASN I 148 58.79 -6.53 3.00
N ASN I 149 59.99 -6.37 3.55
CA ASN I 149 60.47 -5.07 3.99
C ASN I 149 59.62 -4.35 5.03
N ILE I 150 59.75 -3.02 5.06
CA ILE I 150 59.04 -2.19 6.02
C ILE I 150 57.70 -1.65 5.56
N ILE I 151 56.66 -2.09 6.27
CA ILE I 151 55.29 -1.67 6.03
C ILE I 151 54.64 -1.37 7.40
N TYR I 152 53.69 -0.44 7.43
CA TYR I 152 53.02 -0.09 8.67
C TYR I 152 51.54 -0.43 8.65
N ARG I 153 51.00 -0.78 9.81
CA ARG I 153 49.60 -1.14 9.94
C ARG I 153 48.94 -0.10 10.86
N TYR I 154 48.47 0.98 10.27
CA TYR I 154 47.85 2.07 11.02
C TYR I 154 46.44 1.78 11.52
N GLU I 155 46.16 2.27 12.73
CA GLU I 155 44.86 2.09 13.36
C GLU I 155 44.13 3.42 13.33
N ILE I 156 42.93 3.40 12.77
CA ILE I 156 42.16 4.60 12.60
C ILE I 156 40.76 4.50 13.17
N PHE I 157 40.30 5.63 13.72
CA PHE I 157 38.96 5.82 14.25
C PHE I 157 38.65 7.24 13.75
N ALA I 158 37.77 7.33 12.74
CA ALA I 158 37.44 8.62 12.16
C ALA I 158 35.99 8.68 11.79
N PRO I 159 35.49 9.90 11.62
CA PRO I 159 34.11 10.10 11.26
C PRO I 159 33.83 9.95 9.76
N GLY I 160 32.66 9.39 9.46
CA GLY I 160 32.22 9.20 8.08
C GLY I 160 32.96 8.11 7.35
N GLY I 161 33.13 8.31 6.05
CA GLY I 161 33.80 7.35 5.19
C GLY I 161 32.71 6.64 4.40
N ILE I 162 33.04 6.23 3.19
CA ILE I 162 32.06 5.55 2.36
C ILE I 162 32.14 4.05 2.64
N ASP I 163 30.97 3.44 2.85
CA ASP I 163 30.89 2.02 3.10
C ASP I 163 30.88 1.35 1.75
N ILE I 164 32.06 0.95 1.28
CA ILE I 164 32.16 0.33 -0.04
C ILE I 164 31.26 -0.88 -0.14
N ASN I 165 31.29 -1.70 0.90
CA ASN I 165 30.47 -2.90 0.93
C ASN I 165 28.97 -2.62 0.73
N ALA I 166 28.50 -1.54 1.35
CA ALA I 166 27.10 -1.15 1.27
C ALA I 166 26.77 -0.39 0.00
N SER I 167 27.80 0.17 -0.64
CA SER I 167 27.58 0.93 -1.85
C SER I 167 27.60 0.08 -3.12
N PHE I 168 28.41 -0.98 -3.11
CA PHE I 168 28.52 -1.85 -4.28
C PHE I 168 28.29 -3.33 -4.02
N SER I 169 27.94 -3.99 -5.12
CA SER I 169 27.68 -5.41 -5.21
C SER I 169 28.95 -6.25 -5.19
N ARG I 170 28.80 -7.47 -4.71
CA ARG I 170 29.94 -8.34 -4.54
C ARG I 170 30.76 -8.78 -5.77
N ASN I 171 30.11 -9.22 -6.83
CA ASN I 171 30.91 -9.69 -7.93
C ASN I 171 30.79 -8.87 -9.19
N HIS I 172 30.74 -7.57 -8.99
CA HIS I 172 30.58 -6.67 -10.11
C HIS I 172 31.58 -5.50 -10.02
N ASN I 173 31.82 -4.80 -11.12
CA ASN I 173 32.73 -3.65 -11.13
C ASN I 173 32.38 -2.69 -9.97
N PRO I 174 33.38 -2.07 -9.33
CA PRO I 174 34.78 -2.21 -9.65
C PRO I 174 35.52 -3.24 -8.80
N PHE I 175 34.84 -4.27 -8.32
CA PHE I 175 35.51 -5.31 -7.55
C PHE I 175 36.39 -4.76 -6.43
N PRO I 176 35.83 -3.86 -5.61
CA PRO I 176 36.59 -3.26 -4.54
C PRO I 176 36.64 -4.18 -3.33
N ASN I 177 37.46 -3.84 -2.34
CA ASN I 177 37.55 -4.64 -1.11
C ASN I 177 36.26 -4.38 -0.33
N GLN I 178 35.41 -5.40 -0.17
CA GLN I 178 34.17 -5.19 0.54
C GLN I 178 34.37 -4.64 1.95
N ASP I 179 35.50 -4.96 2.54
CA ASP I 179 35.83 -4.48 3.88
C ASP I 179 36.40 -3.05 3.80
N GLU I 180 36.34 -2.44 2.64
CA GLU I 180 36.89 -1.11 2.48
C GLU I 180 36.01 0.04 2.90
N ILE I 181 36.67 1.07 3.44
CA ILE I 181 36.01 2.31 3.83
C ILE I 181 36.84 3.41 3.18
N THR I 182 36.23 4.15 2.27
CA THR I 182 36.93 5.19 1.56
C THR I 182 36.66 6.57 2.12
N PHE I 183 37.73 7.35 2.25
CA PHE I 183 37.64 8.69 2.80
C PHE I 183 38.03 9.74 1.78
N PRO I 184 37.03 10.45 1.28
CA PRO I 184 37.25 11.52 0.32
C PRO I 184 37.94 12.64 1.10
N GLY I 185 39.07 13.12 0.60
CA GLY I 185 39.79 14.18 1.29
C GLY I 185 40.80 13.64 2.30
N GLY I 186 40.88 12.33 2.42
CA GLY I 186 41.83 11.71 3.34
C GLY I 186 41.38 11.75 4.80
N ILE I 187 42.34 11.56 5.69
CA ILE I 187 42.09 11.53 7.12
C ILE I 187 43.15 12.35 7.87
N ARG I 188 42.74 13.09 8.89
CA ARG I 188 43.68 13.89 9.68
C ARG I 188 44.40 13.03 10.72
N PRO I 189 45.64 13.38 11.05
CA PRO I 189 46.45 12.59 11.99
C PRO I 189 45.77 12.30 13.33
N GLU I 190 45.00 13.25 13.81
CA GLU I 190 44.29 13.12 15.07
C GLU I 190 43.37 11.90 15.11
N PHE I 191 43.13 11.27 13.97
CA PHE I 191 42.23 10.12 13.92
C PHE I 191 42.99 8.81 13.84
N ILE I 192 44.31 8.91 13.77
CA ILE I 192 45.16 7.74 13.69
C ILE I 192 45.70 7.51 15.10
N ARG I 193 45.18 6.48 15.77
CA ARG I 193 45.61 6.18 17.14
C ARG I 193 46.99 5.54 17.27
N SER I 194 47.27 4.52 16.47
CA SER I 194 48.55 3.83 16.56
C SER I 194 48.91 3.16 15.24
N THR I 195 50.04 2.45 15.26
CA THR I 195 50.50 1.72 14.08
C THR I 195 51.56 0.69 14.45
N TYR I 196 51.55 -0.44 13.76
CA TYR I 196 52.54 -1.49 14.00
C TYR I 196 53.62 -1.35 12.94
N GLU I 197 54.88 -1.38 13.34
CA GLU I 197 55.96 -1.27 12.37
C GLU I 197 56.45 -2.67 12.06
N TYR I 198 56.28 -3.12 10.82
CA TYR I 198 56.70 -4.46 10.44
C TYR I 198 57.99 -4.44 9.67
N HIS I 199 58.81 -5.44 9.91
CA HIS I 199 60.06 -5.61 9.20
C HIS I 199 60.07 -7.05 8.73
N ASN I 200 59.90 -7.22 7.43
CA ASN I 200 59.86 -8.54 6.83
C ASN I 200 58.82 -9.43 7.48
N GLY I 201 57.62 -8.87 7.68
CA GLY I 201 56.51 -9.62 8.25
C GLY I 201 56.51 -9.80 9.76
N GLU I 202 57.47 -9.16 10.44
CA GLU I 202 57.56 -9.26 11.89
C GLU I 202 57.38 -7.92 12.59
N ILE I 203 56.47 -7.88 13.57
CA ILE I 203 56.25 -6.65 14.32
C ILE I 203 57.54 -6.27 15.00
N VAL I 204 57.92 -5.02 14.88
CA VAL I 204 59.15 -4.54 15.46
C VAL I 204 58.90 -3.49 16.54
N ARG I 205 57.85 -2.69 16.35
CA ARG I 205 57.52 -1.65 17.30
C ARG I 205 56.04 -1.31 17.20
N ILE I 206 55.50 -0.71 18.24
CA ILE I 206 54.11 -0.30 18.24
C ILE I 206 54.12 1.18 18.57
N TRP I 207 53.70 2.02 17.63
CA TRP I 207 53.70 3.44 17.86
C TRP I 207 52.36 3.96 18.36
N ILE I 208 52.43 4.96 19.22
CA ILE I 208 51.23 5.57 19.77
C ILE I 208 51.19 7.05 19.41
N ASN I 209 50.03 7.52 19.00
CA ASN I 209 49.89 8.91 18.63
C ASN I 209 49.36 9.70 19.82
N PRO I 210 50.27 10.41 20.47
CA PRO I 210 49.93 11.20 21.65
C PRO I 210 48.83 12.19 21.28
N ASN I 211 48.86 12.66 20.04
CA ASN I 211 47.87 13.62 19.56
C ASN I 211 46.53 13.02 19.12
N PHE I 212 46.33 11.73 19.40
CA PHE I 212 45.08 11.10 19.02
C PHE I 212 43.90 11.84 19.61
N ILE I 213 42.84 11.97 18.82
CA ILE I 213 41.63 12.67 19.22
C ILE I 213 41.10 12.41 20.64
N ASN I 214 41.17 11.16 21.08
CA ASN I 214 40.68 10.79 22.43
C ASN I 214 41.76 10.04 23.20
N PRO I 215 42.72 10.81 23.72
CA PRO I 215 43.87 10.29 24.45
C PRO I 215 43.54 9.37 25.62
N SER I 216 42.35 9.52 26.18
CA SER I 216 41.93 8.69 27.29
C SER I 216 42.03 7.20 26.92
N THR I 217 41.89 6.91 25.63
CA THR I 217 41.92 5.54 25.16
C THR I 217 43.26 5.04 24.65
N LEU I 218 44.28 5.91 24.64
CA LEU I 218 45.62 5.52 24.19
C LEU I 218 46.05 4.28 24.96
N ASN I 219 45.41 4.09 26.08
CA ASN I 219 45.66 2.96 26.95
C ASN I 219 45.24 1.65 26.30
N ASP I 220 44.04 1.62 25.72
CA ASP I 220 43.49 0.41 25.09
C ASP I 220 44.26 -0.17 23.90
N VAL I 221 45.36 0.46 23.51
CA VAL I 221 46.13 -0.03 22.38
C VAL I 221 46.70 -1.45 22.60
N SER I 222 46.02 -2.43 22.01
CA SER I 222 46.40 -3.83 22.09
C SER I 222 47.71 -4.06 21.35
N GLY I 223 48.30 -5.23 21.52
CA GLY I 223 49.55 -5.54 20.84
C GLY I 223 50.30 -6.67 21.53
N PRO I 224 51.22 -7.28 20.79
CA PRO I 224 52.01 -8.38 21.30
C PRO I 224 52.90 -8.00 22.48
N SER I 225 53.19 -8.99 23.31
CA SER I 225 54.04 -8.80 24.48
C SER I 225 55.50 -8.87 24.04
N ASN I 226 56.35 -8.15 24.78
CA ASN I 226 57.77 -8.12 24.49
C ASN I 226 58.13 -7.33 23.23
N ILE I 227 57.26 -6.37 22.89
CA ILE I 227 57.46 -5.51 21.72
C ILE I 227 57.31 -4.07 22.14
N SER I 228 58.42 -3.32 22.08
CA SER I 228 58.45 -1.91 22.47
C SER I 228 57.24 -1.09 22.03
N LYS I 229 56.51 -0.56 23.01
CA LYS I 229 55.35 0.29 22.72
C LYS I 229 55.74 1.75 22.85
N VAL I 230 56.41 2.27 21.84
CA VAL I 230 56.87 3.66 21.82
C VAL I 230 55.82 4.74 21.61
N PHE I 231 56.11 5.93 22.12
CA PHE I 231 55.23 7.08 21.98
C PHE I 231 55.84 8.02 20.96
N TRP I 232 55.14 8.20 19.84
CA TRP I 232 55.65 9.06 18.79
C TRP I 232 55.68 10.52 19.17
N HIS I 233 56.67 11.21 18.63
CA HIS I 233 56.83 12.65 18.79
C HIS I 233 57.49 13.09 17.50
N GLU I 234 57.13 14.30 17.05
CA GLU I 234 57.66 14.83 15.80
C GLU I 234 59.15 14.59 15.62
N ASN I 235 59.57 14.38 14.38
CA ASN I 235 60.96 14.15 14.04
C ASN I 235 61.65 13.07 14.87
N HIS I 236 60.86 12.19 15.46
CA HIS I 236 61.38 11.08 16.25
C HIS I 236 62.47 10.35 15.46
N SER I 237 63.55 9.99 16.13
CA SER I 237 64.68 9.32 15.46
C SER I 237 64.37 8.01 14.74
N GLU I 238 63.47 7.21 15.31
CA GLU I 238 63.16 5.92 14.72
C GLU I 238 61.78 5.86 14.09
N GLY I 239 61.21 7.04 13.87
CA GLY I 239 59.88 7.14 13.29
C GLY I 239 59.97 7.44 11.80
N ASN I 240 61.10 7.13 11.20
CA ASN I 240 61.27 7.38 9.78
C ASN I 240 61.86 6.20 9.01
N ASN I 241 61.67 5.00 9.55
CA ASN I 241 62.18 3.80 8.91
C ASN I 241 61.27 3.37 7.78
N MET I 242 61.80 3.35 6.55
CA MET I 242 60.99 2.95 5.40
C MET I 242 61.81 2.45 4.22
N ASP I 243 61.16 1.73 3.32
CA ASP I 243 61.84 1.19 2.15
C ASP I 243 62.56 2.24 1.33
N SER I 244 63.72 1.86 0.80
CA SER I 244 64.56 2.73 -0.01
C SER I 244 63.83 3.57 -1.06
N GLN I 255 51.67 5.45 -3.02
CA GLN I 255 51.47 5.18 -1.60
C GLN I 255 50.20 4.41 -1.33
N ASP I 256 49.30 4.41 -2.31
CA ASP I 256 48.01 3.74 -2.16
C ASP I 256 48.12 2.32 -2.71
N PHE I 257 49.32 1.94 -3.10
CA PHE I 257 49.54 0.62 -3.67
C PHE I 257 49.08 -0.59 -2.87
N ASP I 258 49.47 -0.67 -1.61
CA ASP I 258 49.12 -1.82 -0.80
C ASP I 258 47.69 -1.86 -0.30
N MET I 259 46.91 -0.84 -0.64
CA MET I 259 45.51 -0.80 -0.22
C MET I 259 44.61 -1.08 -1.41
N PHE I 260 45.25 -1.31 -2.55
CA PHE I 260 44.56 -1.59 -3.80
C PHE I 260 44.05 -3.02 -3.78
N ALA I 261 42.75 -3.17 -3.96
CA ALA I 261 42.07 -4.47 -3.95
C ALA I 261 42.85 -5.68 -4.44
N PRO I 262 43.29 -5.64 -5.69
CA PRO I 262 44.04 -6.75 -6.28
C PRO I 262 45.38 -7.02 -5.62
N ASN I 263 45.88 -6.05 -4.86
CA ASN I 263 47.17 -6.20 -4.21
C ASN I 263 47.12 -6.80 -2.81
N GLY I 264 45.96 -7.37 -2.47
CA GLY I 264 45.78 -7.99 -1.17
C GLY I 264 44.49 -8.77 -1.09
N GLU I 265 44.25 -9.37 0.08
CA GLU I 265 43.04 -10.15 0.30
C GLU I 265 42.99 -10.56 1.76
N ILE I 266 41.86 -11.11 2.18
CA ILE I 266 41.71 -11.60 3.55
C ILE I 266 42.25 -13.01 3.54
N PRO I 267 43.49 -13.17 3.98
CA PRO I 267 44.15 -14.48 3.96
C PRO I 267 43.44 -15.63 4.66
N ASN I 268 42.88 -15.36 5.84
CA ASN I 268 42.22 -16.39 6.62
C ASN I 268 41.32 -15.78 7.69
N ASN I 269 40.77 -16.62 8.56
CA ASN I 269 39.90 -16.15 9.63
C ASN I 269 40.46 -16.50 10.99
N ASN I 270 41.77 -16.75 11.00
CA ASN I 270 42.47 -17.12 12.22
C ASN I 270 42.54 -15.93 13.17
N LEU I 271 42.69 -16.21 14.45
CA LEU I 271 42.81 -15.17 15.44
C LEU I 271 44.21 -14.59 15.31
N LEU I 272 44.48 -13.50 16.01
CA LEU I 272 45.79 -12.87 15.92
C LEU I 272 46.71 -13.21 17.09
N ASP J 20 14.61 -11.70 -26.07
CA ASP J 20 14.74 -11.80 -27.52
C ASP J 20 15.35 -10.61 -28.25
N ASN J 21 16.08 -10.94 -29.30
CA ASN J 21 16.75 -9.96 -30.15
C ASN J 21 15.69 -9.25 -30.96
N THR J 22 14.72 -8.67 -30.28
CA THR J 22 13.66 -7.96 -31.00
C THR J 22 14.01 -6.48 -31.00
N TRP J 23 14.55 -6.04 -29.86
CA TRP J 23 14.99 -4.68 -29.71
C TRP J 23 15.91 -4.22 -30.83
N ILE J 24 16.80 -5.06 -31.32
CA ILE J 24 17.67 -4.65 -32.42
C ILE J 24 17.30 -5.29 -33.77
N GLN J 25 16.10 -5.88 -33.78
CA GLN J 25 15.54 -6.60 -34.93
C GLN J 25 15.24 -5.76 -36.18
N ALA J 26 15.09 -4.47 -36.00
CA ALA J 26 14.81 -3.58 -37.12
C ALA J 26 16.12 -3.08 -37.75
N ALA J 27 17.24 -3.45 -37.10
CA ALA J 27 18.57 -3.03 -37.46
C ALA J 27 19.04 -2.94 -38.89
N SER J 28 19.37 -1.73 -39.31
CA SER J 28 19.84 -1.47 -40.66
C SER J 28 21.29 -1.93 -40.73
N LEU J 29 21.84 -2.30 -39.57
CA LEU J 29 23.23 -2.73 -39.45
C LEU J 29 23.30 -4.23 -39.33
N THR J 30 23.62 -4.85 -40.47
CA THR J 30 23.68 -6.30 -40.61
C THR J 30 24.61 -6.96 -39.62
N TRP J 31 25.73 -6.29 -39.33
CA TRP J 31 26.74 -6.79 -38.40
C TRP J 31 26.45 -6.65 -36.91
N LEU J 32 25.62 -5.67 -36.53
CA LEU J 32 25.32 -5.43 -35.13
C LEU J 32 24.92 -6.72 -34.44
N LEU J 38 25.71 -8.95 -25.16
CA LEU J 38 26.98 -8.24 -24.97
C LEU J 38 26.83 -6.81 -25.46
N LEU J 39 26.05 -6.60 -26.53
CA LEU J 39 25.78 -5.25 -27.01
C LEU J 39 24.93 -4.56 -25.94
N TYR J 40 23.97 -5.30 -25.40
CA TYR J 40 23.12 -4.75 -24.36
C TYR J 40 23.87 -4.39 -23.10
N GLN J 41 24.77 -5.25 -22.66
CA GLN J 41 25.47 -4.93 -21.42
C GLN J 41 26.42 -3.78 -21.64
N LEU J 42 26.90 -3.70 -22.86
CA LEU J 42 27.81 -2.64 -23.27
C LEU J 42 27.14 -1.29 -23.13
N ILE J 43 25.85 -1.29 -23.37
CA ILE J 43 25.09 -0.07 -23.35
C ILE J 43 24.40 0.30 -22.07
N SER J 44 23.99 -0.72 -21.34
CA SER J 44 23.22 -0.58 -20.13
C SER J 44 23.95 -0.48 -18.82
N THR J 45 25.05 -1.22 -18.65
CA THR J 45 25.80 -1.24 -17.39
C THR J 45 26.65 0.01 -17.16
N ARG J 46 26.46 1.01 -17.99
CA ARG J 46 27.22 2.23 -17.84
C ARG J 46 26.35 3.31 -17.17
N ILE J 47 25.04 3.22 -17.42
CA ILE J 47 24.08 4.18 -16.91
C ILE J 47 23.90 4.23 -15.41
N PRO J 48 24.29 5.38 -14.85
CA PRO J 48 24.18 5.68 -13.42
C PRO J 48 22.69 5.74 -13.14
N SER J 49 22.29 5.39 -11.92
CA SER J 49 20.89 5.34 -11.61
C SER J 49 20.17 6.68 -11.53
N PHE J 50 20.91 7.79 -11.68
CA PHE J 50 20.32 9.13 -11.59
C PHE J 50 19.62 9.45 -12.91
N ALA J 51 20.22 8.95 -13.97
CA ALA J 51 19.71 9.12 -15.31
C ALA J 51 18.58 8.14 -15.53
N SER J 52 18.86 6.88 -15.17
CA SER J 52 17.92 5.75 -15.27
C SER J 52 17.73 5.03 -13.91
N PRO J 53 16.84 5.57 -13.07
CA PRO J 53 16.60 4.97 -11.73
C PRO J 53 16.28 3.50 -11.79
N ASN J 54 15.31 3.14 -12.64
CA ASN J 54 14.85 1.76 -12.83
C ASN J 54 15.44 0.91 -13.99
N GLY J 55 16.59 1.28 -14.55
CA GLY J 55 17.23 0.50 -15.65
C GLY J 55 16.68 0.86 -17.04
N LEU J 56 17.25 0.23 -18.09
CA LEU J 56 16.81 0.46 -19.49
C LEU J 56 15.56 -0.39 -19.65
N HIS J 57 14.69 -0.04 -20.60
CA HIS J 57 13.48 -0.82 -20.82
C HIS J 57 13.13 -0.65 -22.29
N MET J 58 13.23 -1.72 -23.07
CA MET J 58 12.87 -1.65 -24.49
C MET J 58 11.34 -1.55 -24.62
N ARG J 59 10.85 -1.20 -25.81
CA ARG J 59 9.41 -1.07 -26.07
C ARG J 59 8.78 -2.45 -25.86
N GLU J 60 7.48 -2.58 -26.06
CA GLU J 60 6.81 -3.88 -25.87
C GLU J 60 5.55 -3.94 -26.74
N GLN J 61 5.13 -5.15 -27.09
CA GLN J 61 3.95 -5.39 -27.91
C GLN J 61 4.11 -4.71 -29.26
N THR J 62 5.37 -4.53 -29.66
CA THR J 62 5.73 -3.91 -30.96
C THR J 62 5.45 -5.01 -31.98
N ILE J 63 5.27 -6.22 -31.45
CA ILE J 63 4.98 -7.38 -32.28
C ILE J 63 3.70 -8.08 -31.88
N ASP J 64 3.00 -8.52 -32.92
CA ASP J 64 1.73 -9.20 -32.77
C ASP J 64 2.02 -10.64 -32.30
N SER J 65 1.44 -11.01 -31.16
CA SER J 65 1.64 -12.35 -30.57
C SER J 65 1.04 -13.46 -31.45
N ASN J 66 -0.25 -13.28 -31.78
CA ASN J 66 -0.98 -14.22 -32.63
C ASN J 66 -0.12 -14.57 -33.86
N THR J 67 0.23 -13.51 -34.60
CA THR J 67 0.96 -13.57 -35.86
C THR J 67 2.49 -13.42 -35.98
N GLY J 68 3.09 -12.61 -35.12
CA GLY J 68 4.53 -12.33 -35.22
C GLY J 68 4.75 -11.16 -36.21
N GLN J 69 3.65 -10.47 -36.51
CA GLN J 69 3.61 -9.33 -37.42
C GLN J 69 4.12 -8.08 -36.71
N ILE J 70 4.45 -7.04 -37.48
CA ILE J 70 4.87 -5.82 -36.84
C ILE J 70 3.58 -5.16 -36.41
N GLN J 71 3.50 -4.74 -35.16
CA GLN J 71 2.28 -4.10 -34.62
C GLN J 71 2.01 -2.74 -35.30
N ILE J 72 0.87 -2.60 -36.00
CA ILE J 72 0.62 -1.37 -36.72
C ILE J 72 -0.57 -0.61 -36.19
N ASP J 73 -0.40 0.03 -35.05
CA ASP J 73 -1.48 0.82 -34.45
C ASP J 73 -0.98 2.20 -34.08
N ASN J 74 -1.83 2.99 -33.42
CA ASN J 74 -1.47 4.33 -33.03
C ASN J 74 -0.51 4.35 -31.85
N GLU J 75 -0.68 3.40 -30.93
CA GLU J 75 0.18 3.29 -29.76
C GLU J 75 1.63 3.13 -30.17
N HIS J 76 1.86 2.38 -31.24
CA HIS J 76 3.22 2.14 -31.71
C HIS J 76 3.66 2.91 -32.94
N ARG J 77 2.90 3.94 -33.30
CA ARG J 77 3.28 4.74 -34.45
C ARG J 77 4.41 5.65 -34.03
N LEU J 78 5.44 5.74 -34.88
CA LEU J 78 6.61 6.55 -34.58
C LEU J 78 6.93 7.46 -35.74
N LEU J 79 7.64 8.54 -35.45
CA LEU J 79 8.02 9.49 -36.48
C LEU J 79 9.45 9.92 -36.36
N ARG J 80 10.04 10.31 -37.49
CA ARG J 80 11.39 10.81 -37.49
C ARG J 80 11.50 11.97 -38.46
N TRP J 81 11.94 13.11 -37.92
CA TRP J 81 12.12 14.31 -38.71
C TRP J 81 13.51 14.19 -39.28
N ASP J 82 13.60 14.20 -40.62
CA ASP J 82 14.88 14.08 -41.28
C ASP J 82 14.86 14.97 -42.52
N ARG J 83 16.02 15.51 -42.88
CA ARG J 83 16.12 16.39 -44.03
C ARG J 83 16.55 15.68 -45.30
N ARG J 84 16.73 14.36 -45.19
CA ARG J 84 17.13 13.51 -46.30
C ARG J 84 15.90 13.00 -47.04
N PRO J 85 15.94 13.02 -48.36
CA PRO J 85 14.81 12.59 -49.20
C PRO J 85 14.61 11.07 -49.23
N PRO J 86 13.41 10.66 -49.61
CA PRO J 86 13.05 9.24 -49.67
C PRO J 86 13.95 8.41 -50.57
N ASN J 87 14.47 9.02 -51.63
CA ASN J 87 15.34 8.30 -52.56
C ASN J 87 16.49 7.65 -51.78
N ASP J 88 16.80 8.26 -50.63
CA ASP J 88 17.84 7.76 -49.76
C ASP J 88 17.18 6.87 -48.72
N ILE J 89 16.30 7.48 -47.94
CA ILE J 89 15.61 6.80 -46.86
C ILE J 89 14.82 5.55 -47.21
N PHE J 90 13.94 5.65 -48.20
CA PHE J 90 13.11 4.51 -48.61
C PHE J 90 13.98 3.40 -49.19
N LEU J 91 15.20 3.76 -49.54
CA LEU J 91 16.16 2.84 -50.12
C LEU J 91 17.05 2.20 -49.05
N ASN J 92 17.77 3.04 -48.30
CA ASN J 92 18.69 2.57 -47.28
C ASN J 92 18.12 2.46 -45.87
N GLY J 93 16.99 3.13 -45.62
CA GLY J 93 16.40 3.12 -44.28
C GLY J 93 17.20 4.12 -43.44
N PHE J 94 17.11 4.00 -42.12
CA PHE J 94 17.86 4.89 -41.25
C PHE J 94 19.10 4.19 -40.73
N ILE J 95 20.25 4.59 -41.25
CA ILE J 95 21.51 3.99 -40.84
C ILE J 95 22.22 4.95 -39.88
N PRO J 96 22.61 4.41 -38.71
CA PRO J 96 23.29 5.20 -37.70
C PRO J 96 24.51 5.91 -38.26
N ARG J 97 24.96 6.95 -37.56
CA ARG J 97 26.12 7.70 -38.01
C ARG J 97 27.37 6.83 -37.90
N VAL J 98 27.34 5.81 -37.06
CA VAL J 98 28.47 4.91 -36.93
C VAL J 98 28.07 3.59 -37.58
N THR J 99 28.55 3.38 -38.79
CA THR J 99 28.22 2.19 -39.59
C THR J 99 29.38 1.28 -40.03
N ASN J 100 30.42 1.19 -39.21
CA ASN J 100 31.62 0.42 -39.55
C ASN J 100 31.77 -0.70 -38.56
N GLN J 101 31.70 -1.93 -39.04
CA GLN J 101 31.85 -3.07 -38.13
C GLN J 101 33.08 -2.89 -37.23
N ASN J 102 34.05 -2.07 -37.69
CA ASN J 102 35.31 -1.77 -36.97
C ASN J 102 35.16 -0.62 -35.93
N LEU J 103 33.91 -0.34 -35.50
CA LEU J 103 33.59 0.70 -34.54
C LEU J 103 34.34 0.69 -33.18
N SER J 104 34.29 1.84 -32.48
CA SER J 104 34.89 2.03 -31.14
C SER J 104 33.74 1.97 -30.16
N PRO J 105 33.28 0.75 -29.95
CA PRO J 105 32.15 0.45 -29.14
C PRO J 105 31.89 1.33 -27.93
N VAL J 106 32.98 1.80 -27.30
CA VAL J 106 32.81 2.58 -26.08
C VAL J 106 32.24 3.91 -26.32
N GLU J 107 32.74 4.53 -27.38
CA GLU J 107 32.31 5.86 -27.73
C GLU J 107 31.10 5.72 -28.58
N ASP J 108 30.78 4.51 -29.01
CA ASP J 108 29.71 4.48 -29.98
C ASP J 108 28.42 3.84 -29.53
N THR J 109 28.42 3.31 -28.31
CA THR J 109 27.23 2.70 -27.72
C THR J 109 26.90 3.41 -26.42
N HIS J 110 27.51 4.58 -26.22
CA HIS J 110 27.25 5.36 -25.02
C HIS J 110 25.97 6.12 -25.25
N LEU J 111 24.88 5.56 -24.72
CA LEU J 111 23.56 6.15 -24.89
C LEU J 111 23.46 7.54 -24.32
N LEU J 112 23.70 7.68 -23.02
CA LEU J 112 23.63 8.99 -22.37
C LEU J 112 24.43 10.05 -23.11
N ASN J 113 25.63 9.71 -23.54
CA ASN J 113 26.42 10.70 -24.25
C ASN J 113 25.79 11.08 -25.59
N TYR J 114 25.10 10.13 -26.21
CA TYR J 114 24.42 10.38 -27.49
C TYR J 114 23.24 11.29 -27.24
N LEU J 115 22.48 10.95 -26.22
CA LEU J 115 21.28 11.69 -25.83
C LEU J 115 21.59 13.09 -25.35
N ARG J 116 22.77 13.25 -24.77
CA ARG J 116 23.16 14.54 -24.23
C ARG J 116 23.88 15.46 -25.17
N THR J 117 24.65 14.86 -26.06
CA THR J 117 25.45 15.65 -26.97
C THR J 117 25.20 15.43 -28.47
N ASN J 118 24.52 14.35 -28.81
CA ASN J 118 24.25 14.05 -30.20
C ASN J 118 25.54 13.67 -30.93
N SER J 119 26.50 13.13 -30.17
CA SER J 119 27.76 12.65 -30.71
C SER J 119 27.43 11.44 -31.59
N PRO J 120 28.23 11.18 -32.61
CA PRO J 120 27.98 10.04 -33.49
C PRO J 120 27.84 8.73 -32.72
N SER J 121 26.83 7.95 -33.07
CA SER J 121 26.62 6.67 -32.39
C SER J 121 25.99 5.63 -33.29
N ILE J 122 25.55 4.53 -32.69
CA ILE J 122 24.90 3.46 -33.43
C ILE J 122 23.40 3.64 -33.26
N PHE J 123 23.01 4.69 -32.56
CA PHE J 123 21.61 4.96 -32.29
C PHE J 123 20.93 5.82 -33.33
N VAL J 124 19.64 5.56 -33.52
CA VAL J 124 18.80 6.32 -34.44
C VAL J 124 17.56 6.70 -33.64
N SER J 125 17.26 7.99 -33.60
CA SER J 125 16.14 8.47 -32.82
C SER J 125 14.82 8.62 -33.59
N THR J 126 13.73 8.44 -32.87
CA THR J 126 12.39 8.60 -33.41
C THR J 126 11.58 9.16 -32.27
N THR J 127 10.43 9.72 -32.59
CA THR J 127 9.56 10.27 -31.57
C THR J 127 8.15 9.68 -31.74
N ARG J 128 7.51 9.36 -30.62
CA ARG J 128 6.16 8.84 -30.63
C ARG J 128 5.25 9.82 -31.35
N ALA J 129 4.25 9.28 -32.04
CA ALA J 129 3.25 10.10 -32.72
C ALA J 129 2.26 10.41 -31.59
N ARG J 130 1.70 11.62 -31.58
CA ARG J 130 0.79 12.01 -30.49
C ARG J 130 -0.70 12.04 -30.80
N TYR J 131 -1.50 11.56 -29.85
CA TYR J 131 -2.95 11.51 -29.99
C TYR J 131 -3.70 11.98 -28.74
N ASN J 132 -4.89 12.54 -28.95
CA ASN J 132 -5.71 12.97 -27.84
C ASN J 132 -6.46 11.75 -27.32
N ASN J 133 -7.28 11.97 -26.29
CA ASN J 133 -8.05 10.87 -25.70
C ASN J 133 -9.21 10.45 -26.59
N LEU J 134 -9.18 10.84 -27.85
CA LEU J 134 -10.24 10.48 -28.77
C LEU J 134 -9.65 9.66 -29.90
N GLY J 135 -8.33 9.60 -29.94
CA GLY J 135 -7.62 8.85 -30.98
C GLY J 135 -7.28 9.78 -32.13
N LEU J 136 -7.43 11.07 -31.91
CA LEU J 136 -7.13 12.06 -32.93
C LEU J 136 -5.69 12.55 -32.78
N GLU J 137 -4.98 12.61 -33.90
CA GLU J 137 -3.59 13.01 -33.86
C GLU J 137 -3.40 14.48 -33.50
N ILE J 138 -2.47 14.74 -32.58
CA ILE J 138 -2.16 16.10 -32.15
C ILE J 138 -0.67 16.32 -32.43
N THR J 139 -0.23 17.56 -32.30
CA THR J 139 1.17 17.88 -32.59
C THR J 139 2.19 17.04 -31.84
N PRO J 140 3.18 16.53 -32.60
CA PRO J 140 4.24 15.71 -32.02
C PRO J 140 5.46 16.58 -31.72
N TRP J 141 6.48 16.00 -31.09
CA TRP J 141 7.71 16.72 -30.82
C TRP J 141 8.17 17.22 -32.19
N THR J 142 8.42 18.51 -32.30
CA THR J 142 8.80 19.06 -33.60
C THR J 142 10.07 19.87 -33.55
N PRO J 143 10.93 19.66 -34.54
CA PRO J 143 12.19 20.38 -34.65
C PRO J 143 11.88 21.86 -34.76
N HIS J 144 12.75 22.70 -34.23
CA HIS J 144 12.53 24.14 -34.30
C HIS J 144 12.70 24.64 -35.73
N SER J 145 13.54 23.95 -36.50
CA SER J 145 13.81 24.34 -37.88
C SER J 145 12.75 23.85 -38.85
N ALA J 146 11.77 23.14 -38.34
CA ALA J 146 10.72 22.57 -39.19
C ALA J 146 10.16 23.46 -40.29
N ASN J 147 9.97 24.75 -40.00
CA ASN J 147 9.39 25.67 -40.99
C ASN J 147 10.37 26.24 -41.99
N ASN J 148 11.62 25.78 -41.93
CA ASN J 148 12.64 26.27 -42.84
C ASN J 148 13.11 25.24 -43.83
N ASN J 149 13.01 25.57 -45.11
CA ASN J 149 13.45 24.69 -46.17
C ASN J 149 12.81 23.31 -46.22
N ILE J 150 13.54 22.37 -46.84
CA ILE J 150 13.05 21.01 -47.01
C ILE J 150 13.42 20.03 -45.90
N ILE J 151 12.39 19.54 -45.22
CA ILE J 151 12.51 18.55 -44.16
C ILE J 151 11.42 17.49 -44.37
N TYR J 152 11.69 16.26 -43.96
CA TYR J 152 10.72 15.18 -44.12
C TYR J 152 10.24 14.63 -42.79
N ARG J 153 8.99 14.20 -42.74
CA ARG J 153 8.38 13.65 -41.54
C ARG J 153 8.05 12.19 -41.80
N TYR J 154 9.02 11.32 -41.55
CA TYR J 154 8.85 9.89 -41.79
C TYR J 154 7.99 9.15 -40.78
N GLU J 155 7.20 8.21 -41.27
CA GLU J 155 6.31 7.40 -40.45
C GLU J 155 6.91 6.01 -40.33
N ILE J 156 7.08 5.57 -39.09
CA ILE J 156 7.71 4.29 -38.84
C ILE J 156 6.89 3.40 -37.93
N PHE J 157 6.95 2.10 -38.23
CA PHE J 157 6.33 1.03 -37.45
C PHE J 157 7.43 -0.03 -37.48
N ALA J 158 8.11 -0.21 -36.35
CA ALA J 158 9.21 -1.16 -36.29
C ALA J 158 9.23 -1.87 -34.96
N PRO J 159 9.91 -3.01 -34.94
CA PRO J 159 10.02 -3.79 -33.72
C PRO J 159 11.09 -3.29 -32.75
N GLY J 160 10.79 -3.39 -31.46
CA GLY J 160 11.71 -3.00 -30.41
C GLY J 160 11.88 -1.51 -30.28
N GLY J 161 13.09 -1.10 -29.88
CA GLY J 161 13.41 0.29 -29.68
C GLY J 161 13.44 0.52 -28.18
N ILE J 162 14.27 1.45 -27.73
CA ILE J 162 14.36 1.74 -26.32
C ILE J 162 13.35 2.80 -25.96
N ASP J 163 12.61 2.56 -24.89
CA ASP J 163 11.60 3.50 -24.42
C ASP J 163 12.34 4.49 -23.54
N ILE J 164 12.77 5.60 -24.12
CA ILE J 164 13.52 6.59 -23.38
C ILE J 164 12.76 7.06 -22.17
N ASN J 165 11.48 7.33 -22.37
CA ASN J 165 10.63 7.78 -21.26
C ASN J 165 10.63 6.82 -20.07
N ALA J 166 10.59 5.52 -20.37
CA ALA J 166 10.57 4.49 -19.34
C ALA J 166 11.94 4.20 -18.78
N SER J 167 12.98 4.55 -19.51
CA SER J 167 14.33 4.29 -19.06
C SER J 167 14.91 5.40 -18.19
N PHE J 168 14.51 6.64 -18.46
CA PHE J 168 15.01 7.78 -17.70
C PHE J 168 13.95 8.69 -17.08
N SER J 169 14.42 9.49 -16.11
CA SER J 169 13.69 10.53 -15.35
C SER J 169 13.69 11.87 -16.09
N ARG J 170 12.61 12.63 -15.95
CA ARG J 170 12.45 13.89 -16.69
C ARG J 170 13.38 15.09 -16.60
N ASN J 171 13.81 15.42 -15.38
CA ASN J 171 14.65 16.58 -15.25
C ASN J 171 16.09 16.23 -14.93
N HIS J 172 16.32 14.94 -14.72
CA HIS J 172 17.67 14.48 -14.50
C HIS J 172 18.18 14.25 -15.91
N ASN J 173 19.48 14.16 -16.10
CA ASN J 173 19.95 14.02 -17.44
C ASN J 173 19.86 12.62 -18.01
N PRO J 174 20.07 12.46 -19.32
CA PRO J 174 20.54 13.49 -20.24
C PRO J 174 19.52 14.42 -20.93
N PHE J 175 18.37 14.63 -20.32
CA PHE J 175 17.33 15.48 -20.90
C PHE J 175 17.07 15.06 -22.35
N PRO J 176 16.51 13.86 -22.54
CA PRO J 176 16.21 13.35 -23.87
C PRO J 176 14.76 13.70 -24.15
N ASN J 177 14.26 13.36 -25.35
CA ASN J 177 12.87 13.62 -25.70
C ASN J 177 12.09 12.54 -25.00
N GLN J 178 11.29 12.88 -23.99
CA GLN J 178 10.52 11.85 -23.28
C GLN J 178 9.73 10.93 -24.23
N ASP J 179 9.29 11.51 -25.32
CA ASP J 179 8.54 10.85 -26.39
C ASP J 179 9.49 10.10 -27.33
N GLU J 180 10.76 10.02 -26.98
CA GLU J 180 11.72 9.36 -27.85
C GLU J 180 11.81 7.86 -27.74
N ILE J 181 12.07 7.25 -28.90
CA ILE J 181 12.27 5.82 -29.00
C ILE J 181 13.58 5.67 -29.78
N THR J 182 14.58 5.10 -29.13
CA THR J 182 15.88 4.94 -29.77
C THR J 182 16.11 3.56 -30.30
N PHE J 183 16.65 3.50 -31.52
CA PHE J 183 16.91 2.25 -32.19
C PHE J 183 18.39 2.01 -32.41
N PRO J 184 18.96 1.11 -31.64
CA PRO J 184 20.37 0.76 -31.77
C PRO J 184 20.49 0.01 -33.09
N GLY J 185 21.40 0.44 -33.96
CA GLY J 185 21.56 -0.21 -35.25
C GLY J 185 20.67 0.38 -36.34
N GLY J 186 19.87 1.38 -35.97
CA GLY J 186 19.00 2.04 -36.94
C GLY J 186 17.75 1.24 -37.25
N ILE J 187 17.13 1.59 -38.37
CA ILE J 187 15.89 0.96 -38.82
C ILE J 187 15.96 0.65 -40.31
N ARG J 188 15.42 -0.50 -40.72
CA ARG J 188 15.42 -0.87 -42.14
C ARG J 188 14.26 -0.19 -42.88
N PRO J 189 14.45 0.10 -44.16
CA PRO J 189 13.43 0.79 -44.96
C PRO J 189 12.04 0.17 -44.91
N GLU J 190 12.01 -1.15 -44.86
CA GLU J 190 10.75 -1.88 -44.82
C GLU J 190 9.87 -1.48 -43.64
N PHE J 191 10.39 -0.73 -42.69
CA PHE J 191 9.62 -0.32 -41.51
C PHE J 191 9.14 1.12 -41.61
N ILE J 192 9.54 1.78 -42.69
CA ILE J 192 9.16 3.16 -42.92
C ILE J 192 8.01 3.13 -43.91
N ARG J 193 6.80 3.38 -43.43
CA ARG J 193 5.61 3.36 -44.28
C ARG J 193 5.45 4.55 -45.23
N SER J 194 5.62 5.76 -44.72
CA SER J 194 5.46 6.95 -45.54
C SER J 194 6.23 8.13 -44.99
N THR J 195 6.09 9.27 -45.64
CA THR J 195 6.75 10.50 -45.21
C THR J 195 6.12 11.73 -45.87
N TYR J 196 6.07 12.83 -45.13
CA TYR J 196 5.52 14.08 -45.64
C TYR J 196 6.70 14.94 -46.08
N GLU J 197 6.63 15.51 -47.28
CA GLU J 197 7.71 16.36 -47.76
C GLU J 197 7.31 17.81 -47.50
N TYR J 198 8.05 18.48 -46.63
CA TYR J 198 7.72 19.86 -46.30
C TYR J 198 8.64 20.83 -47.00
N HIS J 199 8.08 21.96 -47.40
CA HIS J 199 8.84 23.02 -48.03
C HIS J 199 8.44 24.28 -47.31
N ASN J 200 9.38 24.78 -46.50
CA ASN J 200 9.14 25.97 -45.71
C ASN J 200 7.90 25.85 -44.84
N GLY J 201 7.79 24.71 -44.17
CA GLY J 201 6.68 24.46 -43.25
C GLY J 201 5.35 24.05 -43.88
N GLU J 202 5.36 23.84 -45.20
CA GLU J 202 4.14 23.46 -45.90
C GLU J 202 4.25 22.09 -46.57
N ILE J 203 3.28 21.22 -46.30
CA ILE J 203 3.28 19.90 -46.90
C ILE J 203 3.21 20.06 -48.41
N VAL J 204 4.07 19.37 -49.12
CA VAL J 204 4.12 19.47 -50.56
C VAL J 204 3.76 18.15 -51.23
N ARG J 205 4.11 17.05 -50.59
CA ARG J 205 3.83 15.73 -51.13
C ARG J 205 3.77 14.71 -50.02
N ILE J 206 3.13 13.59 -50.28
CA ILE J 206 3.06 12.51 -49.30
C ILE J 206 3.59 11.27 -50.00
N TRP J 207 4.72 10.75 -49.54
CA TRP J 207 5.30 9.59 -50.16
C TRP J 207 4.88 8.30 -49.51
N ILE J 208 4.73 7.26 -50.32
CA ILE J 208 4.36 5.94 -49.83
C ILE J 208 5.44 4.93 -50.17
N ASN J 209 5.78 4.08 -49.21
CA ASN J 209 6.80 3.09 -49.43
C ASN J 209 6.14 1.79 -49.85
N PRO J 210 6.18 1.51 -51.14
CA PRO J 210 5.59 0.29 -51.70
C PRO J 210 6.17 -0.92 -51.00
N ASN J 211 7.44 -0.82 -50.62
CA ASN J 211 8.13 -1.91 -49.96
C ASN J 211 7.88 -2.03 -48.46
N PHE J 212 6.92 -1.27 -47.95
CA PHE J 212 6.62 -1.33 -46.52
C PHE J 212 6.28 -2.75 -46.11
N ILE J 213 6.76 -3.14 -44.94
CA ILE J 213 6.56 -4.47 -44.40
C ILE J 213 5.15 -5.07 -44.53
N ASN J 214 4.12 -4.25 -44.33
CA ASN J 214 2.74 -4.72 -44.41
C ASN J 214 1.93 -3.84 -45.36
N PRO J 215 2.12 -4.09 -46.66
CA PRO J 215 1.50 -3.31 -47.73
C PRO J 215 -0.01 -3.22 -47.67
N SER J 216 -0.64 -4.18 -47.00
CA SER J 216 -2.10 -4.18 -46.88
C SER J 216 -2.58 -2.87 -46.24
N THR J 217 -1.71 -2.27 -45.43
CA THR J 217 -2.06 -1.03 -44.74
C THR J 217 -1.62 0.25 -45.41
N LEU J 218 -0.93 0.15 -46.55
CA LEU J 218 -0.49 1.34 -47.29
C LEU J 218 -1.68 2.24 -47.54
N ASN J 219 -2.84 1.63 -47.46
CA ASN J 219 -4.10 2.32 -47.64
C ASN J 219 -4.36 3.32 -46.52
N ASP J 220 -4.17 2.89 -45.27
CA ASP J 220 -4.43 3.73 -44.10
C ASP J 220 -3.61 5.02 -43.97
N VAL J 221 -2.72 5.27 -44.91
CA VAL J 221 -1.90 6.48 -44.84
C VAL J 221 -2.71 7.78 -44.88
N SER J 222 -2.91 8.36 -43.69
CA SER J 222 -3.66 9.61 -43.53
C SER J 222 -2.88 10.75 -44.16
N GLY J 223 -3.53 11.91 -44.29
CA GLY J 223 -2.87 13.07 -44.87
C GLY J 223 -3.87 14.09 -45.39
N PRO J 224 -3.41 15.32 -45.56
CA PRO J 224 -4.25 16.41 -46.04
C PRO J 224 -4.81 16.17 -47.45
N SER J 225 -5.96 16.78 -47.69
CA SER J 225 -6.62 16.70 -48.98
C SER J 225 -5.98 17.69 -49.95
N ASN J 226 -6.02 17.36 -51.24
CA ASN J 226 -5.45 18.20 -52.27
C ASN J 226 -3.93 18.24 -52.26
N ILE J 227 -3.32 17.17 -51.75
CA ILE J 227 -1.86 17.06 -51.70
C ILE J 227 -1.45 15.72 -52.30
N SER J 228 -0.77 15.79 -53.44
CA SER J 228 -0.32 14.60 -54.16
C SER J 228 0.23 13.46 -53.30
N LYS J 229 -0.44 12.31 -53.35
CA LYS J 229 -0.02 11.14 -52.57
C LYS J 229 0.77 10.20 -53.50
N VAL J 230 2.02 10.54 -53.75
CA VAL J 230 2.87 9.74 -54.63
C VAL J 230 3.39 8.41 -54.07
N PHE J 231 3.69 7.49 -54.98
CA PHE J 231 4.23 6.20 -54.63
C PHE J 231 5.71 6.18 -54.99
N TRP J 232 6.56 6.06 -53.99
CA TRP J 232 7.99 6.07 -54.23
C TRP J 232 8.48 4.83 -54.96
N HIS J 233 9.50 5.05 -55.77
CA HIS J 233 10.19 3.99 -56.51
C HIS J 233 11.62 4.47 -56.61
N GLU J 234 12.55 3.52 -56.55
CA GLU J 234 13.97 3.85 -56.60
C GLU J 234 14.31 4.92 -57.65
N ASN J 235 15.30 5.74 -57.33
CA ASN J 235 15.75 6.79 -58.23
C ASN J 235 14.65 7.69 -58.77
N HIS J 236 13.52 7.72 -58.07
CA HIS J 236 12.39 8.57 -58.45
C HIS J 236 12.87 9.99 -58.71
N SER J 237 12.37 10.62 -59.75
CA SER J 237 12.79 11.98 -60.11
C SER J 237 12.60 13.06 -59.05
N GLU J 238 11.52 12.98 -58.30
CA GLU J 238 11.24 14.00 -57.29
C GLU J 238 11.41 13.51 -55.87
N GLY J 239 12.11 12.39 -55.74
CA GLY J 239 12.36 11.79 -54.44
C GLY J 239 13.74 12.14 -53.93
N ASN J 240 14.31 13.22 -54.46
CA ASN J 240 15.64 13.63 -54.03
C ASN J 240 15.75 15.11 -53.73
N ASN J 241 14.62 15.73 -53.39
CA ASN J 241 14.61 17.15 -53.07
C ASN J 241 15.11 17.38 -51.65
N MET J 242 16.20 18.12 -51.50
CA MET J 242 16.75 18.39 -50.18
C MET J 242 17.62 19.64 -50.12
N ASP J 243 17.82 20.16 -48.92
CA ASP J 243 18.62 21.36 -48.74
C ASP J 243 20.02 21.23 -49.33
N SER J 244 20.50 22.35 -49.88
CA SER J 244 21.81 22.44 -50.51
C SER J 244 22.95 21.78 -49.75
N GLN J 255 22.93 14.42 -39.69
CA GLN J 255 21.59 14.01 -40.09
C GLN J 255 20.69 13.80 -38.89
N ASP J 256 21.29 13.66 -37.72
CA ASP J 256 20.53 13.42 -36.50
C ASP J 256 20.21 14.75 -35.82
N PHE J 257 20.59 15.84 -36.47
CA PHE J 257 20.40 17.16 -35.90
C PHE J 257 18.99 17.54 -35.45
N ASP J 258 18.01 17.36 -36.32
CA ASP J 258 16.65 17.76 -35.97
C ASP J 258 15.91 16.82 -35.04
N MET J 259 16.57 15.74 -34.62
CA MET J 259 15.94 14.80 -33.70
C MET J 259 16.58 14.95 -32.32
N PHE J 260 17.52 15.88 -32.23
CA PHE J 260 18.23 16.15 -31.00
C PHE J 260 17.34 16.96 -30.07
N ALA J 261 17.12 16.42 -28.87
CA ALA J 261 16.25 17.04 -27.86
C ALA J 261 16.18 18.57 -27.82
N PRO J 262 17.32 19.23 -27.62
CA PRO J 262 17.35 20.68 -27.54
C PRO J 262 16.96 21.38 -28.84
N ASN J 263 16.98 20.64 -29.95
CA ASN J 263 16.64 21.22 -31.24
C ASN J 263 15.18 21.15 -31.61
N GLY J 264 14.34 20.83 -30.63
CA GLY J 264 12.91 20.74 -30.85
C GLY J 264 12.13 20.60 -29.55
N GLU J 265 10.81 20.50 -29.67
CA GLU J 265 9.95 20.35 -28.51
C GLU J 265 8.54 20.11 -28.99
N ILE J 266 7.64 19.76 -28.06
CA ILE J 266 6.24 19.56 -28.38
C ILE J 266 5.60 20.94 -28.30
N PRO J 267 5.43 21.58 -29.45
CA PRO J 267 4.88 22.94 -29.49
C PRO J 267 3.53 23.16 -28.81
N ASN J 268 2.60 22.24 -29.00
CA ASN J 268 1.26 22.38 -28.44
C ASN J 268 0.53 21.04 -28.43
N ASN J 269 -0.75 21.07 -28.08
CA ASN J 269 -1.55 19.85 -28.04
C ASN J 269 -2.74 19.95 -28.99
N ASN J 270 -2.60 20.84 -29.96
CA ASN J 270 -3.64 21.06 -30.96
C ASN J 270 -3.74 19.87 -31.88
N LEU J 271 -4.92 19.71 -32.48
CA LEU J 271 -5.13 18.62 -33.42
C LEU J 271 -4.41 19.00 -34.70
N LEU J 272 -4.33 18.06 -35.65
CA LEU J 272 -3.64 18.34 -36.90
C LEU J 272 -4.57 18.68 -38.05
N ASP K 20 37.04 -15.11 -39.05
CA ASP K 20 36.24 -16.14 -38.33
C ASP K 20 35.95 -15.76 -36.86
N ASN K 21 36.01 -16.76 -35.97
CA ASN K 21 35.79 -16.53 -34.54
C ASN K 21 36.76 -17.44 -33.76
N THR K 22 37.65 -18.13 -34.49
CA THR K 22 38.68 -19.02 -33.95
C THR K 22 39.35 -18.48 -32.69
N TRP K 23 39.61 -17.17 -32.64
CA TRP K 23 40.22 -16.59 -31.44
C TRP K 23 39.44 -16.85 -30.11
N ILE K 24 38.12 -16.72 -30.14
CA ILE K 24 37.33 -16.95 -28.92
C ILE K 24 36.65 -18.31 -29.00
N GLN K 25 37.11 -19.15 -29.92
CA GLN K 25 36.53 -20.47 -30.16
C GLN K 25 36.86 -21.57 -29.12
N ALA K 26 37.60 -21.20 -28.07
CA ALA K 26 37.98 -22.15 -27.04
C ALA K 26 37.20 -21.79 -25.81
N ALA K 27 36.55 -20.66 -25.93
CA ALA K 27 35.78 -20.11 -24.84
C ALA K 27 34.62 -21.02 -24.59
N SER K 28 33.82 -20.64 -23.60
CA SER K 28 32.59 -21.34 -23.24
C SER K 28 31.42 -21.06 -24.25
N LEU K 38 32.52 -7.68 -32.19
CA LEU K 38 32.20 -6.55 -31.27
C LEU K 38 33.13 -6.63 -30.10
N LEU K 39 33.26 -7.85 -29.61
CA LEU K 39 34.14 -8.12 -28.50
C LEU K 39 35.55 -7.68 -28.91
N TYR K 40 36.00 -8.23 -30.04
CA TYR K 40 37.29 -7.90 -30.59
C TYR K 40 37.52 -6.37 -30.52
N GLN K 41 36.65 -5.58 -31.10
CA GLN K 41 36.79 -4.10 -31.08
C GLN K 41 36.83 -3.59 -29.65
N LEU K 42 36.02 -4.19 -28.78
CA LEU K 42 35.90 -3.80 -27.39
C LEU K 42 37.23 -4.07 -26.76
N ILE K 43 37.86 -5.14 -27.22
CA ILE K 43 39.17 -5.49 -26.69
C ILE K 43 40.26 -4.54 -27.24
N SER K 44 40.44 -4.55 -28.56
CA SER K 44 41.46 -3.75 -29.24
C SER K 44 41.42 -2.22 -29.20
N THR K 45 40.29 -1.63 -29.56
CA THR K 45 40.21 -0.18 -29.55
C THR K 45 40.76 0.46 -28.25
N ARG K 46 41.02 -0.32 -27.17
CA ARG K 46 41.59 0.23 -25.91
C ARG K 46 43.06 -0.24 -25.65
N ILE K 47 43.82 -0.41 -26.73
CA ILE K 47 45.22 -0.84 -26.69
C ILE K 47 45.81 0.14 -27.68
N PRO K 48 46.46 1.17 -27.15
CA PRO K 48 47.01 2.23 -27.99
C PRO K 48 48.27 1.79 -28.71
N SER K 49 48.50 2.40 -29.87
CA SER K 49 49.69 2.11 -30.63
C SER K 49 51.03 2.19 -29.83
N PHE K 50 51.11 2.92 -28.72
CA PHE K 50 52.39 2.92 -27.95
C PHE K 50 52.63 1.60 -27.23
N ALA K 51 51.57 0.90 -26.84
CA ALA K 51 51.76 -0.38 -26.19
C ALA K 51 51.89 -1.47 -27.26
N SER K 52 51.17 -1.30 -28.35
CA SER K 52 51.14 -2.24 -29.45
C SER K 52 51.47 -1.56 -30.75
N PRO K 53 52.70 -1.78 -31.18
CA PRO K 53 53.21 -1.23 -32.43
C PRO K 53 52.40 -1.65 -33.65
N ASN K 54 52.38 -2.96 -33.86
CA ASN K 54 51.71 -3.61 -34.97
C ASN K 54 50.26 -3.94 -34.71
N GLY K 55 49.84 -3.69 -33.48
CA GLY K 55 48.47 -3.96 -33.08
C GLY K 55 48.34 -5.37 -32.53
N LEU K 56 47.13 -5.61 -32.04
CA LEU K 56 46.72 -6.87 -31.43
C LEU K 56 46.84 -8.07 -32.38
N HIS K 57 47.44 -9.16 -31.90
CA HIS K 57 47.60 -10.37 -32.69
C HIS K 57 47.05 -11.65 -32.09
N MET K 58 46.55 -12.50 -32.97
CA MET K 58 46.00 -13.78 -32.57
C MET K 58 47.00 -14.86 -32.99
N ARG K 59 46.98 -15.98 -32.26
CA ARG K 59 47.96 -17.03 -32.56
C ARG K 59 47.67 -17.63 -33.89
N GLU K 60 48.66 -18.20 -34.53
CA GLU K 60 48.38 -18.82 -35.82
C GLU K 60 48.57 -20.31 -35.87
N GLN K 61 48.02 -20.90 -36.93
CA GLN K 61 48.08 -22.32 -37.13
C GLN K 61 47.63 -23.08 -35.90
N THR K 62 46.78 -22.46 -35.07
CA THR K 62 46.27 -23.09 -33.84
C THR K 62 45.38 -24.30 -34.12
N ILE K 63 44.83 -24.32 -35.32
CA ILE K 63 44.01 -25.44 -35.81
C ILE K 63 44.44 -25.74 -37.23
N ASP K 64 44.26 -26.99 -37.65
CA ASP K 64 44.56 -27.35 -39.02
C ASP K 64 43.49 -26.66 -39.89
N SER K 65 43.96 -25.83 -40.83
CA SER K 65 43.12 -25.03 -41.75
C SER K 65 42.15 -25.84 -42.62
N ASN K 66 42.55 -27.05 -42.97
CA ASN K 66 41.72 -27.94 -43.76
C ASN K 66 40.70 -28.73 -42.88
N THR K 67 41.24 -29.71 -42.15
CA THR K 67 40.51 -30.58 -41.20
C THR K 67 39.67 -29.78 -40.17
N GLY K 68 40.28 -28.81 -39.52
CA GLY K 68 39.59 -28.02 -38.50
C GLY K 68 39.98 -28.59 -37.14
N GLN K 69 40.82 -29.63 -37.17
CA GLN K 69 41.36 -30.32 -35.99
C GLN K 69 42.29 -29.43 -35.20
N ILE K 70 42.27 -29.56 -33.86
CA ILE K 70 43.17 -28.76 -33.04
C ILE K 70 44.62 -29.17 -33.35
N GLN K 71 45.47 -28.15 -33.52
CA GLN K 71 46.86 -28.39 -33.81
C GLN K 71 47.49 -28.86 -32.50
N ILE K 72 47.77 -30.17 -32.43
CA ILE K 72 48.39 -30.69 -31.23
C ILE K 72 49.87 -30.94 -31.40
N ASP K 73 50.65 -29.86 -31.37
CA ASP K 73 52.10 -29.97 -31.50
C ASP K 73 52.79 -29.19 -30.40
N ASN K 74 54.11 -29.10 -30.47
CA ASN K 74 54.88 -28.39 -29.46
C ASN K 74 54.75 -26.88 -29.61
N GLU K 75 54.67 -26.42 -30.86
CA GLU K 75 54.54 -24.99 -31.14
C GLU K 75 53.30 -24.42 -30.46
N HIS K 76 52.23 -25.20 -30.43
CA HIS K 76 50.99 -24.74 -29.83
C HIS K 76 50.64 -25.31 -28.47
N ARG K 77 51.63 -25.92 -27.81
CA ARG K 77 51.40 -26.46 -26.48
C ARG K 77 51.39 -25.30 -25.52
N LEU K 78 50.40 -25.30 -24.62
CA LEU K 78 50.26 -24.23 -23.64
C LEU K 78 50.12 -24.79 -22.25
N LEU K 79 50.44 -23.98 -21.25
CA LEU K 79 50.34 -24.40 -19.86
C LEU K 79 49.71 -23.35 -18.99
N ARG K 80 49.09 -23.79 -17.91
CA ARG K 80 48.49 -22.89 -16.96
C ARG K 80 48.73 -23.40 -15.55
N TRP K 81 49.37 -22.57 -14.74
CA TRP K 81 49.67 -22.89 -13.37
C TRP K 81 48.42 -22.48 -12.60
N ASP K 82 47.81 -23.44 -11.92
CA ASP K 82 46.61 -23.17 -11.16
C ASP K 82 46.65 -24.01 -9.89
N ARG K 83 46.07 -23.49 -8.81
CA ARG K 83 46.05 -24.18 -7.54
C ARG K 83 44.78 -25.00 -7.31
N ARG K 84 43.90 -24.98 -8.31
CA ARG K 84 42.63 -25.71 -8.26
C ARG K 84 42.81 -27.11 -8.82
N PRO K 85 42.23 -28.10 -8.16
CA PRO K 85 42.35 -29.49 -8.56
C PRO K 85 41.54 -29.85 -9.80
N PRO K 86 41.91 -30.96 -10.44
CA PRO K 86 41.25 -31.41 -11.66
C PRO K 86 39.76 -31.67 -11.50
N ASN K 87 39.34 -32.08 -10.31
CA ASN K 87 37.92 -32.33 -10.05
C ASN K 87 37.10 -31.12 -10.45
N ASP K 88 37.74 -29.95 -10.39
CA ASP K 88 37.13 -28.70 -10.76
C ASP K 88 37.46 -28.44 -12.22
N ILE K 89 38.76 -28.30 -12.49
CA ILE K 89 39.24 -28.00 -13.82
C ILE K 89 38.84 -28.94 -14.95
N PHE K 90 39.06 -30.24 -14.76
CA PHE K 90 38.73 -31.22 -15.80
C PHE K 90 37.22 -31.27 -16.02
N LEU K 91 36.49 -30.73 -15.06
CA LEU K 91 35.05 -30.70 -15.09
C LEU K 91 34.51 -29.42 -15.73
N ASN K 92 34.87 -28.28 -15.15
CA ASN K 92 34.41 -26.98 -15.62
C ASN K 92 35.33 -26.26 -16.61
N GLY K 93 36.59 -26.69 -16.69
CA GLY K 93 37.55 -26.04 -17.57
C GLY K 93 38.00 -24.75 -16.87
N PHE K 94 38.54 -23.81 -17.63
CA PHE K 94 38.97 -22.55 -17.03
C PHE K 94 37.94 -21.47 -17.32
N ILE K 95 37.20 -21.10 -16.28
CA ILE K 95 36.19 -20.07 -16.41
C ILE K 95 36.71 -18.75 -15.83
N PRO K 96 36.62 -17.69 -16.64
CA PRO K 96 37.09 -16.37 -16.23
C PRO K 96 36.49 -15.95 -14.90
N ARG K 97 37.13 -14.98 -14.25
CA ARG K 97 36.64 -14.50 -12.98
C ARG K 97 35.32 -13.76 -13.16
N VAL K 98 35.11 -13.27 -14.39
CA VAL K 98 33.89 -12.56 -14.71
C VAL K 98 33.00 -13.31 -15.67
N THR K 99 31.84 -13.75 -15.21
CA THR K 99 30.97 -14.46 -16.15
C THR K 99 30.06 -13.50 -16.94
N ASN K 100 29.21 -14.05 -17.79
CA ASN K 100 28.29 -13.22 -18.56
C ASN K 100 27.25 -12.62 -17.64
N GLN K 101 27.02 -13.28 -16.51
CA GLN K 101 26.01 -12.81 -15.59
C GLN K 101 26.40 -11.62 -14.74
N ASN K 102 27.67 -11.20 -14.81
CA ASN K 102 28.13 -10.06 -14.01
C ASN K 102 29.05 -9.15 -14.84
N LEU K 103 29.07 -9.38 -16.15
CA LEU K 103 29.87 -8.60 -17.05
C LEU K 103 29.49 -7.12 -17.11
N SER K 104 30.50 -6.31 -17.34
CA SER K 104 30.43 -4.87 -17.48
C SER K 104 31.51 -4.73 -18.53
N PRO K 105 31.04 -4.86 -19.78
CA PRO K 105 31.89 -4.89 -20.97
C PRO K 105 33.05 -3.91 -21.08
N VAL K 106 32.80 -2.63 -20.84
CA VAL K 106 33.85 -1.65 -21.00
C VAL K 106 35.12 -1.90 -20.22
N GLU K 107 34.94 -2.52 -19.05
CA GLU K 107 36.02 -2.79 -18.08
C GLU K 107 36.39 -4.24 -18.03
N ASP K 108 35.42 -5.12 -17.79
CA ASP K 108 35.70 -6.53 -17.79
C ASP K 108 36.36 -7.08 -19.05
N THR K 109 36.54 -6.22 -20.04
CA THR K 109 37.20 -6.60 -21.28
C THR K 109 38.40 -5.69 -21.50
N HIS K 110 38.82 -5.01 -20.44
CA HIS K 110 39.98 -4.13 -20.52
C HIS K 110 41.20 -5.02 -20.35
N LEU K 111 41.81 -5.37 -21.49
CA LEU K 111 42.97 -6.24 -21.51
C LEU K 111 44.13 -5.68 -20.74
N LEU K 112 44.61 -4.51 -21.16
CA LEU K 112 45.74 -3.87 -20.49
C LEU K 112 45.57 -3.78 -18.97
N ASN K 113 44.38 -3.42 -18.53
CA ASN K 113 44.16 -3.33 -17.10
C ASN K 113 44.25 -4.71 -16.42
N TYR K 114 43.85 -5.75 -17.15
CA TYR K 114 43.90 -7.11 -16.64
C TYR K 114 45.36 -7.54 -16.53
N LEU K 115 46.09 -7.28 -17.61
CA LEU K 115 47.49 -7.63 -17.72
C LEU K 115 48.36 -6.88 -16.74
N ARG K 116 47.97 -5.62 -16.45
CA ARG K 116 48.73 -4.79 -15.52
C ARG K 116 48.38 -4.90 -14.05
N THR K 117 47.14 -5.26 -13.75
CA THR K 117 46.70 -5.36 -12.37
C THR K 117 46.10 -6.68 -11.93
N ASN K 118 45.74 -7.52 -12.90
CA ASN K 118 45.13 -8.80 -12.57
C ASN K 118 43.74 -8.61 -11.98
N SER K 119 43.10 -7.50 -12.36
CA SER K 119 41.73 -7.20 -11.94
C SER K 119 40.83 -8.24 -12.60
N PRO K 120 39.70 -8.55 -11.98
CA PRO K 120 38.79 -9.55 -12.54
C PRO K 120 38.41 -9.22 -13.98
N SER K 121 38.42 -10.23 -14.85
CA SER K 121 38.07 -10.02 -16.23
C SER K 121 37.46 -11.26 -16.88
N ILE K 122 37.32 -11.21 -18.19
CA ILE K 122 36.77 -12.33 -18.95
C ILE K 122 37.94 -13.12 -19.52
N PHE K 123 39.16 -12.68 -19.20
CA PHE K 123 40.35 -13.31 -19.70
C PHE K 123 40.89 -14.41 -18.81
N VAL K 124 41.51 -15.40 -19.46
CA VAL K 124 42.13 -16.52 -18.79
C VAL K 124 43.52 -16.63 -19.39
N SER K 125 44.54 -16.62 -18.55
CA SER K 125 45.91 -16.66 -19.02
C SER K 125 46.55 -18.05 -19.08
N THR K 126 47.46 -18.21 -20.02
CA THR K 126 48.21 -19.44 -20.19
C THR K 126 49.58 -18.98 -20.65
N THR K 127 50.54 -19.87 -20.54
CA THR K 127 51.89 -19.56 -20.96
C THR K 127 52.40 -20.65 -21.93
N ARG K 128 53.09 -20.22 -22.97
CA ARG K 128 53.65 -21.16 -23.94
C ARG K 128 54.56 -22.15 -23.22
N ALA K 129 54.59 -23.38 -23.72
CA ALA K 129 55.47 -24.41 -23.18
C ALA K 129 56.79 -24.13 -23.89
N ARG K 130 57.92 -24.29 -23.19
CA ARG K 130 59.22 -23.97 -23.79
C ARG K 130 60.10 -25.13 -24.25
N TYR K 131 60.73 -24.96 -25.40
CA TYR K 131 61.59 -25.99 -25.97
C TYR K 131 62.90 -25.45 -26.52
N ASN K 132 63.95 -26.28 -26.48
CA ASN K 132 65.24 -25.87 -27.03
C ASN K 132 65.20 -26.10 -28.53
N ASN K 133 66.30 -25.81 -29.21
CA ASN K 133 66.38 -25.98 -30.65
C ASN K 133 66.51 -27.43 -31.04
N LEU K 134 66.20 -28.33 -30.11
CA LEU K 134 66.28 -29.76 -30.40
C LEU K 134 64.90 -30.38 -30.24
N GLY K 135 63.97 -29.58 -29.72
CA GLY K 135 62.60 -30.04 -29.52
C GLY K 135 62.46 -30.59 -28.10
N LEU K 136 63.45 -30.32 -27.27
CA LEU K 136 63.44 -30.79 -25.89
C LEU K 136 62.85 -29.72 -24.99
N GLU K 137 61.93 -30.11 -24.11
CA GLU K 137 61.29 -29.15 -23.24
C GLU K 137 62.23 -28.57 -22.19
N ILE K 138 62.17 -27.25 -22.05
CA ILE K 138 62.98 -26.54 -21.07
C ILE K 138 62.03 -25.79 -20.15
N THR K 139 62.55 -25.23 -19.07
CA THR K 139 61.71 -24.54 -18.08
C THR K 139 60.83 -23.45 -18.67
N PRO K 140 59.55 -23.47 -18.30
CA PRO K 140 58.59 -22.49 -18.77
C PRO K 140 58.44 -21.38 -17.73
N TRP K 141 57.69 -20.33 -18.05
CA TRP K 141 57.44 -19.26 -17.11
C TRP K 141 56.87 -19.95 -15.88
N THR K 142 57.44 -19.71 -14.71
CA THR K 142 56.98 -20.39 -13.53
C THR K 142 56.66 -19.44 -12.37
N PRO K 143 55.54 -19.70 -11.71
CA PRO K 143 55.10 -18.90 -10.58
C PRO K 143 56.19 -18.98 -9.51
N HIS K 144 56.35 -17.90 -8.74
CA HIS K 144 57.36 -17.90 -7.70
C HIS K 144 56.95 -18.82 -6.56
N SER K 145 55.64 -18.98 -6.36
CA SER K 145 55.12 -19.81 -5.30
C SER K 145 55.10 -21.29 -5.65
N ALA K 146 55.52 -21.62 -6.86
CA ALA K 146 55.50 -22.99 -7.33
C ALA K 146 55.95 -24.07 -6.35
N ASN K 147 57.01 -23.80 -5.58
CA ASN K 147 57.54 -24.78 -4.63
C ASN K 147 56.80 -24.86 -3.31
N ASN K 148 55.72 -24.10 -3.16
CA ASN K 148 54.98 -24.10 -1.92
C ASN K 148 53.60 -24.70 -2.06
N ASN K 149 53.33 -25.70 -1.23
CA ASN K 149 52.03 -26.36 -1.21
C ASN K 149 51.58 -26.99 -2.52
N ILE K 150 50.26 -27.14 -2.65
CA ILE K 150 49.66 -27.76 -3.83
C ILE K 150 49.29 -26.82 -4.96
N ILE K 151 49.95 -27.02 -6.10
CA ILE K 151 49.72 -26.25 -7.32
C ILE K 151 49.68 -27.24 -8.49
N TYR K 152 48.92 -26.93 -9.53
CA TYR K 152 48.83 -27.80 -10.69
C TYR K 152 49.37 -27.15 -11.96
N ARG K 153 49.94 -27.96 -12.83
CA ARG K 153 50.52 -27.49 -14.08
C ARG K 153 49.72 -28.11 -15.22
N TYR K 154 48.65 -27.42 -15.61
CA TYR K 154 47.76 -27.91 -16.67
C TYR K 154 48.32 -27.77 -18.09
N GLU K 155 48.04 -28.77 -18.91
CA GLU K 155 48.48 -28.81 -20.30
C GLU K 155 47.28 -28.53 -21.18
N ILE K 156 47.42 -27.53 -22.04
CA ILE K 156 46.32 -27.12 -22.89
C ILE K 156 46.70 -27.06 -24.35
N PHE K 157 45.72 -27.42 -25.18
CA PHE K 157 45.81 -27.37 -26.65
C PHE K 157 44.41 -26.85 -26.99
N ALA K 158 44.32 -25.58 -27.40
CA ALA K 158 43.04 -24.97 -27.69
C ALA K 158 43.15 -24.03 -28.87
N PRO K 159 42.01 -23.74 -29.47
CA PRO K 159 41.97 -22.85 -30.63
C PRO K 159 41.99 -21.37 -30.25
N GLY K 160 42.68 -20.59 -31.07
CA GLY K 160 42.76 -19.14 -30.89
C GLY K 160 43.63 -18.72 -29.72
N GLY K 161 43.24 -17.62 -29.10
CA GLY K 161 43.99 -17.07 -27.98
C GLY K 161 44.75 -15.87 -28.51
N ILE K 162 44.96 -14.88 -27.65
CA ILE K 162 45.68 -13.70 -28.07
C ILE K 162 47.17 -13.90 -27.84
N ASP K 163 47.97 -13.58 -28.85
CA ASP K 163 49.41 -13.71 -28.76
C ASP K 163 49.91 -12.44 -28.11
N ILE K 164 50.07 -12.48 -26.79
CA ILE K 164 50.49 -11.30 -26.06
C ILE K 164 51.80 -10.78 -26.61
N ASN K 165 52.74 -11.69 -26.84
CA ASN K 165 54.04 -11.31 -27.37
C ASN K 165 53.96 -10.54 -28.68
N ALA K 166 53.06 -10.96 -29.56
CA ALA K 166 52.87 -10.33 -30.86
C ALA K 166 52.02 -9.07 -30.78
N SER K 167 51.24 -8.94 -29.71
CA SER K 167 50.37 -7.79 -29.57
C SER K 167 51.05 -6.60 -28.90
N PHE K 168 51.98 -6.89 -27.97
CA PHE K 168 52.68 -5.83 -27.25
C PHE K 168 54.19 -5.90 -27.29
N SER K 169 54.75 -4.75 -26.96
CA SER K 169 56.18 -4.50 -26.91
C SER K 169 56.80 -4.96 -25.61
N ARG K 170 57.96 -5.61 -25.72
CA ARG K 170 58.69 -6.14 -24.58
C ARG K 170 58.96 -5.08 -23.51
N ASN K 171 59.23 -3.87 -23.99
CA ASN K 171 59.53 -2.70 -23.18
C ASN K 171 58.42 -2.04 -22.37
N HIS K 172 57.43 -1.51 -23.10
CA HIS K 172 56.28 -0.85 -22.50
C HIS K 172 55.39 -1.77 -21.72
N ASN K 173 54.76 -1.14 -20.74
CA ASN K 173 53.79 -1.79 -19.88
C ASN K 173 52.69 -2.50 -20.68
N PRO K 174 51.90 -3.32 -19.98
CA PRO K 174 52.08 -3.55 -18.53
C PRO K 174 53.12 -4.64 -18.26
N PHE K 175 54.09 -4.77 -19.15
CA PHE K 175 55.13 -5.76 -19.00
C PHE K 175 54.52 -7.15 -18.74
N PRO K 176 54.05 -7.74 -19.83
CA PRO K 176 53.40 -9.04 -19.87
C PRO K 176 54.38 -10.21 -19.89
N ASN K 177 53.80 -11.40 -19.75
CA ASN K 177 54.55 -12.62 -19.74
C ASN K 177 55.34 -12.81 -21.03
N GLN K 178 54.88 -12.20 -22.13
CA GLN K 178 55.55 -12.36 -23.44
C GLN K 178 55.29 -13.78 -23.97
N ASP K 179 55.50 -14.76 -23.09
CA ASP K 179 55.14 -16.13 -23.43
C ASP K 179 53.64 -16.38 -23.15
N GLU K 180 52.91 -15.31 -22.86
CA GLU K 180 51.50 -15.47 -22.54
C GLU K 180 50.56 -15.54 -23.71
N ILE K 181 49.51 -16.35 -23.53
CA ILE K 181 48.45 -16.50 -24.50
C ILE K 181 47.16 -16.31 -23.70
N THR K 182 46.42 -15.26 -24.03
CA THR K 182 45.21 -14.95 -23.31
C THR K 182 43.96 -15.41 -24.03
N PHE K 183 43.06 -16.02 -23.27
CA PHE K 183 41.82 -16.54 -23.82
C PHE K 183 40.61 -15.83 -23.26
N PRO K 184 39.99 -14.99 -24.10
CA PRO K 184 38.80 -14.26 -23.72
C PRO K 184 37.69 -15.31 -23.62
N GLY K 185 36.99 -15.35 -22.49
CA GLY K 185 35.92 -16.32 -22.31
C GLY K 185 36.41 -17.64 -21.70
N GLY K 186 37.72 -17.71 -21.44
CA GLY K 186 38.28 -18.91 -20.83
C GLY K 186 38.49 -20.04 -21.82
N ILE K 187 38.64 -21.25 -21.28
CA ILE K 187 38.88 -22.45 -22.07
C ILE K 187 38.00 -23.60 -21.56
N ARG K 188 37.46 -24.40 -22.48
CA ARG K 188 36.63 -25.54 -22.09
C ARG K 188 37.50 -26.74 -21.70
N PRO K 189 37.01 -27.57 -20.78
CA PRO K 189 37.77 -28.73 -20.28
C PRO K 189 38.33 -29.63 -21.36
N GLU K 190 37.55 -29.81 -22.42
CA GLU K 190 37.94 -30.67 -23.53
C GLU K 190 39.28 -30.26 -24.16
N PHE K 191 39.80 -29.09 -23.80
CA PHE K 191 41.07 -28.62 -24.38
C PHE K 191 42.23 -28.80 -23.42
N ILE K 192 41.92 -29.28 -22.22
CA ILE K 192 42.93 -29.51 -21.21
C ILE K 192 43.24 -30.99 -21.24
N ARG K 193 44.41 -31.35 -21.78
CA ARG K 193 44.81 -32.74 -21.88
C ARG K 193 45.24 -33.41 -20.58
N SER K 194 46.10 -32.74 -19.81
CA SER K 194 46.60 -33.32 -18.57
C SER K 194 47.04 -32.24 -17.60
N THR K 195 47.57 -32.68 -16.46
CA THR K 195 48.08 -31.77 -15.44
C THR K 195 48.97 -32.49 -14.44
N TYR K 196 50.00 -31.81 -13.97
CA TYR K 196 50.92 -32.38 -12.98
C TYR K 196 50.49 -31.85 -11.62
N GLU K 197 50.38 -32.74 -10.64
CA GLU K 197 49.99 -32.31 -9.30
C GLU K 197 51.26 -32.16 -8.47
N TYR K 198 51.57 -30.95 -8.06
CA TYR K 198 52.77 -30.71 -7.28
C TYR K 198 52.47 -30.54 -5.81
N HIS K 199 53.37 -31.05 -4.99
CA HIS K 199 53.25 -30.91 -3.54
C HIS K 199 54.60 -30.42 -3.08
N ASN K 200 54.64 -29.15 -2.69
CA ASN K 200 55.87 -28.53 -2.24
C ASN K 200 56.98 -28.65 -3.27
N GLY K 201 56.64 -28.37 -4.53
CA GLY K 201 57.61 -28.39 -5.62
C GLY K 201 57.97 -29.75 -6.18
N GLU K 202 57.27 -30.80 -5.72
CA GLU K 202 57.53 -32.16 -6.18
C GLU K 202 56.33 -32.78 -6.88
N ILE K 203 56.55 -33.30 -8.09
CA ILE K 203 55.47 -33.94 -8.81
C ILE K 203 54.98 -35.12 -7.99
N VAL K 204 53.67 -35.23 -7.84
CA VAL K 204 53.09 -36.28 -7.05
C VAL K 204 52.23 -37.21 -7.90
N ARG K 205 51.59 -36.65 -8.92
CA ARG K 205 50.72 -37.41 -9.79
C ARG K 205 50.59 -36.74 -11.14
N ILE K 206 50.22 -37.50 -12.15
CA ILE K 206 50.01 -36.94 -13.48
C ILE K 206 48.60 -37.32 -13.87
N TRP K 207 47.74 -36.33 -14.03
CA TRP K 207 46.36 -36.61 -14.39
C TRP K 207 46.12 -36.53 -15.89
N ILE K 208 45.23 -37.39 -16.35
CA ILE K 208 44.87 -37.42 -17.76
C ILE K 208 43.38 -37.16 -17.94
N ASN K 209 43.05 -36.32 -18.90
CA ASN K 209 41.66 -36.00 -19.14
C ASN K 209 41.11 -36.90 -20.23
N PRO K 210 40.36 -37.91 -19.80
CA PRO K 210 39.77 -38.87 -20.72
C PRO K 210 38.93 -38.14 -21.75
N ASN K 211 38.31 -37.04 -21.33
CA ASN K 211 37.46 -36.25 -22.19
C ASN K 211 38.19 -35.27 -23.12
N PHE K 212 39.51 -35.37 -23.17
CA PHE K 212 40.28 -34.48 -24.02
C PHE K 212 39.80 -34.57 -25.45
N ILE K 213 39.75 -33.43 -26.11
CA ILE K 213 39.28 -33.31 -27.49
C ILE K 213 39.78 -34.38 -28.48
N ASN K 214 41.06 -34.76 -28.37
CA ASN K 214 41.65 -35.76 -29.27
C ASN K 214 42.32 -36.86 -28.47
N PRO K 215 41.49 -37.77 -27.96
CA PRO K 215 41.92 -38.88 -27.12
C PRO K 215 43.00 -39.76 -27.70
N SER K 216 43.11 -39.78 -29.02
CA SER K 216 44.12 -40.59 -29.70
C SER K 216 45.51 -40.22 -29.18
N THR K 217 45.66 -38.98 -28.74
CA THR K 217 46.95 -38.49 -28.26
C THR K 217 47.18 -38.57 -26.77
N LEU K 218 46.18 -39.02 -26.01
CA LEU K 218 46.30 -39.14 -24.55
C LEU K 218 47.54 -39.96 -24.23
N ASN K 219 47.96 -40.70 -25.23
CA ASN K 219 49.14 -41.54 -25.14
C ASN K 219 50.41 -40.71 -25.01
N ASP K 220 50.54 -39.69 -25.84
CA ASP K 220 51.73 -38.83 -25.87
C ASP K 220 52.05 -38.04 -24.60
N VAL K 221 51.22 -38.17 -23.57
CA VAL K 221 51.46 -37.43 -22.34
C VAL K 221 52.78 -37.80 -21.66
N SER K 222 53.78 -36.94 -21.86
CA SER K 222 55.11 -37.10 -21.27
C SER K 222 55.04 -36.96 -19.76
N GLY K 223 56.13 -37.29 -19.09
CA GLY K 223 56.16 -37.17 -17.63
C GLY K 223 57.23 -38.05 -17.02
N PRO K 224 57.62 -37.73 -15.78
CA PRO K 224 58.64 -38.47 -15.07
C PRO K 224 58.26 -39.93 -14.81
N SER K 225 59.29 -40.76 -14.70
CA SER K 225 59.12 -42.17 -14.43
C SER K 225 58.91 -42.38 -12.93
N ASN K 226 58.18 -43.43 -12.59
CA ASN K 226 57.90 -43.76 -11.21
C ASN K 226 56.92 -42.79 -10.54
N ILE K 227 56.07 -42.17 -11.35
CA ILE K 227 55.05 -41.23 -10.87
C ILE K 227 53.70 -41.62 -11.44
N SER K 228 52.80 -42.06 -10.56
CA SER K 228 51.47 -42.50 -10.95
C SER K 228 50.78 -41.65 -12.02
N LYS K 229 50.48 -42.26 -13.16
CA LYS K 229 49.80 -41.56 -14.25
C LYS K 229 48.32 -41.91 -14.21
N VAL K 230 47.58 -41.28 -13.31
CA VAL K 230 46.15 -41.53 -13.15
C VAL K 230 45.22 -40.95 -14.23
N PHE K 231 44.07 -41.60 -14.38
CA PHE K 231 43.07 -41.16 -15.33
C PHE K 231 41.93 -40.53 -14.55
N TRP K 232 41.72 -39.23 -14.77
CA TRP K 232 40.68 -38.53 -14.05
C TRP K 232 39.27 -38.97 -14.45
N HIS K 233 38.39 -38.91 -13.46
CA HIS K 233 36.98 -39.20 -13.65
C HIS K 233 36.28 -38.31 -12.63
N GLU K 234 35.10 -37.81 -13.00
CA GLU K 234 34.35 -36.92 -12.14
C GLU K 234 34.33 -37.35 -10.67
N ASN K 235 34.32 -36.38 -9.77
CA ASN K 235 34.31 -36.66 -8.33
C ASN K 235 35.36 -37.63 -7.84
N HIS K 236 36.42 -37.80 -8.63
CA HIS K 236 37.52 -38.67 -8.27
C HIS K 236 37.98 -38.38 -6.83
N SER K 237 38.26 -39.41 -6.06
CA SER K 237 38.66 -39.23 -4.66
C SER K 237 39.91 -38.39 -4.41
N GLU K 238 40.90 -38.49 -5.29
CA GLU K 238 42.14 -37.76 -5.10
C GLU K 238 42.32 -36.63 -6.09
N GLY K 239 41.23 -36.24 -6.72
CA GLY K 239 41.25 -35.17 -7.70
C GLY K 239 40.77 -33.87 -7.09
N ASN K 240 40.84 -33.77 -5.77
CA ASN K 240 40.40 -32.56 -5.11
C ASN K 240 41.37 -32.06 -4.05
N ASN K 241 42.64 -32.41 -4.22
CA ASN K 241 43.66 -31.98 -3.27
C ASN K 241 44.08 -30.54 -3.57
N MET K 242 43.88 -29.64 -2.61
CA MET K 242 44.24 -28.25 -2.80
C MET K 242 44.47 -27.50 -1.50
N ASP K 243 45.17 -26.36 -1.59
CA ASP K 243 45.47 -25.55 -0.41
C ASP K 243 44.22 -25.16 0.36
N SER K 244 44.36 -25.13 1.68
CA SER K 244 43.28 -24.79 2.60
C SER K 244 42.44 -23.57 2.19
N LYS K 245 43.11 -22.53 1.69
CA LYS K 245 42.46 -21.31 1.25
C LYS K 245 41.19 -21.55 0.45
N GLY K 246 41.32 -22.27 -0.67
CA GLY K 246 40.21 -22.56 -1.56
C GLY K 246 39.10 -23.46 -1.02
N PHE K 247 39.10 -23.69 0.29
CA PHE K 247 38.08 -24.52 0.94
C PHE K 247 37.11 -23.64 1.69
N ILE K 248 37.60 -22.54 2.24
CA ILE K 248 36.74 -21.58 2.94
C ILE K 248 35.98 -20.87 1.83
N LEU K 249 34.69 -21.21 1.70
CA LEU K 249 33.87 -20.62 0.64
C LEU K 249 33.50 -19.19 0.93
N ASP K 250 33.59 -18.79 2.18
CA ASP K 250 33.26 -17.44 2.57
C ASP K 250 34.06 -16.49 1.68
N LEU K 251 35.38 -16.64 1.74
CA LEU K 251 36.34 -15.82 0.98
C LEU K 251 36.43 -16.12 -0.52
N ASP K 252 36.59 -15.07 -1.33
CA ASP K 252 36.71 -15.26 -2.76
C ASP K 252 38.16 -15.53 -3.15
N TYR K 253 38.35 -16.36 -4.18
CA TYR K 253 39.67 -16.81 -4.62
C TYR K 253 40.29 -16.22 -5.88
N ASN K 254 41.44 -15.55 -5.73
CA ASN K 254 42.11 -15.02 -6.92
C ASN K 254 42.95 -16.06 -7.59
N GLN K 255 42.19 -16.87 -8.30
CA GLN K 255 42.65 -18.07 -8.98
C GLN K 255 43.63 -17.75 -10.10
N ASP K 256 43.64 -16.49 -10.51
CA ASP K 256 44.52 -16.06 -11.61
C ASP K 256 45.82 -15.54 -11.03
N PHE K 257 45.98 -15.66 -9.73
CA PHE K 257 47.17 -15.16 -9.05
C PHE K 257 48.52 -15.64 -9.56
N ASP K 258 48.69 -16.95 -9.68
CA ASP K 258 49.97 -17.48 -10.12
C ASP K 258 50.28 -17.35 -11.59
N MET K 259 49.37 -16.77 -12.35
CA MET K 259 49.58 -16.58 -13.79
C MET K 259 49.85 -15.10 -14.06
N PHE K 260 49.84 -14.32 -13.00
CA PHE K 260 50.07 -12.89 -13.07
C PHE K 260 51.55 -12.62 -13.26
N ALA K 261 51.87 -11.92 -14.34
CA ALA K 261 53.26 -11.60 -14.71
C ALA K 261 54.26 -11.40 -13.59
N PRO K 262 54.01 -10.45 -12.70
CA PRO K 262 54.92 -10.17 -11.59
C PRO K 262 55.06 -11.31 -10.59
N ASN K 263 54.12 -12.25 -10.63
CA ASN K 263 54.15 -13.37 -9.70
C ASN K 263 54.91 -14.58 -10.19
N GLY K 264 55.69 -14.39 -11.26
CA GLY K 264 56.48 -15.48 -11.82
C GLY K 264 57.46 -14.98 -12.87
N GLU K 265 58.21 -15.91 -13.44
CA GLU K 265 59.19 -15.58 -14.46
C GLU K 265 59.77 -16.87 -15.01
N ILE K 266 60.54 -16.75 -16.10
CA ILE K 266 61.19 -17.92 -16.69
C ILE K 266 62.51 -18.06 -15.93
N PRO K 267 62.54 -18.96 -14.96
CA PRO K 267 63.71 -19.14 -14.11
C PRO K 267 65.03 -19.44 -14.82
N ASN K 268 64.99 -20.29 -15.85
CA ASN K 268 66.21 -20.68 -16.56
C ASN K 268 65.86 -21.32 -17.90
N ASN K 269 66.87 -21.84 -18.58
CA ASN K 269 66.66 -22.48 -19.88
C ASN K 269 67.10 -23.94 -19.84
N ASN K 270 67.15 -24.47 -18.63
CA ASN K 270 67.55 -25.85 -18.42
C ASN K 270 66.48 -26.79 -18.94
N LEU K 271 66.90 -28.01 -19.27
CA LEU K 271 65.97 -29.02 -19.75
C LEU K 271 65.17 -29.50 -18.55
N LEU K 272 64.14 -30.30 -18.78
CA LEU K 272 63.33 -30.79 -17.68
C LEU K 272 63.67 -32.22 -17.27
N ASP L 20 37.69 34.65 -2.73
CA ASP L 20 36.24 34.80 -2.73
C ASP L 20 35.41 34.31 -3.92
N ASN L 21 34.11 34.61 -3.88
CA ASN L 21 33.17 34.20 -4.93
C ASN L 21 32.23 35.28 -5.46
N THR L 22 32.79 36.28 -6.14
CA THR L 22 31.98 37.32 -6.72
C THR L 22 31.34 36.74 -7.96
N TRP L 23 32.08 35.83 -8.60
CA TRP L 23 31.64 35.20 -9.83
C TRP L 23 30.27 34.57 -9.78
N ILE L 24 29.79 34.27 -8.57
CA ILE L 24 28.45 33.70 -8.37
C ILE L 24 27.60 34.59 -7.46
N GLN L 25 28.03 35.83 -7.25
CA GLN L 25 27.26 36.61 -6.31
C GLN L 25 25.83 36.94 -6.69
N ALA L 26 25.43 36.60 -7.91
CA ALA L 26 24.10 36.92 -8.40
C ALA L 26 23.25 35.66 -8.40
N ALA L 27 23.89 34.52 -8.24
CA ALA L 27 23.16 33.27 -8.29
C ALA L 27 22.12 33.30 -7.21
N SER L 28 20.99 32.68 -7.48
CA SER L 28 19.88 32.58 -6.54
C SER L 28 20.24 31.94 -5.17
N LEU L 38 34.81 24.25 -5.41
CA LEU L 38 34.64 23.05 -6.22
C LEU L 38 34.03 23.40 -7.56
N LEU L 39 32.83 23.97 -7.51
CA LEU L 39 32.05 24.38 -8.68
C LEU L 39 32.95 25.08 -9.63
N TYR L 40 33.87 25.87 -9.09
CA TYR L 40 34.80 26.60 -9.95
C TYR L 40 35.64 25.67 -10.84
N GLN L 41 36.26 24.67 -10.25
CA GLN L 41 37.03 23.77 -11.05
C GLN L 41 36.13 22.88 -11.93
N LEU L 42 34.93 22.61 -11.45
CA LEU L 42 34.01 21.84 -12.24
C LEU L 42 33.74 22.62 -13.55
N ILE L 43 33.58 23.94 -13.45
CA ILE L 43 33.37 24.68 -14.67
C ILE L 43 34.64 24.75 -15.50
N SER L 44 35.64 25.37 -14.88
CA SER L 44 36.96 25.65 -15.44
C SER L 44 37.84 24.55 -15.97
N THR L 45 37.85 23.40 -15.32
CA THR L 45 38.75 22.35 -15.78
C THR L 45 38.39 21.81 -17.14
N ARG L 46 37.16 22.02 -17.60
CA ARG L 46 36.77 21.57 -18.92
C ARG L 46 36.90 22.64 -20.00
N ILE L 47 37.97 23.42 -19.89
CA ILE L 47 38.28 24.48 -20.86
C ILE L 47 39.77 24.33 -21.18
N PRO L 48 40.06 23.78 -22.37
CA PRO L 48 41.42 23.50 -22.82
C PRO L 48 42.39 24.67 -22.91
N SER L 49 43.58 24.47 -22.38
CA SER L 49 44.61 25.49 -22.43
C SER L 49 44.84 26.10 -23.83
N PHE L 50 44.99 25.27 -24.86
CA PHE L 50 45.20 25.79 -26.21
C PHE L 50 44.08 26.77 -26.55
N ALA L 51 42.92 26.57 -25.95
CA ALA L 51 41.82 27.48 -26.19
C ALA L 51 41.70 28.65 -25.18
N SER L 52 42.53 28.66 -24.13
CA SER L 52 42.51 29.71 -23.09
C SER L 52 43.67 29.78 -22.11
N PRO L 53 44.52 30.76 -22.41
CA PRO L 53 45.69 31.13 -21.65
C PRO L 53 45.32 31.67 -20.27
N ASN L 54 44.41 32.66 -20.20
CA ASN L 54 44.00 33.19 -18.91
C ASN L 54 42.84 32.49 -18.20
N GLY L 55 42.53 31.31 -18.75
CA GLY L 55 41.51 30.38 -18.26
C GLY L 55 40.07 30.89 -18.27
N LEU L 56 39.31 30.37 -17.34
CA LEU L 56 37.92 30.76 -17.22
C LEU L 56 38.00 32.25 -16.87
N HIS L 57 37.63 33.13 -17.80
CA HIS L 57 37.66 34.55 -17.50
C HIS L 57 36.31 35.10 -17.08
N MET L 58 36.32 35.86 -15.98
CA MET L 58 35.10 36.44 -15.40
C MET L 58 35.22 37.91 -15.50
N ARG L 59 34.07 38.55 -15.76
CA ARG L 59 33.97 40.00 -15.83
C ARG L 59 34.62 40.69 -14.65
N GLU L 60 35.40 41.69 -15.00
CA GLU L 60 36.14 42.49 -14.05
C GLU L 60 35.42 43.81 -13.73
N GLN L 61 35.63 44.29 -12.52
CA GLN L 61 34.99 45.52 -12.11
C GLN L 61 33.49 45.45 -12.14
N THR L 62 32.88 44.29 -11.86
CA THR L 62 31.41 44.19 -11.86
C THR L 62 30.93 44.75 -10.53
N ILE L 63 31.90 44.96 -9.63
CA ILE L 63 31.65 45.43 -8.27
C ILE L 63 32.75 46.37 -7.78
N ASP L 64 32.42 47.38 -6.95
CA ASP L 64 33.44 48.29 -6.39
C ASP L 64 34.36 47.46 -5.48
N SER L 65 35.65 47.49 -5.78
CA SER L 65 36.63 46.69 -5.02
C SER L 65 36.53 47.00 -3.53
N ASN L 66 36.14 48.24 -3.24
CA ASN L 66 36.00 48.79 -1.89
C ASN L 66 34.61 48.67 -1.26
N THR L 67 33.68 49.52 -1.74
CA THR L 67 32.30 49.61 -1.29
C THR L 67 31.54 48.30 -1.48
N GLY L 68 32.01 47.49 -2.43
CA GLY L 68 31.42 46.18 -2.75
C GLY L 68 30.12 46.29 -3.56
N GLN L 69 29.75 47.50 -3.89
CA GLN L 69 28.53 47.71 -4.62
C GLN L 69 28.67 47.44 -6.09
N ILE L 70 27.51 47.18 -6.68
CA ILE L 70 27.43 46.77 -8.08
C ILE L 70 27.68 47.91 -8.99
N GLN L 71 28.52 47.70 -9.99
CA GLN L 71 28.86 48.78 -10.90
C GLN L 71 27.67 49.11 -11.72
N ILE L 72 26.88 50.06 -11.24
CA ILE L 72 25.78 50.36 -12.14
C ILE L 72 26.15 51.39 -13.19
N ASP L 73 26.91 50.96 -14.20
CA ASP L 73 27.32 51.85 -15.27
C ASP L 73 27.02 51.21 -16.63
N ASN L 74 27.46 51.86 -17.70
CA ASN L 74 27.22 51.34 -19.03
C ASN L 74 28.14 50.17 -19.36
N GLU L 75 29.36 50.22 -18.85
CA GLU L 75 30.35 49.16 -19.08
C GLU L 75 29.81 47.83 -18.58
N HIS L 76 29.09 47.86 -17.47
CA HIS L 76 28.56 46.63 -16.90
C HIS L 76 27.07 46.39 -17.08
N ARG L 77 26.45 47.15 -17.98
CA ARG L 77 25.04 46.96 -18.25
C ARG L 77 24.89 45.70 -19.09
N LEU L 78 23.93 44.86 -18.72
CA LEU L 78 23.70 43.61 -19.41
C LEU L 78 22.24 43.46 -19.78
N LEU L 79 21.97 42.64 -20.79
CA LEU L 79 20.61 42.41 -21.22
C LEU L 79 20.32 40.95 -21.48
N ARG L 80 19.06 40.57 -21.33
CA ARG L 80 18.64 39.21 -21.60
C ARG L 80 17.30 39.22 -22.31
N TRP L 81 17.27 38.62 -23.48
CA TRP L 81 16.06 38.52 -24.26
C TRP L 81 15.36 37.28 -23.76
N ASP L 82 14.15 37.45 -23.26
CA ASP L 82 13.38 36.34 -22.73
C ASP L 82 11.92 36.55 -23.09
N ARG L 83 11.20 35.44 -23.31
CA ARG L 83 9.79 35.51 -23.66
C ARG L 83 8.86 35.39 -22.47
N ARG L 84 9.45 35.28 -21.29
CA ARG L 84 8.70 35.14 -20.04
C ARG L 84 8.43 36.53 -19.45
N PRO L 85 7.20 36.74 -18.97
CA PRO L 85 6.80 38.03 -18.41
C PRO L 85 7.40 38.33 -17.04
N PRO L 86 7.40 39.61 -16.68
CA PRO L 86 7.96 40.06 -15.40
C PRO L 86 7.33 39.41 -14.18
N ASN L 87 6.05 39.07 -14.27
CA ASN L 87 5.35 38.43 -13.15
C ASN L 87 6.13 37.20 -12.71
N ASP L 88 6.88 36.63 -13.65
CA ASP L 88 7.72 35.47 -13.38
C ASP L 88 9.11 35.98 -13.03
N ILE L 89 9.71 36.65 -14.01
CA ILE L 89 11.07 37.16 -13.88
C ILE L 89 11.35 38.08 -12.70
N PHE L 90 10.56 39.13 -12.53
CA PHE L 90 10.76 40.08 -11.45
C PHE L 90 10.54 39.42 -10.09
N LEU L 91 9.88 38.27 -10.14
CA LEU L 91 9.57 37.50 -8.95
C LEU L 91 10.65 36.45 -8.63
N ASN L 92 10.89 35.56 -9.58
CA ASN L 92 11.86 34.49 -9.42
C ASN L 92 13.28 34.78 -9.93
N GLY L 93 13.42 35.80 -10.77
CA GLY L 93 14.71 36.12 -11.35
C GLY L 93 14.97 35.11 -12.48
N PHE L 94 16.23 34.95 -12.86
CA PHE L 94 16.54 33.98 -13.92
C PHE L 94 17.11 32.71 -13.30
N ILE L 95 16.30 31.67 -13.31
CA ILE L 95 16.71 30.39 -12.77
C ILE L 95 17.10 29.44 -13.90
N PRO L 96 18.30 28.87 -13.80
CA PRO L 96 18.80 27.95 -14.81
C PRO L 96 17.82 26.83 -15.10
N ARG L 97 18.00 26.19 -16.24
CA ARG L 97 17.11 25.10 -16.61
C ARG L 97 17.35 23.90 -15.68
N VAL L 98 18.48 23.91 -14.98
CA VAL L 98 18.79 22.85 -14.00
C VAL L 98 18.93 23.50 -12.63
N THR L 99 18.30 22.88 -11.63
CA THR L 99 18.36 23.39 -10.27
C THR L 99 19.29 22.42 -9.56
N ASN L 100 19.27 22.41 -8.24
CA ASN L 100 20.11 21.53 -7.42
C ASN L 100 19.40 20.21 -7.18
N GLN L 101 18.07 20.25 -7.15
CA GLN L 101 17.27 19.04 -6.97
C GLN L 101 17.71 18.00 -8.00
N ASN L 102 17.81 18.49 -9.24
CA ASN L 102 18.15 17.70 -10.43
C ASN L 102 19.57 17.82 -11.01
N LEU L 103 20.52 18.26 -10.21
CA LEU L 103 21.87 18.42 -10.71
C LEU L 103 22.66 17.15 -10.90
N SER L 104 23.43 17.15 -11.99
CA SER L 104 24.36 16.11 -12.36
C SER L 104 25.58 16.94 -12.76
N PRO L 105 26.42 17.24 -11.77
CA PRO L 105 27.64 18.03 -11.87
C PRO L 105 28.45 17.94 -13.14
N VAL L 106 28.99 16.76 -13.37
CA VAL L 106 29.84 16.51 -14.50
C VAL L 106 29.33 17.05 -15.82
N GLU L 107 28.02 17.10 -16.03
CA GLU L 107 27.47 17.50 -17.31
C GLU L 107 26.78 18.85 -17.30
N ASP L 108 25.80 18.98 -16.42
CA ASP L 108 25.09 20.23 -16.19
C ASP L 108 25.96 21.43 -15.94
N THR L 109 27.27 21.23 -15.90
CA THR L 109 28.22 22.32 -15.71
C THR L 109 29.18 22.34 -16.90
N HIS L 110 28.81 21.64 -17.97
CA HIS L 110 29.64 21.61 -19.17
C HIS L 110 29.32 22.87 -19.94
N LEU L 111 30.19 23.86 -19.78
CA LEU L 111 30.02 25.15 -20.42
C LEU L 111 30.00 25.05 -21.93
N LEU L 112 31.09 24.55 -22.51
CA LEU L 112 31.18 24.41 -23.97
C LEU L 112 29.97 23.70 -24.56
N ASN L 113 29.52 22.63 -23.93
CA ASN L 113 28.37 21.94 -24.47
C ASN L 113 27.10 22.80 -24.40
N TYR L 114 27.02 23.65 -23.39
CA TYR L 114 25.87 24.55 -23.23
C TYR L 114 25.91 25.60 -24.32
N LEU L 115 27.10 26.17 -24.48
CA LEU L 115 27.34 27.22 -25.47
C LEU L 115 27.18 26.73 -26.89
N ARG L 116 27.48 25.44 -27.09
CA ARG L 116 27.46 24.81 -28.42
C ARG L 116 26.12 24.23 -28.82
N THR L 117 25.37 23.76 -27.85
CA THR L 117 24.10 23.12 -28.12
C THR L 117 22.89 23.66 -27.40
N ASN L 118 23.11 24.46 -26.37
CA ASN L 118 22.00 25.00 -25.61
C ASN L 118 21.29 23.92 -24.81
N SER L 119 22.04 22.86 -24.48
CA SER L 119 21.54 21.76 -23.67
C SER L 119 21.27 22.33 -22.28
N PRO L 120 20.32 21.75 -21.55
CA PRO L 120 20.01 22.25 -20.21
C PRO L 120 21.24 22.32 -19.32
N SER L 121 21.39 23.42 -18.59
CA SER L 121 22.53 23.58 -17.70
C SER L 121 22.21 24.43 -16.49
N ILE L 122 23.27 24.81 -15.77
CA ILE L 122 23.12 25.66 -14.60
C ILE L 122 23.43 27.08 -15.01
N PHE L 123 23.71 27.26 -16.30
CA PHE L 123 24.06 28.57 -16.83
C PHE L 123 22.89 29.38 -17.32
N VAL L 124 23.02 30.70 -17.18
CA VAL L 124 22.01 31.65 -17.65
C VAL L 124 22.79 32.68 -18.46
N SER L 125 22.37 32.89 -19.69
CA SER L 125 23.06 33.82 -20.57
C SER L 125 22.51 35.24 -20.60
N THR L 126 23.40 36.18 -20.85
CA THR L 126 23.06 37.59 -20.98
C THR L 126 24.00 38.12 -22.02
N THR L 127 23.66 39.27 -22.57
CA THR L 127 24.51 39.90 -23.56
C THR L 127 24.81 41.34 -23.16
N ARG L 128 26.04 41.76 -23.36
CA ARG L 128 26.45 43.12 -23.06
C ARG L 128 25.55 44.10 -23.81
N ALA L 129 25.30 45.25 -23.20
CA ALA L 129 24.52 46.32 -23.82
C ALA L 129 25.57 47.04 -24.66
N ARG L 130 25.20 47.51 -25.85
CA ARG L 130 26.17 48.16 -26.73
C ARG L 130 26.12 49.68 -26.84
N TYR L 131 27.29 50.30 -26.86
CA TYR L 131 27.40 51.76 -26.95
C TYR L 131 28.46 52.22 -27.94
N ASN L 132 28.23 53.39 -28.54
CA ASN L 132 29.21 53.96 -29.47
C ASN L 132 30.27 54.66 -28.65
N ASN L 133 31.24 55.25 -29.32
CA ASN L 133 32.33 55.96 -28.63
C ASN L 133 31.88 57.29 -28.07
N LEU L 134 30.57 57.48 -27.96
CA LEU L 134 30.04 58.72 -27.42
C LEU L 134 29.25 58.42 -26.17
N GLY L 135 29.03 57.13 -25.93
CA GLY L 135 28.28 56.68 -24.77
C GLY L 135 26.81 56.53 -25.14
N LEU L 136 26.53 56.54 -26.44
CA LEU L 136 25.17 56.39 -26.92
C LEU L 136 24.89 54.93 -27.22
N GLU L 137 23.75 54.43 -26.77
CA GLU L 137 23.41 53.04 -26.97
C GLU L 137 23.12 52.70 -28.43
N ILE L 138 23.71 51.60 -28.89
CA ILE L 138 23.52 51.12 -30.26
C ILE L 138 22.95 49.71 -30.16
N THR L 139 22.51 49.16 -31.28
CA THR L 139 21.91 47.83 -31.29
C THR L 139 22.76 46.74 -30.65
N PRO L 140 22.13 45.95 -29.78
CA PRO L 140 22.81 44.86 -29.10
C PRO L 140 22.54 43.55 -29.85
N TRP L 141 23.19 42.47 -29.41
CA TRP L 141 22.95 41.17 -30.02
C TRP L 141 21.45 40.95 -29.91
N THR L 142 20.80 40.65 -31.01
CA THR L 142 19.35 40.49 -30.97
C THR L 142 18.88 39.18 -31.58
N PRO L 143 17.93 38.55 -30.90
CA PRO L 143 17.35 37.29 -31.34
C PRO L 143 16.72 37.53 -32.71
N HIS L 144 16.74 36.51 -33.56
CA HIS L 144 16.15 36.66 -34.89
C HIS L 144 14.62 36.74 -34.79
N SER L 145 14.07 36.10 -33.76
CA SER L 145 12.62 36.09 -33.56
C SER L 145 12.09 37.34 -32.90
N ALA L 146 12.99 38.26 -32.56
CA ALA L 146 12.61 39.47 -31.86
C ALA L 146 11.35 40.19 -32.35
N ASN L 147 11.14 40.25 -33.66
CA ASN L 147 9.97 40.94 -34.21
C ASN L 147 8.68 40.13 -34.22
N ASN L 148 8.73 38.92 -33.67
CA ASN L 148 7.54 38.08 -33.64
C ASN L 148 6.99 37.87 -32.26
N ASN L 149 5.71 38.20 -32.10
CA ASN L 149 5.02 38.02 -30.84
C ASN L 149 5.61 38.75 -29.64
N ILE L 150 5.32 38.22 -28.45
CA ILE L 150 5.76 38.81 -27.20
C ILE L 150 7.10 38.30 -26.66
N ILE L 151 8.06 39.21 -26.60
CA ILE L 151 9.40 38.94 -26.08
C ILE L 151 9.78 40.11 -25.17
N TYR L 152 10.60 39.85 -24.15
CA TYR L 152 11.03 40.89 -23.24
C TYR L 152 12.53 41.13 -23.30
N ARG L 153 12.93 42.39 -23.08
CA ARG L 153 14.32 42.77 -23.10
C ARG L 153 14.70 43.24 -21.70
N TYR L 154 15.13 42.30 -20.87
CA TYR L 154 15.50 42.59 -19.50
C TYR L 154 16.84 43.29 -19.31
N GLU L 155 16.88 44.21 -18.36
CA GLU L 155 18.08 44.98 -18.04
C GLU L 155 18.65 44.46 -16.74
N ILE L 156 19.92 44.07 -16.77
CA ILE L 156 20.54 43.49 -15.61
C ILE L 156 21.85 44.18 -15.24
N PHE L 157 22.08 44.25 -13.93
CA PHE L 157 23.30 44.77 -13.32
C PHE L 157 23.51 43.77 -12.18
N ALA L 158 24.50 42.90 -12.34
CA ALA L 158 24.76 41.87 -11.36
C ALA L 158 26.24 41.63 -11.20
N PRO L 159 26.60 41.02 -10.08
CA PRO L 159 28.00 40.74 -9.79
C PRO L 159 28.51 39.46 -10.48
N GLY L 160 29.76 39.52 -10.91
CA GLY L 160 30.44 38.39 -11.53
C GLY L 160 29.93 38.09 -12.94
N GLY L 161 29.95 36.81 -13.29
CA GLY L 161 29.53 36.38 -14.61
C GLY L 161 30.80 36.05 -15.37
N ILE L 162 30.71 35.09 -16.28
CA ILE L 162 31.87 34.70 -17.06
C ILE L 162 31.94 35.56 -18.31
N ASP L 163 33.13 36.10 -18.58
CA ASP L 163 33.33 36.93 -19.76
C ASP L 163 33.63 35.97 -20.90
N ILE L 164 32.59 35.60 -21.64
CA ILE L 164 32.76 34.66 -22.73
C ILE L 164 33.80 35.14 -23.71
N ASN L 165 33.72 36.41 -24.06
CA ASN L 165 34.67 37.00 -24.99
C ASN L 165 36.12 36.83 -24.55
N ALA L 166 36.37 37.01 -23.26
CA ALA L 166 37.71 36.89 -22.70
C ALA L 166 38.13 35.45 -22.46
N SER L 167 37.15 34.56 -22.37
CA SER L 167 37.46 33.17 -22.12
C SER L 167 37.72 32.35 -23.39
N PHE L 168 37.06 32.72 -24.48
CA PHE L 168 37.23 32.01 -25.75
C PHE L 168 37.59 32.87 -26.94
N ASN L 177 28.25 33.83 -28.87
CA ASN L 177 28.18 35.29 -28.84
C ASN L 177 29.31 35.92 -27.99
N GLN L 178 30.24 36.62 -28.65
CA GLN L 178 31.35 37.22 -27.95
C GLN L 178 30.86 38.15 -26.83
N ASP L 179 29.73 38.87 -27.07
CA ASP L 179 29.15 39.84 -26.16
C ASP L 179 28.43 39.15 -25.00
N GLU L 180 28.59 37.85 -24.89
CA GLU L 180 27.91 37.11 -23.85
C GLU L 180 28.57 37.09 -22.49
N ILE L 181 27.73 37.10 -21.46
CA ILE L 181 28.17 37.01 -20.08
C ILE L 181 27.32 35.90 -19.48
N THR L 182 27.97 34.82 -19.07
CA THR L 182 27.25 33.69 -18.51
C THR L 182 27.27 33.65 -17.01
N PHE L 183 26.11 33.37 -16.43
CA PHE L 183 25.96 33.32 -14.99
C PHE L 183 25.60 31.93 -14.51
N PRO L 184 26.58 31.27 -13.88
CA PRO L 184 26.38 29.94 -13.33
C PRO L 184 25.46 30.13 -12.13
N GLY L 185 24.35 29.39 -12.09
CA GLY L 185 23.42 29.51 -10.97
C GLY L 185 22.33 30.56 -11.23
N GLY L 186 22.40 31.20 -12.40
CA GLY L 186 21.40 32.20 -12.75
C GLY L 186 21.63 33.54 -12.07
N ILE L 187 20.57 34.35 -12.06
CA ILE L 187 20.60 35.69 -11.48
C ILE L 187 19.35 35.93 -10.63
N ARG L 188 19.51 36.60 -9.49
CA ARG L 188 18.38 36.90 -8.61
C ARG L 188 17.62 38.14 -9.12
N PRO L 189 16.32 38.19 -8.88
CA PRO L 189 15.48 39.29 -9.35
C PRO L 189 15.98 40.68 -8.98
N GLU L 190 16.54 40.79 -7.79
CA GLU L 190 17.06 42.06 -7.31
C GLU L 190 18.11 42.68 -8.22
N PHE L 191 18.60 41.92 -9.21
CA PHE L 191 19.63 42.43 -10.12
C PHE L 191 19.05 42.83 -11.46
N ILE L 192 17.75 42.60 -11.63
CA ILE L 192 17.07 42.94 -12.86
C ILE L 192 16.35 44.25 -12.61
N ARG L 193 16.88 45.34 -13.18
CA ARG L 193 16.30 46.66 -13.00
C ARG L 193 15.00 46.92 -13.76
N SER L 194 14.96 46.59 -15.03
CA SER L 194 13.78 46.83 -15.85
C SER L 194 13.69 45.88 -17.03
N THR L 195 12.67 46.08 -17.86
CA THR L 195 12.49 45.28 -19.06
C THR L 195 11.51 45.95 -20.02
N TYR L 196 11.76 45.78 -21.31
CA TYR L 196 10.88 46.35 -22.34
C TYR L 196 9.96 45.22 -22.81
N GLU L 197 8.67 45.49 -22.89
CA GLU L 197 7.73 44.47 -23.36
C GLU L 197 7.47 44.73 -24.83
N TYR L 198 7.88 43.79 -25.69
CA TYR L 198 7.68 43.97 -27.12
C TYR L 198 6.53 43.13 -27.62
N HIS L 199 5.81 43.70 -28.58
CA HIS L 199 4.71 43.01 -29.22
C HIS L 199 4.93 43.17 -30.71
N ASN L 200 5.32 42.08 -31.33
CA ASN L 200 5.61 42.08 -32.76
C ASN L 200 6.64 43.12 -33.14
N GLY L 201 7.71 43.19 -32.35
CA GLY L 201 8.81 44.11 -32.61
C GLY L 201 8.61 45.55 -32.18
N GLU L 202 7.49 45.81 -31.50
CA GLU L 202 7.19 47.17 -31.04
C GLU L 202 7.11 47.28 -29.53
N ILE L 203 7.84 48.23 -28.96
CA ILE L 203 7.81 48.42 -27.51
C ILE L 203 6.39 48.78 -27.12
N VAL L 204 5.89 48.11 -26.08
CA VAL L 204 4.53 48.35 -25.64
C VAL L 204 4.49 48.90 -24.23
N ARG L 205 5.46 48.51 -23.41
CA ARG L 205 5.53 48.96 -22.03
C ARG L 205 6.94 48.87 -21.52
N ILE L 206 7.24 49.61 -20.47
CA ILE L 206 8.56 49.57 -19.87
C ILE L 206 8.32 49.26 -18.40
N TRP L 207 8.78 48.10 -17.94
CA TRP L 207 8.57 47.73 -16.56
C TRP L 207 9.75 48.08 -15.68
N ILE L 208 9.44 48.45 -14.44
CA ILE L 208 10.46 48.80 -13.46
C ILE L 208 10.37 47.88 -12.26
N ASN L 209 11.52 47.41 -11.80
CA ASN L 209 11.55 46.51 -10.66
C ASN L 209 11.79 47.33 -9.40
N PRO L 210 10.71 47.55 -8.66
CA PRO L 210 10.78 48.31 -7.42
C PRO L 210 11.80 47.68 -6.48
N ASN L 211 11.90 46.36 -6.55
CA ASN L 211 12.82 45.61 -5.70
C ASN L 211 14.27 45.59 -6.19
N PHE L 212 14.59 46.38 -7.21
CA PHE L 212 15.94 46.39 -7.72
C PHE L 212 16.93 46.74 -6.62
N ILE L 213 18.07 46.06 -6.64
CA ILE L 213 19.11 46.24 -5.64
C ILE L 213 19.45 47.69 -5.23
N ASN L 214 19.47 48.59 -6.19
CA ASN L 214 19.79 50.00 -5.92
C ASN L 214 18.71 50.92 -6.48
N PRO L 215 17.60 51.00 -5.74
CA PRO L 215 16.42 51.77 -6.12
C PRO L 215 16.68 53.24 -6.44
N SER L 216 17.76 53.78 -5.89
CA SER L 216 18.09 55.18 -6.13
C SER L 216 18.23 55.44 -7.62
N THR L 217 18.59 54.40 -8.37
CA THR L 217 18.80 54.53 -9.81
C THR L 217 17.61 54.16 -10.68
N LEU L 218 16.51 53.71 -10.07
CA LEU L 218 15.31 53.33 -10.82
C LEU L 218 14.92 54.50 -11.72
N ASN L 219 15.40 55.66 -11.34
CA ASN L 219 15.17 56.89 -12.07
C ASN L 219 15.84 56.87 -13.45
N ASP L 220 17.10 56.46 -13.49
CA ASP L 220 17.88 56.43 -14.73
C ASP L 220 17.37 55.52 -15.85
N VAL L 221 16.27 54.81 -15.63
CA VAL L 221 15.75 53.93 -16.65
C VAL L 221 15.33 54.65 -17.93
N SER L 222 16.20 54.58 -18.94
CA SER L 222 15.98 55.20 -20.24
C SER L 222 14.83 54.50 -20.96
N GLY L 223 14.36 55.08 -22.05
CA GLY L 223 13.28 54.47 -22.82
C GLY L 223 12.58 55.50 -23.69
N PRO L 224 11.85 55.00 -24.69
CA PRO L 224 11.13 55.85 -25.62
C PRO L 224 10.03 56.68 -24.96
N SER L 225 9.74 57.81 -25.58
CA SER L 225 8.71 58.72 -25.10
C SER L 225 7.34 58.22 -25.57
N ASN L 226 6.32 58.52 -24.78
CA ASN L 226 4.96 58.12 -25.11
C ASN L 226 4.72 56.63 -24.95
N ILE L 227 5.51 55.99 -24.07
CA ILE L 227 5.37 54.57 -23.79
C ILE L 227 5.28 54.37 -22.28
N SER L 228 4.11 53.91 -21.83
CA SER L 228 3.86 53.69 -20.41
C SER L 228 5.01 53.06 -19.62
N LYS L 229 5.52 53.78 -18.63
CA LYS L 229 6.61 53.29 -17.79
C LYS L 229 6.02 52.77 -16.48
N VAL L 230 5.46 51.57 -16.52
CA VAL L 230 4.85 50.96 -15.34
C VAL L 230 5.79 50.41 -14.27
N PHE L 231 5.28 50.36 -13.05
CA PHE L 231 6.02 49.84 -11.92
C PHE L 231 5.46 48.47 -11.57
N TRP L 232 6.30 47.45 -11.73
CA TRP L 232 5.85 46.10 -11.45
C TRP L 232 5.59 45.84 -9.97
N HIS L 233 4.61 44.98 -9.74
CA HIS L 233 4.26 44.53 -8.41
C HIS L 233 3.75 43.11 -8.61
N GLU L 234 4.03 42.24 -7.65
CA GLU L 234 3.64 40.84 -7.74
C GLU L 234 2.22 40.64 -8.28
N ASN L 235 2.04 39.56 -9.02
CA ASN L 235 0.73 39.24 -9.60
C ASN L 235 0.06 40.36 -10.37
N HIS L 236 0.85 41.34 -10.80
CA HIS L 236 0.36 42.45 -11.59
C HIS L 236 -0.51 41.94 -12.74
N SER L 237 -1.63 42.60 -13.00
CA SER L 237 -2.55 42.17 -14.05
C SER L 237 -1.98 42.08 -15.46
N GLU L 238 -1.09 43.01 -15.81
CA GLU L 238 -0.54 43.02 -17.16
C GLU L 238 0.91 42.60 -17.21
N GLY L 239 1.37 41.97 -16.15
CA GLY L 239 2.75 41.51 -16.05
C GLY L 239 2.85 40.03 -16.38
N ASN L 240 1.86 39.52 -17.10
CA ASN L 240 1.88 38.11 -17.45
C ASN L 240 1.55 37.84 -18.91
N ASN L 241 1.80 38.84 -19.76
CA ASN L 241 1.53 38.70 -21.18
C ASN L 241 2.66 37.93 -21.86
N MET L 242 2.33 36.78 -22.44
CA MET L 242 3.33 35.97 -23.12
C MET L 242 2.77 35.03 -24.17
N ASP L 243 3.62 34.56 -25.08
CA ASP L 243 3.20 33.67 -26.13
C ASP L 243 2.48 32.42 -25.61
N SER L 244 1.48 32.00 -26.38
CA SER L 244 0.67 30.83 -26.04
C SER L 244 1.44 29.59 -25.57
N LYS L 245 2.57 29.27 -26.21
CA LYS L 245 3.34 28.08 -25.79
C LYS L 245 3.63 27.96 -24.27
N GLY L 246 3.77 29.11 -23.60
CA GLY L 246 4.10 29.17 -22.18
C GLY L 246 2.93 28.96 -21.24
N PHE L 247 1.77 28.66 -21.81
CA PHE L 247 0.56 28.44 -21.03
C PHE L 247 0.26 26.96 -20.96
N ILE L 248 0.53 26.27 -22.06
CA ILE L 248 0.35 24.86 -22.10
C ILE L 248 1.41 24.45 -21.10
N LEU L 249 0.95 23.96 -19.95
CA LEU L 249 1.81 23.60 -18.85
C LEU L 249 2.43 22.21 -18.85
N ASP L 250 1.76 21.26 -19.48
CA ASP L 250 2.31 19.92 -19.57
C ASP L 250 3.65 19.96 -20.29
N LEU L 251 3.71 20.85 -21.28
CA LEU L 251 4.87 21.03 -22.11
C LEU L 251 5.93 21.80 -21.36
N ASP L 252 7.15 21.68 -21.87
CA ASP L 252 8.29 22.34 -21.29
C ASP L 252 8.67 23.56 -22.07
N TYR L 253 9.21 24.53 -21.36
CA TYR L 253 9.58 25.77 -21.96
C TYR L 253 11.08 25.99 -22.04
N ASN L 254 11.63 25.75 -23.24
CA ASN L 254 13.03 26.04 -23.47
C ASN L 254 12.91 27.54 -23.60
N GLN L 255 13.44 28.13 -22.58
CA GLN L 255 13.45 29.54 -22.24
C GLN L 255 14.76 30.20 -22.60
N ASP L 256 15.78 29.40 -22.84
CA ASP L 256 17.11 29.93 -23.17
C ASP L 256 17.25 30.01 -24.68
N PHE L 257 16.18 29.71 -25.39
CA PHE L 257 16.21 29.70 -26.84
C PHE L 257 16.69 30.97 -27.55
N ASP L 258 16.11 32.11 -27.19
CA ASP L 258 16.48 33.34 -27.85
C ASP L 258 17.82 33.94 -27.45
N MET L 259 18.52 33.29 -26.52
CA MET L 259 19.82 33.78 -26.08
C MET L 259 20.91 32.88 -26.65
N PHE L 260 20.49 31.88 -27.42
CA PHE L 260 21.39 30.93 -28.04
C PHE L 260 22.04 31.57 -29.24
N ALA L 261 23.37 31.59 -29.23
CA ALA L 261 24.18 32.20 -30.28
C ALA L 261 23.64 32.18 -31.71
N PRO L 262 23.38 30.98 -32.23
CA PRO L 262 22.88 30.85 -33.60
C PRO L 262 21.49 31.43 -33.81
N ASN L 263 20.78 31.67 -32.71
CA ASN L 263 19.42 32.22 -32.81
C ASN L 263 19.35 33.74 -32.80
N GLY L 264 20.49 34.38 -32.99
CA GLY L 264 20.55 35.83 -33.01
C GLY L 264 21.91 36.35 -33.46
N GLU L 265 22.03 37.66 -33.51
CA GLU L 265 23.28 38.29 -33.92
C GLU L 265 23.15 39.79 -33.71
N ILE L 266 24.27 40.50 -33.85
CA ILE L 266 24.28 41.95 -33.72
C ILE L 266 23.91 42.48 -35.11
N PRO L 267 22.66 42.83 -35.29
CA PRO L 267 22.17 43.28 -36.59
C PRO L 267 22.90 44.45 -37.24
N ASN L 268 23.24 45.47 -36.44
CA ASN L 268 23.90 46.66 -36.95
C ASN L 268 24.54 47.45 -35.83
N ASN L 269 25.05 48.63 -36.15
CA ASN L 269 25.69 49.49 -35.16
C ASN L 269 24.97 50.83 -35.05
N ASN L 270 23.72 50.83 -35.49
CA ASN L 270 22.90 52.03 -35.45
C ASN L 270 22.54 52.38 -34.03
N LEU L 271 22.24 53.66 -33.80
CA LEU L 271 21.85 54.12 -32.49
C LEU L 271 20.43 53.63 -32.26
N LEU L 272 19.92 53.79 -31.04
CA LEU L 272 18.57 53.34 -30.74
C LEU L 272 17.54 54.48 -30.74
N ASP M 20 -26.54 18.38 8.29
CA ASP M 20 -27.82 19.12 8.35
C ASP M 20 -29.05 18.21 8.28
N ASN M 21 -30.25 18.79 8.31
CA ASN M 21 -31.51 18.02 8.32
C ASN M 21 -32.18 17.75 7.01
N THR M 22 -31.48 17.89 5.91
CA THR M 22 -32.06 17.72 4.57
C THR M 22 -32.80 16.42 4.29
N TRP M 23 -32.13 15.35 4.72
CA TRP M 23 -32.56 13.99 4.51
C TRP M 23 -34.02 13.69 4.83
N ILE M 24 -34.67 14.57 5.58
CA ILE M 24 -36.10 14.42 5.90
C ILE M 24 -36.84 15.66 5.41
N GLN M 25 -36.09 16.58 4.79
CA GLN M 25 -36.68 17.82 4.30
C GLN M 25 -37.87 17.72 3.35
N ALA M 26 -38.08 16.55 2.74
CA ALA M 26 -39.18 16.40 1.80
C ALA M 26 -40.35 15.76 2.49
N ALA M 27 -40.12 15.44 3.77
CA ALA M 27 -41.11 14.74 4.62
C ALA M 27 -42.54 15.25 4.58
N SER M 28 -43.50 14.33 4.46
CA SER M 28 -44.88 14.72 4.42
C SER M 28 -45.50 14.69 5.82
N LEU M 29 -44.81 14.07 6.77
CA LEU M 29 -45.24 14.04 8.19
C LEU M 29 -44.62 15.27 8.86
N THR M 30 -45.49 16.18 9.28
CA THR M 30 -45.10 17.46 9.88
C THR M 30 -44.25 17.31 11.15
N TRP M 31 -44.68 16.37 11.99
CA TRP M 31 -44.04 16.08 13.26
C TRP M 31 -42.70 15.32 13.31
N LEU M 32 -42.21 14.81 12.19
CA LEU M 32 -40.94 14.10 12.15
C LEU M 32 -39.80 15.03 12.58
N LEU M 38 -31.51 12.52 16.51
CA LEU M 38 -32.21 11.43 17.27
C LEU M 38 -32.81 10.40 16.35
N LEU M 39 -33.70 10.87 15.48
CA LEU M 39 -34.35 10.00 14.50
C LEU M 39 -33.25 9.19 13.80
N TYR M 40 -32.38 9.85 13.04
CA TYR M 40 -31.29 9.19 12.33
C TYR M 40 -30.55 8.24 13.27
N GLN M 41 -30.29 8.71 14.49
CA GLN M 41 -29.59 7.85 15.41
C GLN M 41 -30.43 6.60 15.74
N LEU M 42 -31.76 6.72 15.71
CA LEU M 42 -32.64 5.60 16.03
C LEU M 42 -32.68 4.59 14.92
N ILE M 43 -32.53 5.11 13.70
CA ILE M 43 -32.59 4.29 12.50
C ILE M 43 -31.27 3.69 12.19
N SER M 44 -30.22 4.50 12.26
CA SER M 44 -28.84 4.11 11.96
C SER M 44 -28.08 3.21 12.95
N THR M 45 -28.12 3.62 14.19
CA THR M 45 -27.40 2.95 15.26
C THR M 45 -27.64 1.45 15.39
N ARG M 46 -28.72 0.99 14.77
CA ARG M 46 -29.24 -0.41 14.77
C ARG M 46 -28.77 -1.28 13.56
N ILE M 47 -27.71 -0.88 12.91
CA ILE M 47 -27.34 -1.63 11.73
C ILE M 47 -25.98 -2.37 11.68
N PRO M 48 -26.12 -3.68 11.67
CA PRO M 48 -25.01 -4.61 11.67
C PRO M 48 -24.09 -4.34 10.52
N SER M 49 -22.80 -4.57 10.75
CA SER M 49 -21.81 -4.34 9.69
C SER M 49 -22.13 -5.15 8.44
N PHE M 50 -22.86 -6.25 8.63
CA PHE M 50 -23.22 -7.14 7.54
C PHE M 50 -24.06 -6.47 6.48
N ALA M 51 -25.09 -5.77 6.94
CA ALA M 51 -26.01 -5.09 6.05
C ALA M 51 -25.43 -3.82 5.47
N SER M 52 -24.99 -2.90 6.33
CA SER M 52 -24.39 -1.63 5.90
C SER M 52 -22.93 -1.64 6.33
N PRO M 53 -22.10 -2.21 5.44
CA PRO M 53 -20.67 -2.36 5.67
C PRO M 53 -20.02 -1.18 6.37
N ASN M 54 -20.30 0.01 5.81
CA ASN M 54 -19.79 1.31 6.28
C ASN M 54 -20.92 2.32 6.48
N GLY M 55 -21.94 1.90 7.25
CA GLY M 55 -23.10 2.71 7.64
C GLY M 55 -24.02 3.34 6.62
N LEU M 56 -24.96 4.13 7.14
CA LEU M 56 -25.93 4.81 6.32
C LEU M 56 -25.36 6.03 5.55
N HIS M 57 -25.84 6.21 4.30
CA HIS M 57 -25.42 7.28 3.42
C HIS M 57 -26.61 7.96 2.76
N MET M 58 -26.62 9.29 2.73
CA MET M 58 -27.72 10.03 2.11
C MET M 58 -27.39 10.64 0.75
N ARG M 59 -28.45 11.10 0.11
CA ARG M 59 -28.33 11.73 -1.20
C ARG M 59 -27.71 13.11 -1.15
N GLU M 60 -26.59 13.23 -1.85
CA GLU M 60 -25.84 14.47 -1.96
C GLU M 60 -26.23 15.14 -3.29
N GLN M 61 -26.27 16.48 -3.30
CA GLN M 61 -26.64 17.24 -4.50
C GLN M 61 -28.12 16.97 -4.80
N THR M 62 -28.95 17.00 -3.76
CA THR M 62 -30.41 16.80 -3.89
C THR M 62 -30.95 18.22 -4.05
N ILE M 63 -30.09 19.18 -3.68
CA ILE M 63 -30.40 20.58 -3.74
C ILE M 63 -29.20 21.37 -4.24
N ASP M 64 -29.50 22.29 -5.15
CA ASP M 64 -28.52 23.19 -5.75
C ASP M 64 -27.74 23.95 -4.68
N SER M 65 -26.54 24.40 -5.02
CA SER M 65 -25.76 25.16 -4.06
C SER M 65 -26.17 26.62 -4.24
N ASN M 66 -25.90 27.13 -5.44
CA ASN M 66 -26.20 28.51 -5.84
C ASN M 66 -27.51 29.05 -5.25
N THR M 67 -28.58 28.28 -5.45
CA THR M 67 -29.90 28.67 -4.97
C THR M 67 -30.20 28.08 -3.60
N GLY M 68 -30.12 26.76 -3.56
CA GLY M 68 -30.47 25.94 -2.41
C GLY M 68 -31.80 25.38 -2.91
N GLN M 69 -31.94 25.44 -4.23
CA GLN M 69 -33.13 25.01 -4.95
C GLN M 69 -33.07 23.50 -5.24
N ILE M 70 -34.25 22.89 -5.42
CA ILE M 70 -34.35 21.47 -5.71
C ILE M 70 -33.68 21.15 -7.04
N GLN M 71 -32.63 20.35 -6.97
CA GLN M 71 -31.87 19.91 -8.16
C GLN M 71 -32.76 19.01 -9.03
N ILE M 72 -33.17 19.56 -10.18
CA ILE M 72 -34.07 18.90 -11.11
C ILE M 72 -33.37 18.42 -12.37
N ASP M 73 -32.63 17.33 -12.24
CA ASP M 73 -31.92 16.75 -13.37
C ASP M 73 -32.20 15.26 -13.48
N ASN M 74 -31.53 14.59 -14.41
CA ASN M 74 -31.74 13.17 -14.60
C ASN M 74 -31.09 12.35 -13.49
N GLU M 75 -29.94 12.80 -13.00
CA GLU M 75 -29.22 12.11 -11.94
C GLU M 75 -30.11 11.96 -10.71
N HIS M 76 -30.90 12.99 -10.43
CA HIS M 76 -31.77 12.95 -9.26
C HIS M 76 -33.24 12.70 -9.51
N ARG M 77 -33.57 12.24 -10.72
CA ARG M 77 -34.96 11.93 -11.03
C ARG M 77 -35.30 10.62 -10.35
N LEU M 78 -36.47 10.58 -9.71
CA LEU M 78 -36.91 9.40 -8.99
C LEU M 78 -38.32 9.03 -9.39
N LEU M 79 -38.67 7.77 -9.19
CA LEU M 79 -39.99 7.29 -9.54
C LEU M 79 -40.58 6.41 -8.46
N ARG M 80 -41.91 6.39 -8.40
CA ARG M 80 -42.60 5.55 -7.45
C ARG M 80 -43.82 4.94 -8.11
N TRP M 81 -43.86 3.62 -8.10
CA TRP M 81 -44.99 2.88 -8.68
C TRP M 81 -45.99 2.79 -7.56
N ASP M 82 -47.19 3.33 -7.80
CA ASP M 82 -48.24 3.31 -6.80
C ASP M 82 -49.56 3.09 -7.51
N ARG M 83 -50.49 2.42 -6.83
CA ARG M 83 -51.80 2.15 -7.41
C ARG M 83 -52.87 3.17 -7.02
N ARG M 84 -52.45 4.18 -6.26
CA ARG M 84 -53.33 5.25 -5.78
C ARG M 84 -53.32 6.39 -6.80
N PRO M 85 -54.51 6.93 -7.08
CA PRO M 85 -54.66 8.01 -8.05
C PRO M 85 -54.15 9.36 -7.56
N PRO M 86 -53.89 10.26 -8.51
CA PRO M 86 -53.37 11.60 -8.20
C PRO M 86 -54.26 12.40 -7.26
N ASN M 87 -55.57 12.18 -7.33
CA ASN M 87 -56.51 12.91 -6.48
C ASN M 87 -56.08 12.75 -5.02
N ASP M 88 -55.39 11.65 -4.75
CA ASP M 88 -54.89 11.35 -3.41
C ASP M 88 -53.46 11.88 -3.35
N ILE M 89 -52.62 11.30 -4.19
CA ILE M 89 -51.21 11.62 -4.23
C ILE M 89 -50.84 13.09 -4.44
N PHE M 90 -51.38 13.71 -5.47
CA PHE M 90 -51.06 15.11 -5.77
C PHE M 90 -51.58 16.02 -4.67
N LEU M 91 -52.48 15.47 -3.86
CA LEU M 91 -53.08 16.19 -2.76
C LEU M 91 -52.31 15.99 -1.45
N ASN M 92 -52.20 14.74 -1.03
CA ASN M 92 -51.52 14.40 0.23
C ASN M 92 -50.03 14.06 0.11
N GLY M 93 -49.57 13.75 -1.11
CA GLY M 93 -48.18 13.37 -1.30
C GLY M 93 -48.05 11.91 -0.86
N PHE M 94 -46.84 11.47 -0.57
CA PHE M 94 -46.65 10.10 -0.12
C PHE M 94 -46.47 10.07 1.40
N ILE M 95 -47.49 9.59 2.08
CA ILE M 95 -47.45 9.50 3.53
C ILE M 95 -47.17 8.07 3.95
N PRO M 96 -46.16 7.89 4.80
CA PRO M 96 -45.78 6.57 5.28
C PRO M 96 -46.95 5.82 5.88
N ARG M 97 -46.83 4.50 5.97
CA ARG M 97 -47.89 3.69 6.53
C ARG M 97 -48.04 3.98 8.03
N VAL M 98 -46.98 4.49 8.63
CA VAL M 98 -47.03 4.85 10.03
C VAL M 98 -47.09 6.39 10.04
N THR M 99 -48.22 6.90 10.53
CA THR M 99 -48.47 8.34 10.52
C THR M 99 -48.77 9.08 11.84
N ASN M 100 -49.06 8.36 12.92
CA ASN M 100 -49.35 8.96 14.22
C ASN M 100 -48.09 9.42 14.89
N GLN M 101 -48.11 10.57 15.53
CA GLN M 101 -46.88 10.89 16.24
C GLN M 101 -46.76 10.07 17.53
N ASN M 102 -47.78 9.28 17.85
CA ASN M 102 -47.71 8.38 19.02
C ASN M 102 -47.27 7.00 18.51
N LEU M 103 -46.31 7.00 17.58
CA LEU M 103 -45.80 5.80 16.95
C LEU M 103 -44.93 4.90 17.82
N SER M 104 -44.66 3.68 17.36
CA SER M 104 -43.81 2.73 18.08
C SER M 104 -42.45 2.70 17.39
N PRO M 105 -41.77 3.83 17.53
CA PRO M 105 -40.49 4.15 16.94
C PRO M 105 -39.51 3.00 16.74
N VAL M 106 -39.41 2.14 17.74
CA VAL M 106 -38.47 1.03 17.73
C VAL M 106 -38.83 -0.02 16.69
N GLU M 107 -40.10 -0.04 16.32
CA GLU M 107 -40.59 -0.99 15.32
C GLU M 107 -40.80 -0.28 14.00
N ASP M 108 -40.94 1.01 14.10
CA ASP M 108 -41.36 1.78 12.95
C ASP M 108 -40.26 2.54 12.23
N THR M 109 -39.05 2.47 12.76
CA THR M 109 -37.90 3.11 12.15
C THR M 109 -36.84 2.05 11.86
N HIS M 110 -37.25 0.78 11.90
CA HIS M 110 -36.34 -0.31 11.61
C HIS M 110 -36.26 -0.43 10.11
N LEU M 111 -35.20 0.14 9.55
CA LEU M 111 -35.01 0.15 8.11
C LEU M 111 -34.89 -1.25 7.54
N LEU M 112 -33.89 -2.00 7.99
CA LEU M 112 -33.69 -3.36 7.50
C LEU M 112 -34.96 -4.20 7.54
N ASN M 113 -35.72 -4.11 8.62
CA ASN M 113 -36.94 -4.89 8.69
C ASN M 113 -37.97 -4.42 7.65
N TYR M 114 -37.96 -3.14 7.34
CA TYR M 114 -38.88 -2.57 6.35
C TYR M 114 -38.47 -3.09 4.97
N LEU M 115 -37.18 -2.99 4.71
CA LEU M 115 -36.59 -3.40 3.43
C LEU M 115 -36.71 -4.88 3.20
N ARG M 116 -36.76 -5.68 4.25
CA ARG M 116 -36.84 -7.11 4.00
C ARG M 116 -38.25 -7.61 3.99
N THR M 117 -39.06 -7.05 4.88
CA THR M 117 -40.40 -7.57 4.99
C THR M 117 -41.53 -6.67 4.53
N ASN M 118 -41.24 -5.39 4.35
CA ASN M 118 -42.26 -4.45 3.92
C ASN M 118 -43.28 -4.21 5.02
N SER M 119 -42.84 -4.40 6.26
CA SER M 119 -43.66 -4.16 7.45
C SER M 119 -43.94 -2.66 7.50
N PRO M 120 -45.06 -2.26 8.07
CA PRO M 120 -45.39 -0.83 8.14
C PRO M 120 -44.27 -0.02 8.80
N SER M 121 -43.95 1.12 8.19
CA SER M 121 -42.90 1.97 8.75
C SER M 121 -43.13 3.44 8.45
N ILE M 122 -42.10 4.24 8.70
CA ILE M 122 -42.16 5.67 8.45
C ILE M 122 -41.49 5.93 7.11
N PHE M 123 -41.04 4.86 6.47
CA PHE M 123 -40.34 4.97 5.20
C PHE M 123 -41.24 4.90 3.99
N VAL M 124 -40.82 5.62 2.95
CA VAL M 124 -41.51 5.64 1.67
C VAL M 124 -40.44 5.37 0.62
N SER M 125 -40.67 4.36 -0.20
CA SER M 125 -39.69 3.99 -1.22
C SER M 125 -39.89 4.60 -2.59
N THR M 126 -38.78 4.80 -3.29
CA THR M 126 -38.79 5.31 -4.64
C THR M 126 -37.63 4.61 -5.32
N THR M 127 -37.63 4.64 -6.64
CA THR M 127 -36.57 4.03 -7.39
C THR M 127 -35.98 5.03 -8.38
N ARG M 128 -34.67 5.02 -8.53
CA ARG M 128 -33.99 5.91 -9.47
C ARG M 128 -34.55 5.67 -10.86
N ALA M 129 -34.59 6.75 -11.65
CA ALA M 129 -35.03 6.68 -13.04
C ALA M 129 -33.76 6.23 -13.77
N ARG M 130 -33.89 5.38 -14.78
CA ARG M 130 -32.70 4.87 -15.48
C ARG M 130 -32.39 5.45 -16.85
N TYR M 131 -31.10 5.70 -17.10
CA TYR M 131 -30.65 6.27 -18.37
C TYR M 131 -29.42 5.58 -18.93
N ASN M 132 -29.30 5.58 -20.25
CA ASN M 132 -28.12 5.00 -20.90
C ASN M 132 -27.01 6.03 -20.88
N ASN M 133 -25.87 5.68 -21.43
CA ASN M 133 -24.73 6.59 -21.46
C ASN M 133 -24.91 7.70 -22.48
N LEU M 134 -26.14 7.90 -22.93
CA LEU M 134 -26.42 8.94 -23.91
C LEU M 134 -27.39 9.94 -23.30
N GLY M 135 -27.92 9.58 -22.14
CA GLY M 135 -28.88 10.43 -21.44
C GLY M 135 -30.30 10.05 -21.83
N LEU M 136 -30.43 8.89 -22.49
CA LEU M 136 -31.73 8.42 -22.91
C LEU M 136 -32.31 7.49 -21.86
N GLU M 137 -33.57 7.69 -21.52
CA GLU M 137 -34.20 6.88 -20.50
C GLU M 137 -34.41 5.43 -20.92
N ILE M 138 -34.05 4.52 -20.02
CA ILE M 138 -34.21 3.09 -20.25
C ILE M 138 -35.09 2.55 -19.13
N THR M 139 -35.53 1.30 -19.26
CA THR M 139 -36.43 0.71 -18.28
C THR M 139 -35.93 0.78 -16.84
N PRO M 140 -36.81 1.21 -15.94
CA PRO M 140 -36.48 1.32 -14.53
C PRO M 140 -36.96 0.07 -13.79
N TRP M 141 -36.63 -0.04 -12.49
CA TRP M 141 -37.10 -1.16 -11.70
C TRP M 141 -38.62 -1.13 -11.85
N THR M 142 -39.21 -2.25 -12.24
CA THR M 142 -40.64 -2.28 -12.46
C THR M 142 -41.36 -3.39 -11.71
N PRO M 143 -42.49 -3.05 -11.11
CA PRO M 143 -43.29 -4.02 -10.37
C PRO M 143 -43.69 -5.12 -11.33
N HIS M 144 -43.83 -6.34 -10.82
CA HIS M 144 -44.23 -7.44 -11.68
C HIS M 144 -45.70 -7.30 -12.09
N SER M 145 -46.49 -6.66 -11.24
CA SER M 145 -47.91 -6.48 -11.50
C SER M 145 -48.20 -5.31 -12.42
N ALA M 146 -47.15 -4.62 -12.84
CA ALA M 146 -47.31 -3.44 -13.68
C ALA M 146 -48.31 -3.53 -14.84
N ASN M 147 -48.36 -4.68 -15.51
CA ASN M 147 -49.28 -4.84 -16.65
C ASN M 147 -50.71 -5.20 -16.28
N ASN M 148 -51.00 -5.24 -15.00
CA ASN M 148 -52.35 -5.59 -14.55
C ASN M 148 -53.08 -4.44 -13.92
N ASN M 149 -54.26 -4.13 -14.45
CA ASN M 149 -55.09 -3.07 -13.93
C ASN M 149 -54.48 -1.68 -13.88
N ILE M 150 -55.01 -0.86 -12.97
CA ILE M 150 -54.56 0.52 -12.82
C ILE M 150 -53.45 0.75 -11.81
N ILE M 151 -52.32 1.20 -12.32
CA ILE M 151 -51.14 1.54 -11.52
C ILE M 151 -50.58 2.87 -12.04
N TYR M 152 -49.96 3.64 -11.16
CA TYR M 152 -49.40 4.93 -11.55
C TYR M 152 -47.88 4.96 -11.40
N ARG M 153 -47.24 5.72 -12.28
CA ARG M 153 -45.78 5.85 -12.27
C ARG M 153 -45.45 7.30 -11.97
N TYR M 154 -45.35 7.62 -10.68
CA TYR M 154 -45.07 8.99 -10.24
C TYR M 154 -43.62 9.44 -10.42
N GLU M 155 -43.47 10.71 -10.80
CA GLU M 155 -42.16 11.32 -11.01
C GLU M 155 -41.87 12.25 -9.85
N ILE M 156 -40.74 12.02 -9.21
CA ILE M 156 -40.37 12.79 -8.04
C ILE M 156 -39.00 13.41 -8.14
N PHE M 157 -38.90 14.61 -7.57
CA PHE M 157 -37.66 15.38 -7.43
C PHE M 157 -37.80 15.94 -6.02
N ALA M 158 -37.04 15.40 -5.09
CA ALA M 158 -37.13 15.81 -3.70
C ALA M 158 -35.77 15.83 -3.05
N PRO M 159 -35.67 16.56 -1.95
CA PRO M 159 -34.42 16.66 -1.21
C PRO M 159 -34.15 15.47 -0.29
N GLY M 160 -32.88 15.10 -0.20
CA GLY M 160 -32.44 14.03 0.67
C GLY M 160 -32.84 12.65 0.19
N GLY M 161 -33.09 11.76 1.14
CA GLY M 161 -33.45 10.39 0.84
C GLY M 161 -32.23 9.54 1.11
N ILE M 162 -32.44 8.29 1.52
CA ILE M 162 -31.33 7.41 1.81
C ILE M 162 -30.94 6.68 0.54
N ASP M 163 -29.64 6.66 0.26
CA ASP M 163 -29.13 5.98 -0.92
C ASP M 163 -28.95 4.53 -0.52
N ILE M 164 -29.95 3.72 -0.78
CA ILE M 164 -29.89 2.31 -0.40
C ILE M 164 -28.68 1.64 -0.98
N ASN M 165 -28.42 1.91 -2.25
CA ASN M 165 -27.27 1.33 -2.92
C ASN M 165 -25.95 1.62 -2.22
N ALA M 166 -25.81 2.85 -1.73
CA ALA M 166 -24.59 3.28 -1.06
C ALA M 166 -24.55 2.85 0.40
N SER M 167 -25.71 2.54 0.95
CA SER M 167 -25.77 2.14 2.35
C SER M 167 -25.56 0.63 2.57
N PHE M 168 -26.01 -0.17 1.60
CA PHE M 168 -25.89 -1.62 1.70
C PHE M 168 -25.20 -2.31 0.52
N SER M 169 -24.72 -3.49 0.90
CA SER M 169 -24.03 -4.45 0.08
C SER M 169 -25.10 -5.25 -0.65
N ARG M 170 -24.76 -5.54 -1.90
CA ARG M 170 -25.60 -6.22 -2.85
C ARG M 170 -26.28 -7.55 -2.52
N ASN M 171 -25.46 -8.55 -2.20
CA ASN M 171 -26.02 -9.86 -1.93
C ASN M 171 -26.32 -10.26 -0.49
N HIS M 172 -26.06 -9.38 0.45
CA HIS M 172 -26.39 -9.66 1.85
C HIS M 172 -27.75 -9.03 2.02
N ASN M 173 -28.49 -9.44 3.02
CA ASN M 173 -29.80 -8.84 3.17
C ASN M 173 -29.62 -7.42 3.61
N PRO M 174 -30.70 -6.63 3.66
CA PRO M 174 -32.06 -7.10 3.39
C PRO M 174 -32.53 -7.19 1.94
N PHE M 175 -31.61 -7.41 1.01
CA PHE M 175 -32.02 -7.55 -0.39
C PHE M 175 -32.95 -6.42 -0.93
N PRO M 176 -32.66 -5.18 -0.57
CA PRO M 176 -33.47 -4.06 -1.01
C PRO M 176 -33.03 -3.76 -2.45
N ASN M 177 -33.82 -2.93 -3.14
CA ASN M 177 -33.50 -2.56 -4.52
C ASN M 177 -32.41 -1.50 -4.67
N GLN M 178 -31.19 -1.93 -5.04
CA GLN M 178 -30.03 -1.05 -5.24
C GLN M 178 -30.38 0.33 -5.84
N ASP M 179 -31.39 0.36 -6.71
CA ASP M 179 -31.82 1.61 -7.30
C ASP M 179 -32.80 2.35 -6.39
N GLU M 180 -32.96 1.86 -5.16
CA GLU M 180 -33.90 2.49 -4.25
C GLU M 180 -33.40 3.68 -3.47
N ILE M 181 -34.32 4.61 -3.24
CA ILE M 181 -34.07 5.80 -2.45
C ILE M 181 -35.21 5.85 -1.45
N THR M 182 -34.87 5.72 -0.17
CA THR M 182 -35.88 5.71 0.87
C THR M 182 -36.03 7.05 1.56
N PHE M 183 -37.28 7.45 1.77
CA PHE M 183 -37.59 8.71 2.39
C PHE M 183 -38.31 8.54 3.72
N PRO M 184 -37.58 8.78 4.81
CA PRO M 184 -38.14 8.69 6.14
C PRO M 184 -39.12 9.85 6.26
N GLY M 185 -40.36 9.57 6.64
CA GLY M 185 -41.35 10.63 6.78
C GLY M 185 -42.13 10.88 5.49
N GLY M 186 -41.79 10.13 4.45
CA GLY M 186 -42.48 10.27 3.16
C GLY M 186 -42.02 11.48 2.36
N ILE M 187 -42.86 11.87 1.41
CA ILE M 187 -42.57 12.99 0.51
C ILE M 187 -43.82 13.87 0.36
N ARG M 188 -43.62 15.19 0.32
CA ARG M 188 -44.74 16.12 0.15
C ARG M 188 -45.13 16.23 -1.33
N PRO M 189 -46.41 16.49 -1.60
CA PRO M 189 -46.91 16.57 -2.97
C PRO M 189 -46.14 17.51 -3.89
N GLU M 190 -45.69 18.62 -3.31
CA GLU M 190 -44.94 19.62 -4.07
C GLU M 190 -43.68 19.06 -4.74
N PHE M 191 -43.29 17.83 -4.39
CA PHE M 191 -42.09 17.23 -4.96
C PHE M 191 -42.41 16.22 -6.03
N ILE M 192 -43.70 15.99 -6.24
CA ILE M 192 -44.16 15.06 -7.25
C ILE M 192 -44.57 15.88 -8.46
N ARG M 193 -43.74 15.83 -9.50
CA ARG M 193 -44.01 16.61 -10.72
C ARG M 193 -45.13 16.06 -11.60
N SER M 194 -45.11 14.76 -11.88
CA SER M 194 -46.12 14.17 -12.75
C SER M 194 -46.29 12.69 -12.47
N THR M 195 -47.15 12.05 -13.26
CA THR M 195 -47.40 10.62 -13.14
C THR M 195 -48.09 10.07 -14.39
N TYR M 196 -47.75 8.84 -14.75
CA TYR M 196 -48.37 8.18 -15.91
C TYR M 196 -49.46 7.27 -15.37
N GLU M 197 -50.65 7.33 -15.97
CA GLU M 197 -51.74 6.47 -15.53
C GLU M 197 -51.79 5.26 -16.46
N TYR M 198 -51.52 4.09 -15.93
CA TYR M 198 -51.52 2.88 -16.75
C TYR M 198 -52.77 2.07 -16.55
N HIS M 199 -53.24 1.48 -17.64
CA HIS M 199 -54.40 0.61 -17.60
C HIS M 199 -53.99 -0.64 -18.33
N ASN M 200 -53.80 -1.71 -17.57
CA ASN M 200 -53.38 -2.98 -18.11
C ASN M 200 -52.09 -2.86 -18.93
N GLY M 201 -51.12 -2.15 -18.35
CA GLY M 201 -49.82 -1.98 -18.98
C GLY M 201 -49.73 -0.95 -20.09
N GLU M 202 -50.81 -0.20 -20.30
CA GLU M 202 -50.83 0.82 -21.35
C GLU M 202 -51.05 2.22 -20.80
N ILE M 203 -50.17 3.15 -21.18
CA ILE M 203 -50.32 4.52 -20.73
C ILE M 203 -51.64 5.06 -21.23
N VAL M 204 -52.38 5.68 -20.33
CA VAL M 204 -53.69 6.20 -20.68
C VAL M 204 -53.74 7.72 -20.56
N ARG M 205 -52.99 8.26 -19.61
CA ARG M 205 -52.97 9.69 -19.39
C ARG M 205 -51.66 10.09 -18.72
N ILE M 206 -51.31 11.36 -18.84
CA ILE M 206 -50.11 11.87 -18.19
C ILE M 206 -50.56 13.05 -17.35
N TRP M 207 -50.44 12.93 -16.04
CA TRP M 207 -50.87 13.99 -15.16
C TRP M 207 -49.74 14.93 -14.78
N ILE M 208 -50.08 16.20 -14.64
CA ILE M 208 -49.12 17.22 -14.26
C ILE M 208 -49.54 17.88 -12.95
N ASN M 209 -48.58 18.07 -12.06
CA ASN M 209 -48.89 18.69 -10.77
C ASN M 209 -48.60 20.17 -10.87
N PRO M 210 -49.66 20.95 -11.02
CA PRO M 210 -49.55 22.40 -11.11
C PRO M 210 -48.80 22.93 -9.90
N ASN M 211 -49.00 22.28 -8.76
CA ASN M 211 -48.38 22.70 -7.52
C ASN M 211 -46.94 22.24 -7.33
N PHE M 212 -46.35 21.67 -8.38
CA PHE M 212 -44.97 21.21 -8.28
C PHE M 212 -44.04 22.33 -7.84
N ILE M 213 -43.10 22.00 -6.97
CA ILE M 213 -42.16 22.96 -6.43
C ILE M 213 -41.54 23.97 -7.40
N ASN M 214 -41.21 23.52 -8.61
CA ASN M 214 -40.60 24.39 -9.62
C ASN M 214 -41.37 24.31 -10.93
N PRO M 215 -42.49 25.02 -10.96
CA PRO M 215 -43.42 25.03 -12.09
C PRO M 215 -42.80 25.41 -13.43
N SER M 216 -41.68 26.14 -13.39
CA SER M 216 -41.00 26.54 -14.61
C SER M 216 -40.65 25.31 -15.46
N THR M 217 -40.46 24.18 -14.79
CA THR M 217 -40.10 22.94 -15.48
C THR M 217 -41.24 22.01 -15.84
N LEU M 218 -42.47 22.38 -15.46
CA LEU M 218 -43.64 21.55 -15.78
C LEU M 218 -43.66 21.27 -17.27
N ASN M 219 -42.95 22.12 -17.99
CA ASN M 219 -42.81 22.03 -19.42
C ASN M 219 -42.04 20.79 -19.84
N ASP M 220 -40.90 20.54 -19.17
CA ASP M 220 -40.03 19.41 -19.49
C ASP M 220 -40.62 18.01 -19.33
N VAL M 221 -41.86 17.91 -18.90
CA VAL M 221 -42.48 16.60 -18.72
C VAL M 221 -42.58 15.78 -20.00
N SER M 222 -41.65 14.84 -20.16
CA SER M 222 -41.58 13.95 -21.32
C SER M 222 -42.79 13.01 -21.32
N GLY M 223 -42.98 12.30 -22.42
CA GLY M 223 -44.09 11.36 -22.51
C GLY M 223 -44.46 11.05 -23.96
N PRO M 224 -45.16 9.94 -24.15
CA PRO M 224 -45.57 9.50 -25.47
C PRO M 224 -46.50 10.48 -26.17
N SER M 225 -46.45 10.44 -27.50
CA SER M 225 -47.28 11.29 -28.33
C SER M 225 -48.67 10.66 -28.46
N ASN M 226 -49.67 11.51 -28.64
CA ASN M 226 -51.04 11.06 -28.79
C ASN M 226 -51.65 10.53 -27.48
N ILE M 227 -51.13 11.02 -26.36
CA ILE M 227 -51.61 10.64 -25.03
C ILE M 227 -51.91 11.90 -24.22
N SER M 228 -53.19 12.12 -23.93
CA SER M 228 -53.64 13.29 -23.18
C SER M 228 -52.75 13.69 -22.01
N LYS M 229 -52.19 14.89 -22.08
CA LYS M 229 -51.34 15.41 -21.00
C LYS M 229 -52.16 16.36 -20.13
N VAL M 230 -52.99 15.79 -19.25
CA VAL M 230 -53.85 16.57 -18.36
C VAL M 230 -53.17 17.28 -17.19
N PHE M 231 -53.80 18.36 -16.74
CA PHE M 231 -53.33 19.12 -15.61
C PHE M 231 -54.21 18.82 -14.42
N TRP M 232 -53.63 18.21 -13.40
CA TRP M 232 -54.41 17.87 -12.22
C TRP M 232 -54.88 19.07 -11.42
N HIS M 233 -56.05 18.90 -10.83
CA HIS M 233 -56.64 19.90 -9.94
C HIS M 233 -57.44 19.09 -8.93
N GLU M 234 -57.47 19.56 -7.69
CA GLU M 234 -58.16 18.85 -6.63
C GLU M 234 -59.52 18.30 -7.05
N ASN M 235 -59.89 17.16 -6.49
CA ASN M 235 -61.15 16.50 -6.80
C ASN M 235 -61.46 16.34 -8.28
N HIS M 236 -60.41 16.37 -9.10
CA HIS M 236 -60.56 16.17 -10.53
C HIS M 236 -61.39 14.92 -10.82
N SER M 237 -62.29 15.01 -11.78
CA SER M 237 -63.18 13.89 -12.11
C SER M 237 -62.50 12.57 -12.50
N GLU M 238 -61.40 12.67 -13.22
CA GLU M 238 -60.72 11.46 -13.69
C GLU M 238 -59.41 11.20 -12.98
N GLY M 239 -59.23 11.87 -11.85
CA GLY M 239 -58.01 11.73 -11.06
C GLY M 239 -58.22 10.78 -9.90
N ASN M 240 -59.22 9.91 -10.02
CA ASN M 240 -59.49 8.97 -8.96
C ASN M 240 -59.72 7.55 -9.46
N ASN M 241 -59.16 7.23 -10.62
CA ASN M 241 -59.30 5.91 -11.19
C ASN M 241 -58.32 4.94 -10.53
N MET M 242 -58.85 3.90 -9.88
CA MET M 242 -57.99 2.93 -9.21
C MET M 242 -58.66 1.57 -9.01
N ASP M 243 -57.85 0.55 -8.78
CA ASP M 243 -58.36 -0.80 -8.58
C ASP M 243 -59.39 -0.89 -7.47
N SER M 244 -60.39 -1.74 -7.68
CA SER M 244 -61.48 -1.95 -6.74
C SER M 244 -61.06 -2.09 -5.27
N GLN M 255 -50.11 -0.24 0.37
CA GLN M 255 -49.81 0.71 -0.70
C GLN M 255 -48.36 0.66 -1.10
N ASP M 256 -47.52 0.08 -0.25
CA ASP M 256 -46.09 0.00 -0.51
C ASP M 256 -45.77 -1.32 -1.20
N PHE M 257 -46.82 -2.07 -1.52
CA PHE M 257 -46.63 -3.37 -2.15
C PHE M 257 -45.80 -3.43 -3.42
N ASP M 258 -46.13 -2.61 -4.39
CA ASP M 258 -45.41 -2.65 -5.66
C ASP M 258 -44.03 -2.03 -5.66
N MET M 259 -43.60 -1.51 -4.51
CA MET M 259 -42.27 -0.92 -4.41
C MET M 259 -41.36 -1.84 -3.60
N PHE M 260 -41.93 -2.96 -3.19
CA PHE M 260 -41.22 -3.97 -2.41
C PHE M 260 -40.30 -4.76 -3.32
N ALA M 261 -39.01 -4.74 -2.99
CA ALA M 261 -37.98 -5.42 -3.76
C ALA M 261 -38.37 -6.71 -4.51
N PRO M 262 -38.83 -7.71 -3.77
CA PRO M 262 -39.21 -8.98 -4.38
C PRO M 262 -40.41 -8.89 -5.33
N ASN M 263 -41.15 -7.79 -5.24
CA ASN M 263 -42.32 -7.63 -6.09
C ASN M 263 -42.04 -6.93 -7.42
N GLY M 264 -40.76 -6.82 -7.77
CA GLY M 264 -40.37 -6.19 -9.02
C GLY M 264 -38.89 -6.39 -9.32
N GLU M 265 -38.45 -5.83 -10.44
CA GLU M 265 -37.06 -5.93 -10.84
C GLU M 265 -36.84 -5.08 -12.07
N ILE M 266 -35.58 -4.90 -12.46
CA ILE M 266 -35.25 -4.14 -13.66
C ILE M 266 -35.33 -5.13 -14.81
N PRO M 267 -36.46 -5.13 -15.52
CA PRO M 267 -36.69 -6.07 -16.60
C PRO M 267 -35.64 -6.13 -17.71
N ASN M 268 -35.16 -4.97 -18.14
CA ASN M 268 -34.19 -4.91 -19.22
C ASN M 268 -33.50 -3.54 -19.25
N ASN M 269 -32.70 -3.32 -20.29
CA ASN M 269 -31.99 -2.05 -20.43
C ASN M 269 -32.38 -1.35 -21.71
N ASN M 270 -33.54 -1.72 -22.23
CA ASN M 270 -34.06 -1.15 -23.46
C ASN M 270 -34.47 0.29 -23.24
N LEU M 271 -34.49 1.07 -24.32
CA LEU M 271 -34.89 2.46 -24.24
C LEU M 271 -36.41 2.46 -24.08
N LEU M 272 -36.98 3.63 -23.82
CA LEU M 272 -38.42 3.71 -23.64
C LEU M 272 -39.15 4.23 -24.88
N ASP N 20 -11.16 -22.33 11.72
CA ASP N 20 -11.38 -23.44 12.65
C ASP N 20 -12.49 -23.20 13.65
N ASN N 21 -12.53 -24.06 14.67
CA ASN N 21 -13.55 -24.05 15.73
C ASN N 21 -12.93 -24.00 17.13
N THR N 22 -11.82 -23.28 17.22
CA THR N 22 -11.11 -23.12 18.48
C THR N 22 -11.91 -22.25 19.38
N TRP N 23 -12.39 -21.13 18.84
CA TRP N 23 -13.18 -20.19 19.60
C TRP N 23 -14.29 -20.84 20.47
N ILE N 24 -14.68 -22.06 20.06
CA ILE N 24 -15.68 -22.85 20.79
C ILE N 24 -15.25 -24.29 21.11
N GLN N 25 -13.97 -24.47 21.48
CA GLN N 25 -13.47 -25.80 21.75
C GLN N 25 -13.54 -26.15 23.21
N ALA N 26 -13.95 -25.19 24.03
CA ALA N 26 -14.10 -25.45 25.46
C ALA N 26 -15.61 -25.67 25.76
N ALA N 27 -16.39 -25.70 24.68
CA ALA N 27 -17.84 -25.90 24.78
C ALA N 27 -18.23 -27.00 25.73
N SER N 28 -18.88 -26.61 26.82
CA SER N 28 -19.34 -27.59 27.80
C SER N 28 -20.62 -28.21 27.27
N LEU N 29 -21.31 -27.50 26.39
CA LEU N 29 -22.54 -27.96 25.75
C LEU N 29 -22.13 -28.76 24.53
N THR N 30 -22.23 -30.08 24.62
CA THR N 30 -21.85 -30.95 23.50
C THR N 30 -22.47 -30.62 22.14
N TRP N 31 -23.80 -30.58 22.08
CA TRP N 31 -24.51 -30.29 20.82
C TRP N 31 -24.08 -29.03 20.04
N LEU N 32 -23.42 -28.11 20.72
CA LEU N 32 -22.96 -26.88 20.08
C LEU N 32 -22.01 -27.17 18.90
N LEU N 38 -21.88 -21.25 10.95
CA LEU N 38 -23.33 -21.03 11.09
C LEU N 38 -23.61 -20.34 12.41
N LEU N 39 -23.22 -20.99 13.50
CA LEU N 39 -23.39 -20.39 14.81
C LEU N 39 -22.60 -19.07 14.83
N TYR N 40 -21.32 -19.10 14.47
CA TYR N 40 -20.55 -17.87 14.47
C TYR N 40 -21.26 -16.94 13.57
N GLN N 41 -21.71 -17.47 12.42
CA GLN N 41 -22.43 -16.57 11.50
C GLN N 41 -23.59 -15.88 12.22
N LEU N 42 -24.42 -16.71 12.89
CA LEU N 42 -25.60 -16.30 13.63
C LEU N 42 -25.36 -15.21 14.67
N ILE N 43 -24.29 -15.37 15.46
CA ILE N 43 -23.98 -14.42 16.52
C ILE N 43 -23.47 -13.12 15.95
N SER N 44 -22.51 -13.22 15.08
CA SER N 44 -21.95 -12.03 14.52
C SER N 44 -22.85 -11.12 13.68
N THR N 45 -23.43 -11.63 12.58
CA THR N 45 -24.26 -10.83 11.67
C THR N 45 -25.51 -10.09 12.13
N ARG N 46 -25.74 -9.97 13.43
CA ARG N 46 -26.90 -9.28 13.97
C ARG N 46 -26.43 -8.26 15.03
N ILE N 47 -25.16 -7.89 14.89
CA ILE N 47 -24.52 -6.94 15.78
C ILE N 47 -24.31 -5.64 15.02
N PRO N 48 -24.96 -4.58 15.47
CA PRO N 48 -24.86 -3.27 14.84
C PRO N 48 -23.40 -2.85 14.83
N SER N 49 -23.04 -1.99 13.88
CA SER N 49 -21.64 -1.51 13.81
C SER N 49 -21.29 -0.53 14.91
N PHE N 50 -22.25 0.26 15.31
CA PHE N 50 -22.05 1.22 16.39
C PHE N 50 -21.49 0.51 17.63
N ALA N 51 -21.96 -0.72 17.84
CA ALA N 51 -21.59 -1.57 18.97
C ALA N 51 -20.25 -2.29 18.82
N SER N 52 -20.06 -2.93 17.66
CA SER N 52 -18.88 -3.71 17.37
C SER N 52 -18.48 -3.25 16.02
N PRO N 53 -17.77 -2.15 15.95
CA PRO N 53 -17.38 -1.57 14.66
C PRO N 53 -16.40 -2.42 13.88
N ASN N 54 -15.59 -3.19 14.59
CA ASN N 54 -14.57 -4.03 13.97
C ASN N 54 -14.96 -5.45 13.65
N GLY N 55 -16.03 -5.94 14.27
CA GLY N 55 -16.47 -7.30 14.04
C GLY N 55 -16.12 -8.04 15.32
N LEU N 56 -16.42 -9.34 15.40
CA LEU N 56 -16.17 -10.10 16.60
C LEU N 56 -14.75 -10.65 16.70
N HIS N 57 -14.06 -10.44 17.81
CA HIS N 57 -12.71 -10.98 17.94
C HIS N 57 -12.57 -12.09 18.94
N MET N 58 -12.04 -13.20 18.42
CA MET N 58 -11.80 -14.37 19.19
C MET N 58 -10.49 -14.17 19.93
N ARG N 59 -10.27 -14.98 20.97
CA ARG N 59 -9.02 -14.88 21.73
C ARG N 59 -7.96 -15.57 20.94
N GLU N 60 -6.86 -14.87 20.74
CA GLU N 60 -5.78 -15.41 19.96
C GLU N 60 -4.64 -15.96 20.82
N GLN N 61 -4.05 -17.07 20.36
CA GLN N 61 -2.94 -17.71 21.03
C GLN N 61 -3.25 -18.35 22.37
N THR N 62 -4.50 -18.83 22.50
CA THR N 62 -5.05 -19.46 23.71
C THR N 62 -4.49 -20.88 23.77
N ILE N 63 -4.07 -21.31 22.58
CA ILE N 63 -3.47 -22.61 22.36
C ILE N 63 -2.07 -22.42 21.79
N ASP N 64 -1.24 -23.41 22.03
CA ASP N 64 0.11 -23.37 21.51
C ASP N 64 0.11 -24.19 20.21
N SER N 65 0.34 -23.54 19.07
CA SER N 65 0.37 -24.25 17.79
C SER N 65 1.64 -25.11 17.64
N ASN N 66 2.53 -25.07 18.64
CA ASN N 66 3.75 -25.89 18.64
C ASN N 66 3.29 -27.29 19.04
N THR N 67 2.25 -27.32 19.88
CA THR N 67 1.69 -28.54 20.48
C THR N 67 0.21 -28.82 20.16
N GLY N 68 -0.64 -27.85 20.48
CA GLY N 68 -2.09 -27.99 20.30
C GLY N 68 -2.59 -27.94 21.74
N GLN N 69 -1.64 -27.73 22.65
CA GLN N 69 -1.94 -27.64 24.07
C GLN N 69 -2.28 -26.21 24.52
N ILE N 70 -3.14 -26.14 25.54
CA ILE N 70 -3.63 -24.88 26.11
C ILE N 70 -2.48 -23.99 26.56
N GLN N 71 -2.58 -22.71 26.22
CA GLN N 71 -1.55 -21.74 26.60
C GLN N 71 -1.81 -21.38 28.03
N ILE N 72 -0.97 -21.89 28.92
CA ILE N 72 -1.14 -21.63 30.35
C ILE N 72 -0.21 -20.56 30.86
N ASP N 73 -0.53 -19.31 30.56
CA ASP N 73 0.28 -18.18 31.01
C ASP N 73 -0.60 -17.12 31.67
N ASN N 74 -0.01 -16.00 32.02
CA ASN N 74 -0.75 -14.93 32.67
C ASN N 74 -1.64 -14.18 31.68
N GLU N 75 -1.16 -14.03 30.45
CA GLU N 75 -1.92 -13.34 29.41
C GLU N 75 -3.25 -14.00 29.19
N HIS N 76 -3.28 -15.32 29.28
CA HIS N 76 -4.52 -16.07 29.06
C HIS N 76 -5.20 -16.62 30.29
N ARG N 77 -4.80 -16.14 31.47
CA ARG N 77 -5.43 -16.59 32.70
C ARG N 77 -6.78 -15.90 32.80
N LEU N 78 -7.80 -16.66 33.15
CA LEU N 78 -9.16 -16.15 33.26
C LEU N 78 -9.77 -16.52 34.58
N LEU N 79 -10.77 -15.76 35.00
CA LEU N 79 -11.44 -16.04 36.26
C LEU N 79 -12.94 -15.92 36.13
N ARG N 80 -13.64 -16.65 36.99
CA ARG N 80 -15.09 -16.59 37.03
C ARG N 80 -15.57 -16.62 38.46
N TRP N 81 -16.31 -15.60 38.83
CA TRP N 81 -16.86 -15.50 40.17
C TRP N 81 -18.17 -16.24 40.11
N ASP N 82 -18.30 -17.28 40.94
CA ASP N 82 -19.50 -18.08 40.96
C ASP N 82 -19.79 -18.47 42.40
N ARG N 83 -21.07 -18.61 42.73
CA ARG N 83 -21.46 -18.99 44.09
C ARG N 83 -21.69 -20.48 44.27
N ARG N 84 -21.46 -21.24 43.19
CA ARG N 84 -21.62 -22.68 43.19
C ARG N 84 -20.31 -23.35 43.58
N PRO N 85 -20.40 -24.37 44.45
CA PRO N 85 -19.22 -25.07 44.94
C PRO N 85 -18.57 -26.00 43.90
N PRO N 86 -17.31 -26.34 44.15
CA PRO N 86 -16.54 -27.20 43.24
C PRO N 86 -17.17 -28.55 42.98
N ASN N 87 -17.87 -29.08 43.98
CA ASN N 87 -18.52 -30.40 43.82
C ASN N 87 -19.40 -30.38 42.57
N ASP N 88 -19.86 -29.19 42.21
CA ASP N 88 -20.67 -28.99 41.02
C ASP N 88 -19.74 -28.63 39.88
N ILE N 89 -19.07 -27.50 40.04
CA ILE N 89 -18.17 -26.97 39.03
C ILE N 89 -17.05 -27.89 38.54
N PHE N 90 -16.27 -28.44 39.47
CA PHE N 90 -15.15 -29.31 39.10
C PHE N 90 -15.65 -30.59 38.44
N LEU N 91 -16.94 -30.84 38.63
CA LEU N 91 -17.59 -32.01 38.09
C LEU N 91 -18.22 -31.75 36.72
N ASN N 92 -19.12 -30.78 36.67
CA ASN N 92 -19.83 -30.43 35.44
C ASN N 92 -19.21 -29.32 34.61
N GLY N 93 -18.34 -28.52 35.22
CA GLY N 93 -17.73 -27.39 34.51
C GLY N 93 -18.77 -26.27 34.50
N PHE N 94 -18.61 -25.31 33.59
CA PHE N 94 -19.57 -24.23 33.50
C PHE N 94 -20.53 -24.46 32.34
N ILE N 95 -21.76 -24.82 32.68
CA ILE N 95 -22.78 -25.08 31.67
C ILE N 95 -23.71 -23.88 31.57
N PRO N 96 -23.89 -23.39 30.35
CA PRO N 96 -24.75 -22.23 30.10
C PRO N 96 -26.13 -22.43 30.67
N ARG N 97 -26.85 -21.33 30.87
CA ARG N 97 -28.20 -21.41 31.41
C ARG N 97 -29.13 -22.09 30.41
N VAL N 98 -28.75 -22.03 29.14
CA VAL N 98 -29.47 -22.68 28.05
C VAL N 98 -28.63 -23.92 27.71
N THR N 99 -29.20 -25.05 28.11
CA THR N 99 -28.57 -26.36 27.93
C THR N 99 -29.24 -27.27 26.90
N ASN N 100 -30.59 -27.27 26.86
CA ASN N 100 -31.33 -28.14 25.94
C ASN N 100 -30.87 -27.90 24.51
N GLN N 101 -30.94 -28.96 23.69
CA GLN N 101 -30.50 -28.88 22.30
C GLN N 101 -31.65 -28.21 21.53
N ASN N 102 -32.83 -28.32 22.12
CA ASN N 102 -34.10 -27.78 21.62
C ASN N 102 -34.27 -26.30 21.87
N LEU N 103 -33.18 -25.57 21.76
CA LEU N 103 -33.13 -24.14 22.04
C LEU N 103 -33.74 -23.21 20.99
N SER N 104 -34.02 -21.97 21.40
CA SER N 104 -34.54 -20.97 20.45
C SER N 104 -33.42 -20.02 19.97
N PRO N 105 -32.52 -20.53 19.16
CA PRO N 105 -31.33 -19.85 18.64
C PRO N 105 -31.38 -18.35 18.55
N VAL N 106 -32.49 -17.84 18.14
CA VAL N 106 -32.56 -16.43 17.97
C VAL N 106 -32.34 -15.66 19.25
N GLU N 107 -32.96 -16.10 20.31
CA GLU N 107 -32.80 -15.37 21.53
C GLU N 107 -31.71 -15.97 22.35
N ASP N 108 -31.42 -17.26 22.18
CA ASP N 108 -30.42 -17.83 23.06
C ASP N 108 -28.99 -17.65 22.62
N THR N 109 -28.80 -17.05 21.45
CA THR N 109 -27.46 -16.77 20.93
C THR N 109 -27.33 -15.27 20.70
N HIS N 110 -28.24 -14.50 21.27
CA HIS N 110 -28.20 -13.06 21.13
C HIS N 110 -27.21 -12.55 22.16
N LEU N 111 -25.99 -12.29 21.69
CA LEU N 111 -24.92 -11.84 22.55
C LEU N 111 -25.23 -10.52 23.22
N LEU N 112 -25.46 -9.48 22.44
CA LEU N 112 -25.77 -8.16 22.99
C LEU N 112 -26.87 -8.21 24.04
N ASN N 113 -27.93 -8.96 23.77
CA ASN N 113 -29.00 -9.04 24.75
C ASN N 113 -28.54 -9.72 26.04
N TYR N 114 -27.62 -10.66 25.92
CA TYR N 114 -27.09 -11.38 27.08
C TYR N 114 -26.23 -10.42 27.88
N LEU N 115 -25.37 -9.71 27.17
CA LEU N 115 -24.43 -8.76 27.76
C LEU N 115 -25.15 -7.58 28.40
N ARG N 116 -26.26 -7.13 27.87
CA ARG N 116 -26.90 -6.01 28.51
C ARG N 116 -27.94 -6.42 29.55
N THR N 117 -28.62 -7.57 29.37
CA THR N 117 -29.64 -7.92 30.33
C THR N 117 -29.38 -9.15 31.18
N ASN N 118 -28.41 -9.97 30.78
CA ASN N 118 -28.12 -11.18 31.52
C ASN N 118 -29.24 -12.20 31.38
N SER N 119 -29.97 -12.10 30.27
CA SER N 119 -31.05 -13.04 29.96
C SER N 119 -30.40 -14.40 29.72
N PRO N 120 -31.11 -15.48 29.97
CA PRO N 120 -30.54 -16.81 29.77
C PRO N 120 -30.00 -17.00 28.36
N SER N 121 -28.81 -17.59 28.26
CA SER N 121 -28.21 -17.82 26.96
C SER N 121 -27.32 -19.04 26.93
N ILE N 122 -26.56 -19.17 25.86
CA ILE N 122 -25.63 -20.29 25.70
C ILE N 122 -24.25 -19.80 26.10
N PHE N 123 -24.17 -18.54 26.52
CA PHE N 123 -22.91 -17.94 26.90
C PHE N 123 -22.57 -18.08 28.37
N VAL N 124 -21.26 -18.17 28.61
CA VAL N 124 -20.72 -18.27 29.96
C VAL N 124 -19.63 -17.21 30.03
N SER N 125 -19.72 -16.33 31.02
CA SER N 125 -18.76 -15.25 31.16
C SER N 125 -17.58 -15.51 32.09
N THR N 126 -16.47 -14.89 31.77
CA THR N 126 -15.26 -14.97 32.57
C THR N 126 -14.62 -13.60 32.44
N THR N 127 -13.70 -13.32 33.34
CA THR N 127 -13.00 -12.05 33.31
C THR N 127 -11.49 -12.29 33.34
N ARG N 128 -10.76 -11.52 32.55
CA ARG N 128 -9.31 -11.63 32.52
C ARG N 128 -8.75 -11.41 33.92
N ALA N 129 -7.66 -12.10 34.22
CA ALA N 129 -6.97 -11.95 35.49
C ALA N 129 -6.08 -10.73 35.25
N ARG N 130 -5.92 -9.87 36.26
CA ARG N 130 -5.14 -8.64 36.07
C ARG N 130 -3.74 -8.60 36.66
N TYR N 131 -2.81 -8.02 35.90
CA TYR N 131 -1.41 -7.92 36.33
C TYR N 131 -0.80 -6.55 36.06
N ASN N 132 0.16 -6.16 36.90
CA ASN N 132 0.84 -4.89 36.71
C ASN N 132 1.94 -5.11 35.68
N ASN N 133 2.69 -4.05 35.38
CA ASN N 133 3.77 -4.15 34.39
C ASN N 133 4.98 -4.89 34.94
N LEU N 134 4.78 -5.61 36.02
CA LEU N 134 5.88 -6.37 36.61
C LEU N 134 5.54 -7.84 36.60
N GLY N 135 4.28 -8.14 36.24
CA GLY N 135 3.81 -9.51 36.18
C GLY N 135 3.18 -9.89 37.51
N LEU N 136 2.93 -8.90 38.35
CA LEU N 136 2.33 -9.13 39.65
C LEU N 136 0.81 -8.96 39.54
N GLU N 137 0.08 -9.91 40.12
CA GLU N 137 -1.37 -9.86 40.05
C GLU N 137 -1.98 -8.72 40.85
N ILE N 138 -2.91 -8.01 40.21
CA ILE N 138 -3.61 -6.91 40.85
C ILE N 138 -5.10 -7.23 40.81
N THR N 139 -5.90 -6.44 41.53
CA THR N 139 -7.33 -6.70 41.60
C THR N 139 -8.03 -6.83 40.25
N PRO N 140 -8.84 -7.88 40.11
CA PRO N 140 -9.58 -8.12 38.88
C PRO N 140 -11.00 -7.58 39.02
N TRP N 141 -11.78 -7.62 37.94
CA TRP N 141 -13.16 -7.18 37.99
C TRP N 141 -13.78 -8.00 39.11
N THR N 142 -14.42 -7.34 40.07
CA THR N 142 -14.99 -8.06 41.19
C THR N 142 -16.44 -7.75 41.45
N PRO N 143 -17.22 -8.79 41.71
CA PRO N 143 -18.64 -8.65 41.98
C PRO N 143 -18.80 -7.76 43.21
N HIS N 144 -19.87 -6.99 43.26
CA HIS N 144 -20.09 -6.12 44.41
C HIS N 144 -20.45 -6.94 45.65
N SER N 145 -21.06 -8.09 45.43
CA SER N 145 -21.48 -8.97 46.53
C SER N 145 -20.36 -9.84 47.06
N ALA N 146 -19.17 -9.71 46.46
CA ALA N 146 -18.04 -10.53 46.83
C ALA N 146 -17.80 -10.73 48.33
N ASN N 147 -17.99 -9.68 49.13
CA ASN N 147 -17.76 -9.79 50.57
C ASN N 147 -18.89 -10.38 51.39
N ASN N 148 -19.95 -10.82 50.70
CA ASN N 148 -21.08 -11.39 51.39
C ASN N 148 -21.24 -12.87 51.15
N ASN N 149 -21.29 -13.64 52.23
CA ASN N 149 -21.48 -15.07 52.16
C ASN N 149 -20.46 -15.85 51.34
N ILE N 150 -20.89 -17.02 50.87
CA ILE N 150 -20.01 -17.91 50.11
C ILE N 150 -20.04 -17.72 48.60
N ILE N 151 -18.88 -17.33 48.07
CA ILE N 151 -18.67 -17.13 46.64
C ILE N 151 -17.32 -17.76 46.27
N TYR N 152 -17.19 -18.25 45.05
CA TYR N 152 -15.96 -18.87 44.60
C TYR N 152 -15.29 -18.10 43.47
N ARG N 153 -13.97 -18.13 43.45
CA ARG N 153 -13.20 -17.43 42.43
C ARG N 153 -12.44 -18.48 41.62
N TYR N 154 -13.10 -18.99 40.58
CA TYR N 154 -12.51 -20.03 39.73
C TYR N 154 -11.44 -19.54 38.76
N GLU N 155 -10.42 -20.38 38.58
CA GLU N 155 -9.29 -20.09 37.70
C GLU N 155 -9.45 -20.95 36.46
N ILE N 156 -9.45 -20.30 35.31
CA ILE N 156 -9.65 -21.00 34.05
C ILE N 156 -8.57 -20.71 33.04
N PHE N 157 -8.25 -21.74 32.26
CA PHE N 157 -7.32 -21.70 31.13
C PHE N 157 -8.05 -22.56 30.11
N ALA N 158 -8.61 -21.93 29.09
CA ALA N 158 -9.37 -22.65 28.09
C ALA N 158 -9.13 -22.07 26.71
N PRO N 159 -9.44 -22.86 25.69
CA PRO N 159 -9.27 -22.43 24.32
C PRO N 159 -10.42 -21.56 23.80
N GLY N 160 -10.06 -20.57 22.98
CA GLY N 160 -11.03 -19.68 22.36
C GLY N 160 -11.63 -18.69 23.32
N GLY N 161 -12.89 -18.35 23.07
CA GLY N 161 -13.61 -17.39 23.88
C GLY N 161 -13.67 -16.09 23.07
N ILE N 162 -14.73 -15.33 23.26
CA ILE N 162 -14.87 -14.08 22.54
C ILE N 162 -14.21 -12.96 23.34
N ASP N 163 -13.39 -12.17 22.66
CA ASP N 163 -12.71 -11.05 23.31
C ASP N 163 -13.69 -9.89 23.28
N ILE N 164 -14.44 -9.74 24.36
CA ILE N 164 -15.44 -8.69 24.42
C ILE N 164 -14.81 -7.33 24.17
N ASN N 165 -13.68 -7.10 24.82
CA ASN N 165 -12.98 -5.83 24.65
C ASN N 165 -12.65 -5.51 23.20
N ALA N 166 -12.24 -6.52 22.44
CA ALA N 166 -11.87 -6.36 21.04
C ALA N 166 -13.08 -6.34 20.13
N SER N 167 -14.20 -6.88 20.60
CA SER N 167 -15.40 -6.92 19.79
C SER N 167 -16.26 -5.67 19.88
N PHE N 168 -16.26 -5.03 21.06
CA PHE N 168 -17.05 -3.83 21.28
C PHE N 168 -16.30 -2.62 21.81
N SER N 169 -16.94 -1.48 21.63
CA SER N 169 -16.48 -0.18 22.02
C SER N 169 -16.79 0.05 23.49
N ARG N 170 -15.99 0.92 24.08
CA ARG N 170 -16.06 1.22 25.49
C ARG N 170 -17.29 1.97 26.09
N ASN N 171 -17.53 3.20 25.67
CA ASN N 171 -18.61 3.97 26.24
C ASN N 171 -19.92 3.65 25.56
N HIS N 172 -19.94 2.61 24.72
CA HIS N 172 -21.14 2.26 23.97
C HIS N 172 -21.76 0.90 24.35
N ASN N 173 -23.02 0.68 23.93
CA ASN N 173 -23.77 -0.56 24.14
C ASN N 173 -22.95 -1.76 23.66
N PRO N 174 -23.11 -2.92 24.28
CA PRO N 174 -24.02 -3.11 25.37
C PRO N 174 -23.26 -2.99 26.68
N PHE N 175 -22.44 -1.95 26.83
CA PHE N 175 -21.60 -1.69 28.01
C PHE N 175 -21.15 -2.97 28.75
N PRO N 176 -20.30 -3.76 28.09
CA PRO N 176 -19.84 -4.98 28.70
C PRO N 176 -18.70 -4.64 29.66
N ASN N 177 -18.15 -5.67 30.29
CA ASN N 177 -16.97 -5.52 31.14
C ASN N 177 -15.87 -5.67 30.11
N GLN N 178 -15.00 -4.66 29.96
CA GLN N 178 -13.98 -4.71 28.93
C GLN N 178 -13.00 -5.87 29.09
N ASP N 179 -12.95 -6.42 30.30
CA ASP N 179 -12.06 -7.53 30.66
C ASP N 179 -12.77 -8.88 30.50
N GLU N 180 -13.94 -8.87 29.90
CA GLU N 180 -14.68 -10.11 29.74
C GLU N 180 -14.32 -10.97 28.56
N ILE N 181 -14.42 -12.28 28.78
CA ILE N 181 -14.18 -13.27 27.74
C ILE N 181 -15.39 -14.19 27.81
N THR N 182 -16.16 -14.22 26.74
CA THR N 182 -17.37 -15.01 26.70
C THR N 182 -17.19 -16.33 25.98
N PHE N 183 -17.72 -17.38 26.57
CA PHE N 183 -17.60 -18.72 26.02
C PHE N 183 -18.96 -19.29 25.63
N PRO N 184 -19.21 -19.34 24.33
CA PRO N 184 -20.45 -19.90 23.81
C PRO N 184 -20.37 -21.40 24.08
N GLY N 185 -21.39 -21.96 24.73
CA GLY N 185 -21.39 -23.39 25.02
C GLY N 185 -20.76 -23.70 26.38
N GLY N 186 -20.29 -22.66 27.07
CA GLY N 186 -19.68 -22.85 28.38
C GLY N 186 -18.25 -23.37 28.31
N ILE N 187 -17.79 -23.91 29.44
CA ILE N 187 -16.44 -24.43 29.57
C ILE N 187 -16.45 -25.78 30.29
N ARG N 188 -15.62 -26.71 29.84
CA ARG N 188 -15.54 -28.04 30.47
C ARG N 188 -14.66 -27.99 31.73
N PRO N 189 -14.96 -28.82 32.72
CA PRO N 189 -14.23 -28.84 33.99
C PRO N 189 -12.72 -28.94 33.85
N GLU N 190 -12.28 -29.72 32.87
CA GLU N 190 -10.86 -29.92 32.62
C GLU N 190 -10.10 -28.62 32.38
N PHE N 191 -10.81 -27.50 32.19
CA PHE N 191 -10.16 -26.22 31.93
C PHE N 191 -10.13 -25.33 33.15
N ILE N 192 -10.75 -25.82 34.23
CA ILE N 192 -10.81 -25.08 35.47
C ILE N 192 -9.73 -25.66 36.38
N ARG N 193 -8.64 -24.92 36.55
CA ARG N 193 -7.52 -25.40 37.37
C ARG N 193 -7.76 -25.37 38.88
N SER N 194 -8.26 -24.26 39.40
CA SER N 194 -8.50 -24.13 40.84
C SER N 194 -9.59 -23.12 41.14
N THR N 195 -9.81 -22.90 42.43
CA THR N 195 -10.79 -21.91 42.88
C THR N 195 -10.58 -21.55 44.35
N TYR N 196 -10.83 -20.30 44.70
CA TYR N 196 -10.71 -19.84 46.08
C TYR N 196 -12.10 -19.85 46.69
N GLU N 197 -12.24 -20.41 47.88
CA GLU N 197 -13.54 -20.43 48.54
C GLU N 197 -13.59 -19.27 49.52
N TYR N 198 -14.47 -18.31 49.28
CA TYR N 198 -14.57 -17.16 50.16
C TYR N 198 -15.76 -17.25 51.07
N HIS N 199 -15.56 -16.77 52.30
CA HIS N 199 -16.63 -16.74 53.28
C HIS N 199 -16.62 -15.33 53.83
N ASN N 200 -17.62 -14.57 53.45
CA ASN N 200 -17.74 -13.19 53.88
C ASN N 200 -16.50 -12.37 53.54
N GLY N 201 -16.02 -12.55 52.31
CA GLY N 201 -14.87 -11.80 51.82
C GLY N 201 -13.50 -12.30 52.26
N GLU N 202 -13.48 -13.45 52.94
CA GLU N 202 -12.22 -14.03 53.42
C GLU N 202 -11.94 -15.39 52.82
N ILE N 203 -10.74 -15.55 52.25
CA ILE N 203 -10.36 -16.84 51.68
C ILE N 203 -10.39 -17.88 52.78
N VAL N 204 -11.02 -19.00 52.50
CA VAL N 204 -11.14 -20.05 53.48
C VAL N 204 -10.41 -21.32 53.05
N ARG N 205 -10.40 -21.56 51.74
CA ARG N 205 -9.76 -22.75 51.20
C ARG N 205 -9.36 -22.52 49.75
N ILE N 206 -8.42 -23.30 49.27
CA ILE N 206 -8.00 -23.19 47.88
C ILE N 206 -8.14 -24.59 47.30
N TRP N 207 -9.04 -24.74 46.33
CA TRP N 207 -9.27 -26.04 45.75
C TRP N 207 -8.47 -26.25 44.48
N ILE N 208 -8.04 -27.49 44.29
CA ILE N 208 -7.26 -27.86 43.10
C ILE N 208 -8.01 -28.94 42.32
N ASN N 209 -8.04 -28.77 41.01
CA ASN N 209 -8.72 -29.74 40.17
C ASN N 209 -7.71 -30.74 39.64
N PRO N 210 -7.70 -31.91 40.26
CA PRO N 210 -6.79 -32.99 39.88
C PRO N 210 -6.96 -33.30 38.40
N ASN N 211 -8.20 -33.16 37.92
CA ASN N 211 -8.51 -33.44 36.53
C ASN N 211 -8.18 -32.32 35.54
N PHE N 212 -7.49 -31.29 36.01
CA PHE N 212 -7.14 -30.18 35.13
C PHE N 212 -6.37 -30.68 33.93
N ILE N 213 -6.69 -30.10 32.77
CA ILE N 213 -6.07 -30.47 31.50
C ILE N 213 -4.55 -30.70 31.51
N ASN N 214 -3.81 -29.86 32.23
CA ASN N 214 -2.35 -29.97 32.30
C ASN N 214 -1.88 -30.03 33.74
N PRO N 215 -2.03 -31.21 34.33
CA PRO N 215 -1.70 -31.45 35.73
C PRO N 215 -0.28 -31.09 36.15
N SER N 216 0.64 -31.06 35.18
CA SER N 216 2.02 -30.72 35.46
C SER N 216 2.10 -29.34 36.13
N THR N 217 1.12 -28.50 35.84
CA THR N 217 1.09 -27.14 36.38
C THR N 217 0.27 -26.94 37.64
N LEU N 218 -0.39 -28.00 38.12
CA LEU N 218 -1.19 -27.91 39.34
C LEU N 218 -0.33 -27.34 40.46
N ASN N 219 0.96 -27.46 40.25
CA ASN N 219 1.95 -26.96 41.17
C ASN N 219 1.93 -25.44 41.27
N ASP N 220 1.91 -24.78 40.11
CA ASP N 220 1.94 -23.31 40.03
C ASP N 220 0.78 -22.55 40.68
N VAL N 221 -0.19 -23.28 41.25
CA VAL N 221 -1.32 -22.62 41.87
C VAL N 221 -0.94 -21.71 43.04
N SER N 222 -0.89 -20.40 42.76
CA SER N 222 -0.55 -19.39 43.76
C SER N 222 -1.65 -19.30 44.81
N GLY N 223 -1.38 -18.57 45.89
CA GLY N 223 -2.39 -18.42 46.94
C GLY N 223 -1.74 -18.02 48.26
N PRO N 224 -2.56 -17.48 49.15
CA PRO N 224 -2.11 -17.04 50.46
C PRO N 224 -1.55 -18.16 51.32
N SER N 225 -0.64 -17.78 52.22
CA SER N 225 -0.02 -18.72 53.13
C SER N 225 -0.96 -18.95 54.32
N ASN N 226 -0.86 -20.14 54.90
CA ASN N 226 -1.67 -20.50 56.04
C ASN N 226 -3.15 -20.74 55.69
N ILE N 227 -3.39 -21.12 54.44
CA ILE N 227 -4.74 -21.40 53.94
C ILE N 227 -4.75 -22.76 53.25
N SER N 228 -5.46 -23.71 53.86
CA SER N 228 -5.53 -25.08 53.34
C SER N 228 -5.69 -25.19 51.83
N LYS N 229 -4.71 -25.82 51.18
CA LYS N 229 -4.75 -26.03 49.74
C LYS N 229 -5.23 -27.44 49.45
N VAL N 230 -6.53 -27.65 49.54
CA VAL N 230 -7.13 -28.97 49.30
C VAL N 230 -7.22 -29.44 47.85
N PHE N 231 -7.24 -30.75 47.69
CA PHE N 231 -7.36 -31.37 46.38
C PHE N 231 -8.77 -31.92 46.23
N TRP N 232 -9.52 -31.36 45.30
CA TRP N 232 -10.89 -31.80 45.10
C TRP N 232 -11.01 -33.21 44.55
N HIS N 233 -12.07 -33.87 44.97
CA HIS N 233 -12.42 -35.20 44.50
C HIS N 233 -13.94 -35.24 44.55
N GLU N 234 -14.54 -35.93 43.60
CA GLU N 234 -15.99 -36.01 43.51
C GLU N 234 -16.67 -36.21 44.86
N ASN N 235 -17.85 -35.64 45.01
CA ASN N 235 -18.62 -35.75 46.24
C ASN N 235 -17.86 -35.43 47.52
N HIS N 236 -16.76 -34.68 47.38
CA HIS N 236 -15.96 -34.26 48.52
C HIS N 236 -16.86 -33.65 49.59
N SER N 237 -16.60 -33.98 50.86
CA SER N 237 -17.42 -33.51 51.96
C SER N 237 -17.54 -32.00 52.12
N GLU N 238 -16.45 -31.27 51.85
CA GLU N 238 -16.46 -29.82 52.03
C GLU N 238 -16.45 -29.06 50.71
N GLY N 239 -16.76 -29.77 49.64
CA GLY N 239 -16.78 -29.17 48.32
C GLY N 239 -18.19 -28.81 47.90
N ASN N 240 -19.08 -28.65 48.88
CA ASN N 240 -20.45 -28.30 48.57
C ASN N 240 -21.00 -27.18 49.44
N ASN N 241 -20.11 -26.33 49.95
CA ASN N 241 -20.51 -25.21 50.78
C ASN N 241 -21.00 -24.07 49.92
N MET N 242 -22.27 -23.69 50.09
CA MET N 242 -22.84 -22.60 49.30
C MET N 242 -24.04 -21.93 49.97
N ASP N 243 -24.36 -20.73 49.53
CA ASP N 243 -25.48 -19.98 50.08
C ASP N 243 -26.79 -20.75 50.03
N SER N 244 -27.59 -20.57 51.07
CA SER N 244 -28.89 -21.23 51.21
C SER N 244 -29.76 -21.24 49.95
N GLN N 255 -27.24 -18.02 38.18
CA GLN N 255 -25.84 -18.35 38.47
C GLN N 255 -24.88 -17.41 37.78
N ASP N 256 -25.38 -16.69 36.78
CA ASP N 256 -24.55 -15.77 36.01
C ASP N 256 -24.63 -14.38 36.62
N PHE N 257 -25.33 -14.27 37.74
CA PHE N 257 -25.53 -12.99 38.38
C PHE N 257 -24.29 -12.17 38.73
N ASP N 258 -23.34 -12.79 39.40
CA ASP N 258 -22.15 -12.04 39.81
C ASP N 258 -21.13 -11.77 38.71
N MET N 259 -21.42 -12.22 37.50
CA MET N 259 -20.52 -11.99 36.37
C MET N 259 -21.12 -10.95 35.44
N PHE N 260 -22.30 -10.46 35.83
CA PHE N 260 -23.03 -9.46 35.07
C PHE N 260 -22.40 -8.10 35.29
N ALA N 261 -21.99 -7.47 34.18
CA ALA N 261 -21.32 -6.17 34.20
C ALA N 261 -21.70 -5.18 35.30
N PRO N 262 -22.98 -4.82 35.37
CA PRO N 262 -23.45 -3.88 36.37
C PRO N 262 -23.33 -4.38 37.81
N ASN N 263 -23.15 -5.68 37.97
CA ASN N 263 -23.05 -6.25 39.31
C ASN N 263 -21.64 -6.35 39.86
N GLY N 264 -20.72 -5.63 39.21
CA GLY N 264 -19.33 -5.62 39.64
C GLY N 264 -18.51 -4.57 38.90
N GLU N 265 -17.23 -4.50 39.24
CA GLU N 265 -16.33 -3.55 38.61
C GLU N 265 -14.92 -3.82 39.09
N ILE N 266 -13.94 -3.18 38.46
CA ILE N 266 -12.55 -3.31 38.87
C ILE N 266 -12.34 -2.28 39.98
N PRO N 267 -12.41 -2.74 41.23
CA PRO N 267 -12.31 -1.85 42.37
C PRO N 267 -11.07 -0.95 42.44
N ASN N 268 -9.90 -1.50 42.13
CA ASN N 268 -8.65 -0.76 42.20
C ASN N 268 -7.56 -1.46 41.40
N ASN N 269 -6.34 -0.94 41.51
CA ASN N 269 -5.21 -1.53 40.81
C ASN N 269 -4.14 -1.99 41.78
N ASN N 270 -4.56 -2.22 43.02
CA ASN N 270 -3.66 -2.67 44.07
C ASN N 270 -3.23 -4.09 43.82
N LEU N 271 -2.08 -4.46 44.37
CA LEU N 271 -1.57 -5.81 44.24
C LEU N 271 -2.42 -6.69 45.14
N LEU N 272 -2.24 -8.00 45.05
CA LEU N 272 -3.01 -8.91 45.88
C LEU N 272 -2.25 -9.43 47.10
N ASP O 20 -30.86 -38.24 13.18
CA ASP O 20 -29.98 -37.90 12.06
C ASP O 20 -30.35 -36.66 11.23
N ASN O 21 -29.76 -36.53 10.04
CA ASN O 21 -29.96 -35.36 9.18
C ASN O 21 -30.61 -35.57 7.83
N THR O 22 -31.41 -36.63 7.70
CA THR O 22 -32.15 -36.95 6.46
C THR O 22 -32.80 -35.71 5.91
N TRP O 23 -33.18 -34.83 6.83
CA TRP O 23 -33.84 -33.58 6.48
C TRP O 23 -33.07 -32.65 5.55
N ILE O 24 -31.75 -32.80 5.56
CA ILE O 24 -30.90 -32.04 4.64
C ILE O 24 -29.78 -32.83 3.93
N GLN O 25 -29.95 -34.14 3.78
CA GLN O 25 -28.90 -34.86 3.07
C GLN O 25 -28.98 -34.45 1.59
N ALA O 26 -30.08 -33.83 1.18
CA ALA O 26 -30.32 -33.43 -0.21
C ALA O 26 -29.51 -32.20 -0.59
N ALA O 27 -29.29 -31.35 0.41
CA ALA O 27 -28.51 -30.11 0.25
C ALA O 27 -27.19 -30.17 -0.51
N SER O 28 -26.72 -29.00 -0.90
CA SER O 28 -25.45 -28.86 -1.62
C SER O 28 -24.28 -28.78 -0.62
N LEU O 38 -29.41 -27.07 14.91
CA LEU O 38 -29.33 -25.62 14.93
C LEU O 38 -30.16 -25.05 13.83
N LEU O 39 -29.79 -25.37 12.61
CA LEU O 39 -30.52 -24.92 11.44
C LEU O 39 -31.98 -25.32 11.66
N TYR O 40 -32.15 -26.57 12.08
CA TYR O 40 -33.47 -27.13 12.34
C TYR O 40 -34.10 -26.14 13.29
N GLN O 41 -33.55 -26.08 14.51
CA GLN O 41 -34.07 -25.17 15.53
C GLN O 41 -34.27 -23.68 15.10
N LEU O 42 -33.45 -23.20 14.17
CA LEU O 42 -33.63 -21.85 13.66
C LEU O 42 -34.96 -21.87 12.93
N ILE O 43 -35.04 -22.65 11.87
CA ILE O 43 -36.27 -22.74 11.08
C ILE O 43 -37.44 -23.14 11.96
N SER O 44 -37.26 -24.20 12.74
CA SER O 44 -38.30 -24.70 13.62
C SER O 44 -38.85 -23.63 14.57
N THR O 45 -38.01 -23.14 15.49
CA THR O 45 -38.46 -22.15 16.46
C THR O 45 -39.30 -21.01 15.93
N ARG O 46 -39.12 -20.63 14.68
CA ARG O 46 -39.94 -19.58 14.12
C ARG O 46 -41.25 -20.04 13.40
N ILE O 47 -41.82 -21.10 13.99
CA ILE O 47 -43.09 -21.71 13.58
C ILE O 47 -43.86 -21.85 14.90
N PRO O 48 -44.89 -21.03 15.07
CA PRO O 48 -45.70 -21.00 16.28
C PRO O 48 -46.48 -22.26 16.54
N SER O 49 -46.79 -22.52 17.81
CA SER O 49 -47.56 -23.68 18.22
C SER O 49 -49.02 -23.64 17.75
N PHE O 50 -49.53 -22.49 17.33
CA PHE O 50 -50.91 -22.43 16.89
C PHE O 50 -50.95 -22.69 15.39
N ALA O 51 -49.76 -22.56 14.82
CA ALA O 51 -49.54 -22.79 13.39
C ALA O 51 -48.91 -24.20 13.18
N SER O 52 -48.69 -24.93 14.27
CA SER O 52 -48.13 -26.26 14.20
C SER O 52 -48.91 -26.83 15.33
N PRO O 53 -48.80 -28.13 15.47
CA PRO O 53 -49.38 -28.89 16.58
C PRO O 53 -48.30 -29.96 16.78
N ASN O 54 -47.79 -30.52 15.66
CA ASN O 54 -46.70 -31.54 15.66
C ASN O 54 -45.49 -31.13 14.85
N GLY O 55 -45.54 -29.79 14.82
CA GLY O 55 -44.64 -28.76 14.32
C GLY O 55 -44.05 -28.63 12.92
N LEU O 56 -42.73 -28.52 12.88
CA LEU O 56 -42.07 -28.43 11.60
C LEU O 56 -42.09 -29.91 11.29
N HIS O 57 -42.36 -30.22 10.03
CA HIS O 57 -42.48 -31.59 9.63
C HIS O 57 -41.84 -31.92 8.30
N MET O 58 -41.02 -32.98 8.22
CA MET O 58 -40.37 -33.37 6.99
C MET O 58 -40.94 -34.61 6.37
N ARG O 59 -40.84 -34.70 5.04
CA ARG O 59 -41.30 -35.86 4.28
C ARG O 59 -40.81 -37.14 4.95
N GLU O 60 -41.74 -38.04 5.14
CA GLU O 60 -41.43 -39.31 5.76
C GLU O 60 -41.13 -40.24 4.58
N GLN O 61 -40.50 -41.38 4.84
CA GLN O 61 -40.22 -42.39 3.82
C GLN O 61 -39.38 -41.94 2.63
N THR O 62 -38.76 -40.77 2.70
CA THR O 62 -37.96 -40.35 1.57
C THR O 62 -36.82 -41.36 1.29
N ILE O 63 -36.52 -42.14 2.30
CA ILE O 63 -35.42 -43.07 2.23
C ILE O 63 -35.81 -44.39 2.80
N ASP O 64 -35.34 -45.49 2.19
CA ASP O 64 -35.66 -46.80 2.76
C ASP O 64 -34.98 -46.74 4.12
N SER O 65 -35.59 -47.39 5.09
CA SER O 65 -35.05 -47.38 6.43
C SER O 65 -33.75 -48.16 6.58
N ASN O 66 -33.79 -49.45 6.19
CA ASN O 66 -32.62 -50.33 6.31
C ASN O 66 -31.51 -50.14 5.27
N THR O 67 -31.87 -50.11 4.00
CA THR O 67 -30.93 -49.94 2.90
C THR O 67 -30.40 -48.49 2.87
N GLY O 68 -31.22 -47.59 3.40
CA GLY O 68 -30.88 -46.17 3.41
C GLY O 68 -30.79 -45.48 2.05
N GLN O 69 -31.35 -46.09 1.01
CA GLN O 69 -31.33 -45.54 -0.35
C GLN O 69 -32.63 -44.82 -0.69
N ILE O 70 -32.48 -43.71 -1.41
CA ILE O 70 -33.58 -42.87 -1.80
C ILE O 70 -34.72 -43.66 -2.42
N GLN O 71 -35.93 -43.40 -1.95
CA GLN O 71 -37.10 -44.06 -2.48
C GLN O 71 -37.44 -43.46 -3.83
N ILE O 72 -37.07 -44.17 -4.88
CA ILE O 72 -37.46 -43.70 -6.20
C ILE O 72 -38.81 -44.23 -6.64
N ASP O 73 -39.87 -43.67 -6.09
CA ASP O 73 -41.22 -44.08 -6.45
C ASP O 73 -42.07 -42.87 -6.79
N ASN O 74 -43.36 -43.09 -7.01
CA ASN O 74 -44.27 -42.01 -7.35
C ASN O 74 -44.60 -41.16 -6.15
N GLU O 75 -44.73 -41.79 -4.98
CA GLU O 75 -45.04 -41.08 -3.75
C GLU O 75 -44.01 -40.00 -3.46
N HIS O 76 -42.75 -40.29 -3.78
CA HIS O 76 -41.68 -39.33 -3.52
C HIS O 76 -41.14 -38.60 -4.73
N ARG O 77 -41.86 -38.66 -5.84
CA ARG O 77 -41.43 -37.95 -7.04
C ARG O 77 -41.73 -36.48 -6.83
N LEU O 78 -40.77 -35.63 -7.17
CA LEU O 78 -40.91 -34.19 -7.00
C LEU O 78 -40.55 -33.47 -8.28
N LEU O 79 -41.07 -32.26 -8.42
CA LEU O 79 -40.79 -31.46 -9.61
C LEU O 79 -40.49 -30.02 -9.27
N ARG O 80 -39.71 -29.38 -10.13
CA ARG O 80 -39.39 -27.98 -9.95
C ARG O 80 -39.41 -27.28 -11.29
N TRP O 81 -40.25 -26.25 -11.38
CA TRP O 81 -40.37 -25.46 -12.58
C TRP O 81 -39.28 -24.41 -12.49
N ASP O 82 -38.38 -24.40 -13.46
CA ASP O 82 -37.29 -23.45 -13.45
C ASP O 82 -37.02 -23.02 -14.89
N ARG O 83 -36.58 -21.78 -15.07
CA ARG O 83 -36.31 -21.25 -16.40
C ARG O 83 -34.86 -21.37 -16.80
N ARG O 84 -34.05 -21.96 -15.91
CA ARG O 84 -32.63 -22.16 -16.14
C ARG O 84 -32.39 -23.51 -16.82
N PRO O 85 -31.51 -23.52 -17.82
CA PRO O 85 -31.22 -24.74 -18.58
C PRO O 85 -30.38 -25.76 -17.83
N PRO O 86 -30.43 -27.01 -18.30
CA PRO O 86 -29.70 -28.10 -17.66
C PRO O 86 -28.20 -27.88 -17.56
N ASN O 87 -27.63 -27.16 -18.53
CA ASN O 87 -26.19 -26.89 -18.51
C ASN O 87 -25.79 -26.28 -17.17
N ASP O 88 -26.77 -25.62 -16.55
CA ASP O 88 -26.58 -25.00 -15.25
C ASP O 88 -27.02 -26.01 -14.20
N ILE O 89 -28.31 -26.34 -14.25
CA ILE O 89 -28.92 -27.25 -13.30
C ILE O 89 -28.28 -28.62 -13.13
N PHE O 90 -28.10 -29.34 -14.24
CA PHE O 90 -27.51 -30.68 -14.18
C PHE O 90 -26.07 -30.63 -13.69
N LEU O 91 -25.51 -29.43 -13.75
CA LEU O 91 -24.14 -29.19 -13.33
C LEU O 91 -24.05 -28.77 -11.86
N ASN O 92 -24.71 -27.68 -11.53
CA ASN O 92 -24.69 -27.14 -10.17
C ASN O 92 -25.82 -27.60 -9.24
N GLY O 93 -26.89 -28.13 -9.82
CA GLY O 93 -28.03 -28.56 -9.02
C GLY O 93 -28.83 -27.29 -8.68
N PHE O 94 -29.66 -27.37 -7.64
CA PHE O 94 -30.43 -26.20 -7.24
C PHE O 94 -29.78 -25.55 -6.02
N ILE O 95 -29.15 -24.41 -6.24
CA ILE O 95 -28.51 -23.68 -5.16
C ILE O 95 -29.38 -22.51 -4.73
N PRO O 96 -29.64 -22.44 -3.43
CA PRO O 96 -30.49 -21.38 -2.87
C PRO O 96 -29.99 -19.99 -3.28
N ARG O 97 -30.87 -19.01 -3.18
CA ARG O 97 -30.50 -17.65 -3.54
C ARG O 97 -29.47 -17.11 -2.55
N VAL O 98 -29.50 -17.68 -1.34
CA VAL O 98 -28.57 -17.27 -0.30
C VAL O 98 -27.51 -18.33 -0.04
N THR O 99 -26.28 -18.04 -0.46
CA THR O 99 -25.15 -18.94 -0.24
C THR O 99 -24.81 -18.73 1.21
N ASN O 100 -23.73 -19.37 1.65
CA ASN O 100 -23.30 -19.26 3.03
C ASN O 100 -22.50 -18.00 3.26
N GLN O 101 -21.77 -17.58 2.24
CA GLN O 101 -20.95 -16.38 2.35
C GLN O 101 -21.80 -15.11 2.66
N ASN O 102 -23.08 -15.20 2.31
CA ASN O 102 -24.03 -14.10 2.39
C ASN O 102 -25.21 -14.38 3.36
N LEU O 103 -25.06 -15.39 4.19
CA LEU O 103 -26.14 -15.79 5.06
C LEU O 103 -26.28 -15.08 6.37
N SER O 104 -27.53 -14.70 6.66
CA SER O 104 -27.88 -14.09 7.91
C SER O 104 -28.95 -14.99 8.50
N PRO O 105 -28.45 -15.98 9.26
CA PRO O 105 -29.29 -17.00 9.89
C PRO O 105 -30.73 -16.56 10.26
N VAL O 106 -30.88 -15.57 11.12
CA VAL O 106 -32.19 -15.07 11.51
C VAL O 106 -33.18 -14.86 10.32
N GLU O 107 -32.76 -14.04 9.35
CA GLU O 107 -33.65 -13.77 8.22
C GLU O 107 -33.58 -14.79 7.04
N ASP O 108 -32.37 -15.18 6.62
CA ASP O 108 -32.21 -16.13 5.53
C ASP O 108 -32.71 -17.53 5.79
N THR O 109 -33.19 -17.77 7.01
CA THR O 109 -33.75 -19.07 7.39
C THR O 109 -35.18 -18.87 7.86
N HIS O 110 -35.74 -17.71 7.55
CA HIS O 110 -37.11 -17.41 7.93
C HIS O 110 -37.99 -18.05 6.89
N LEU O 111 -38.51 -19.23 7.23
CA LEU O 111 -39.35 -20.00 6.32
C LEU O 111 -40.61 -19.26 5.92
N LEU O 112 -41.44 -18.93 6.91
CA LEU O 112 -42.68 -18.20 6.64
C LEU O 112 -42.48 -16.98 5.77
N ASN O 113 -41.44 -16.20 6.03
CA ASN O 113 -41.21 -15.02 5.22
C ASN O 113 -40.85 -15.40 3.78
N TYR O 114 -40.18 -16.53 3.60
CA TYR O 114 -39.80 -17.02 2.28
C TYR O 114 -41.05 -17.46 1.54
N LEU O 115 -41.86 -18.23 2.24
CA LEU O 115 -43.10 -18.77 1.70
C LEU O 115 -44.12 -17.70 1.39
N ARG O 116 -44.08 -16.62 2.16
CA ARG O 116 -45.02 -15.51 2.04
C ARG O 116 -44.61 -14.32 1.19
N THR O 117 -43.33 -14.22 0.90
CA THR O 117 -42.84 -13.17 0.05
C THR O 117 -41.85 -13.56 -1.03
N ASN O 118 -41.28 -14.74 -0.91
CA ASN O 118 -40.31 -15.20 -1.88
C ASN O 118 -39.01 -14.40 -1.78
N SER O 119 -38.76 -13.88 -0.58
CA SER O 119 -37.53 -13.14 -0.28
C SER O 119 -36.38 -14.14 -0.38
N PRO O 120 -35.19 -13.68 -0.71
CA PRO O 120 -34.05 -14.58 -0.83
C PRO O 120 -33.83 -15.39 0.44
N SER O 121 -33.58 -16.69 0.28
CA SER O 121 -33.35 -17.54 1.43
C SER O 121 -32.41 -18.70 1.12
N ILE O 122 -32.34 -19.65 2.04
CA ILE O 122 -31.51 -20.83 1.87
C ILE O 122 -32.41 -21.96 1.39
N PHE O 123 -33.69 -21.65 1.18
CA PHE O 123 -34.66 -22.64 0.75
C PHE O 123 -34.80 -22.75 -0.76
N VAL O 124 -35.10 -23.97 -1.19
CA VAL O 124 -35.34 -24.27 -2.60
C VAL O 124 -36.65 -25.04 -2.63
N SER O 125 -37.59 -24.56 -3.43
CA SER O 125 -38.90 -25.18 -3.50
C SER O 125 -39.09 -26.21 -4.61
N THR O 126 -39.95 -27.18 -4.35
CA THR O 126 -40.29 -28.21 -5.30
C THR O 126 -41.75 -28.51 -5.03
N THR O 127 -42.40 -29.15 -5.99
CA THR O 127 -43.78 -29.51 -5.83
C THR O 127 -43.97 -31.00 -6.10
N ARG O 128 -44.80 -31.65 -5.30
CA ARG O 128 -45.08 -33.07 -5.47
C ARG O 128 -45.62 -33.29 -6.88
N ALA O 129 -45.30 -34.46 -7.44
CA ALA O 129 -45.80 -34.86 -8.75
C ALA O 129 -47.17 -35.44 -8.43
N ARG O 130 -48.17 -35.21 -9.28
CA ARG O 130 -49.53 -35.67 -9.00
C ARG O 130 -50.03 -36.90 -9.75
N TYR O 131 -50.73 -37.78 -9.04
CA TYR O 131 -51.26 -39.01 -9.63
C TYR O 131 -52.69 -39.31 -9.20
N ASN O 132 -53.43 -39.98 -10.09
CA ASN O 132 -54.80 -40.35 -9.77
C ASN O 132 -54.75 -41.63 -8.95
N ASN O 133 -55.92 -42.14 -8.58
CA ASN O 133 -55.99 -43.37 -7.78
C ASN O 133 -55.69 -44.60 -8.60
N LEU O 134 -55.08 -44.41 -9.77
CA LEU O 134 -54.74 -45.54 -10.62
C LEU O 134 -53.24 -45.57 -10.81
N GLY O 135 -52.58 -44.52 -10.34
CA GLY O 135 -51.12 -44.41 -10.46
C GLY O 135 -50.77 -43.67 -11.74
N LEU O 136 -51.77 -43.04 -12.35
CA LEU O 136 -51.55 -42.28 -13.58
C LEU O 136 -51.29 -40.83 -13.24
N GLU O 137 -50.26 -40.25 -13.86
CA GLU O 137 -49.90 -38.88 -13.59
C GLU O 137 -50.94 -37.88 -14.09
N ILE O 138 -51.28 -36.93 -13.23
CA ILE O 138 -52.23 -35.87 -13.56
C ILE O 138 -51.51 -34.54 -13.38
N THR O 139 -52.14 -33.46 -13.82
CA THR O 139 -51.51 -32.14 -13.76
C THR O 139 -51.02 -31.75 -12.37
N PRO O 140 -49.79 -31.26 -12.30
CA PRO O 140 -49.19 -30.83 -11.04
C PRO O 140 -49.36 -29.32 -10.90
N TRP O 141 -48.96 -28.77 -9.74
CA TRP O 141 -49.02 -27.34 -9.52
C TRP O 141 -48.21 -26.75 -10.68
N THR O 142 -48.79 -25.81 -11.40
CA THR O 142 -48.10 -25.25 -12.56
C THR O 142 -48.04 -23.74 -12.55
N PRO O 143 -46.86 -23.21 -12.88
CA PRO O 143 -46.66 -21.76 -12.93
C PRO O 143 -47.63 -21.19 -13.95
N HIS O 144 -48.08 -19.97 -13.73
CA HIS O 144 -49.00 -19.35 -14.67
C HIS O 144 -48.28 -18.98 -15.96
N SER O 145 -46.98 -18.72 -15.87
CA SER O 145 -46.19 -18.35 -17.04
C SER O 145 -45.74 -19.54 -17.86
N ALA O 146 -46.09 -20.73 -17.40
CA ALA O 146 -45.66 -21.95 -18.08
C ALA O 146 -45.73 -21.97 -19.61
N ASN O 147 -46.79 -21.39 -20.17
CA ASN O 147 -46.95 -21.39 -21.63
C ASN O 147 -46.18 -20.31 -22.37
N ASN O 148 -45.38 -19.53 -21.64
CA ASN O 148 -44.62 -18.46 -22.26
C ASN O 148 -43.14 -18.71 -22.25
N ASN O 149 -42.53 -18.67 -23.44
CA ASN O 149 -41.11 -18.85 -23.59
C ASN O 149 -40.53 -20.16 -23.07
N ILE O 150 -39.24 -20.13 -22.76
CA ILE O 150 -38.53 -21.31 -22.28
C ILE O 150 -38.50 -21.51 -20.77
N ILE O 151 -39.12 -22.60 -20.34
CA ILE O 151 -39.16 -23.01 -18.95
C ILE O 151 -38.88 -24.52 -18.88
N TYR O 152 -38.29 -24.97 -17.78
CA TYR O 152 -37.98 -26.39 -17.63
C TYR O 152 -38.74 -27.02 -16.48
N ARG O 153 -39.07 -28.30 -16.63
CA ARG O 153 -39.81 -29.04 -15.63
C ARG O 153 -38.90 -30.16 -15.13
N TYR O 154 -38.11 -29.85 -14.10
CA TYR O 154 -37.16 -30.80 -13.53
C TYR O 154 -37.78 -31.88 -12.65
N GLU O 155 -37.24 -33.09 -12.77
CA GLU O 155 -37.70 -34.24 -12.00
C GLU O 155 -36.68 -34.53 -10.92
N ILE O 156 -37.14 -34.57 -9.68
CA ILE O 156 -36.26 -34.78 -8.56
C ILE O 156 -36.69 -35.91 -7.66
N PHE O 157 -35.69 -36.60 -7.12
CA PHE O 157 -35.83 -37.68 -6.15
C PHE O 157 -34.67 -37.38 -5.20
N ALA O 158 -34.99 -36.87 -4.01
CA ALA O 158 -33.97 -36.50 -3.06
C ALA O 158 -34.40 -36.81 -1.65
N PRO O 159 -33.43 -36.90 -0.76
CA PRO O 159 -33.70 -37.20 0.64
C PRO O 159 -34.16 -35.97 1.45
N GLY O 160 -35.09 -36.23 2.37
CA GLY O 160 -35.60 -35.20 3.27
C GLY O 160 -36.50 -34.20 2.57
N GLY O 161 -36.45 -32.97 3.06
CA GLY O 161 -37.28 -31.90 2.53
C GLY O 161 -38.40 -31.68 3.54
N ILE O 162 -38.87 -30.43 3.64
CA ILE O 162 -39.92 -30.13 4.58
C ILE O 162 -41.27 -30.35 3.91
N ASP O 163 -42.16 -31.04 4.59
CA ASP O 163 -43.50 -31.30 4.07
C ASP O 163 -44.33 -30.10 4.43
N ILE O 164 -44.42 -29.14 3.50
CA ILE O 164 -45.16 -27.93 3.76
C ILE O 164 -46.59 -28.24 4.15
N ASN O 165 -47.20 -29.14 3.41
CA ASN O 165 -48.57 -29.53 3.70
C ASN O 165 -48.79 -30.02 5.13
N ALA O 166 -47.83 -30.79 5.62
CA ALA O 166 -47.89 -31.35 6.98
C ALA O 166 -47.46 -30.36 8.04
N SER O 167 -46.72 -29.34 7.63
CA SER O 167 -46.25 -28.35 8.58
C SER O 167 -47.22 -27.20 8.82
N PHE O 168 -47.97 -26.84 7.78
CA PHE O 168 -48.94 -25.75 7.89
C PHE O 168 -50.37 -26.08 7.47
N ASN O 177 -48.38 -23.27 -1.80
CA ASN O 177 -48.90 -24.49 -2.40
C ASN O 177 -49.04 -25.67 -1.40
N GLN O 178 -50.14 -26.40 -1.48
CA GLN O 178 -50.33 -27.50 -0.56
C GLN O 178 -49.83 -28.84 -1.15
N ASP O 179 -48.77 -28.72 -1.92
CA ASP O 179 -48.01 -29.76 -2.60
C ASP O 179 -46.51 -29.45 -2.57
N GLU O 180 -46.11 -28.43 -1.81
CA GLU O 180 -44.71 -28.06 -1.77
C GLU O 180 -43.84 -28.82 -0.82
N ILE O 181 -42.59 -29.02 -1.25
CA ILE O 181 -41.57 -29.67 -0.45
C ILE O 181 -40.37 -28.72 -0.51
N THR O 182 -40.00 -28.18 0.64
CA THR O 182 -38.91 -27.23 0.69
C THR O 182 -37.61 -27.86 1.16
N PHE O 183 -36.54 -27.51 0.45
CA PHE O 183 -35.22 -28.04 0.76
C PHE O 183 -34.26 -26.96 1.21
N PRO O 184 -33.97 -26.97 2.51
CA PRO O 184 -33.03 -26.01 3.08
C PRO O 184 -31.66 -26.40 2.55
N GLY O 185 -30.94 -25.45 1.96
CA GLY O 185 -29.61 -25.76 1.42
C GLY O 185 -29.66 -26.20 -0.04
N GLY O 186 -30.87 -26.27 -0.60
CA GLY O 186 -31.03 -26.66 -1.99
C GLY O 186 -30.92 -28.17 -2.21
N ILE O 187 -30.67 -28.54 -3.46
CA ILE O 187 -30.55 -29.93 -3.87
C ILE O 187 -29.36 -30.13 -4.79
N ARG O 188 -28.63 -31.23 -4.63
CA ARG O 188 -27.48 -31.51 -5.49
C ARG O 188 -27.93 -32.12 -6.83
N PRO O 189 -27.18 -31.86 -7.89
CA PRO O 189 -27.53 -32.34 -9.23
C PRO O 189 -27.82 -33.84 -9.32
N GLU O 190 -27.07 -34.61 -8.56
CA GLU O 190 -27.23 -36.05 -8.54
C GLU O 190 -28.64 -36.51 -8.19
N PHE O 191 -29.49 -35.59 -7.71
CA PHE O 191 -30.85 -35.94 -7.32
C PHE O 191 -31.88 -35.53 -8.37
N ILE O 192 -31.39 -34.87 -9.41
CA ILE O 192 -32.24 -34.42 -10.50
C ILE O 192 -32.09 -35.43 -11.62
N ARG O 193 -33.11 -36.27 -11.81
CA ARG O 193 -33.08 -37.30 -12.85
C ARG O 193 -33.23 -36.80 -14.28
N SER O 194 -34.22 -35.95 -14.52
CA SER O 194 -34.48 -35.45 -15.87
C SER O 194 -35.19 -34.11 -15.85
N THR O 195 -35.51 -33.62 -17.04
CA THR O 195 -36.24 -32.35 -17.17
C THR O 195 -36.83 -32.21 -18.57
N TYR O 196 -38.01 -31.60 -18.66
CA TYR O 196 -38.67 -31.36 -19.94
C TYR O 196 -38.36 -29.93 -20.35
N GLU O 197 -37.96 -29.73 -21.59
CA GLU O 197 -37.66 -28.37 -22.05
C GLU O 197 -38.88 -27.87 -22.81
N TYR O 198 -39.52 -26.84 -22.29
CA TYR O 198 -40.72 -26.31 -22.94
C TYR O 198 -40.42 -25.03 -23.68
N HIS O 199 -41.10 -24.88 -24.81
CA HIS O 199 -40.98 -23.69 -25.63
C HIS O 199 -42.39 -23.26 -25.92
N ASN O 200 -42.80 -22.18 -25.28
CA ASN O 200 -44.14 -21.65 -25.45
C ASN O 200 -45.20 -22.69 -25.14
N GLY O 201 -45.02 -23.41 -24.04
CA GLY O 201 -45.97 -24.41 -23.57
C GLY O 201 -45.91 -25.77 -24.29
N GLU O 202 -44.91 -25.95 -25.15
CA GLU O 202 -44.77 -27.20 -25.89
C GLU O 202 -43.47 -27.92 -25.58
N ILE O 203 -43.56 -29.20 -25.22
CA ILE O 203 -42.36 -29.97 -24.93
C ILE O 203 -41.51 -30.01 -26.18
N VAL O 204 -40.23 -29.73 -26.03
CA VAL O 204 -39.32 -29.71 -27.14
C VAL O 204 -38.25 -30.79 -27.03
N ARG O 205 -37.85 -31.08 -25.81
CA ARG O 205 -36.82 -32.08 -25.57
C ARG O 205 -36.97 -32.66 -24.17
N ILE O 206 -36.40 -33.84 -23.97
CA ILE O 206 -36.44 -34.46 -22.65
C ILE O 206 -34.99 -34.75 -22.30
N TRP O 207 -34.47 -34.10 -21.27
CA TRP O 207 -33.10 -34.31 -20.89
C TRP O 207 -32.94 -35.36 -19.80
N ILE O 208 -31.85 -36.10 -19.88
CA ILE O 208 -31.55 -37.13 -18.90
C ILE O 208 -30.22 -36.84 -18.23
N ASN O 209 -30.19 -36.99 -16.91
CA ASN O 209 -28.98 -36.72 -16.16
C ASN O 209 -28.23 -38.02 -15.96
N PRO O 210 -27.19 -38.21 -16.77
CA PRO O 210 -26.37 -39.41 -16.71
C PRO O 210 -25.83 -39.59 -15.29
N ASN O 211 -25.56 -38.46 -14.63
CA ASN O 211 -25.02 -38.49 -13.28
C ASN O 211 -26.05 -38.69 -12.17
N PHE O 212 -27.29 -39.02 -12.55
CA PHE O 212 -28.31 -39.22 -11.55
C PHE O 212 -27.89 -40.30 -10.55
N ILE O 213 -28.20 -40.06 -9.29
CA ILE O 213 -27.84 -40.95 -8.20
C ILE O 213 -28.04 -42.46 -8.45
N ASN O 214 -29.13 -42.83 -9.10
CA ASN O 214 -29.44 -44.24 -9.39
C ASN O 214 -29.70 -44.45 -10.87
N PRO O 215 -28.61 -44.49 -11.64
CA PRO O 215 -28.65 -44.62 -13.09
C PRO O 215 -29.44 -45.81 -13.62
N SER O 216 -29.58 -46.84 -12.80
CA SER O 216 -30.33 -48.03 -13.20
C SER O 216 -31.74 -47.65 -13.62
N THR O 217 -32.25 -46.57 -13.05
CA THR O 217 -33.61 -46.11 -13.34
C THR O 217 -33.74 -45.06 -14.42
N LEU O 218 -32.61 -44.61 -14.99
CA LEU O 218 -32.65 -43.60 -16.06
C LEU O 218 -33.57 -44.08 -17.17
N ASN O 219 -33.78 -45.39 -17.16
CA ASN O 219 -34.64 -46.04 -18.12
C ASN O 219 -36.11 -45.64 -17.93
N ASP O 220 -36.58 -45.65 -16.68
CA ASP O 220 -37.96 -45.33 -16.36
C ASP O 220 -38.46 -43.93 -16.70
N VAL O 221 -37.59 -43.09 -17.25
CA VAL O 221 -38.00 -41.74 -17.59
C VAL O 221 -39.12 -41.67 -18.63
N SER O 222 -40.34 -41.45 -18.14
CA SER O 222 -41.53 -41.34 -18.98
C SER O 222 -41.46 -40.08 -19.84
N GLY O 223 -42.36 -39.98 -20.80
CA GLY O 223 -42.38 -38.80 -21.66
C GLY O 223 -43.11 -39.08 -22.97
N PRO O 224 -43.52 -38.01 -23.63
CA PRO O 224 -44.24 -38.11 -24.90
C PRO O 224 -43.43 -38.76 -26.01
N SER O 225 -44.16 -39.38 -26.94
CA SER O 225 -43.55 -40.03 -28.08
C SER O 225 -43.23 -39.00 -29.15
N ASN O 226 -42.20 -39.27 -29.94
CA ASN O 226 -41.79 -38.38 -31.00
C ASN O 226 -41.12 -37.10 -30.49
N ILE O 227 -40.53 -37.18 -29.31
CA ILE O 227 -39.83 -36.04 -28.70
C ILE O 227 -38.45 -36.50 -28.26
N SER O 228 -37.42 -35.95 -28.91
CA SER O 228 -36.03 -36.30 -28.64
C SER O 228 -35.68 -36.45 -27.16
N LYS O 229 -35.25 -37.65 -26.78
CA LYS O 229 -34.86 -37.92 -25.39
C LYS O 229 -33.34 -37.87 -25.28
N VAL O 230 -32.80 -36.65 -25.24
CA VAL O 230 -31.35 -36.44 -25.15
C VAL O 230 -30.68 -36.73 -23.81
N PHE O 231 -29.40 -37.06 -23.88
CA PHE O 231 -28.61 -37.33 -22.69
C PHE O 231 -27.69 -36.14 -22.45
N TRP O 232 -27.89 -35.46 -21.34
CA TRP O 232 -27.09 -34.30 -21.04
C TRP O 232 -25.63 -34.63 -20.73
N HIS O 233 -24.77 -33.70 -21.11
CA HIS O 233 -23.34 -33.78 -20.83
C HIS O 233 -22.90 -32.33 -20.69
N GLU O 234 -21.96 -32.10 -19.79
CA GLU O 234 -21.49 -30.74 -19.52
C GLU O 234 -21.28 -29.91 -20.79
N ASN O 235 -21.53 -28.61 -20.68
CA ASN O 235 -21.37 -27.70 -21.80
C ASN O 235 -22.06 -28.12 -23.09
N HIS O 236 -23.05 -29.00 -22.96
CA HIS O 236 -23.82 -29.46 -24.11
C HIS O 236 -24.29 -28.27 -24.94
N SER O 237 -24.22 -28.38 -26.25
CA SER O 237 -24.59 -27.28 -27.15
C SER O 237 -26.03 -26.78 -27.02
N GLU O 238 -26.97 -27.68 -26.78
CA GLU O 238 -28.36 -27.28 -26.70
C GLU O 238 -28.93 -27.35 -25.29
N GLY O 239 -28.02 -27.40 -24.32
CA GLY O 239 -28.42 -27.47 -22.92
C GLY O 239 -28.33 -26.11 -22.26
N ASN O 240 -28.38 -25.06 -23.08
CA ASN O 240 -28.29 -23.71 -22.52
C ASN O 240 -29.34 -22.76 -23.10
N ASN O 241 -30.44 -23.32 -23.58
CA ASN O 241 -31.51 -22.51 -24.14
C ASN O 241 -32.37 -21.91 -23.02
N MET O 242 -32.40 -20.58 -22.96
CA MET O 242 -33.19 -19.90 -21.93
C MET O 242 -33.58 -18.48 -22.29
N ASP O 243 -34.60 -17.96 -21.61
CA ASP O 243 -35.07 -16.61 -21.86
C ASP O 243 -33.97 -15.56 -21.78
N SER O 244 -34.07 -14.57 -22.65
CA SER O 244 -33.10 -13.47 -22.73
C SER O 244 -32.70 -12.87 -21.38
N LYS O 245 -33.66 -12.71 -20.47
CA LYS O 245 -33.44 -12.14 -19.11
C LYS O 245 -32.27 -12.74 -18.31
N GLY O 246 -32.05 -14.05 -18.49
CA GLY O 246 -30.97 -14.74 -17.81
C GLY O 246 -29.65 -14.40 -18.49
N PHE O 247 -29.73 -13.90 -19.72
CA PHE O 247 -28.51 -13.51 -20.43
C PHE O 247 -27.85 -12.19 -20.01
N ILE O 248 -28.64 -11.31 -19.40
CA ILE O 248 -28.14 -10.02 -18.87
C ILE O 248 -27.55 -10.37 -17.50
N LEU O 249 -26.27 -10.11 -17.36
CA LEU O 249 -25.60 -10.43 -16.10
C LEU O 249 -25.76 -9.41 -15.01
N ASP O 250 -25.80 -8.13 -15.39
CA ASP O 250 -25.95 -7.04 -14.46
C ASP O 250 -27.17 -7.30 -13.56
N LEU O 251 -28.30 -7.59 -14.22
CA LEU O 251 -29.53 -7.83 -13.49
C LEU O 251 -29.68 -9.21 -12.87
N ASP O 252 -29.93 -9.21 -11.57
CA ASP O 252 -30.11 -10.44 -10.87
C ASP O 252 -31.46 -11.11 -11.24
N TYR O 253 -31.41 -12.44 -11.21
CA TYR O 253 -32.48 -13.37 -11.61
C TYR O 253 -33.36 -14.00 -10.51
N ASN O 254 -34.67 -13.70 -10.48
CA ASN O 254 -35.53 -14.29 -9.44
C ASN O 254 -35.83 -15.67 -9.92
N GLN O 255 -34.90 -16.55 -9.69
CA GLN O 255 -34.99 -17.90 -10.22
C GLN O 255 -36.06 -18.72 -9.51
N ASP O 256 -36.47 -18.24 -8.34
CA ASP O 256 -37.48 -18.94 -7.54
C ASP O 256 -38.86 -18.42 -7.88
N PHE O 257 -38.92 -17.52 -8.87
CA PHE O 257 -40.18 -16.90 -9.24
C PHE O 257 -41.34 -17.82 -9.60
N ASP O 258 -41.10 -18.77 -10.50
CA ASP O 258 -42.18 -19.65 -10.92
C ASP O 258 -42.58 -20.74 -9.94
N MET O 259 -41.90 -20.79 -8.79
CA MET O 259 -42.22 -21.79 -7.78
C MET O 259 -42.94 -21.12 -6.61
N PHE O 260 -43.13 -19.81 -6.75
CA PHE O 260 -43.78 -19.00 -5.74
C PHE O 260 -45.28 -19.24 -5.80
N ALA O 261 -45.84 -19.67 -4.68
CA ALA O 261 -47.27 -19.98 -4.55
C ALA O 261 -48.25 -19.18 -5.40
N PRO O 262 -48.25 -17.86 -5.23
CA PRO O 262 -49.17 -17.00 -5.98
C PRO O 262 -48.91 -16.99 -7.49
N ASN O 263 -47.74 -17.45 -7.90
CA ASN O 263 -47.39 -17.46 -9.32
C ASN O 263 -47.77 -18.73 -10.05
N GLY O 264 -48.61 -19.54 -9.43
CA GLY O 264 -49.05 -20.78 -10.03
C GLY O 264 -50.17 -21.44 -9.23
N GLU O 265 -50.63 -22.58 -9.72
CA GLU O 265 -51.70 -23.32 -9.06
C GLU O 265 -51.88 -24.65 -9.78
N ILE O 266 -52.68 -25.53 -9.18
CA ILE O 266 -52.98 -26.82 -9.79
C ILE O 266 -54.16 -26.56 -10.73
N PRO O 267 -53.87 -26.39 -12.01
CA PRO O 267 -54.90 -26.08 -12.99
C PRO O 267 -56.10 -27.02 -13.07
N ASN O 268 -55.84 -28.33 -13.01
CA ASN O 268 -56.91 -29.32 -13.13
C ASN O 268 -56.43 -30.67 -12.62
N ASN O 269 -57.26 -31.70 -12.81
CA ASN O 269 -56.92 -33.04 -12.37
C ASN O 269 -56.90 -34.01 -13.54
N ASN O 270 -56.74 -33.44 -14.73
CA ASN O 270 -56.68 -34.22 -15.96
C ASN O 270 -55.40 -35.02 -16.02
N LEU O 271 -55.44 -36.11 -16.78
CA LEU O 271 -54.27 -36.95 -16.95
C LEU O 271 -53.32 -36.20 -17.88
N LEU O 272 -52.10 -36.71 -18.03
CA LEU O 272 -51.14 -36.04 -18.89
C LEU O 272 -51.01 -36.69 -20.28
N ASP P 20 -46.49 20.15 26.29
CA ASP P 20 -45.20 20.86 26.39
C ASP P 20 -44.00 19.91 26.35
N ASN P 21 -42.79 20.49 26.41
CA ASN P 21 -41.56 19.71 26.43
C ASN P 21 -40.90 19.90 27.80
N THR P 22 -41.73 20.24 28.79
CA THR P 22 -41.32 20.48 30.17
C THR P 22 -40.77 19.28 30.91
N TRP P 23 -41.17 18.08 30.51
CA TRP P 23 -40.69 16.89 31.18
C TRP P 23 -39.18 16.69 31.01
N ILE P 24 -38.59 17.23 29.94
CA ILE P 24 -37.13 17.11 29.73
C ILE P 24 -36.46 18.46 29.67
N GLN P 25 -37.16 19.48 30.19
CA GLN P 25 -36.67 20.86 30.19
C GLN P 25 -35.52 21.15 31.15
N ALA P 26 -35.09 20.16 31.91
CA ALA P 26 -33.98 20.34 32.85
C ALA P 26 -32.67 19.77 32.30
N ALA P 27 -32.75 19.12 31.16
CA ALA P 27 -31.57 18.49 30.57
C ALA P 27 -30.42 19.40 30.09
N SER P 28 -29.40 18.78 29.52
CA SER P 28 -28.26 19.51 28.98
C SER P 28 -28.50 20.04 27.52
N LEU P 38 -40.88 12.36 20.17
CA LEU P 38 -40.18 11.12 19.72
C LEU P 38 -39.58 10.43 20.93
N LEU P 39 -38.69 11.16 21.59
CA LEU P 39 -38.03 10.66 22.77
C LEU P 39 -39.11 10.15 23.71
N TYR P 40 -40.17 10.94 23.91
CA TYR P 40 -41.23 10.46 24.77
C TYR P 40 -41.77 9.11 24.26
N GLN P 41 -42.21 9.09 23.00
CA GLN P 41 -42.80 7.86 22.41
C GLN P 41 -41.80 6.73 22.59
N LEU P 42 -40.58 7.05 22.20
CA LEU P 42 -39.45 6.14 22.28
C LEU P 42 -39.42 5.56 23.65
N ILE P 43 -39.59 6.42 24.65
CA ILE P 43 -39.56 6.00 26.05
C ILE P 43 -40.72 5.17 26.58
N SER P 44 -41.93 5.64 26.34
CA SER P 44 -43.15 5.02 26.84
C SER P 44 -43.55 3.73 26.20
N THR P 45 -43.37 3.68 24.89
CA THR P 45 -43.80 2.56 24.10
C THR P 45 -43.04 1.33 24.37
N ARG P 46 -42.37 1.26 25.52
CA ARG P 46 -41.62 0.05 25.94
C ARG P 46 -41.77 -0.11 27.47
N ILE P 47 -42.86 0.45 27.99
CA ILE P 47 -43.21 0.34 29.41
C ILE P 47 -44.56 -0.42 29.39
N PRO P 48 -44.54 -1.70 29.75
CA PRO P 48 -45.75 -2.53 29.73
C PRO P 48 -46.86 -2.08 30.67
N SER P 49 -48.08 -2.35 30.24
CA SER P 49 -49.24 -2.03 31.05
C SER P 49 -49.32 -2.88 32.36
N PHE P 50 -48.60 -3.98 32.45
CA PHE P 50 -48.70 -4.74 33.68
C PHE P 50 -47.78 -4.14 34.74
N ALA P 51 -46.76 -3.39 34.33
CA ALA P 51 -45.84 -2.76 35.25
C ALA P 51 -46.33 -1.36 35.57
N SER P 52 -46.95 -0.76 34.55
CA SER P 52 -47.49 0.59 34.60
C SER P 52 -48.96 0.60 34.28
N PRO P 53 -49.74 0.45 35.32
CA PRO P 53 -51.22 0.48 35.22
C PRO P 53 -51.87 1.61 34.43
N ASN P 54 -51.62 2.88 34.83
CA ASN P 54 -52.26 4.03 34.17
C ASN P 54 -51.44 4.83 33.15
N GLY P 55 -50.26 4.33 32.80
CA GLY P 55 -49.38 5.03 31.83
C GLY P 55 -48.23 5.79 32.47
N LEU P 56 -47.35 6.31 31.62
CA LEU P 56 -46.20 7.09 32.09
C LEU P 56 -46.70 8.50 32.37
N HIS P 57 -46.54 8.90 33.64
CA HIS P 57 -46.95 10.24 34.15
C HIS P 57 -45.80 11.19 34.55
N MET P 58 -45.81 12.41 34.04
CA MET P 58 -44.78 13.38 34.41
C MET P 58 -45.24 14.21 35.61
N ARG P 59 -44.29 14.59 36.46
CA ARG P 59 -44.60 15.43 37.61
C ARG P 59 -45.30 16.67 37.06
N GLU P 60 -46.18 17.27 37.83
CA GLU P 60 -46.81 18.50 37.35
C GLU P 60 -46.47 19.59 38.33
N GLN P 61 -46.91 20.81 38.05
CA GLN P 61 -46.67 21.93 38.96
C GLN P 61 -45.20 22.02 39.27
N THR P 62 -44.41 21.62 38.30
CA THR P 62 -42.97 21.63 38.41
C THR P 62 -42.47 23.08 38.36
N ILE P 63 -43.11 23.88 37.49
CA ILE P 63 -42.81 25.28 37.28
C ILE P 63 -44.12 26.04 37.42
N ASP P 64 -44.05 27.25 37.96
CA ASP P 64 -45.26 28.08 38.12
C ASP P 64 -45.83 28.48 36.75
N SER P 65 -46.94 27.81 36.40
CA SER P 65 -47.68 27.97 35.14
C SER P 65 -47.65 29.39 34.60
N ASN P 66 -47.90 30.35 35.48
CA ASN P 66 -47.91 31.77 35.11
C ASN P 66 -46.53 32.24 34.57
N THR P 67 -45.69 32.61 35.54
CA THR P 67 -44.32 33.11 35.39
C THR P 67 -43.49 32.21 34.48
N GLY P 68 -43.28 30.96 34.87
CA GLY P 68 -42.46 30.04 34.10
C GLY P 68 -41.26 29.64 34.95
N GLN P 69 -41.27 30.17 36.17
CA GLN P 69 -40.24 29.94 37.17
C GLN P 69 -40.31 28.59 37.79
N ILE P 70 -39.18 28.08 38.20
CA ILE P 70 -39.22 26.81 38.87
C ILE P 70 -40.02 26.97 40.17
N GLN P 71 -40.81 25.94 40.48
CA GLN P 71 -41.63 25.91 41.69
C GLN P 71 -40.71 25.42 42.79
N ILE P 72 -40.37 26.33 43.68
CA ILE P 72 -39.44 26.03 44.75
C ILE P 72 -40.13 25.84 46.09
N ASP P 73 -40.78 24.69 46.25
CA ASP P 73 -41.46 24.38 47.51
C ASP P 73 -41.05 23.01 48.02
N ASN P 74 -41.70 22.56 49.08
CA ASN P 74 -41.38 21.26 49.65
C ASN P 74 -41.92 20.11 48.82
N GLU P 75 -43.10 20.32 48.21
CA GLU P 75 -43.72 19.31 47.38
C GLU P 75 -42.81 18.91 46.24
N HIS P 76 -42.09 19.89 45.69
CA HIS P 76 -41.19 19.62 44.58
C HIS P 76 -39.72 19.57 44.89
N ARG P 77 -39.38 19.47 46.18
CA ARG P 77 -37.98 19.39 46.56
C ARG P 77 -37.50 17.98 46.27
N LEU P 78 -36.33 17.88 45.66
CA LEU P 78 -35.77 16.58 45.29
C LEU P 78 -34.34 16.46 45.78
N LEU P 79 -33.89 15.22 45.93
CA LEU P 79 -32.53 14.98 46.39
C LEU P 79 -31.85 13.89 45.59
N ARG P 80 -30.53 13.97 45.54
CA ARG P 80 -29.74 12.96 44.86
C ARG P 80 -28.49 12.66 45.65
N TRP P 81 -28.34 11.40 46.02
CA TRP P 81 -27.17 10.95 46.76
C TRP P 81 -26.13 10.64 45.72
N ASP P 82 -25.00 11.33 45.81
CA ASP P 82 -23.92 11.14 44.85
C ASP P 82 -22.60 11.23 45.59
N ARG P 83 -21.60 10.49 45.12
CA ARG P 83 -20.29 10.50 45.76
C ARG P 83 -19.30 11.46 45.11
N ARG P 84 -19.79 12.18 44.10
CA ARG P 84 -18.99 13.15 43.36
C ARG P 84 -19.12 14.53 44.03
N PRO P 85 -17.98 15.23 44.15
CA PRO P 85 -17.95 16.54 44.79
C PRO P 85 -18.56 17.66 43.95
N PRO P 86 -18.92 18.76 44.62
CA PRO P 86 -19.54 19.91 43.96
C PRO P 86 -18.69 20.51 42.84
N ASN P 87 -17.37 20.43 42.98
CA ASN P 87 -16.48 20.97 41.95
C ASN P 87 -16.84 20.40 40.59
N ASP P 88 -17.44 19.20 40.62
CA ASP P 88 -17.88 18.52 39.42
C ASP P 88 -19.35 18.87 39.22
N ILE P 89 -20.16 18.47 40.19
CA ILE P 89 -21.60 18.67 40.13
C ILE P 89 -22.09 20.10 39.93
N PHE P 90 -21.62 21.03 40.77
CA PHE P 90 -22.06 22.43 40.67
C PHE P 90 -21.60 23.04 39.35
N LEU P 91 -20.64 22.38 38.74
CA LEU P 91 -20.06 22.82 37.48
C LEU P 91 -20.79 22.21 36.27
N ASN P 92 -20.79 20.89 36.21
CA ASN P 92 -21.40 20.16 35.09
C ASN P 92 -22.86 19.73 35.30
N GLY P 93 -23.32 19.73 36.53
CA GLY P 93 -24.68 19.30 36.83
C GLY P 93 -24.67 17.76 36.80
N PHE P 94 -25.84 17.16 36.63
CA PHE P 94 -25.91 15.70 36.57
C PHE P 94 -26.05 15.26 35.13
N ILE P 95 -24.97 14.70 34.60
CA ILE P 95 -24.97 14.22 33.22
C ILE P 95 -25.10 12.70 33.21
N PRO P 96 -26.09 12.22 32.44
CA PRO P 96 -26.34 10.78 32.33
C PRO P 96 -25.09 10.01 31.97
N ARG P 97 -25.11 8.71 32.23
CA ARG P 97 -23.96 7.87 31.92
C ARG P 97 -23.80 7.76 30.40
N VAL P 98 -24.91 8.05 29.72
CA VAL P 98 -25.03 8.05 28.26
C VAL P 98 -25.29 9.46 27.71
N THR P 99 -24.20 10.07 27.25
CA THR P 99 -24.19 11.36 26.58
C THR P 99 -24.83 11.08 25.22
N ASN P 100 -24.70 11.95 24.26
CA ASN P 100 -25.35 11.67 22.99
C ASN P 100 -24.38 11.03 22.04
N GLN P 101 -23.12 11.38 22.21
CA GLN P 101 -22.03 10.90 21.36
C GLN P 101 -22.09 9.39 21.32
N ASN P 102 -22.57 8.82 22.42
CA ASN P 102 -22.67 7.38 22.54
C ASN P 102 -24.08 6.83 22.69
N LEU P 103 -25.04 7.48 22.07
CA LEU P 103 -26.41 7.03 22.19
C LEU P 103 -26.89 5.94 21.27
N SER P 104 -27.66 5.04 21.88
CA SER P 104 -28.31 3.92 21.21
C SER P 104 -29.75 4.06 21.69
N PRO P 105 -30.55 4.87 20.97
CA PRO P 105 -31.91 5.17 21.38
C PRO P 105 -32.74 4.00 21.94
N VAL P 106 -32.68 2.87 21.26
CA VAL P 106 -33.50 1.73 21.63
C VAL P 106 -33.18 1.19 23.00
N GLU P 107 -31.91 1.18 23.34
CA GLU P 107 -31.46 0.60 24.59
C GLU P 107 -31.22 1.62 25.71
N ASP P 108 -30.47 2.66 25.34
CA ASP P 108 -30.15 3.75 26.23
C ASP P 108 -31.32 4.58 26.72
N THR P 109 -32.51 4.25 26.23
CA THR P 109 -33.74 4.94 26.65
C THR P 109 -34.70 3.90 27.22
N HIS P 110 -34.19 2.71 27.51
CA HIS P 110 -35.02 1.66 28.08
C HIS P 110 -35.11 1.94 29.57
N LEU P 111 -36.23 2.55 29.96
CA LEU P 111 -36.46 2.93 31.34
C LEU P 111 -36.48 1.74 32.26
N LEU P 112 -37.39 0.81 32.03
CA LEU P 112 -37.49 -0.38 32.87
C LEU P 112 -36.16 -1.09 33.06
N ASN P 113 -35.39 -1.22 31.99
CA ASN P 113 -34.11 -1.88 32.14
C ASN P 113 -33.15 -1.07 33.01
N TYR P 114 -33.28 0.24 32.97
CA TYR P 114 -32.43 1.13 33.77
C TYR P 114 -32.83 0.98 35.23
N LEU P 115 -34.13 1.03 35.46
CA LEU P 115 -34.71 0.92 36.79
C LEU P 115 -34.47 -0.42 37.43
N ARG P 116 -34.36 -1.45 36.60
CA ARG P 116 -34.18 -2.79 37.14
C ARG P 116 -32.76 -3.19 37.32
N THR P 117 -31.92 -2.75 36.40
CA THR P 117 -30.53 -3.16 36.43
C THR P 117 -29.49 -2.07 36.64
N ASN P 118 -29.89 -0.82 36.46
CA ASN P 118 -28.96 0.28 36.63
C ASN P 118 -27.93 0.30 35.49
N SER P 119 -28.33 -0.25 34.35
CA SER P 119 -27.50 -0.27 33.15
C SER P 119 -27.35 1.18 32.70
N PRO P 120 -26.25 1.51 32.04
CA PRO P 120 -26.04 2.88 31.58
C PRO P 120 -27.20 3.39 30.74
N SER P 121 -27.63 4.62 31.00
CA SER P 121 -28.74 5.20 30.24
C SER P 121 -28.64 6.71 30.13
N ILE P 122 -29.72 7.32 29.66
CA ILE P 122 -29.78 8.76 29.52
C ILE P 122 -30.51 9.31 30.73
N PHE P 123 -30.89 8.42 31.64
CA PHE P 123 -31.63 8.81 32.83
C PHE P 123 -30.76 9.15 34.02
N VAL P 124 -31.26 10.07 34.83
CA VAL P 124 -30.61 10.50 36.05
C VAL P 124 -31.67 10.44 37.13
N SER P 125 -31.38 9.71 38.21
CA SER P 125 -32.35 9.54 39.27
C SER P 125 -32.24 10.51 40.44
N THR P 126 -33.37 10.79 41.05
CA THR P 126 -33.45 11.66 42.21
C THR P 126 -34.57 11.06 43.05
N THR P 127 -34.60 11.45 44.31
CA THR P 127 -35.62 10.96 45.21
C THR P 127 -36.32 12.15 45.89
N ARG P 128 -37.63 12.06 46.01
CA ARG P 128 -38.40 13.11 46.68
C ARG P 128 -37.86 13.31 48.09
N ALA P 129 -37.92 14.56 48.56
CA ALA P 129 -37.52 14.90 49.92
C ALA P 129 -38.77 14.57 50.73
N ARG P 130 -38.60 14.03 51.94
CA ARG P 130 -39.75 13.63 52.75
C ARG P 130 -40.15 14.53 53.92
N TYR P 131 -41.45 14.72 54.08
CA TYR P 131 -41.98 15.57 55.15
C TYR P 131 -43.18 14.95 55.87
N ASN P 132 -43.32 15.29 57.15
CA ASN P 132 -44.45 14.80 57.93
C ASN P 132 -45.65 15.70 57.62
N ASN P 133 -46.77 15.41 58.26
CA ASN P 133 -47.99 16.20 58.04
C ASN P 133 -47.92 17.55 58.72
N LEU P 134 -46.72 17.97 59.10
CA LEU P 134 -46.56 19.26 59.75
C LEU P 134 -45.66 20.13 58.90
N GLY P 135 -45.07 19.53 57.88
CA GLY P 135 -44.17 20.23 56.98
C GLY P 135 -42.74 20.10 57.47
N LEU P 136 -42.53 19.18 58.41
CA LEU P 136 -41.20 18.94 58.95
C LEU P 136 -40.52 17.82 58.19
N GLU P 137 -39.26 18.04 57.81
CA GLU P 137 -38.55 17.04 57.04
C GLU P 137 -38.23 15.77 57.84
N ILE P 138 -38.49 14.63 57.22
CA ILE P 138 -38.22 13.33 57.82
C ILE P 138 -37.26 12.59 56.90
N THR P 139 -36.73 11.47 57.36
CA THR P 139 -35.76 10.71 56.58
C THR P 139 -36.23 10.35 55.18
N PRO P 140 -35.37 10.60 54.20
CA PRO P 140 -35.67 10.28 52.81
C PRO P 140 -35.06 8.93 52.44
N TRP P 141 -35.35 8.45 51.23
CA TRP P 141 -34.77 7.20 50.75
C TRP P 141 -33.26 7.40 50.89
N THR P 142 -32.59 6.48 51.58
CA THR P 142 -31.17 6.64 51.80
C THR P 142 -30.35 5.44 51.38
N PRO P 143 -29.24 5.70 50.71
CA PRO P 143 -28.34 4.65 50.26
C PRO P 143 -27.86 3.88 51.48
N HIS P 144 -27.62 2.58 51.33
CA HIS P 144 -27.15 1.80 52.45
C HIS P 144 -25.70 2.16 52.81
N SER P 145 -24.95 2.62 51.82
CA SER P 145 -23.55 2.99 52.03
C SER P 145 -23.39 4.38 52.60
N ALA P 146 -24.50 5.08 52.81
CA ALA P 146 -24.46 6.44 53.30
C ALA P 146 -23.49 6.75 54.43
N ASN P 147 -23.35 5.83 55.40
CA ASN P 147 -22.47 6.07 56.54
C ASN P 147 -21.00 5.75 56.29
N ASN P 148 -20.66 5.39 55.06
CA ASN P 148 -19.29 5.05 54.74
C ASN P 148 -18.64 6.05 53.81
N ASN P 149 -17.51 6.59 54.24
CA ASN P 149 -16.74 7.52 53.45
C ASN P 149 -17.47 8.79 53.02
N ILE P 150 -16.99 9.40 51.93
CA ILE P 150 -17.54 10.63 51.41
C ILE P 150 -18.64 10.49 50.37
N ILE P 151 -19.82 10.96 50.74
CA ILE P 151 -21.00 10.96 49.88
C ILE P 151 -21.68 12.33 50.02
N TYR P 152 -22.35 12.78 48.96
CA TYR P 152 -23.02 14.08 48.98
C TYR P 152 -24.53 13.94 48.83
N ARG P 153 -25.26 14.84 49.47
CA ARG P 153 -26.72 14.83 49.42
C ARG P 153 -27.16 16.12 48.74
N TYR P 154 -27.26 16.07 47.41
CA TYR P 154 -27.64 17.23 46.62
C TYR P 154 -29.12 17.59 46.67
N GLU P 155 -29.39 18.89 46.68
CA GLU P 155 -30.75 19.42 46.72
C GLU P 155 -31.08 19.97 45.35
N ILE P 156 -32.17 19.49 44.79
CA ILE P 156 -32.57 19.88 43.46
C ILE P 156 -34.00 20.38 43.39
N PHE P 157 -34.19 21.37 42.51
CA PHE P 157 -35.48 21.96 42.17
C PHE P 157 -35.35 22.13 40.66
N ALA P 158 -36.05 21.29 39.91
CA ALA P 158 -35.95 21.32 38.46
C ALA P 158 -37.30 21.05 37.82
N PRO P 159 -37.42 21.44 36.56
CA PRO P 159 -38.65 21.23 35.83
C PRO P 159 -38.80 19.82 35.25
N GLY P 160 -40.03 19.33 35.27
CA GLY P 160 -40.36 18.03 34.73
C GLY P 160 -39.87 16.86 35.57
N GLY P 161 -39.51 15.78 34.89
CA GLY P 161 -39.05 14.58 35.56
C GLY P 161 -40.20 13.59 35.52
N ILE P 162 -39.86 12.30 35.46
CA ILE P 162 -40.88 11.29 35.42
C ILE P 162 -41.25 10.88 36.84
N ASP P 163 -42.55 10.83 37.11
CA ASP P 163 -43.04 10.45 38.43
C ASP P 163 -43.09 8.94 38.43
N ILE P 164 -42.02 8.31 38.91
CA ILE P 164 -41.95 6.86 38.93
C ILE P 164 -43.12 6.27 39.66
N ASN P 165 -43.42 6.84 40.82
CA ASN P 165 -44.54 6.36 41.62
C ASN P 165 -45.88 6.34 40.86
N ALA P 166 -46.11 7.38 40.06
CA ALA P 166 -47.33 7.50 39.29
C ALA P 166 -47.30 6.69 38.00
N SER P 167 -46.10 6.35 37.55
CA SER P 167 -45.98 5.59 36.33
C SER P 167 -46.05 4.07 36.52
N PHE P 168 -45.56 3.61 37.66
CA PHE P 168 -45.57 2.17 37.97
C PHE P 168 -46.22 1.77 39.28
N SER P 169 -46.51 0.47 39.33
CA SER P 169 -47.11 -0.25 40.45
C SER P 169 -46.07 -0.71 41.50
N ARG P 170 -46.36 -0.34 42.74
CA ARG P 170 -45.55 -0.61 43.92
C ARG P 170 -45.03 -2.04 44.07
N ASN P 171 -45.82 -2.97 43.56
CA ASN P 171 -45.48 -4.37 43.61
C ASN P 171 -44.89 -5.00 42.33
N HIS P 172 -45.33 -4.63 41.14
CA HIS P 172 -44.67 -5.25 39.99
C HIS P 172 -43.21 -4.71 39.97
N ASN P 173 -42.41 -5.16 39.02
CA ASN P 173 -41.03 -4.70 38.90
C ASN P 173 -40.90 -3.49 37.99
N PRO P 174 -39.69 -2.92 37.88
CA PRO P 174 -38.47 -3.37 38.59
C PRO P 174 -38.29 -2.93 40.07
N PHE P 175 -39.40 -2.80 40.78
CA PHE P 175 -39.39 -2.40 42.18
C PHE P 175 -38.65 -1.08 42.31
N PRO P 176 -39.14 -0.07 41.62
CA PRO P 176 -38.50 1.23 41.69
C PRO P 176 -38.40 1.81 43.12
N ASN P 177 -37.94 3.06 43.17
CA ASN P 177 -37.88 3.79 44.41
C ASN P 177 -39.18 4.56 44.12
N GLN P 178 -40.25 4.28 44.83
CA GLN P 178 -41.51 4.95 44.48
C GLN P 178 -41.35 6.46 44.61
N ASP P 179 -40.46 6.82 45.53
CA ASP P 179 -40.15 8.22 45.77
C ASP P 179 -39.21 8.76 44.68
N GLU P 180 -38.98 7.98 43.64
CA GLU P 180 -38.07 8.41 42.59
C GLU P 180 -38.65 9.30 41.52
N ILE P 181 -37.81 10.21 41.05
CA ILE P 181 -38.14 11.12 39.97
C ILE P 181 -36.98 10.99 38.98
N THR P 182 -37.27 10.51 37.79
CA THR P 182 -36.24 10.30 36.79
C THR P 182 -36.19 11.40 35.76
N PHE P 183 -34.97 11.84 35.46
CA PHE P 183 -34.75 12.91 34.52
C PHE P 183 -33.99 12.45 33.29
N PRO P 184 -34.70 12.32 32.18
CA PRO P 184 -34.11 11.92 30.92
C PRO P 184 -33.22 13.09 30.49
N GLY P 185 -31.95 12.83 30.19
CA GLY P 185 -31.05 13.90 29.78
C GLY P 185 -30.33 14.55 30.96
N GLY P 186 -30.63 14.08 32.17
CA GLY P 186 -29.99 14.62 33.37
C GLY P 186 -30.56 15.96 33.81
N ILE P 187 -29.78 16.66 34.62
CA ILE P 187 -30.18 17.95 35.18
C ILE P 187 -29.03 18.95 35.08
N ARG P 188 -29.33 20.20 34.77
CA ARG P 188 -28.30 21.24 34.68
C ARG P 188 -27.95 21.79 36.07
N PRO P 189 -26.71 22.20 36.28
CA PRO P 189 -26.25 22.70 37.57
C PRO P 189 -27.12 23.78 38.20
N GLU P 190 -27.64 24.65 37.35
CA GLU P 190 -28.50 25.75 37.79
C GLU P 190 -29.71 25.29 38.58
N PHE P 191 -29.99 23.98 38.58
CA PHE P 191 -31.16 23.46 39.29
C PHE P 191 -30.78 22.80 40.61
N ILE P 192 -29.49 22.75 40.87
CA ILE P 192 -28.97 22.16 42.09
C ILE P 192 -28.66 23.31 43.04
N ARG P 193 -29.51 23.48 44.05
CA ARG P 193 -29.33 24.58 45.01
C ARG P 193 -28.20 24.39 46.01
N SER P 194 -28.12 23.22 46.63
CA SER P 194 -27.09 22.97 47.64
C SER P 194 -26.78 21.49 47.76
N THR P 195 -25.89 21.17 48.70
CA THR P 195 -25.52 19.78 48.97
C THR P 195 -24.83 19.65 50.32
N TYR P 196 -25.07 18.53 51.00
CA TYR P 196 -24.44 18.27 52.29
C TYR P 196 -23.25 17.36 52.03
N GLU P 197 -22.10 17.67 52.59
CA GLU P 197 -20.92 16.82 52.41
C GLU P 197 -20.79 15.93 53.62
N TYR P 198 -20.95 14.62 53.43
CA TYR P 198 -20.87 13.69 54.54
C TYR P 198 -19.55 12.97 54.58
N HIS P 199 -19.06 12.73 55.78
CA HIS P 199 -17.83 12.00 55.99
C HIS P 199 -18.16 10.96 57.03
N ASN P 200 -18.23 9.71 56.58
CA ASN P 200 -18.56 8.60 57.45
C ASN P 200 -19.87 8.82 58.19
N GLY P 201 -20.89 9.27 57.45
CA GLY P 201 -22.21 9.49 58.01
C GLY P 201 -22.42 10.77 58.80
N GLU P 202 -21.41 11.64 58.80
CA GLU P 202 -21.50 12.90 59.53
C GLU P 202 -21.38 14.12 58.63
N ILE P 203 -22.35 15.04 58.75
CA ILE P 203 -22.30 16.25 57.94
C ILE P 203 -21.04 17.01 58.27
N VAL P 204 -20.33 17.43 57.25
CA VAL P 204 -19.09 18.13 57.44
C VAL P 204 -19.16 19.55 56.92
N ARG P 205 -19.93 19.75 55.85
CA ARG P 205 -20.06 21.07 55.25
C ARG P 205 -21.37 21.16 54.49
N ILE P 206 -21.83 22.37 54.25
CA ILE P 206 -23.05 22.57 53.50
C ILE P 206 -22.68 23.52 52.36
N TRP P 207 -22.76 23.04 51.14
CA TRP P 207 -22.39 23.87 50.01
C TRP P 207 -23.59 24.57 49.39
N ILE P 208 -23.35 25.78 48.90
CA ILE P 208 -24.39 26.56 48.25
C ILE P 208 -23.99 26.89 46.82
N ASN P 209 -24.94 26.74 45.91
CA ASN P 209 -24.66 27.01 44.51
C ASN P 209 -25.08 28.43 44.20
N PRO P 210 -24.08 29.32 44.13
CA PRO P 210 -24.32 30.72 43.83
C PRO P 210 -25.07 30.84 42.51
N ASN P 211 -24.79 29.92 41.60
CA ASN P 211 -25.42 29.94 40.29
C ASN P 211 -26.81 29.31 40.24
N PHE P 212 -27.38 29.01 41.40
CA PHE P 212 -28.71 28.41 41.42
C PHE P 212 -29.70 29.30 40.69
N ILE P 213 -30.59 28.66 39.94
CA ILE P 213 -31.60 29.35 39.15
C ILE P 213 -32.33 30.52 39.82
N ASN P 214 -32.66 30.38 41.10
CA ASN P 214 -33.36 31.45 41.84
C ASN P 214 -32.61 31.79 43.12
N PRO P 215 -31.56 32.57 42.96
CA PRO P 215 -30.66 32.98 44.04
C PRO P 215 -31.35 33.64 45.24
N SER P 216 -32.52 34.23 44.99
CA SER P 216 -33.26 34.89 46.06
C SER P 216 -33.53 33.91 47.20
N THR P 217 -33.60 32.63 46.87
CA THR P 217 -33.88 31.60 47.86
C THR P 217 -32.67 30.91 48.46
N LEU P 218 -31.47 31.25 48.01
CA LEU P 218 -30.25 30.65 48.54
C LEU P 218 -30.25 30.79 50.05
N ASN P 219 -31.04 31.74 50.51
CA ASN P 219 -31.20 32.02 51.91
C ASN P 219 -31.88 30.87 52.66
N ASP P 220 -32.98 30.36 52.08
CA ASP P 220 -33.75 29.28 52.69
C ASP P 220 -33.06 27.95 52.92
N VAL P 221 -31.79 27.84 52.53
CA VAL P 221 -31.07 26.60 52.71
C VAL P 221 -30.93 26.17 54.17
N SER P 222 -31.78 25.23 54.58
CA SER P 222 -31.80 24.69 55.93
C SER P 222 -30.53 23.88 56.19
N GLY P 223 -30.30 23.52 57.44
CA GLY P 223 -29.12 22.74 57.78
C GLY P 223 -28.77 22.86 59.26
N PRO P 224 -27.99 21.90 59.74
CA PRO P 224 -27.57 21.87 61.14
C PRO P 224 -26.74 23.09 61.55
N SER P 225 -26.82 23.40 62.84
CA SER P 225 -26.08 24.51 63.41
C SER P 225 -24.65 24.06 63.71
N ASN P 226 -23.73 25.02 63.65
CA ASN P 226 -22.32 24.74 63.92
C ASN P 226 -21.64 23.94 62.81
N ILE P 227 -22.18 24.06 61.59
CA ILE P 227 -21.63 23.38 60.42
C ILE P 227 -21.42 24.38 59.30
N SER P 228 -20.16 24.63 58.96
CA SER P 228 -19.79 25.60 57.93
C SER P 228 -20.68 25.58 56.68
N LYS P 229 -21.34 26.71 56.42
CA LYS P 229 -22.19 26.84 55.25
C LYS P 229 -21.43 27.58 54.15
N VAL P 230 -20.55 26.88 53.46
CA VAL P 230 -19.73 27.46 52.40
C VAL P 230 -20.43 27.76 51.08
N PHE P 231 -19.88 28.73 50.35
CA PHE P 231 -20.40 29.12 49.06
C PHE P 231 -19.46 28.59 47.99
N TRP P 232 -19.95 27.67 47.17
CA TRP P 232 -19.12 27.09 46.14
C TRP P 232 -18.74 28.07 45.04
N HIS P 233 -17.54 27.86 44.51
CA HIS P 233 -17.02 28.62 43.39
C HIS P 233 -16.13 27.64 42.65
N GLU P 234 -16.10 27.76 41.33
CA GLU P 234 -15.33 26.86 40.49
C GLU P 234 -13.93 26.55 41.05
N ASN P 235 -13.47 25.34 40.82
CA ASN P 235 -12.15 24.92 41.29
C ASN P 235 -11.87 25.17 42.77
N HIS P 236 -12.93 25.34 43.54
CA HIS P 236 -12.81 25.55 44.99
C HIS P 236 -11.88 24.50 45.59
N SER P 237 -11.02 24.92 46.50
CA SER P 237 -10.05 24.01 47.11
C SER P 237 -10.63 22.80 47.85
N GLU P 238 -11.76 22.99 48.52
CA GLU P 238 -12.34 21.89 49.29
C GLU P 238 -13.62 21.34 48.68
N GLY P 239 -13.82 21.67 47.41
CA GLY P 239 -15.00 21.21 46.69
C GLY P 239 -14.68 20.00 45.84
N ASN P 240 -13.61 19.29 46.18
CA ASN P 240 -13.24 18.11 45.41
C ASN P 240 -12.91 16.91 46.28
N ASN P 241 -13.46 16.88 47.48
CA ASN P 241 -13.22 15.77 48.39
C ASN P 241 -14.10 14.58 48.02
N MET P 242 -13.48 13.46 47.68
CA MET P 242 -14.23 12.26 47.29
C MET P 242 -13.45 10.97 47.46
N ASP P 243 -14.17 9.85 47.52
CA ASP P 243 -13.54 8.55 47.70
C ASP P 243 -12.48 8.26 46.65
N SER P 244 -11.42 7.58 47.09
CA SER P 244 -10.29 7.21 46.24
C SER P 244 -10.66 6.65 44.86
N LYS P 245 -11.63 5.74 44.79
CA LYS P 245 -11.98 5.15 43.50
C LYS P 245 -12.20 6.13 42.35
N GLY P 246 -12.88 7.25 42.62
CA GLY P 246 -13.13 8.24 41.58
C GLY P 246 -11.83 8.88 41.11
N PHE P 247 -10.72 8.51 41.75
CA PHE P 247 -9.41 9.06 41.43
C PHE P 247 -8.60 8.21 40.45
N ILE P 248 -8.91 6.92 40.35
CA ILE P 248 -8.19 6.11 39.37
C ILE P 248 -8.91 6.38 38.06
N LEU P 249 -8.32 7.22 37.22
CA LEU P 249 -9.00 7.60 35.98
C LEU P 249 -9.10 6.58 34.88
N ASP P 250 -8.30 5.52 35.00
CA ASP P 250 -8.31 4.42 34.04
C ASP P 250 -9.62 3.64 34.15
N LEU P 251 -10.13 3.59 35.38
CA LEU P 251 -11.34 2.89 35.70
C LEU P 251 -12.52 3.84 35.59
N ASP P 252 -13.66 3.27 35.27
CA ASP P 252 -14.83 4.08 35.17
C ASP P 252 -15.59 3.94 36.47
N TYR P 253 -16.37 4.96 36.75
CA TYR P 253 -17.11 5.12 37.99
C TYR P 253 -18.63 5.03 37.83
N ASN P 254 -19.25 3.99 38.38
CA ASN P 254 -20.71 3.92 38.32
C ASN P 254 -21.12 4.86 39.42
N GLN P 255 -21.58 5.96 38.92
CA GLN P 255 -21.98 7.13 39.68
C GLN P 255 -23.44 7.07 40.08
N ASP P 256 -24.20 6.21 39.41
CA ASP P 256 -25.63 6.08 39.68
C ASP P 256 -25.85 4.97 40.71
N PHE P 257 -24.76 4.42 41.22
CA PHE P 257 -24.86 3.34 42.18
C PHE P 257 -25.70 3.54 43.42
N ASP P 258 -25.47 4.63 44.13
CA ASP P 258 -26.22 4.87 45.36
C ASP P 258 -27.65 5.34 45.19
N MET P 259 -28.09 5.49 43.95
CA MET P 259 -29.45 5.92 43.68
C MET P 259 -30.26 4.74 43.16
N PHE P 260 -29.59 3.60 43.06
CA PHE P 260 -30.21 2.37 42.58
C PHE P 260 -31.07 1.77 43.66
N ALA P 261 -32.34 1.59 43.34
CA ALA P 261 -33.34 1.05 44.28
C ALA P 261 -32.87 0.05 45.34
N PRO P 262 -32.29 -1.06 44.90
CA PRO P 262 -31.83 -2.09 45.83
C PRO P 262 -30.69 -1.64 46.72
N ASN P 263 -30.02 -0.55 46.35
CA ASN P 263 -28.90 -0.05 47.13
C ASN P 263 -29.26 0.94 48.21
N GLY P 264 -30.55 1.03 48.51
CA GLY P 264 -31.03 1.93 49.54
C GLY P 264 -32.50 1.70 49.88
N GLU P 265 -33.01 2.50 50.80
CA GLU P 265 -34.40 2.39 51.22
C GLU P 265 -34.71 3.52 52.17
N ILE P 266 -35.99 3.69 52.49
CA ILE P 266 -36.41 4.72 53.45
C ILE P 266 -36.28 4.08 54.82
N PRO P 267 -35.17 4.37 55.51
CA PRO P 267 -34.89 3.78 56.80
C PRO P 267 -35.97 3.93 57.89
N ASN P 268 -36.55 5.12 57.99
CA ASN P 268 -37.55 5.39 59.01
C ASN P 268 -38.35 6.64 58.67
N ASN P 269 -39.20 7.07 59.60
CA ASN P 269 -40.01 8.25 59.40
C ASN P 269 -39.71 9.32 60.45
N ASN P 270 -38.54 9.19 61.04
CA ASN P 270 -38.09 10.12 62.07
C ASN P 270 -37.80 11.48 61.46
N LEU P 271 -37.87 12.51 62.29
CA LEU P 271 -37.58 13.86 61.84
C LEU P 271 -36.08 13.95 61.69
N LEU P 272 -35.60 15.05 61.13
CA LEU P 272 -34.16 15.21 60.93
C LEU P 272 -33.50 16.11 61.99
#